data_7A0R
#
_entry.id   7A0R
#
_cell.length_a   170.484
_cell.length_b   408.933
_cell.length_c   697.322
_cell.angle_alpha   90.000
_cell.angle_beta   90.000
_cell.angle_gamma   90.000
#
_symmetry.space_group_name_H-M   'I 2 2 2'
#
loop_
_entity.id
_entity.type
_entity.pdbx_description
1 polymer 'RNA (2730-MER)'
2 polymer 'RNA (120-MER)'
3 polymer '50S ribosomal protein L2'
4 polymer '50S ribosomal protein L3'
5 polymer '50S ribosomal protein L4'
6 polymer '50S ribosomal protein L5'
7 polymer '50S ribosomal protein L6'
8 polymer '50S ribosomal protein L13'
9 polymer '50S ribosomal protein L14'
10 polymer '50S ribosomal protein L15'
11 polymer '50S ribosomal protein L16'
12 polymer '50S ribosomal protein L17'
13 polymer '50S ribosomal protein L18'
14 polymer '50S ribosomal protein L19'
15 polymer '50S ribosomal protein L20'
16 polymer '50S ribosomal protein L21'
17 polymer '50S ribosomal protein L22'
18 polymer '50S ribosomal protein L23'
19 polymer '50S ribosomal protein L24'
20 polymer '50S ribosomal protein L25'
21 polymer '50S ribosomal protein L27'
22 polymer '50S ribosomal protein L28'
23 polymer '50S ribosomal protein L29'
24 polymer '50S ribosomal protein L30'
25 polymer '50S ribosomal protein L32'
26 polymer '50S ribosomal protein L33'
27 polymer '50S ribosomal protein L34'
28 polymer '50S ribosomal protein L35'
29 non-polymer 'mycinamicin II'
30 non-polymer 'MAGNESIUM ION'
#
loop_
_entity_poly.entity_id
_entity_poly.type
_entity_poly.pdbx_seq_one_letter_code
_entity_poly.pdbx_strand_id
1 'polyribonucleotide'
;GGUCAAGAUAGUAAGGGUCCACGGUGGAUGCCCUGGCGCUGGAGCCGAUGAAGGACGCGAUUACCUGCGAAAAGCCCCGA
CGAGCUGGAGAUACGCUUUGACUCGGGGAUGUCCGAAUGGGGAAACCCACCUCGUAAGAGGUAUCCGCAAGGAUGGGAAC
UCAGGGAACUGAAACAUCUCAGUACCUGAAGGAGAAGAAAGAGAAUUCGAUUCCGUUAGUAGCGGCGAGCGAACCCGGAU
CAGCCCAAACCGAAACGCUUGCGUUUCGGGGUUGUAGGACCAGUUUUUAAGAUUCAACCCCUCAAGCCGAAGUGGCUGGA
AAGCUACACCUCAGAAGGUGAGAGUCCUGUAGGCGAACGAGCGGUUGACUGUACUGGCACCUGAGUAGGUCGUUGUUCGU
GAAACGAUGACUGAAUCCGCGCGGACCACCGCGCAAGGCUAAAUACUCCCAGUGACCGAUAGCGCAUAGUACCGUGAGGG
AAAGGUGAAAAGAACCCCGGGAGGGGAGUGAAAGAGAACCUGAAACCGUGGACUUACAAGCAGUCAUGGCACCUUAUGCG
UGUUAUGGCGUGCCUAUUGAAGCAUGAGCCGGCGACUUAGACCUGACGUGCGAGCUUAAGUUGAAAAACGGAGGCGGAGC
GAAAGCGAGUCCGAAUAGGGCGGCAUUAGUACGUCGGGCUAGACUCGAAACCAGGUGAGCUAAGCAUGACCAGGUUGAAA
CCCCCGUGACAGGGGGCGGAGGACCGAACCGGUGCCUGCUGAAACAGUCUCGGAUGAGUUGUGUUUAGGAGUGAAAAGCU
AACCGAACCUGGAGAUAGCUAGUUCUCCCCGAAAUGUAUUGAGGUACAGCCUCGGAUGUUGACCAUGUCCUGUAGAGCAC
UCACAAGGCUAGGGGGCCUACCAGCUUACCAAACCUUAUGAAACUCCGAAGGGGCACGCGUUUAGUCCGGGAGUGAGGCU
GCGAGAGCUAACUUCCGUAGCCGAGAGGGAAACAACCCAGACCAUCAGCUAAGGUCCCUAAAUGAUCGCUCAGUGGUUAA
GGAUGUGUCGUCGCAUAGACAGCCAGGAGGUUGGCUUAGAAGCAGCCACCCUUCAAAGAGUGCGUAAUAGCUCACUGGUC
GAGUGACGAUGCGCCGAAAAUGAUCGGGGCUCAAGUGAUCUACCGAAGCUAUGGAUUCAACUCGCGAAGCGAGUUGUCUG
GUAGGGGAGCGUUCAGUCCGCGGAGAAGCCAUACCGGAAGGAGUGGUGGAGCCGACUGAAGUGCGGAUGCCGGCAUGAGU
AACGAUAAAAGAAGUGAGAAUCUUCUUCGCCGUAAGGACAAGGGUUCCUGGGGAAGGGUCGUCCGCCCAGGGAAAGUCGG
GACCUAAGGUGAGGCCGAACGGCGCAGCCGAUGGACAGCAGGUCAAGAUUCCUGCACCGAUCAUGUGGAGUGAUGGAGGG
ACGCAUUACGCUAUCCAAUGCCAAGCUAUGGCUAUGCUGGUUGGUACGCUCAAGGGCGAUCGGGUCAGAAAAUCUACCGG
UCACAUGCCUCAGACGUAUCGGGAGCUUCCUCGGAAGCGAAGUUGGAAACGCGACGGUGCCAAGAAAAGCUUCUAAACGU
UGAAACAUGAUUGCCCGUACCGCAAACCGACACAGGUGUCCGAGUGUCAAUGCACUAAGGCGCGCGAGAGAACCCUCGUU
AAGGAACUUUGCAAUCUCACCCCGUAACUUCGGAAGAAGGGGUCCCCACGCUUCGCGUGGGGCGCAGUGAAUAGGCCCAG
GCGACUGUUUACCAAAAUCACAGCACUCUGCCAACACGAACAGUGGACGUAUAGGGUGUGACGCCUGCCCGGUGCCGGAA
GGUCAAGUGGAGCGGUGCAAGCUGCGAAAUGAAGCCCCGGUGAACGGCGGCCGUAACUAUAACGGUCCUAAGGUAGCGAA
AUUCCUUGUCGGGUAAGUUCCGACCUGCACGAAAGGCGUAACGAUCUGGGCGCUGUCUCAACGAGGGACUCGGUGAAAUU
GAAUUGGCUGUAAAGAUGCGGCCUACCCGUAGCAGGACGAAAAGACCCCGUGGAGCUUUACUAUAGUCUGGCAUUGGGAU
UCGGGUUUCUCUGCGUAGGAUAGGUGGGAGCCUGCGAAACUGGCCUUUUGGGGUCGGUGGAGGCAACGGUGAAAUACCAC
CCUGAGAAACUUGGAUUUCUAACCUGAAAAAUCACUUUCGGGGACCGUGCUUGGCGGGUAGUUUGACUGGGGCGGUCGCC
UCCCAAAAUGUAACGGAGGCGCCCAAAGGUCACCUCAAGACGGUUGGAAAUCGUCUGUAGAGCGCAAAGGUAGAAGGUGG
CUUGACUGCGAGACUGACACGUCGAGCAGGGAGGAAACUCGGGCUUAGUGAACCGGUGGUACCGUGUGGAAGGGCCAUCG
AUCAACGGAUAAAAGUUACCCCGGGGAUAACAGGCUGAUCUCCCCCGAGAGUCCAUAUCGGCGGGGAGGUUUGGCACCUC
GAUGUCGGCUCGUCGCAUCCUGGGGCUGAAGAAGGUCCCAAGGGUUGGGCUGUUCGCCCAUUAAAGCGGCACGCGAGCUG
GGUUCAGAACGUCGUGAGACAGUUCGGUCUCUAUCCGCUACGGGCGCAGGAGAAUUGAGGGGAGUUGCUCCUAGUACGAG
AGGACCGGAGUGAACGGACCGCUGGUCUCCCUGCUGUCGUACCAACGGCACAUGCAGGGUAGCUAUGUCCGGAACGGAUA
ACCGCUGAAAGCAUCUAAGCGGGAAGCCAGCCCCAAGAUGAGUUCUCCCACUGUUUAUCAGGUAAGACUCCCGGAAGACC
ACCGGGUUAAGAGGCCAGGCGUGCACGCAUAGCAAUGUGUUCAGCGGACUGGUGCUCAUCAGUCGAGGUCUUGACCA
;
X
2 'polyribonucleotide'
;ACCCCCGUGCCCAUAGCACUGUGGAACCACCCCACCCCAUGCCGAACUGGGUCGUGAAACACAGCAGCGCCAAUGAUACU
CGGACCGCAGGGUCCCGGAAAAGUCGGUCAGCGCGGGGGU
;
Y
3 'polypeptide(L)'
;AVKKYRPYTPSRRQMTTADFSGLTKKRPEKALTEALPKTGGRNNRGRITSRFIGGGHKRLYRIIDFKRRDKSGVNAKVAA
IEYDPNRSARIALLHYADGEKRYILAPEGLTVGATVNAGPEAEPKLGNALPLRFVPVGAVVHALELVPGKGAQLARSAGT
SVQVQGKESDYVIVRLPSGELRRVHSECYATIGAVGNAEHKNIVLGKAGRSRWLGRKPHQRGSAMNPVDHPHGGGEGRTG
AGRVPVTPWGKPTKGLKTRRKRKTSDRFIVT
;
A
4 'polypeptide(L)'
;MKGILGTKIGMTQIWKNDRAIPVTVVLAGPCPIVQRKTAQTDGYEAVQIGYAPKAERKVNKPMQGHFAKAGVAPTRILRE
FRGFAPDGDSVNVDIFAEGEKIDATGTSKGKGTQGVMKRWNFAGGPASHGSKKWHRRPGSIGQRKTPGRVYKGKRMAGHM
GMERVTVQNLEVVEIRAGENLILVKGAIPGANGGLVVLRSAAKASA
;
B
5 'polypeptide(L)'
;AQINVIGQNGGRTIELPLPEVNSGVLHEVVTWQLASRRRGTASTRTRAQVSKTGRKMYGQKGTGNARHGDRSVPTFVGGG
VAFGPKPRSYDYTLPRQVRQLGLAMAIASRQEGGKLVAVDGFDIADAKTKNFISWAKQNGLDGTEKVLLVTDDENTRRAA
RNVSWVSVLPVAGVNVYDILRHDRLVIDAAALEIVEE
;
C
6 'polypeptide(L)'
;QLKTKYNDQVRPALMQQFGYSSVMAVPRIEKIVVNEGLGSSKEDSKAIDKAAKELALITLQKPIITKAKKSISNFKLRQG
MPVGIKVTLRGERMYVFLEKLINIGLPRIRDFRGINPNAFDGRGNYNLGIKEQLIFPEITYDMVDKTRGMDITIVTTAKT
DEEARALLQSMGLPFRK
;
D
7 'polypeptide(L)'
;GKQPIAVPSGVTVNAQDGVFKVKGPKGELTVPYNTELTVRQDGDQLLVERPSDAQKHRALHGLTRTLVANAVKGVSDGYT
INLELRGVGFRAKLTGKALEMNIGYSHPVIIEPPAGVTFAVPEPTRIDVSGIDKQLVGQVAANVRKVRKPDAYHGKGVRF
VGEQIALKAGK
;
E
8 'polypeptide(L)'
;KTYIPKNDEQNWVVVDASGVPLGRLATLIASRIRGKHRPDFTPNMIQGDFVVVINAAQVALTGKKLDDKVYTRYTGYQGG
LKTETAREALSKHPERVIEHAVFGMLPKGRQGRAMHTRLKVYAGETHPHSAQKPQVLKTQPLE
;
G
9 'polypeptide(L)'
;MIMPQSRLDVADNSGAREIMCIRVLNSGIGGKGLTTGGGGNKRYAHVGDIIVASVKDAAPRGAVKAGDVVKAVVVRTSHA
IKRADGSTIRFDRNAAVIINNQGEPRGTRVFGPVARELRDRRFMKIVSLAPEVL
;
H
10 'polypeptide(L)'
;MKLHDLKPTPGSRKDRKRVGRGPGGTDKTAGRGHKGQKSRSGAGKGAFFEGGRSRLIARLPKRGFNNVGTTYEVVKLSQL
QDLEDTTFDRDTLEAYRLVRRKNRPVKLLASGEISRAVTVHVDAASAAAIKAVEAAG
;
I
11 'polypeptide(L)'
;KRTKFRKQFRGRMTGDAKGGDYVAFGDYGLIAMEPAWIKSNQIEACRIVMSRHFRRGGKIYIRIFPDKPVTKKPAETRMG
KGKGAVEYWVSVVKPGRVMFEVAGVTEEQAKEAFRLAGHKLPIQTKMVKREVYDEA
;
J
12 'polypeptide(L)'
;MRHGKAGRKLNRNSSARVALARAQATALLREGRIQTTLTKAKELRPFVEQLITTAKGGDLHSRRLVAQDIHDKDVVRKVM
DEVAPKYAERPGGYTRILRVGTRRGDGVTMALIELV
;
K
13 'polypeptide(L)'
;RRKLRTRRKVRTTTAASGRLRLSVYRSSKHIYAQIIDDSRGQTLAAASSAALKSGNKTDTAAAVGKALAAAAAEKGIKQV
VFDRGSYKYHGRVKALADAAREGG
;
L
14 'polypeptide(L)'
;MQTHIKINRGELLRGIEQDHTRQLPDFRPGDTVRVDTKVREGNRTRSQAFEGVVIAINGSGSRKSFTVRKISFGEGVERV
FPFASPLVNQVTIVERGKVRRAKLYYLRELRGK
;
M
15 'polypeptide(L)'
;PRAKTGIVRRRRHKKVLKRAKGFWGSRSKQYRNAFQTLLNAATYEYRDRRNKKRDFRRLWIQRINAGARLHGMNYSTFIN
GLKRANIDLNRKVLADIAAREPEAFKALVDASRNARQ
;
N
16 'polypeptide(L)'
;MFAIIQTGGKQYRVSEGDVIRVESLQGEAGDKVELKALFVGGEQTVFGEDAGKYTVQAEVVEHGRGKKIYIRKYKSGVQY
RRRTGHRQNFTAIKILGI
;
O
17 'polypeptide(L)'
;ATFRNKKQRKQQVKLRKPGFAVAKYVRMSPRKVRLVVDVIRGKSVQDAEDLLRFIPRSASEPVAKVLNSAKANALHNDEM
LEDRLFVKEAYVDAGPTLKRLIPRARGSANIIKKRTSHITIIVAEKGN
;
P
18 'polypeptide(L)'
;SHYDILQAPVISEKAYSAMERGVYSFWVSPKATKTEIKDAIQQAFGVRVIGISTMNVPGKRKRVGRFIGQRNDRKKAIVR
LAEGQSIEALAGQ
;
Q
19 'polypeptide(L)'
;PSAGSHHNDKLHFKKGDTVIVLSGKHKGQTGKVLLALPRDQKVVVEGVNVITKNVKPSMTNPQGGQEQRELALHASKVAL
VDPETGKATRVRKQIVDGKKVRVAVASGKT
;
R
20 'polypeptide(L)'
;MELTAKPRTPKQKLDESMIAAVAYNKENNVSFALDRKAFDRAFRQQSTTGLFDITVEGGETFPALVKAVQMDKRKRAPIH
VDFYMVTYGEPVEVSVPVHTTGRSQGEVQGGLVDIVVHNLQIVAPGPRRIPQELVVDVTKMNIGDHITAGDIKLPEGCTL
AADPELTVVSVLPPR
;
S
21 'polypeptide(L)' NGRDSNPKYLGVKKFGGEVVKAGNILVRQRGTKFKAGQGVGMGRDHTLFALSDGKVVFINKGKGARFISIEAAQ T
22 'polypeptide(L)' YLTGKKNLVVNSVIRRGKARADGGVGRKTTGITKRVQRANLHKKAIRENGQVKTVWLSANALRTLSKGPYKGIE U
23 'polypeptide(L)' MRNLQATDFAKEIDARKKELMELRFQAAAGQLAQPHRVRQLRREVAQLNTVKAELARKGEQ V
24 'polypeptide(L)' MKIKLVRSVIGRPGNQVKTVQALGLRKIGDSREVSDTPAVRGMVKTVKHLLEVQE W
25 'polypeptide(L)' AKHPVPKKKTSKSKRDMRRSHHALTAPNLTECPQCHGKKLSHHICPNCGYYDGRQVLA Z
26 'polypeptide(L)' PRIIVKMESSAGTGFYYTTTKNRRNTQAKLELKKYDPVAKKHVVFREKK 1
27 'polypeptide(L)' MKRTYQPNNRKRAKTHGFRARMKTKSGRNILARRRAKGRHQLTVSDE 2
28 'polypeptide(L)' PKMKTHKMAKRRIKITGTGKVMAFKSGKRHQNTGKSGDEIRGKGKGFVLAKAEWARMKLMLPR 3
#
loop_
_chem_comp.id
_chem_comp.type
_chem_comp.name
_chem_comp.formula
A RNA linking ADENOSINE-5'-MONOPHOSPHATE 'C10 H14 N5 O7 P'
C RNA linking CYTIDINE-5'-MONOPHOSPHATE 'C9 H14 N3 O8 P'
G RNA linking GUANOSINE-5'-MONOPHOSPHATE 'C10 H14 N5 O8 P'
MG non-polymer 'MAGNESIUM ION' 'Mg 2'
QTZ non-polymer 'mycinamicin II' 'C37 H61 N O13'
U RNA linking URIDINE-5'-MONOPHOSPHATE 'C9 H13 N2 O9 P'
#
# COMPACT_ATOMS: atom_id res chain seq x y z
N ALA C 1 40.19 28.35 68.27
CA ALA C 1 39.95 29.76 67.99
C ALA C 1 39.22 29.91 66.66
N VAL C 2 37.99 29.41 66.62
CA VAL C 2 37.15 29.53 65.44
C VAL C 2 35.74 29.20 65.91
N LYS C 3 34.74 29.84 65.31
CA LYS C 3 33.36 29.68 65.79
C LYS C 3 32.77 28.37 65.31
N LYS C 4 31.81 27.88 66.07
CA LYS C 4 31.10 26.64 65.77
C LYS C 4 29.64 26.88 66.09
N TYR C 5 28.80 25.92 65.73
CA TYR C 5 27.37 26.10 65.96
C TYR C 5 26.72 24.79 66.37
N ARG C 6 25.73 24.90 67.26
CA ARG C 6 24.90 23.75 67.54
C ARG C 6 24.18 23.37 66.26
N PRO C 7 23.88 22.12 66.07
CA PRO C 7 23.14 21.71 64.89
C PRO C 7 21.70 22.23 64.88
N TYR C 8 21.45 23.52 65.04
CA TYR C 8 20.04 23.90 65.07
C TYR C 8 19.41 23.87 63.69
N THR C 9 20.21 23.79 62.65
CA THR C 9 19.83 23.61 61.25
C THR C 9 20.74 22.56 60.66
N PRO C 10 20.29 21.87 59.63
CA PRO C 10 21.12 20.80 59.07
C PRO C 10 22.47 21.32 58.65
N SER C 11 22.55 22.54 58.16
CA SER C 11 23.78 23.07 57.63
C SER C 11 24.63 23.82 58.65
N ARG C 12 24.09 24.15 59.81
CA ARG C 12 24.99 24.74 60.77
C ARG C 12 25.79 23.68 61.50
N ARG C 13 25.44 22.41 61.32
CA ARG C 13 26.11 21.33 62.04
C ARG C 13 27.61 21.33 61.76
N GLN C 14 27.98 21.47 60.50
CA GLN C 14 29.37 21.49 60.09
C GLN C 14 29.94 22.90 59.94
N MET C 15 29.10 23.90 59.71
CA MET C 15 29.59 25.23 59.38
C MET C 15 30.48 25.74 60.51
N THR C 16 31.53 26.45 60.12
CA THR C 16 32.45 27.10 61.04
C THR C 16 32.83 28.45 60.45
N THR C 17 33.13 29.40 61.32
CA THR C 17 33.45 30.73 60.83
C THR C 17 34.55 31.33 61.69
N ALA C 18 35.33 32.23 61.09
CA ALA C 18 36.60 32.64 61.67
C ALA C 18 36.42 33.53 62.89
N ASP C 19 37.45 33.56 63.73
CA ASP C 19 37.48 34.48 64.86
C ASP C 19 37.65 35.91 64.37
N PHE C 20 36.89 36.84 64.97
CA PHE C 20 37.02 38.25 64.64
C PHE C 20 37.44 39.11 65.81
N SER C 21 37.59 38.53 67.01
CA SER C 21 37.76 39.37 68.18
C SER C 21 39.02 40.22 68.07
N GLY C 22 40.03 39.75 67.36
CA GLY C 22 41.23 40.57 67.28
C GLY C 22 41.15 41.71 66.31
N LEU C 23 40.12 41.72 65.47
CA LEU C 23 39.96 42.76 64.44
C LEU C 23 39.33 44.00 65.06
N THR C 24 40.02 45.14 64.91
CA THR C 24 39.41 46.41 65.28
C THR C 24 38.19 46.66 64.41
N LYS C 25 37.09 47.09 65.02
CA LYS C 25 35.86 47.36 64.27
C LYS C 25 35.88 48.81 63.83
N LYS C 26 36.07 49.03 62.54
CA LYS C 26 36.20 50.37 61.98
C LYS C 26 35.99 50.31 60.48
N ARG C 27 35.53 51.42 59.92
CA ARG C 27 35.30 51.48 58.49
C ARG C 27 36.63 51.55 57.74
N PRO C 28 36.66 51.11 56.49
CA PRO C 28 37.93 50.82 55.83
C PRO C 28 38.83 52.01 55.72
N GLU C 29 38.35 53.20 56.09
CA GLU C 29 39.19 54.40 56.12
C GLU C 29 39.20 55.08 54.75
N LYS C 30 38.34 56.09 54.58
CA LYS C 30 38.11 56.69 53.27
C LYS C 30 39.38 57.29 52.70
N ALA C 31 39.50 57.23 51.37
CA ALA C 31 40.62 57.82 50.65
C ALA C 31 41.74 56.81 50.48
N LEU C 32 41.81 55.84 51.38
CA LEU C 32 42.66 54.69 51.18
C LEU C 32 41.92 53.57 50.48
N THR C 33 40.78 53.86 49.88
CA THR C 33 39.86 52.83 49.47
C THR C 33 39.25 53.20 48.12
N GLU C 34 39.90 52.75 47.05
CA GLU C 34 39.51 53.10 45.69
C GLU C 34 38.21 52.38 45.39
N ALA C 35 37.77 51.61 46.40
CA ALA C 35 36.54 50.84 46.29
C ALA C 35 36.52 50.26 44.90
N LEU C 36 35.59 50.73 44.06
CA LEU C 36 35.41 50.21 42.71
C LEU C 36 35.80 48.72 42.74
N PRO C 37 35.05 47.89 43.45
CA PRO C 37 35.32 46.46 43.33
C PRO C 37 35.14 46.03 41.90
N LYS C 38 34.17 46.66 41.24
CA LYS C 38 33.71 46.32 39.91
C LYS C 38 33.88 44.83 39.69
N THR C 39 32.94 44.05 40.19
CA THR C 39 33.00 42.62 39.97
C THR C 39 32.86 42.32 38.48
N GLY C 40 33.69 41.40 37.97
CA GLY C 40 33.68 41.05 36.57
C GLY C 40 33.95 39.59 36.31
N GLY C 41 32.89 38.84 35.96
CA GLY C 41 32.97 37.39 35.82
C GLY C 41 33.59 36.87 34.55
N ARG C 42 33.77 37.73 33.52
CA ARG C 42 34.08 37.35 32.12
C ARG C 42 35.43 37.85 31.65
N ASN C 43 35.48 38.44 30.44
CA ASN C 43 36.74 38.67 29.72
C ASN C 43 36.61 39.82 28.72
N ASN C 44 37.78 40.31 28.30
CA ASN C 44 37.88 41.66 27.75
C ASN C 44 36.87 41.94 26.64
N ARG C 45 36.42 40.93 25.94
CA ARG C 45 35.54 41.18 24.81
C ARG C 45 34.20 40.48 24.98
N GLY C 46 33.79 40.29 26.24
CA GLY C 46 32.47 39.80 26.56
C GLY C 46 32.35 38.30 26.69
N ARG C 47 33.39 37.55 26.31
CA ARG C 47 33.43 36.11 26.51
C ARG C 47 33.82 35.76 27.95
N ILE C 48 33.28 34.64 28.45
CA ILE C 48 33.77 34.11 29.72
C ILE C 48 35.14 33.51 29.50
N THR C 49 36.02 33.67 30.48
CA THR C 49 37.39 33.19 30.32
C THR C 49 37.77 32.21 31.43
N SER C 50 37.86 32.66 32.69
CA SER C 50 37.92 31.74 33.82
C SER C 50 36.49 31.38 34.19
N ARG C 51 36.13 30.11 34.02
CA ARG C 51 34.74 29.72 34.19
C ARG C 51 34.31 29.91 35.64
N PHE C 52 33.02 30.13 35.83
CA PHE C 52 32.42 29.95 37.11
C PHE C 52 32.63 31.09 38.10
N ILE C 53 33.12 32.26 37.68
CA ILE C 53 33.02 33.43 38.54
C ILE C 53 31.57 33.87 38.59
N GLY C 54 31.19 34.50 39.69
CA GLY C 54 29.81 34.93 39.87
C GLY C 54 29.66 35.81 41.09
N GLY C 55 28.61 36.63 41.07
CA GLY C 55 28.50 37.69 42.05
C GLY C 55 28.43 37.17 43.47
N GLY C 56 29.16 37.84 44.36
CA GLY C 56 29.02 37.65 45.80
C GLY C 56 28.90 39.03 46.42
N HIS C 57 29.02 39.13 47.73
CA HIS C 57 28.82 40.43 48.38
C HIS C 57 29.74 41.47 47.76
N LYS C 58 29.19 42.66 47.51
CA LYS C 58 30.00 43.70 46.90
C LYS C 58 31.20 44.01 47.78
N ARG C 59 32.36 44.16 47.16
CA ARG C 59 33.58 44.49 47.87
C ARG C 59 34.01 45.92 47.58
N LEU C 60 34.89 46.46 48.42
CA LEU C 60 35.68 47.64 48.08
C LEU C 60 37.14 47.24 48.20
N TYR C 61 37.99 47.95 47.47
CA TYR C 61 39.40 47.64 47.48
C TYR C 61 40.06 48.48 48.56
N ARG C 62 40.92 47.86 49.35
CA ARG C 62 41.84 48.57 50.19
C ARG C 62 43.18 48.58 49.49
N ILE C 63 43.76 49.77 49.31
CA ILE C 63 45.04 49.90 48.61
C ILE C 63 46.14 49.56 49.60
N ILE C 64 46.69 48.35 49.49
CA ILE C 64 47.83 47.99 50.30
C ILE C 64 49.09 48.68 49.75
N ASP C 65 50.04 48.95 50.65
CA ASP C 65 51.39 49.35 50.23
C ASP C 65 52.23 48.09 50.14
N PHE C 66 52.36 47.55 48.94
CA PHE C 66 53.08 46.29 48.75
C PHE C 66 54.58 46.49 48.54
N LYS C 67 55.08 47.72 48.58
CA LYS C 67 56.50 48.01 48.42
C LYS C 67 57.12 48.57 49.68
N ARG C 68 56.47 49.55 50.32
CA ARG C 68 56.92 50.11 51.59
C ARG C 68 58.32 50.72 51.48
N ARG C 69 58.69 51.24 50.30
CA ARG C 69 60.06 51.66 50.05
C ARG C 69 60.32 53.13 50.32
N ASP C 70 59.34 54.01 50.13
CA ASP C 70 59.58 55.45 50.22
C ASP C 70 59.55 55.98 51.65
N LYS C 71 59.14 55.19 52.63
CA LYS C 71 59.11 55.62 54.02
C LYS C 71 60.32 55.15 54.81
N SER C 72 61.44 54.96 54.12
CA SER C 72 62.62 54.39 54.76
C SER C 72 63.09 55.29 55.90
N GLY C 73 63.43 54.68 57.03
CA GLY C 73 63.88 55.42 58.18
C GLY C 73 62.77 56.10 58.96
N VAL C 74 61.52 55.84 58.62
CA VAL C 74 60.38 56.57 59.18
C VAL C 74 59.51 55.58 59.97
N ASN C 75 59.41 55.81 61.28
CA ASN C 75 58.62 54.94 62.16
C ASN C 75 57.14 55.13 61.92
N ALA C 76 56.39 54.07 62.18
CA ALA C 76 54.95 54.08 62.01
C ALA C 76 54.31 53.36 63.18
N LYS C 77 53.17 53.88 63.65
CA LYS C 77 52.41 53.25 64.71
C LYS C 77 51.31 52.39 64.10
N VAL C 78 51.08 51.23 64.71
CA VAL C 78 50.03 50.32 64.29
C VAL C 78 48.70 50.88 64.78
N ALA C 79 47.88 51.36 63.84
CA ALA C 79 46.63 52.00 64.23
C ALA C 79 45.59 50.98 64.66
N ALA C 80 45.39 49.95 63.85
CA ALA C 80 44.38 48.93 64.11
C ALA C 80 44.66 47.78 63.15
N ILE C 81 43.94 46.69 63.34
CA ILE C 81 43.97 45.59 62.39
C ILE C 81 42.54 45.31 61.97
N GLU C 82 42.34 45.01 60.70
CA GLU C 82 41.01 45.02 60.11
C GLU C 82 40.80 43.85 59.17
N TYR C 83 39.53 43.50 59.02
CA TYR C 83 39.09 42.65 57.94
C TYR C 83 39.44 43.29 56.59
N ASP C 84 39.86 42.48 55.64
CA ASP C 84 39.88 42.88 54.23
C ASP C 84 39.02 41.90 53.45
N PRO C 85 37.97 42.36 52.76
CA PRO C 85 37.12 41.42 52.01
C PRO C 85 37.84 40.68 50.92
N ASN C 86 38.91 41.25 50.35
CA ASN C 86 39.51 40.67 49.16
C ASN C 86 40.86 39.99 49.38
N ARG C 87 41.36 39.87 50.61
CA ARG C 87 42.75 39.49 50.75
C ARG C 87 43.01 38.19 51.49
N SER C 88 42.08 37.67 52.30
CA SER C 88 42.33 36.48 53.13
C SER C 88 43.49 36.66 54.11
N ALA C 89 43.80 37.89 54.48
CA ALA C 89 45.06 38.12 55.15
C ALA C 89 45.04 39.52 55.73
N ARG C 90 44.67 39.64 57.00
CA ARG C 90 44.21 40.90 57.54
C ARG C 90 45.25 42.00 57.36
N ILE C 91 44.75 43.22 57.12
CA ILE C 91 45.58 44.40 56.91
C ILE C 91 45.77 45.13 58.24
N ALA C 92 46.85 45.91 58.29
CA ALA C 92 47.19 46.72 59.46
C ALA C 92 47.31 48.18 59.00
N LEU C 93 46.48 49.04 59.60
CA LEU C 93 46.57 50.47 59.31
C LEU C 93 47.80 51.07 59.98
N LEU C 94 48.41 52.04 59.32
CA LEU C 94 49.71 52.56 59.71
C LEU C 94 49.67 54.07 59.73
N HIS C 95 49.95 54.67 60.89
CA HIS C 95 50.06 56.11 61.04
C HIS C 95 51.53 56.46 61.13
N TYR C 96 52.10 57.00 60.05
CA TYR C 96 53.50 57.37 60.05
C TYR C 96 53.70 58.67 60.82
N ALA C 97 54.94 58.86 61.31
CA ALA C 97 55.32 60.15 61.87
C ALA C 97 55.22 61.26 60.84
N ASP C 98 55.23 60.91 59.55
CA ASP C 98 54.84 61.84 58.51
C ASP C 98 53.39 62.26 58.67
N GLY C 99 52.60 61.48 59.40
CA GLY C 99 51.19 61.78 59.51
C GLY C 99 50.41 61.41 58.28
N GLU C 100 50.80 60.34 57.59
CA GLU C 100 50.02 59.82 56.48
C GLU C 100 49.69 58.35 56.72
N LYS C 101 48.43 58.00 56.55
CA LYS C 101 47.97 56.63 56.74
C LYS C 101 48.34 55.77 55.53
N ARG C 102 48.62 54.48 55.81
CA ARG C 102 48.88 53.51 54.77
C ARG C 102 48.56 52.11 55.27
N TYR C 103 48.02 51.28 54.39
CA TYR C 103 47.72 49.90 54.75
C TYR C 103 48.91 49.00 54.53
N ILE C 104 48.99 47.91 55.31
CA ILE C 104 49.99 46.89 55.11
C ILE C 104 49.34 45.53 55.29
N LEU C 105 50.06 44.49 54.90
CA LEU C 105 49.67 43.15 55.32
C LEU C 105 49.89 43.02 56.83
N ALA C 106 49.11 42.13 57.46
CA ALA C 106 49.23 41.94 58.89
C ALA C 106 50.13 40.75 59.17
N PRO C 107 51.32 40.95 59.70
CA PRO C 107 52.13 39.82 60.14
C PRO C 107 51.43 39.08 61.27
N GLU C 108 51.59 37.76 61.29
CA GLU C 108 51.13 37.01 62.45
C GLU C 108 51.87 37.50 63.69
N GLY C 109 51.10 37.75 64.75
CA GLY C 109 51.67 38.24 65.99
C GLY C 109 51.95 39.73 66.06
N LEU C 110 51.41 40.54 65.14
CA LEU C 110 51.63 41.99 65.19
C LEU C 110 50.53 42.63 66.04
N THR C 111 50.88 42.98 67.28
CA THR C 111 49.95 43.62 68.18
C THR C 111 49.72 45.09 67.82
N VAL C 112 48.50 45.55 68.12
CA VAL C 112 48.12 46.93 67.85
C VAL C 112 49.01 47.89 68.64
N GLY C 113 49.36 49.01 68.00
CA GLY C 113 50.13 50.03 68.68
C GLY C 113 51.62 49.78 68.76
N ALA C 114 52.10 48.71 68.13
CA ALA C 114 53.54 48.51 68.02
C ALA C 114 54.12 49.47 67.00
N THR C 115 55.41 49.81 67.17
CA THR C 115 56.12 50.61 66.18
C THR C 115 56.81 49.73 65.16
N VAL C 116 56.71 50.12 63.88
CA VAL C 116 57.33 49.39 62.79
C VAL C 116 58.09 50.39 61.92
N ASN C 117 59.02 49.86 61.12
CA ASN C 117 60.03 50.68 60.46
C ASN C 117 60.43 50.02 59.14
N ALA C 118 60.98 50.83 58.24
CA ALA C 118 61.36 50.39 56.91
C ALA C 118 62.76 50.89 56.57
N GLY C 119 63.35 50.28 55.55
CA GLY C 119 64.63 50.72 55.04
C GLY C 119 65.80 49.86 55.46
N PRO C 120 66.93 49.99 54.75
CA PRO C 120 68.10 49.11 55.01
C PRO C 120 68.63 49.16 56.43
N GLU C 121 68.63 50.35 57.05
CA GLU C 121 68.96 50.43 58.47
C GLU C 121 67.63 50.23 59.19
N ALA C 122 67.30 48.96 59.46
CA ALA C 122 66.05 48.59 60.13
C ALA C 122 66.26 47.22 60.77
N GLU C 123 66.18 47.16 62.09
CA GLU C 123 66.46 45.91 62.76
C GLU C 123 65.46 44.84 62.31
N PRO C 124 65.88 43.59 62.19
CA PRO C 124 64.97 42.54 61.68
C PRO C 124 63.86 42.17 62.66
N LYS C 125 63.09 43.19 63.08
CA LYS C 125 61.97 43.02 63.98
C LYS C 125 60.77 42.44 63.24
N LEU C 126 59.82 41.94 64.01
CA LEU C 126 58.55 41.54 63.43
C LEU C 126 57.91 42.75 62.77
N GLY C 127 57.43 42.57 61.54
CA GLY C 127 56.74 43.60 60.81
C GLY C 127 57.60 44.61 60.10
N ASN C 128 58.91 44.57 60.28
CA ASN C 128 59.78 45.48 59.56
C ASN C 128 59.88 45.06 58.09
N ALA C 129 60.18 46.04 57.24
CA ALA C 129 60.36 45.83 55.81
C ALA C 129 61.80 46.22 55.46
N LEU C 130 62.63 45.23 55.21
CA LEU C 130 64.05 45.47 54.94
C LEU C 130 64.55 44.56 53.82
N PRO C 131 65.66 44.94 53.18
CA PRO C 131 66.19 44.15 52.06
C PRO C 131 66.70 42.77 52.47
N LEU C 132 66.63 41.84 51.50
CA LEU C 132 67.04 40.47 51.75
C LEU C 132 68.53 40.35 52.06
N ARG C 133 69.35 41.26 51.53
CA ARG C 133 70.77 41.18 51.85
C ARG C 133 70.99 41.34 53.35
N PHE C 134 70.12 42.09 54.01
CA PHE C 134 70.23 42.36 55.44
C PHE C 134 69.45 41.37 56.31
N VAL C 135 68.71 40.44 55.71
CA VAL C 135 67.96 39.44 56.48
C VAL C 135 68.92 38.36 56.94
N PRO C 136 68.96 38.04 58.23
CA PRO C 136 69.81 36.94 58.71
C PRO C 136 69.35 35.58 58.18
N VAL C 137 70.33 34.68 58.04
CA VAL C 137 70.09 33.38 57.44
C VAL C 137 69.10 32.56 58.26
N GLY C 138 68.15 31.91 57.57
CA GLY C 138 67.14 31.10 58.20
C GLY C 138 65.92 31.86 58.67
N ALA C 139 65.97 33.18 58.64
CA ALA C 139 64.86 33.99 59.12
C ALA C 139 63.62 33.72 58.27
N VAL C 140 62.45 33.83 58.91
CA VAL C 140 61.17 33.65 58.22
C VAL C 140 60.57 35.02 57.91
N VAL C 141 60.14 35.20 56.65
CA VAL C 141 59.65 36.48 56.14
C VAL C 141 58.45 36.27 55.23
N HIS C 142 57.77 37.37 54.93
CA HIS C 142 56.67 37.41 54.00
C HIS C 142 56.75 38.73 53.25
N ALA C 143 55.86 38.90 52.27
CA ALA C 143 55.73 40.17 51.54
C ALA C 143 57.03 40.54 50.85
N LEU C 144 57.58 39.61 50.08
CA LEU C 144 58.85 39.80 49.40
C LEU C 144 58.65 40.19 47.94
N GLU C 145 59.60 40.96 47.43
CA GLU C 145 59.58 41.44 46.05
C GLU C 145 60.31 40.46 45.13
N LEU C 146 59.68 40.15 43.98
CA LEU C 146 60.38 39.39 42.95
C LEU C 146 61.48 40.21 42.30
N VAL C 147 61.33 41.53 42.28
CA VAL C 147 62.38 42.42 41.76
C VAL C 147 62.46 43.63 42.67
N PRO C 148 63.65 44.26 42.73
CA PRO C 148 63.79 45.45 43.57
C PRO C 148 62.93 46.61 43.08
N GLY C 149 61.88 46.92 43.84
CA GLY C 149 60.76 47.70 43.34
C GLY C 149 59.67 46.83 42.75
N LYS C 150 58.65 47.47 42.21
CA LYS C 150 57.55 46.73 41.59
C LYS C 150 56.67 46.05 42.65
N GLY C 151 57.16 45.96 43.88
CA GLY C 151 56.38 45.48 44.99
C GLY C 151 56.53 43.98 45.26
N ALA C 152 56.00 43.56 46.40
CA ALA C 152 56.07 42.17 46.83
C ALA C 152 55.11 41.33 46.01
N GLN C 153 55.38 40.03 45.94
CA GLN C 153 54.49 39.17 45.17
C GLN C 153 54.39 37.75 45.69
N LEU C 154 55.41 37.25 46.38
CA LEU C 154 55.50 35.81 46.58
C LEU C 154 54.92 35.31 47.91
N ALA C 155 54.93 36.09 48.99
CA ALA C 155 54.41 35.58 50.26
C ALA C 155 53.33 36.52 50.78
N ARG C 156 52.06 36.23 50.45
CA ARG C 156 50.95 37.15 50.73
C ARG C 156 49.69 36.51 51.30
N SER C 157 49.41 35.23 51.05
CA SER C 157 48.26 34.58 51.66
C SER C 157 48.55 34.22 53.11
N ALA C 158 47.50 34.12 53.91
CA ALA C 158 47.66 33.98 55.35
C ALA C 158 48.38 32.69 55.70
N GLY C 159 49.34 32.80 56.62
CA GLY C 159 50.16 31.68 57.03
C GLY C 159 51.34 31.38 56.14
N THR C 160 51.61 32.21 55.15
CA THR C 160 52.63 31.92 54.16
C THR C 160 53.97 32.44 54.63
N SER C 161 54.87 31.54 55.01
CA SER C 161 56.24 31.89 55.30
C SER C 161 57.11 31.72 54.06
N VAL C 162 58.26 32.40 54.05
CA VAL C 162 59.34 32.14 53.12
C VAL C 162 60.62 32.25 53.90
N GLN C 163 61.28 31.13 54.12
CA GLN C 163 62.47 31.11 54.96
C GLN C 163 63.74 31.29 54.13
N VAL C 164 64.59 32.22 54.58
CA VAL C 164 65.86 32.49 53.90
C VAL C 164 66.77 31.26 53.98
N GLN C 165 67.58 31.05 52.92
CA GLN C 165 68.41 29.87 52.81
C GLN C 165 69.87 30.28 52.81
N GLY C 166 70.48 30.55 51.66
CA GLY C 166 71.86 30.99 51.59
C GLY C 166 72.04 32.38 51.02
N LYS C 167 73.21 32.66 50.45
CA LYS C 167 73.49 34.03 49.97
C LYS C 167 74.66 33.97 48.98
N GLU C 168 74.32 33.86 47.69
CA GLU C 168 75.27 34.14 46.62
C GLU C 168 75.39 35.66 46.42
N SER C 169 76.55 36.09 45.93
CA SER C 169 76.74 37.52 45.74
C SER C 169 75.64 38.08 44.85
N ASP C 170 75.15 39.26 45.22
CA ASP C 170 74.04 39.95 44.56
C ASP C 170 72.75 39.14 44.54
N TYR C 171 72.67 38.08 45.34
CA TYR C 171 71.49 37.22 45.30
C TYR C 171 71.37 36.44 46.61
N VAL C 172 70.19 35.86 46.81
CA VAL C 172 69.82 35.24 48.07
C VAL C 172 68.89 34.07 47.78
N ILE C 173 69.27 32.88 48.23
CA ILE C 173 68.41 31.71 48.09
C ILE C 173 67.25 31.82 49.05
N VAL C 174 66.10 31.26 48.67
CA VAL C 174 64.93 31.29 49.52
C VAL C 174 64.08 30.05 49.24
N ARG C 175 63.30 29.65 50.26
CA ARG C 175 62.31 28.57 50.14
C ARG C 175 60.93 29.20 50.06
N LEU C 176 60.27 29.04 48.93
CA LEU C 176 58.91 29.51 48.72
C LEU C 176 57.90 28.63 49.44
N PRO C 177 56.69 29.16 49.70
CA PRO C 177 55.68 28.34 50.39
C PRO C 177 55.37 27.07 49.63
N SER C 178 55.47 27.10 48.32
CA SER C 178 55.33 25.89 47.50
C SER C 178 56.45 24.90 47.74
N GLY C 179 57.56 25.32 48.35
CA GLY C 179 58.70 24.48 48.61
C GLY C 179 59.81 24.57 47.57
N GLU C 180 59.54 25.20 46.44
CA GLU C 180 60.57 25.42 45.43
C GLU C 180 61.65 26.33 45.99
N LEU C 181 62.88 26.11 45.55
CA LEU C 181 63.98 26.99 45.90
C LEU C 181 64.19 28.03 44.81
N ARG C 182 64.41 29.27 45.23
CA ARG C 182 64.45 30.40 44.31
C ARG C 182 65.64 31.30 44.65
N ARG C 183 66.48 31.57 43.65
CA ARG C 183 67.39 32.71 43.77
C ARG C 183 66.59 34.01 43.65
N VAL C 184 66.95 35.01 44.45
CA VAL C 184 66.24 36.29 44.44
C VAL C 184 67.22 37.41 44.74
N HIS C 185 67.05 38.54 44.07
CA HIS C 185 68.01 39.62 44.23
C HIS C 185 68.05 40.10 45.67
N SER C 186 69.25 40.38 46.16
CA SER C 186 69.41 40.87 47.52
C SER C 186 68.76 42.24 47.71
N GLU C 187 68.52 42.98 46.62
CA GLU C 187 67.90 44.30 46.71
C GLU C 187 66.38 44.25 46.92
N CYS C 188 65.76 43.10 46.78
CA CYS C 188 64.33 43.01 47.06
C CYS C 188 64.08 43.18 48.56
N TYR C 189 63.04 43.96 48.88
CA TYR C 189 62.56 44.10 50.24
C TYR C 189 61.69 42.90 50.62
N ALA C 190 61.62 42.64 51.92
CA ALA C 190 60.68 41.67 52.47
C ALA C 190 60.36 42.06 53.89
N THR C 191 59.23 41.56 54.39
CA THR C 191 58.80 41.82 55.77
C THR C 191 59.04 40.59 56.65
N ILE C 192 59.44 40.86 57.90
CA ILE C 192 59.81 39.80 58.84
C ILE C 192 58.57 39.03 59.28
N GLY C 193 58.73 37.72 59.47
CA GLY C 193 57.69 36.88 60.03
C GLY C 193 56.72 36.33 59.00
N ALA C 194 55.90 35.39 59.46
CA ALA C 194 54.85 34.78 58.66
C ALA C 194 53.66 35.71 58.51
N VAL C 195 52.88 35.48 57.45
CA VAL C 195 51.61 36.17 57.32
C VAL C 195 50.67 35.69 58.42
N GLY C 196 49.79 36.59 58.86
CA GLY C 196 48.87 36.31 59.94
C GLY C 196 47.65 35.55 59.47
N ASN C 197 46.66 35.45 60.37
CA ASN C 197 45.43 34.71 60.12
C ASN C 197 45.73 33.25 59.78
N ALA C 198 46.72 32.68 60.46
CA ALA C 198 47.30 31.43 59.99
C ALA C 198 46.28 30.30 59.95
N GLU C 199 45.23 30.36 60.76
CA GLU C 199 44.28 29.26 60.85
C GLU C 199 43.19 29.32 59.79
N HIS C 200 43.30 30.27 58.85
CA HIS C 200 42.27 30.43 57.84
C HIS C 200 42.02 29.15 57.04
N LYS C 201 42.98 28.23 57.00
CA LYS C 201 42.76 27.01 56.22
C LYS C 201 41.59 26.20 56.76
N ASN C 202 41.32 26.28 58.06
CA ASN C 202 40.47 25.28 58.66
C ASN C 202 39.02 25.70 58.79
N ILE C 203 38.66 26.91 58.38
CA ILE C 203 37.24 27.26 58.30
C ILE C 203 36.58 26.37 57.26
N VAL C 204 35.38 25.90 57.56
CA VAL C 204 34.67 25.00 56.67
C VAL C 204 33.37 25.69 56.30
N LEU C 205 33.22 26.07 55.03
CA LEU C 205 32.00 26.73 54.59
C LEU C 205 30.88 25.69 54.60
N GLY C 206 29.90 25.88 55.48
CA GLY C 206 29.03 24.76 55.78
C GLY C 206 27.98 24.43 54.76
N LYS C 207 27.73 25.32 53.80
CA LYS C 207 26.65 25.12 52.86
C LYS C 207 27.02 25.72 51.51
N ALA C 208 26.21 25.39 50.51
CA ALA C 208 26.42 25.95 49.18
C ALA C 208 26.45 27.46 49.22
N GLY C 209 25.48 28.05 49.90
CA GLY C 209 25.38 29.47 49.89
C GLY C 209 26.68 30.13 50.26
N ARG C 210 27.50 29.46 51.08
CA ARG C 210 28.76 30.07 51.47
C ARG C 210 29.68 30.23 50.26
N SER C 211 29.86 29.16 49.50
CA SER C 211 30.69 29.34 48.32
C SER C 211 30.07 30.39 47.40
N ARG C 212 28.74 30.54 47.42
CA ARG C 212 28.16 31.60 46.60
C ARG C 212 28.49 32.99 47.18
N TRP C 213 28.45 33.12 48.51
CA TRP C 213 28.76 34.42 49.13
C TRP C 213 30.17 34.84 48.80
N LEU C 214 31.03 33.87 48.54
CA LEU C 214 32.39 34.18 48.19
C LEU C 214 32.55 34.48 46.71
N GLY C 215 31.50 34.37 45.93
CA GLY C 215 31.61 34.63 44.51
C GLY C 215 32.03 33.46 43.67
N ARG C 216 32.20 32.27 44.24
CA ARG C 216 32.34 31.05 43.46
C ARG C 216 30.96 30.48 43.13
N LYS C 217 30.81 29.98 41.91
CA LYS C 217 29.53 29.57 41.35
C LYS C 217 29.58 28.09 41.00
N PRO C 218 28.42 27.43 40.91
CA PRO C 218 28.43 25.97 40.86
C PRO C 218 29.23 25.51 39.65
N HIS C 219 30.03 24.47 39.88
CA HIS C 219 31.19 24.11 39.06
C HIS C 219 30.93 22.75 38.42
N GLN C 220 30.56 22.78 37.14
CA GLN C 220 30.05 21.59 36.47
C GLN C 220 31.15 20.58 36.27
N ARG C 221 30.81 19.30 36.39
CA ARG C 221 31.71 18.25 35.94
C ARG C 221 31.51 17.99 34.46
N GLY C 222 32.59 17.64 33.78
CA GLY C 222 32.46 17.23 32.41
C GLY C 222 31.62 15.99 32.25
N SER C 223 31.74 15.03 33.19
CA SER C 223 31.08 13.74 33.00
C SER C 223 29.58 13.88 32.96
N ALA C 224 29.06 14.97 33.51
CA ALA C 224 27.65 15.28 33.46
C ALA C 224 27.23 15.89 32.15
N MET C 225 28.19 16.38 31.37
CA MET C 225 27.84 17.08 30.16
C MET C 225 27.47 16.13 29.03
N ASN C 226 27.58 16.60 27.80
CA ASN C 226 27.23 15.87 26.60
C ASN C 226 28.45 15.91 25.71
N PRO C 227 28.59 14.98 24.76
CA PRO C 227 29.81 14.97 23.98
C PRO C 227 30.05 16.31 23.33
N VAL C 228 28.98 16.96 22.90
CA VAL C 228 29.09 18.27 22.26
C VAL C 228 29.88 19.22 23.16
N ASP C 229 29.70 19.09 24.46
CA ASP C 229 30.11 20.14 25.36
C ASP C 229 31.51 19.95 25.89
N HIS C 230 31.93 18.71 26.10
CA HIS C 230 33.19 18.40 26.78
C HIS C 230 33.61 16.95 26.55
N PRO C 231 34.91 16.68 26.45
CA PRO C 231 35.36 15.34 26.07
C PRO C 231 34.90 14.21 26.98
N HIS C 232 34.91 14.42 28.29
CA HIS C 232 34.46 13.35 29.18
C HIS C 232 32.98 13.07 29.02
N GLY C 233 32.21 14.07 28.63
CA GLY C 233 30.77 13.97 28.65
C GLY C 233 30.24 13.05 27.58
N GLY C 234 28.96 12.75 27.67
CA GLY C 234 28.31 11.76 26.81
C GLY C 234 28.43 10.36 27.37
N GLY C 235 27.88 9.40 26.61
CA GLY C 235 27.87 8.00 27.02
C GLY C 235 26.65 7.68 27.84
N GLU C 236 26.11 6.47 27.71
CA GLU C 236 24.99 6.07 28.54
C GLU C 236 25.48 5.48 29.86
N GLY C 237 24.93 5.96 30.99
CA GLY C 237 25.48 5.59 32.29
C GLY C 237 26.47 6.63 32.79
N ARG C 238 27.61 6.22 33.36
CA ARG C 238 28.62 7.17 33.85
C ARG C 238 30.02 6.61 33.63
N THR C 239 31.00 7.48 33.27
CA THR C 239 32.44 7.17 33.29
C THR C 239 33.34 8.21 32.60
N GLY C 240 34.42 7.74 31.93
CA GLY C 240 35.31 8.54 31.07
C GLY C 240 36.58 7.82 30.64
N ALA C 241 37.14 8.11 29.44
CA ALA C 241 38.25 7.33 28.86
C ALA C 241 39.35 8.21 28.26
N GLY C 242 40.57 8.15 28.83
CA GLY C 242 41.72 8.96 28.44
C GLY C 242 42.10 10.10 29.39
N ARG C 243 41.22 10.49 30.34
CA ARG C 243 41.23 11.66 31.22
C ARG C 243 41.93 12.90 30.64
N VAL C 244 41.17 13.97 30.37
CA VAL C 244 41.67 15.22 29.75
C VAL C 244 40.84 16.41 30.25
N PRO C 245 41.36 17.69 30.22
CA PRO C 245 40.53 18.83 30.65
C PRO C 245 39.46 19.25 29.67
N VAL C 246 39.11 20.52 29.74
CA VAL C 246 37.91 21.06 29.11
C VAL C 246 38.04 20.98 27.61
N THR C 247 38.77 21.92 27.04
CA THR C 247 39.51 21.58 25.86
C THR C 247 40.59 20.56 26.29
N PRO C 248 41.04 19.70 25.37
CA PRO C 248 41.83 18.52 25.77
C PRO C 248 43.21 18.83 26.35
N TRP C 249 43.70 17.89 27.17
CA TRP C 249 45.09 17.87 27.63
C TRP C 249 45.23 16.91 28.81
N GLY C 250 46.44 16.74 29.36
CA GLY C 250 46.53 16.15 30.67
C GLY C 250 45.93 17.07 31.74
N LYS C 251 45.48 16.45 32.86
CA LYS C 251 45.32 17.13 34.14
C LYS C 251 46.23 16.40 35.13
N PRO C 252 46.50 15.07 34.93
CA PRO C 252 47.71 14.45 35.49
C PRO C 252 49.00 14.79 34.76
N THR C 253 49.88 15.48 35.47
CA THR C 253 51.32 15.51 35.22
C THR C 253 51.67 15.80 33.76
N LYS C 254 50.96 16.73 33.15
CA LYS C 254 51.52 17.40 32.00
C LYS C 254 52.28 18.61 32.54
N GLY C 255 53.59 18.66 32.34
CA GLY C 255 54.30 19.85 32.77
C GLY C 255 53.78 21.06 32.03
N LEU C 256 53.53 22.19 32.70
CA LEU C 256 52.99 23.36 31.99
C LEU C 256 53.97 24.49 31.80
N LYS C 257 54.99 24.58 32.62
CA LYS C 257 56.02 25.58 32.45
C LYS C 257 56.66 25.42 31.07
N THR C 258 57.06 26.54 30.48
CA THR C 258 57.77 26.55 29.20
C THR C 258 59.29 26.46 29.36
N ARG C 259 60.07 27.16 28.49
CA ARG C 259 61.54 27.11 28.51
C ARG C 259 62.11 28.54 28.57
N ARG C 260 61.88 29.18 29.72
CA ARG C 260 61.99 30.61 29.92
C ARG C 260 63.35 31.01 30.51
N LYS C 261 63.59 32.33 30.49
CA LYS C 261 64.74 32.91 31.19
C LYS C 261 64.64 32.69 32.70
N ARG C 262 63.43 32.64 33.24
CA ARG C 262 63.26 32.41 34.67
C ARG C 262 63.83 31.06 35.08
N LYS C 263 63.80 30.09 34.17
CA LYS C 263 64.14 28.73 34.57
C LYS C 263 65.54 28.65 35.14
N THR C 264 66.43 29.60 34.82
CA THR C 264 67.78 29.59 35.38
C THR C 264 67.86 30.13 36.80
N SER C 265 66.80 30.75 37.32
CA SER C 265 66.86 31.47 38.59
C SER C 265 66.18 30.75 39.75
N ASP C 266 66.19 29.41 39.74
CA ASP C 266 65.66 28.64 40.87
C ASP C 266 66.29 27.24 40.88
N ARG C 267 66.57 26.72 42.08
CA ARG C 267 67.12 25.39 42.25
C ARG C 267 66.06 24.41 42.72
N PHE C 268 66.06 23.21 42.13
CA PHE C 268 65.15 22.11 42.50
C PHE C 268 63.71 22.57 42.76
N ILE C 269 62.97 22.82 41.68
CA ILE C 269 61.65 23.45 41.82
C ILE C 269 60.62 22.53 42.47
N VAL C 270 60.76 21.21 42.30
CA VAL C 270 59.61 20.32 42.45
C VAL C 270 59.02 20.42 43.84
N THR C 271 57.69 20.44 43.90
CA THR C 271 56.93 20.39 45.15
C THR C 271 57.47 21.40 46.16
N MET D 1 -60.08 -14.95 28.96
CA MET D 1 -61.50 -15.31 28.89
C MET D 1 -62.38 -14.27 29.56
N LYS D 2 -62.60 -14.40 30.86
CA LYS D 2 -63.26 -13.33 31.58
C LYS D 2 -62.48 -12.04 31.36
N GLY D 3 -63.18 -10.93 31.25
CA GLY D 3 -62.48 -9.66 31.14
C GLY D 3 -63.29 -8.49 31.65
N ILE D 4 -62.57 -7.41 31.95
CA ILE D 4 -63.22 -6.15 32.26
C ILE D 4 -62.24 -4.99 32.30
N LEU D 5 -62.78 -3.78 32.34
CA LEU D 5 -62.04 -2.53 32.25
C LEU D 5 -62.20 -1.74 33.52
N GLY D 6 -61.15 -1.04 33.90
CA GLY D 6 -61.25 -0.23 35.10
C GLY D 6 -60.13 0.78 35.17
N THR D 7 -60.20 1.61 36.20
CA THR D 7 -59.17 2.61 36.45
C THR D 7 -58.33 2.19 37.65
N LYS D 8 -57.03 2.48 37.57
CA LYS D 8 -56.12 2.19 38.68
C LYS D 8 -56.21 3.30 39.71
N ILE D 9 -56.57 2.94 40.94
CA ILE D 9 -56.86 3.92 41.97
C ILE D 9 -55.70 4.10 42.94
N GLY D 10 -54.98 3.05 43.26
CA GLY D 10 -53.80 3.17 44.11
C GLY D 10 -53.53 1.91 44.92
N MET D 11 -52.44 1.97 45.68
CA MET D 11 -51.96 0.85 46.47
C MET D 11 -51.91 1.22 47.93
N THR D 12 -52.22 0.26 48.80
CA THR D 12 -52.37 0.54 50.23
C THR D 12 -51.93 -0.69 51.02
N GLN D 13 -52.12 -0.65 52.34
CA GLN D 13 -51.82 -1.76 53.25
C GLN D 13 -53.10 -2.40 53.74
N ILE D 14 -53.04 -3.70 53.98
CA ILE D 14 -54.22 -4.49 54.28
C ILE D 14 -53.79 -5.58 55.25
N TRP D 15 -54.70 -6.47 55.63
CA TRP D 15 -54.34 -7.61 56.44
C TRP D 15 -55.31 -8.73 56.11
N LYS D 16 -54.82 -9.96 56.15
CA LYS D 16 -55.68 -11.14 56.06
C LYS D 16 -55.06 -12.21 56.94
N ASN D 17 -55.67 -12.48 58.09
CA ASN D 17 -55.13 -13.45 59.02
C ASN D 17 -53.68 -13.11 59.30
N ASP D 18 -53.47 -11.83 59.58
CA ASP D 18 -52.28 -11.29 60.18
C ASP D 18 -51.13 -11.22 59.19
N ARG D 19 -51.39 -11.46 57.92
CA ARG D 19 -50.42 -11.19 56.87
C ARG D 19 -50.70 -9.82 56.30
N ALA D 20 -49.73 -8.92 56.44
CA ALA D 20 -49.79 -7.63 55.76
C ALA D 20 -49.74 -7.86 54.27
N ILE D 21 -50.63 -7.21 53.54
CA ILE D 21 -50.73 -7.43 52.11
C ILE D 21 -50.72 -6.08 51.40
N PRO D 22 -49.69 -5.74 50.63
CA PRO D 22 -49.87 -4.63 49.68
C PRO D 22 -50.98 -4.99 48.70
N VAL D 23 -51.81 -4.00 48.35
CA VAL D 23 -52.86 -4.20 47.37
C VAL D 23 -52.98 -2.97 46.47
N THR D 24 -53.39 -3.23 45.25
CA THR D 24 -53.77 -2.21 44.31
C THR D 24 -55.28 -2.21 44.27
N VAL D 25 -55.86 -1.03 44.35
CA VAL D 25 -57.30 -0.89 44.24
C VAL D 25 -57.64 -0.56 42.81
N VAL D 26 -58.66 -1.21 42.30
CA VAL D 26 -59.04 -0.99 40.93
C VAL D 26 -60.53 -0.80 40.90
N LEU D 27 -60.98 0.09 40.02
CA LEU D 27 -62.39 0.30 39.76
C LEU D 27 -62.69 -0.45 38.47
N ALA D 28 -63.32 -1.61 38.60
CA ALA D 28 -63.82 -2.32 37.43
C ALA D 28 -65.27 -1.91 37.19
N GLY D 29 -65.45 -0.62 36.90
CA GLY D 29 -66.77 -0.01 36.75
C GLY D 29 -67.55 -0.75 35.71
N PRO D 30 -68.88 -0.74 35.80
CA PRO D 30 -69.66 -1.67 34.98
C PRO D 30 -69.38 -1.41 33.51
N CYS D 31 -69.28 -2.48 32.73
CA CYS D 31 -68.99 -2.22 31.34
C CYS D 31 -70.19 -2.59 30.47
N PRO D 32 -70.40 -1.85 29.40
CA PRO D 32 -71.54 -2.15 28.53
C PRO D 32 -71.09 -2.88 27.30
N ILE D 33 -71.97 -3.74 26.79
CA ILE D 33 -71.69 -4.49 25.58
C ILE D 33 -72.14 -3.60 24.42
N VAL D 34 -71.17 -2.92 23.79
CA VAL D 34 -71.50 -2.12 22.60
C VAL D 34 -71.55 -3.00 21.36
N GLN D 35 -70.59 -3.91 21.16
CA GLN D 35 -70.61 -4.72 19.94
C GLN D 35 -70.43 -6.20 20.25
N ARG D 36 -71.10 -7.04 19.47
CA ARG D 36 -70.89 -8.48 19.54
C ARG D 36 -70.30 -8.96 18.23
N LYS D 37 -69.12 -9.59 18.30
CA LYS D 37 -68.42 -10.08 17.11
C LYS D 37 -68.61 -11.59 17.04
N THR D 38 -69.53 -12.02 16.18
CA THR D 38 -69.56 -13.40 15.75
C THR D 38 -68.44 -13.64 14.75
N ALA D 39 -67.95 -14.87 14.70
CA ALA D 39 -67.15 -15.27 13.56
C ALA D 39 -67.99 -15.22 12.28
N GLN D 40 -69.25 -15.62 12.40
CA GLN D 40 -70.05 -15.73 11.19
C GLN D 40 -70.23 -14.37 10.51
N THR D 41 -70.02 -13.28 11.23
CA THR D 41 -70.13 -11.94 10.68
C THR D 41 -68.80 -11.19 10.61
N ASP D 42 -67.98 -11.30 11.64
CA ASP D 42 -66.71 -10.58 11.72
C ASP D 42 -65.52 -11.52 11.73
N GLY D 43 -65.75 -12.81 11.49
CA GLY D 43 -64.70 -13.78 11.27
C GLY D 43 -64.10 -14.39 12.51
N TYR D 44 -64.49 -13.93 13.69
CA TYR D 44 -63.99 -14.49 14.94
C TYR D 44 -64.94 -14.08 16.03
N GLU D 45 -64.78 -14.68 17.19
CA GLU D 45 -65.69 -14.46 18.31
C GLU D 45 -65.05 -13.53 19.32
N ALA D 46 -65.79 -12.48 19.71
CA ALA D 46 -65.29 -11.48 20.65
C ALA D 46 -66.46 -10.62 21.09
N VAL D 47 -66.20 -9.79 22.11
CA VAL D 47 -67.19 -8.80 22.54
C VAL D 47 -66.52 -7.45 22.74
N GLN D 48 -67.22 -6.40 22.30
CA GLN D 48 -66.78 -5.02 22.41
C GLN D 48 -67.51 -4.41 23.58
N ILE D 49 -66.76 -4.08 24.63
CA ILE D 49 -67.22 -3.60 25.92
C ILE D 49 -66.70 -2.19 26.14
N GLY D 50 -67.50 -1.35 26.80
CA GLY D 50 -67.07 0.02 26.97
C GLY D 50 -66.78 0.40 28.42
N TYR D 51 -66.13 1.54 28.68
CA TYR D 51 -65.87 1.91 30.06
C TYR D 51 -66.26 3.34 30.48
N ALA D 52 -65.35 4.32 30.38
CA ALA D 52 -65.60 5.58 31.10
C ALA D 52 -66.63 6.44 30.36
N PRO D 53 -67.70 6.87 31.02
CA PRO D 53 -68.76 7.60 30.31
C PRO D 53 -68.29 8.97 29.87
N LYS D 54 -68.91 9.46 28.79
CA LYS D 54 -68.78 10.87 28.46
C LYS D 54 -70.07 11.42 27.85
N ALA D 55 -70.25 12.73 28.05
CA ALA D 55 -71.46 13.42 27.66
C ALA D 55 -71.58 13.54 26.15
N GLU D 56 -72.81 13.34 25.64
CA GLU D 56 -73.04 13.27 24.20
C GLU D 56 -72.68 14.56 23.49
N ARG D 57 -72.54 15.66 24.22
CA ARG D 57 -72.07 16.89 23.60
C ARG D 57 -70.64 16.73 23.09
N LYS D 58 -69.87 15.81 23.67
CA LYS D 58 -68.50 15.58 23.24
C LYS D 58 -68.36 14.40 22.25
N VAL D 59 -69.45 13.74 21.92
CA VAL D 59 -69.45 12.50 21.16
C VAL D 59 -69.87 12.79 19.72
N ASN D 60 -68.94 12.64 18.79
CA ASN D 60 -69.23 12.99 17.40
C ASN D 60 -70.22 12.00 16.79
N LYS D 61 -70.83 12.43 15.69
CA LYS D 61 -71.96 11.68 15.14
C LYS D 61 -71.68 10.22 14.85
N PRO D 62 -70.56 9.84 14.23
CA PRO D 62 -70.36 8.41 13.93
C PRO D 62 -70.31 7.54 15.18
N MET D 63 -69.55 7.98 16.19
CA MET D 63 -69.50 7.24 17.44
C MET D 63 -70.86 7.24 18.12
N GLN D 64 -71.61 8.34 17.96
CA GLN D 64 -72.94 8.42 18.51
C GLN D 64 -73.81 7.31 17.96
N GLY D 65 -73.79 7.13 16.63
CA GLY D 65 -74.64 6.12 16.03
C GLY D 65 -74.15 4.72 16.28
N HIS D 66 -72.83 4.56 16.47
CA HIS D 66 -72.32 3.29 16.95
C HIS D 66 -72.96 2.93 18.27
N PHE D 67 -72.73 3.76 19.29
CA PHE D 67 -73.30 3.46 20.59
C PHE D 67 -74.81 3.33 20.51
N ALA D 68 -75.43 4.15 19.66
CA ALA D 68 -76.88 4.16 19.62
C ALA D 68 -77.44 2.84 19.09
N LYS D 69 -76.78 2.21 18.12
CA LYS D 69 -77.40 0.98 17.61
C LYS D 69 -77.48 -0.08 18.69
N ALA D 70 -76.51 -0.09 19.60
CA ALA D 70 -76.44 -1.04 20.71
C ALA D 70 -77.29 -0.64 21.91
N GLY D 71 -77.89 0.55 21.93
CA GLY D 71 -78.71 0.97 23.06
C GLY D 71 -77.98 1.43 24.31
N VAL D 72 -76.82 2.05 24.17
CA VAL D 72 -75.95 2.31 25.31
C VAL D 72 -75.56 3.77 25.32
N ALA D 73 -75.25 4.28 26.49
CA ALA D 73 -74.75 5.64 26.59
C ALA D 73 -73.30 5.69 26.12
N PRO D 74 -72.89 6.80 25.56
CA PRO D 74 -71.52 6.88 25.03
C PRO D 74 -70.45 6.72 26.11
N THR D 75 -69.36 6.09 25.70
CA THR D 75 -68.24 5.66 26.53
C THR D 75 -66.97 6.23 25.96
N ARG D 76 -66.15 6.82 26.83
CA ARG D 76 -64.90 7.38 26.35
C ARG D 76 -63.98 6.31 25.82
N ILE D 77 -64.19 5.04 26.23
CA ILE D 77 -63.24 3.96 26.00
C ILE D 77 -63.98 2.70 25.56
N LEU D 78 -63.41 1.99 24.58
CA LEU D 78 -63.96 0.71 24.13
C LEU D 78 -62.81 -0.27 23.91
N ARG D 79 -63.11 -1.56 24.11
CA ARG D 79 -62.14 -2.61 23.86
C ARG D 79 -62.88 -3.89 23.51
N GLU D 80 -62.18 -4.77 22.81
CA GLU D 80 -62.66 -6.12 22.57
C GLU D 80 -62.02 -7.10 23.56
N PHE D 81 -62.78 -8.16 23.86
CA PHE D 81 -62.32 -9.30 24.63
C PHE D 81 -62.58 -10.55 23.82
N ARG D 82 -61.52 -11.28 23.52
CA ARG D 82 -61.65 -12.50 22.73
C ARG D 82 -62.38 -13.57 23.50
N GLY D 83 -63.32 -14.25 22.82
CA GLY D 83 -63.92 -15.45 23.33
C GLY D 83 -64.93 -15.25 24.43
N PHE D 84 -65.09 -14.02 24.93
CA PHE D 84 -66.15 -13.68 25.85
C PHE D 84 -67.50 -13.82 25.17
N ALA D 85 -68.51 -14.28 25.89
CA ALA D 85 -69.90 -14.18 25.44
C ALA D 85 -70.79 -13.75 26.59
N PRO D 86 -70.60 -12.55 27.10
CA PRO D 86 -71.40 -12.11 28.26
C PRO D 86 -72.84 -11.82 27.87
N ASP D 87 -73.65 -11.37 28.84
CA ASP D 87 -75.06 -11.03 28.64
C ASP D 87 -75.42 -9.82 29.47
N GLY D 88 -76.23 -8.91 28.91
CA GLY D 88 -76.75 -7.75 29.63
C GLY D 88 -75.86 -6.51 29.70
N ASP D 89 -74.80 -6.59 30.52
CA ASP D 89 -73.61 -5.75 30.57
C ASP D 89 -72.60 -6.35 31.54
N SER D 90 -71.32 -6.03 31.34
CA SER D 90 -70.25 -6.75 32.03
C SER D 90 -69.85 -5.99 33.29
N VAL D 91 -70.50 -6.34 34.41
CA VAL D 91 -70.13 -5.84 35.72
C VAL D 91 -69.04 -6.74 36.30
N ASN D 92 -68.18 -6.15 37.14
CA ASN D 92 -67.14 -6.93 37.82
C ASN D 92 -67.73 -7.96 38.78
N VAL D 93 -68.97 -7.73 39.21
CA VAL D 93 -69.68 -8.65 40.10
C VAL D 93 -69.35 -10.05 39.62
N ASP D 94 -69.11 -10.95 40.58
CA ASP D 94 -68.93 -12.38 40.37
C ASP D 94 -68.05 -12.70 39.16
N ILE D 95 -67.84 -11.75 38.24
CA ILE D 95 -67.02 -12.10 37.09
C ILE D 95 -65.64 -12.50 37.57
N PHE D 96 -65.14 -11.86 38.62
CA PHE D 96 -63.98 -12.38 39.33
C PHE D 96 -64.43 -12.88 40.69
N ALA D 97 -63.82 -13.99 41.12
CA ALA D 97 -64.08 -14.58 42.43
C ALA D 97 -62.92 -14.27 43.35
N GLU D 98 -63.22 -14.08 44.63
CA GLU D 98 -62.16 -13.75 45.56
C GLU D 98 -61.19 -14.93 45.63
N GLY D 99 -59.89 -14.63 45.52
CA GLY D 99 -58.84 -15.64 45.51
C GLY D 99 -58.46 -16.17 44.14
N GLU D 100 -59.12 -15.75 43.07
CA GLU D 100 -58.69 -16.07 41.72
C GLU D 100 -57.34 -15.43 41.42
N LYS D 101 -56.62 -16.04 40.49
CA LYS D 101 -55.46 -15.41 39.88
C LYS D 101 -55.91 -14.78 38.56
N ILE D 102 -55.35 -13.61 38.25
CA ILE D 102 -55.87 -12.85 37.10
C ILE D 102 -54.72 -12.13 36.42
N ASP D 103 -54.83 -12.03 35.08
CA ASP D 103 -53.89 -11.30 34.22
C ASP D 103 -54.27 -9.83 34.20
N ALA D 104 -53.39 -8.98 34.74
CA ALA D 104 -53.62 -7.54 34.79
C ALA D 104 -52.78 -6.85 33.73
N THR D 105 -53.44 -6.27 32.76
CA THR D 105 -52.78 -5.52 31.71
C THR D 105 -52.98 -4.01 31.88
N GLY D 106 -51.90 -3.27 31.69
CA GLY D 106 -51.85 -1.83 31.80
C GLY D 106 -50.78 -1.28 30.89
N THR D 107 -50.39 -0.03 31.11
CA THR D 107 -49.51 0.70 30.20
C THR D 107 -48.40 1.34 31.01
N SER D 108 -47.17 0.96 30.72
CA SER D 108 -46.06 1.39 31.56
C SER D 108 -46.06 2.90 31.67
N LYS D 109 -45.70 3.39 32.85
CA LYS D 109 -45.51 4.82 33.04
C LYS D 109 -44.41 5.31 32.10
N GLY D 110 -44.67 6.42 31.41
CA GLY D 110 -43.78 6.88 30.34
C GLY D 110 -42.55 7.62 30.81
N LYS D 111 -41.41 6.96 30.64
CA LYS D 111 -40.15 7.46 31.17
C LYS D 111 -39.32 8.25 30.16
N GLY D 112 -39.91 8.58 28.99
CA GLY D 112 -39.19 9.41 28.05
C GLY D 112 -37.99 8.69 27.43
N THR D 113 -36.96 9.46 27.14
CA THR D 113 -35.80 8.96 26.42
C THR D 113 -34.73 8.58 27.44
N GLN D 114 -34.69 7.31 27.77
CA GLN D 114 -33.74 6.81 28.73
C GLN D 114 -32.43 6.38 28.09
N GLY D 115 -31.34 6.53 28.83
CA GLY D 115 -30.04 6.02 28.42
C GLY D 115 -29.96 4.50 28.53
N VAL D 116 -28.73 3.99 28.38
CA VAL D 116 -28.53 2.54 28.32
C VAL D 116 -28.56 1.94 29.70
N MET D 117 -27.99 2.64 30.68
CA MET D 117 -28.04 2.12 32.03
C MET D 117 -29.49 2.01 32.50
N LYS D 118 -30.28 3.06 32.37
CA LYS D 118 -31.68 2.95 32.77
C LYS D 118 -32.41 1.91 31.94
N ARG D 119 -32.18 1.93 30.64
CA ARG D 119 -33.06 1.19 29.74
C ARG D 119 -32.77 -0.30 29.77
N TRP D 120 -31.49 -0.69 29.60
CA TRP D 120 -31.06 -2.07 29.42
C TRP D 120 -30.11 -2.56 30.50
N ASN D 121 -29.95 -1.81 31.57
CA ASN D 121 -29.12 -2.21 32.70
C ASN D 121 -27.66 -2.27 32.30
N PHE D 122 -27.20 -1.31 31.53
CA PHE D 122 -25.87 -1.49 30.97
C PHE D 122 -24.81 -1.50 32.05
N ALA D 123 -24.89 -0.58 33.00
CA ALA D 123 -23.73 -0.50 33.87
C ALA D 123 -22.48 -0.04 33.15
N GLY D 124 -22.54 1.13 32.50
CA GLY D 124 -21.43 1.69 31.76
C GLY D 124 -20.21 1.89 32.62
N GLY D 125 -19.39 2.86 32.31
CA GLY D 125 -18.00 2.82 32.69
C GLY D 125 -17.71 3.28 34.10
N PRO D 126 -16.43 3.16 34.45
CA PRO D 126 -15.94 3.58 35.76
C PRO D 126 -16.02 5.09 35.96
N ALA D 127 -16.26 5.50 37.19
CA ALA D 127 -16.41 6.90 37.50
C ALA D 127 -15.12 7.57 37.95
N SER D 128 -14.00 6.87 37.85
CA SER D 128 -12.69 7.47 38.14
C SER D 128 -11.67 6.60 37.45
N HIS D 129 -10.39 6.85 37.73
CA HIS D 129 -9.33 6.08 37.09
C HIS D 129 -9.12 6.54 35.65
N GLY D 130 -10.11 7.21 35.07
CA GLY D 130 -9.84 8.24 34.08
C GLY D 130 -10.60 8.14 32.80
N SER D 131 -11.85 8.57 32.72
CA SER D 131 -12.60 8.43 31.48
C SER D 131 -13.13 9.78 30.94
N LYS D 132 -13.75 9.84 29.74
CA LYS D 132 -14.94 10.71 29.61
C LYS D 132 -16.16 9.89 29.21
N LYS D 133 -16.06 8.57 29.35
CA LYS D 133 -17.15 7.63 29.26
C LYS D 133 -17.77 7.31 30.64
N TRP D 134 -17.60 8.19 31.64
CA TRP D 134 -18.16 7.99 32.97
C TRP D 134 -19.59 7.53 32.81
N HIS D 135 -20.46 8.32 32.20
CA HIS D 135 -21.86 7.92 32.39
C HIS D 135 -22.19 6.74 31.52
N ARG D 136 -23.44 6.74 31.02
CA ARG D 136 -23.93 5.64 30.21
C ARG D 136 -22.91 5.38 29.11
N ARG D 137 -23.27 5.72 27.92
CA ARG D 137 -22.28 5.51 26.90
C ARG D 137 -22.02 4.01 26.85
N PRO D 138 -22.58 3.32 25.89
CA PRO D 138 -22.23 1.91 25.73
C PRO D 138 -20.78 1.85 25.31
N GLY D 139 -20.15 0.72 25.56
CA GLY D 139 -18.80 0.64 25.04
C GLY D 139 -18.62 0.55 23.53
N SER D 140 -18.58 -0.67 23.01
CA SER D 140 -18.59 -0.95 21.59
C SER D 140 -20.01 -1.23 21.13
N ILE D 141 -20.23 -1.11 19.82
CA ILE D 141 -21.41 -1.63 19.15
C ILE D 141 -21.10 -2.71 18.11
N GLY D 142 -19.83 -2.99 17.85
CA GLY D 142 -19.50 -4.00 16.85
C GLY D 142 -18.19 -4.74 16.97
N GLN D 143 -17.60 -5.05 15.83
CA GLN D 143 -16.29 -5.65 15.87
C GLN D 143 -15.65 -5.51 14.49
N ARG D 144 -15.16 -4.30 14.21
CA ARG D 144 -14.21 -4.02 13.14
C ARG D 144 -14.46 -4.83 11.90
N LYS D 145 -15.28 -4.34 10.97
CA LYS D 145 -15.08 -4.77 9.59
C LYS D 145 -15.54 -6.20 9.41
N THR D 146 -15.62 -6.90 10.54
CA THR D 146 -15.89 -8.33 10.57
C THR D 146 -17.25 -8.69 10.01
N PRO D 147 -18.38 -8.01 10.45
CA PRO D 147 -19.52 -7.85 9.56
C PRO D 147 -19.57 -6.37 9.17
N GLY D 148 -18.98 -5.49 9.99
CA GLY D 148 -18.82 -4.10 9.59
C GLY D 148 -20.10 -3.29 9.56
N ARG D 149 -21.13 -3.75 10.27
CA ARG D 149 -22.36 -3.05 10.58
C ARG D 149 -22.55 -3.20 12.07
N VAL D 150 -23.61 -2.60 12.62
CA VAL D 150 -24.03 -2.95 13.97
C VAL D 150 -25.30 -3.77 13.89
N TYR D 151 -25.43 -4.70 14.81
CA TYR D 151 -26.43 -5.75 14.72
C TYR D 151 -27.83 -5.13 14.76
N LYS D 152 -28.76 -5.75 14.04
CA LYS D 152 -30.16 -5.35 14.16
C LYS D 152 -30.70 -5.82 15.50
N GLY D 153 -31.55 -5.00 16.10
CA GLY D 153 -32.02 -5.28 17.45
C GLY D 153 -31.05 -4.91 18.54
N LYS D 154 -30.00 -4.15 18.21
CA LYS D 154 -29.02 -3.75 19.21
C LYS D 154 -29.69 -2.96 20.34
N ARG D 155 -29.18 -3.11 21.56
CA ARG D 155 -29.71 -2.35 22.68
C ARG D 155 -29.00 -1.00 22.76
N MET D 156 -29.81 0.06 22.88
CA MET D 156 -29.37 1.43 22.67
C MET D 156 -30.32 2.38 23.39
N ALA D 157 -29.85 3.63 23.53
CA ALA D 157 -30.67 4.68 24.13
C ALA D 157 -31.98 4.78 23.37
N GLY D 158 -33.06 5.03 24.09
CA GLY D 158 -34.35 5.03 23.42
C GLY D 158 -35.47 5.55 24.30
N HIS D 159 -36.68 5.31 23.82
CA HIS D 159 -37.89 5.64 24.55
C HIS D 159 -38.21 4.47 25.46
N MET D 160 -38.06 4.69 26.76
CA MET D 160 -38.42 3.76 27.80
C MET D 160 -39.80 4.05 28.39
N GLY D 161 -40.49 2.99 28.77
CA GLY D 161 -41.82 3.15 29.33
C GLY D 161 -42.82 3.43 28.24
N MET D 162 -44.07 3.68 28.63
CA MET D 162 -45.16 3.87 27.68
C MET D 162 -45.55 2.59 26.94
N GLU D 163 -45.00 1.45 27.34
CA GLU D 163 -45.30 0.16 26.71
C GLU D 163 -46.62 -0.38 27.20
N ARG D 164 -47.26 -1.18 26.38
CA ARG D 164 -48.24 -2.11 26.95
C ARG D 164 -47.51 -3.08 27.85
N VAL D 165 -48.20 -3.61 28.85
CA VAL D 165 -47.54 -4.56 29.75
C VAL D 165 -48.60 -5.45 30.35
N THR D 166 -48.28 -6.72 30.48
CA THR D 166 -49.16 -7.62 31.21
C THR D 166 -48.38 -8.18 32.39
N VAL D 167 -49.04 -8.30 33.54
CA VAL D 167 -48.49 -9.01 34.70
C VAL D 167 -49.48 -10.10 35.05
N GLN D 168 -49.02 -11.36 34.96
CA GLN D 168 -49.92 -12.49 35.11
C GLN D 168 -49.94 -13.02 36.53
N ASN D 169 -51.11 -13.57 36.88
CA ASN D 169 -51.29 -14.36 38.08
C ASN D 169 -51.06 -13.52 39.35
N LEU D 170 -51.58 -12.30 39.31
CA LEU D 170 -51.89 -11.55 40.52
C LEU D 170 -53.14 -12.14 41.13
N GLU D 171 -53.20 -12.15 42.46
CA GLU D 171 -54.29 -12.77 43.21
C GLU D 171 -55.37 -11.76 43.55
N VAL D 172 -56.61 -12.22 43.55
CA VAL D 172 -57.75 -11.36 43.87
C VAL D 172 -57.95 -11.43 45.38
N VAL D 173 -57.53 -10.36 46.07
CA VAL D 173 -57.64 -10.33 47.53
C VAL D 173 -59.08 -10.12 47.96
N GLU D 174 -59.80 -9.18 47.34
CA GLU D 174 -61.09 -8.75 47.87
C GLU D 174 -61.99 -8.19 46.77
N ILE D 175 -63.30 -8.25 46.99
CA ILE D 175 -64.26 -7.71 46.02
C ILE D 175 -65.40 -6.98 46.70
N ARG D 176 -65.35 -5.64 46.72
CA ARG D 176 -66.48 -4.85 47.21
C ARG D 176 -67.35 -4.60 45.99
N ALA D 177 -68.33 -5.49 45.79
CA ALA D 177 -69.06 -5.55 44.53
C ALA D 177 -69.97 -4.35 44.34
N GLY D 178 -70.67 -3.93 45.41
CA GLY D 178 -71.56 -2.81 45.28
C GLY D 178 -70.85 -1.52 44.98
N GLU D 179 -69.63 -1.35 45.48
CA GLU D 179 -68.82 -0.20 45.13
C GLU D 179 -68.20 -0.32 43.75
N ASN D 180 -68.25 -1.50 43.15
CA ASN D 180 -67.49 -1.76 41.93
C ASN D 180 -66.00 -1.54 42.18
N LEU D 181 -65.52 -2.07 43.31
CA LEU D 181 -64.11 -2.06 43.67
C LEU D 181 -63.57 -3.47 43.69
N ILE D 182 -62.37 -3.65 43.14
CA ILE D 182 -61.68 -4.93 43.10
C ILE D 182 -60.28 -4.75 43.68
N LEU D 183 -59.96 -5.53 44.71
CA LEU D 183 -58.70 -5.43 45.43
C LEU D 183 -57.79 -6.57 45.00
N VAL D 184 -56.63 -6.22 44.44
CA VAL D 184 -55.74 -7.20 43.85
C VAL D 184 -54.37 -7.10 44.53
N LYS D 185 -53.71 -8.24 44.71
CA LYS D 185 -52.42 -8.27 45.38
C LYS D 185 -51.33 -7.68 44.49
N GLY D 186 -50.33 -7.06 45.10
CA GLY D 186 -49.15 -6.65 44.34
C GLY D 186 -49.41 -5.46 43.43
N ALA D 187 -48.42 -5.15 42.58
CA ALA D 187 -48.42 -4.00 41.67
C ALA D 187 -49.07 -4.31 40.33
N ILE D 188 -49.51 -3.24 39.67
CA ILE D 188 -50.09 -3.28 38.34
C ILE D 188 -49.42 -2.21 37.49
N PRO D 189 -49.29 -2.38 36.17
CA PRO D 189 -48.58 -1.38 35.35
C PRO D 189 -49.32 -0.05 35.25
N GLY D 190 -48.54 1.01 35.12
CA GLY D 190 -49.07 2.32 34.81
C GLY D 190 -49.50 3.10 36.05
N ALA D 191 -49.74 4.40 35.83
CA ALA D 191 -49.99 5.41 36.86
C ALA D 191 -51.46 5.46 37.30
N ASN D 192 -51.69 6.10 38.44
CA ASN D 192 -53.07 6.14 38.94
C ASN D 192 -53.94 6.89 37.95
N GLY D 193 -55.22 6.51 37.95
CA GLY D 193 -56.18 7.10 37.06
C GLY D 193 -56.15 6.50 35.68
N GLY D 194 -55.23 5.55 35.42
CA GLY D 194 -55.10 4.97 34.11
C GLY D 194 -56.06 3.82 33.85
N LEU D 195 -56.16 3.46 32.56
CA LEU D 195 -56.91 2.28 32.13
C LEU D 195 -56.15 1.00 32.47
N VAL D 196 -56.90 -0.05 32.83
CA VAL D 196 -56.34 -1.38 33.02
C VAL D 196 -57.41 -2.42 32.72
N VAL D 197 -56.95 -3.55 32.17
CA VAL D 197 -57.80 -4.67 31.83
C VAL D 197 -57.47 -5.82 32.77
N LEU D 198 -58.50 -6.36 33.42
CA LEU D 198 -58.35 -7.58 34.18
C LEU D 198 -58.99 -8.69 33.37
N ARG D 199 -58.25 -9.76 33.12
CA ARG D 199 -58.86 -10.90 32.44
C ARG D 199 -58.46 -12.18 33.13
N SER D 200 -59.19 -13.23 32.79
CA SER D 200 -58.98 -14.53 33.39
C SER D 200 -57.53 -14.91 33.18
N ALA D 201 -56.93 -15.54 34.18
CA ALA D 201 -55.50 -15.83 34.10
C ALA D 201 -55.20 -16.69 32.88
N ALA D 202 -54.44 -16.11 31.94
CA ALA D 202 -54.24 -16.76 30.64
C ALA D 202 -53.38 -18.02 30.76
N LYS D 203 -52.47 -18.04 31.72
CA LYS D 203 -51.58 -19.17 31.89
C LYS D 203 -52.01 -19.97 33.11
N ALA D 204 -53.22 -20.55 33.05
CA ALA D 204 -53.83 -21.16 34.23
C ALA D 204 -53.01 -22.34 34.76
N SER D 205 -52.82 -22.36 36.07
CA SER D 205 -51.87 -23.25 36.73
C SER D 205 -52.37 -24.69 36.77
N ALA D 206 -51.41 -25.62 36.91
CA ALA D 206 -51.68 -27.04 36.86
C ALA D 206 -51.75 -27.63 38.26
N ALA E 1 16.91 40.97 -73.37
CA ALA E 1 16.10 40.60 -74.53
C ALA E 1 14.89 41.53 -74.71
N GLN E 2 15.00 42.79 -74.29
CA GLN E 2 13.84 43.68 -74.23
C GLN E 2 14.25 45.13 -74.48
N ILE E 3 13.28 45.93 -74.95
CA ILE E 3 13.52 47.27 -75.51
C ILE E 3 13.44 48.35 -74.45
N ASN E 4 13.08 49.57 -74.85
CA ASN E 4 13.37 50.78 -74.07
C ASN E 4 12.21 51.75 -73.87
N VAL E 5 12.50 53.05 -73.76
CA VAL E 5 11.49 54.08 -73.51
C VAL E 5 11.92 55.43 -74.07
N ILE E 6 11.69 56.52 -73.34
CA ILE E 6 11.52 57.84 -73.98
C ILE E 6 12.87 58.54 -74.22
N GLY E 7 13.66 58.70 -73.14
CA GLY E 7 14.83 59.56 -73.24
C GLY E 7 15.72 59.26 -74.43
N GLN E 8 15.75 57.99 -74.87
CA GLN E 8 16.53 57.54 -76.01
C GLN E 8 15.97 56.21 -76.52
N ASN E 9 16.85 55.24 -76.79
CA ASN E 9 16.43 53.89 -77.17
C ASN E 9 17.61 52.94 -76.99
N GLY E 10 17.41 51.67 -77.37
CA GLY E 10 18.40 50.64 -77.10
C GLY E 10 18.20 49.26 -77.69
N GLY E 11 16.98 48.73 -77.74
CA GLY E 11 16.81 47.38 -78.25
C GLY E 11 17.54 46.33 -77.42
N ARG E 12 17.58 46.53 -76.10
CA ARG E 12 18.54 45.86 -75.21
C ARG E 12 18.35 44.35 -75.15
N THR E 13 19.47 43.63 -75.05
CA THR E 13 19.47 42.17 -74.90
C THR E 13 20.36 41.77 -73.73
N ILE E 14 19.88 40.78 -72.96
CA ILE E 14 20.71 40.08 -71.98
C ILE E 14 20.02 38.76 -71.64
N GLU E 15 20.82 37.76 -71.29
CA GLU E 15 20.29 36.45 -70.98
C GLU E 15 19.52 36.47 -69.66
N LEU E 16 18.40 35.74 -69.61
CA LEU E 16 17.57 35.66 -68.41
C LEU E 16 17.38 34.20 -68.01
N PRO E 17 17.79 33.81 -66.80
CA PRO E 17 17.55 32.44 -66.33
C PRO E 17 16.06 32.13 -66.10
N LEU E 18 15.73 30.85 -66.20
CA LEU E 18 14.36 30.40 -65.98
C LEU E 18 13.93 30.65 -64.52
N PRO E 19 12.82 31.37 -64.27
CA PRO E 19 12.48 31.74 -62.89
C PRO E 19 11.98 30.53 -62.12
N GLU E 20 12.53 30.34 -60.92
CA GLU E 20 12.07 29.40 -59.90
C GLU E 20 11.42 30.17 -58.75
N VAL E 21 10.67 31.20 -59.10
CA VAL E 21 10.05 32.10 -58.14
C VAL E 21 9.15 31.26 -57.24
N ASN E 22 8.08 30.70 -57.84
CA ASN E 22 7.24 29.73 -57.15
C ASN E 22 8.07 28.53 -56.72
N SER E 23 9.22 28.35 -57.35
CA SER E 23 10.20 27.41 -56.85
C SER E 23 10.95 27.98 -55.65
N GLY E 24 11.67 27.08 -55.00
CA GLY E 24 12.36 27.43 -53.79
C GLY E 24 13.45 28.44 -53.98
N VAL E 25 13.87 28.72 -55.22
CA VAL E 25 14.93 29.70 -55.40
C VAL E 25 14.42 31.10 -55.05
N LEU E 26 13.38 31.55 -55.73
CA LEU E 26 12.85 32.85 -55.36
C LEU E 26 12.24 32.81 -53.97
N HIS E 27 11.59 31.71 -53.62
CA HIS E 27 10.98 31.66 -52.29
C HIS E 27 12.03 31.72 -51.17
N GLU E 28 13.17 31.06 -51.38
CA GLU E 28 14.27 31.08 -50.44
C GLU E 28 14.86 32.48 -50.34
N VAL E 29 15.00 33.16 -51.47
CA VAL E 29 15.57 34.49 -51.41
C VAL E 29 14.65 35.42 -50.63
N VAL E 30 13.34 35.32 -50.85
CA VAL E 30 12.43 36.19 -50.12
C VAL E 30 12.49 35.88 -48.63
N THR E 31 12.51 34.59 -48.28
CA THR E 31 12.50 34.23 -46.86
C THR E 31 13.78 34.69 -46.17
N TRP E 32 14.91 34.50 -46.84
CA TRP E 32 16.16 34.99 -46.28
C TRP E 32 16.12 36.49 -46.12
N GLN E 33 15.43 37.18 -47.03
CA GLN E 33 15.43 38.63 -47.02
C GLN E 33 14.59 39.17 -45.86
N LEU E 34 13.40 38.64 -45.67
CA LEU E 34 12.57 39.06 -44.56
C LEU E 34 13.21 38.69 -43.24
N ALA E 35 13.66 37.45 -43.10
CA ALA E 35 14.27 37.04 -41.85
C ALA E 35 15.52 37.86 -41.52
N SER E 36 16.28 38.29 -42.53
CA SER E 36 17.53 39.00 -42.23
C SER E 36 17.28 40.29 -41.45
N ARG E 37 16.16 40.95 -41.71
CA ARG E 37 15.89 42.25 -41.09
C ARG E 37 15.33 42.14 -39.69
N ARG E 38 15.03 40.93 -39.21
CA ARG E 38 14.26 40.80 -37.99
C ARG E 38 14.95 41.52 -36.86
N ARG E 39 14.17 42.25 -36.08
CA ARG E 39 14.64 42.61 -34.75
C ARG E 39 14.38 41.42 -33.85
N GLY E 40 15.40 40.98 -33.14
CA GLY E 40 15.19 39.97 -32.12
C GLY E 40 15.00 40.64 -30.77
N THR E 41 13.76 40.91 -30.39
CA THR E 41 13.49 41.77 -29.23
C THR E 41 12.43 41.12 -28.31
N ALA E 42 12.73 39.92 -27.85
CA ALA E 42 11.71 39.09 -27.23
C ALA E 42 11.81 39.03 -25.71
N SER E 43 12.89 39.54 -25.12
CA SER E 43 13.16 39.47 -23.69
C SER E 43 11.92 39.42 -22.80
N THR E 44 11.41 38.23 -22.55
CA THR E 44 10.68 38.00 -21.31
C THR E 44 11.66 37.90 -20.15
N ARG E 45 11.23 38.39 -18.99
CA ARG E 45 11.91 38.16 -17.72
C ARG E 45 11.72 36.73 -17.24
N THR E 46 11.36 35.81 -18.15
CA THR E 46 10.69 34.57 -17.77
C THR E 46 11.51 33.67 -16.85
N ARG E 47 12.82 33.63 -17.00
CA ARG E 47 13.55 32.63 -16.23
C ARG E 47 13.27 32.85 -14.75
N ALA E 48 13.10 31.74 -14.04
CA ALA E 48 12.85 31.80 -12.61
C ALA E 48 13.82 32.75 -11.93
N GLN E 49 14.98 33.00 -12.55
CA GLN E 49 16.12 33.65 -11.94
C GLN E 49 16.07 35.17 -12.01
N VAL E 50 15.09 35.78 -12.70
CA VAL E 50 15.05 37.24 -12.67
C VAL E 50 13.67 37.78 -12.32
N SER E 51 12.85 36.96 -11.69
CA SER E 51 11.50 37.43 -11.43
C SER E 51 11.41 38.37 -10.22
N LYS E 52 12.47 38.56 -9.44
CA LYS E 52 12.33 39.36 -8.23
C LYS E 52 11.24 38.84 -7.29
N THR E 53 11.60 37.82 -6.50
CA THR E 53 10.76 37.20 -5.49
C THR E 53 11.72 36.36 -4.62
N GLY E 54 11.24 35.86 -3.47
CA GLY E 54 12.11 35.60 -2.34
C GLY E 54 13.03 34.37 -2.26
N ARG E 55 12.82 33.58 -1.20
CA ARG E 55 13.70 32.53 -0.64
C ARG E 55 13.09 31.13 -0.63
N LYS E 56 12.41 30.77 0.48
CA LYS E 56 11.87 29.42 0.67
C LYS E 56 10.59 29.49 1.50
N MET E 57 9.43 29.46 0.83
CA MET E 57 8.22 30.05 1.42
C MET E 57 7.81 29.34 2.70
N TYR E 58 7.69 28.02 2.67
CA TYR E 58 7.27 27.36 3.89
C TYR E 58 7.88 25.98 4.09
N GLY E 59 7.13 25.03 4.63
CA GLY E 59 7.70 23.81 5.15
C GLY E 59 7.71 22.69 4.12
N GLN E 60 8.89 22.12 3.90
CA GLN E 60 9.04 21.12 2.86
C GLN E 60 8.09 19.94 3.06
N LYS E 61 7.63 19.74 4.28
CA LYS E 61 7.01 18.50 4.65
C LYS E 61 6.07 18.80 5.81
N GLY E 62 4.88 18.19 5.80
CA GLY E 62 3.99 18.19 6.93
C GLY E 62 3.05 19.37 7.10
N THR E 63 3.10 20.38 6.22
CA THR E 63 2.15 21.50 6.28
C THR E 63 0.81 21.19 5.65
N GLY E 64 0.68 20.07 4.93
CA GLY E 64 -0.58 19.73 4.29
C GLY E 64 -0.84 20.42 2.97
N ASN E 65 0.09 21.23 2.51
CA ASN E 65 -0.06 21.96 1.26
C ASN E 65 0.53 21.11 0.14
N ALA E 66 0.77 21.73 -1.02
CA ALA E 66 1.61 21.18 -2.07
C ALA E 66 3.06 21.51 -1.77
N ARG E 67 3.97 20.92 -2.54
CA ARG E 67 5.37 20.82 -2.14
C ARG E 67 6.17 22.12 -2.28
N HIS E 68 5.82 23.01 -3.22
CA HIS E 68 6.76 23.98 -3.79
C HIS E 68 7.74 24.66 -2.83
N GLY E 69 8.69 25.39 -3.38
CA GLY E 69 9.76 25.90 -2.56
C GLY E 69 10.01 27.38 -2.73
N ASP E 70 9.91 27.90 -3.95
CA ASP E 70 9.95 29.34 -4.16
C ASP E 70 8.80 29.73 -5.07
N ARG E 71 8.57 31.04 -5.10
CA ARG E 71 7.41 31.67 -5.71
C ARG E 71 7.71 32.24 -7.11
N SER E 72 8.87 31.87 -7.69
CA SER E 72 9.41 32.49 -8.90
C SER E 72 9.40 31.54 -10.09
N VAL E 73 8.41 30.67 -10.19
CA VAL E 73 8.54 29.52 -11.09
C VAL E 73 7.33 29.42 -11.99
N PRO E 74 7.51 28.79 -13.15
CA PRO E 74 6.49 28.83 -14.21
C PRO E 74 5.14 28.32 -13.82
N THR E 75 5.08 27.40 -12.84
CA THR E 75 3.80 26.96 -12.32
C THR E 75 3.08 28.03 -11.52
N PHE E 76 3.79 29.03 -11.00
CA PHE E 76 3.19 30.07 -10.18
C PHE E 76 2.71 31.22 -11.04
N VAL E 77 1.48 31.65 -10.82
CA VAL E 77 1.07 32.92 -11.37
C VAL E 77 2.00 33.98 -10.81
N GLY E 78 2.46 34.86 -11.68
CA GLY E 78 3.36 35.90 -11.29
C GLY E 78 4.82 35.57 -11.46
N GLY E 79 5.16 34.30 -11.58
CA GLY E 79 6.55 33.87 -11.64
C GLY E 79 7.12 34.05 -13.01
N GLY E 80 8.18 33.30 -13.29
CA GLY E 80 8.81 33.34 -14.59
C GLY E 80 8.08 32.50 -15.63
N VAL E 81 8.58 32.58 -16.86
CA VAL E 81 8.10 31.72 -17.95
C VAL E 81 9.14 30.65 -18.24
N ALA E 82 8.69 29.41 -18.32
CA ALA E 82 9.53 28.42 -18.96
C ALA E 82 9.70 28.82 -20.42
N PHE E 83 10.91 28.64 -20.95
CA PHE E 83 11.13 28.67 -22.39
C PHE E 83 10.51 29.91 -23.04
N GLY E 84 10.73 31.05 -22.41
CA GLY E 84 10.32 32.31 -22.98
C GLY E 84 11.28 32.74 -24.07
N PRO E 85 10.81 33.60 -24.96
CA PRO E 85 11.68 34.15 -25.99
C PRO E 85 12.78 35.01 -25.37
N LYS E 86 13.94 34.97 -25.97
CA LYS E 86 15.06 35.80 -25.59
C LYS E 86 15.51 36.59 -26.81
N PRO E 87 16.21 37.71 -26.63
CA PRO E 87 16.76 38.39 -27.81
C PRO E 87 17.74 37.48 -28.56
N ARG E 88 17.72 37.56 -29.89
CA ARG E 88 18.53 36.66 -30.70
C ARG E 88 18.58 37.17 -32.14
N SER E 89 19.17 36.35 -33.02
CA SER E 89 19.80 36.84 -34.25
C SER E 89 18.93 36.73 -35.49
N TYR E 90 18.53 35.51 -35.89
CA TYR E 90 17.71 35.34 -37.10
C TYR E 90 18.49 35.56 -38.40
N ASP E 91 19.49 36.45 -38.40
CA ASP E 91 20.26 36.71 -39.60
C ASP E 91 21.16 35.52 -39.93
N TYR E 92 21.39 35.32 -41.23
CA TYR E 92 22.36 34.35 -41.70
C TYR E 92 22.87 34.75 -43.07
N THR E 93 23.93 34.08 -43.51
CA THR E 93 24.55 34.36 -44.80
C THR E 93 24.01 33.37 -45.85
N LEU E 94 23.01 33.80 -46.61
CA LEU E 94 22.57 33.00 -47.74
C LEU E 94 23.67 32.97 -48.79
N PRO E 95 23.87 31.84 -49.46
CA PRO E 95 24.98 31.76 -50.41
C PRO E 95 24.84 32.82 -51.48
N ARG E 96 25.99 33.41 -51.87
CA ARG E 96 25.98 34.59 -52.74
C ARG E 96 25.43 34.25 -54.12
N GLN E 97 25.81 33.09 -54.66
CA GLN E 97 25.34 32.73 -55.99
C GLN E 97 23.82 32.65 -56.01
N VAL E 98 23.21 32.21 -54.90
CA VAL E 98 21.76 32.21 -54.82
C VAL E 98 21.21 33.62 -54.74
N ARG E 99 21.95 34.56 -54.15
CA ARG E 99 21.46 35.95 -54.14
C ARG E 99 21.34 36.47 -55.55
N GLN E 100 22.45 36.43 -56.29
CA GLN E 100 22.38 37.01 -57.63
C GLN E 100 21.42 36.21 -58.51
N LEU E 101 21.36 34.88 -58.31
CA LEU E 101 20.46 34.07 -59.12
C LEU E 101 19.02 34.44 -58.84
N GLY E 102 18.70 34.69 -57.57
CA GLY E 102 17.35 35.08 -57.25
C GLY E 102 16.99 36.40 -57.90
N LEU E 103 17.86 37.40 -57.75
CA LEU E 103 17.51 38.72 -58.26
C LEU E 103 17.35 38.69 -59.78
N ALA E 104 18.17 37.87 -60.44
CA ALA E 104 18.03 37.73 -61.88
C ALA E 104 16.72 37.06 -62.25
N MET E 105 16.35 35.99 -61.54
CA MET E 105 15.05 35.38 -61.80
C MET E 105 13.94 36.36 -61.54
N ALA E 106 14.17 37.29 -60.62
CA ALA E 106 13.16 38.29 -60.32
C ALA E 106 12.94 39.16 -61.53
N ILE E 107 14.01 39.79 -61.99
CA ILE E 107 13.92 40.63 -63.18
C ILE E 107 13.25 39.82 -64.28
N ALA E 108 13.72 38.60 -64.48
CA ALA E 108 13.22 37.77 -65.57
C ALA E 108 11.72 37.58 -65.47
N SER E 109 11.22 37.20 -64.29
CA SER E 109 9.81 36.90 -64.20
C SER E 109 8.99 38.11 -64.58
N ARG E 110 9.57 39.29 -64.41
CA ARG E 110 8.93 40.52 -64.86
C ARG E 110 9.06 40.75 -66.36
N GLN E 111 10.17 40.34 -66.98
CA GLN E 111 10.26 40.47 -68.42
C GLN E 111 9.26 39.58 -69.14
N GLU E 112 8.83 38.49 -68.50
CA GLU E 112 7.90 37.57 -69.16
C GLU E 112 6.50 38.15 -69.33
N GLY E 113 6.19 39.30 -68.70
CA GLY E 113 4.90 39.93 -68.86
C GLY E 113 4.92 41.45 -68.99
N GLY E 114 5.58 42.14 -68.05
CA GLY E 114 5.55 43.59 -68.01
C GLY E 114 6.64 44.24 -67.17
N LYS E 115 7.85 44.31 -67.74
CA LYS E 115 8.97 45.12 -67.26
C LYS E 115 9.20 46.28 -68.21
N LEU E 116 9.83 47.34 -67.71
CA LEU E 116 10.00 48.56 -68.49
C LEU E 116 11.33 49.22 -68.17
N VAL E 117 11.92 49.88 -69.17
CA VAL E 117 13.30 50.31 -69.13
C VAL E 117 13.38 51.80 -69.42
N ALA E 118 13.76 52.59 -68.41
CA ALA E 118 13.79 54.04 -68.54
C ALA E 118 15.10 54.45 -69.20
N VAL E 119 14.99 55.03 -70.38
CA VAL E 119 16.10 55.15 -71.32
C VAL E 119 16.85 56.45 -71.02
N ASP E 120 17.91 56.31 -70.23
CA ASP E 120 18.89 57.38 -70.08
C ASP E 120 18.21 58.70 -69.74
N GLY E 121 17.15 58.62 -68.94
CA GLY E 121 16.45 59.80 -68.45
C GLY E 121 15.01 59.97 -68.88
N PHE E 122 14.21 60.48 -67.94
CA PHE E 122 12.85 60.95 -68.16
C PHE E 122 12.84 62.46 -68.10
N ASP E 123 11.84 63.07 -68.72
CA ASP E 123 11.62 64.51 -68.64
C ASP E 123 10.58 64.77 -67.56
N ILE E 124 11.04 65.26 -66.42
CA ILE E 124 10.18 65.73 -65.34
C ILE E 124 10.61 67.15 -65.00
N ALA E 125 9.71 68.11 -65.20
CA ALA E 125 10.02 69.50 -64.93
C ALA E 125 10.41 69.69 -63.47
N ASP E 126 11.58 70.30 -63.27
CA ASP E 126 12.15 70.59 -61.94
C ASP E 126 12.12 69.30 -61.11
N ALA E 127 11.32 69.23 -60.04
CA ALA E 127 11.10 68.04 -59.23
C ALA E 127 9.61 67.84 -58.93
N LYS E 128 8.74 68.58 -59.61
CA LYS E 128 7.33 68.57 -59.29
C LYS E 128 6.75 67.18 -59.52
N THR E 129 5.99 66.70 -58.55
CA THR E 129 5.37 65.37 -58.67
C THR E 129 4.33 65.35 -59.77
N LYS E 130 3.62 66.46 -59.99
CA LYS E 130 2.52 66.44 -60.93
C LYS E 130 3.01 66.03 -62.31
N ASN E 131 4.23 66.44 -62.66
CA ASN E 131 4.78 66.08 -63.96
C ASN E 131 5.28 64.65 -63.99
N PHE E 132 5.67 64.08 -62.85
CA PHE E 132 5.86 62.64 -62.81
C PHE E 132 4.55 61.92 -63.12
N ILE E 133 3.45 62.41 -62.56
CA ILE E 133 2.18 61.73 -62.77
C ILE E 133 1.79 61.82 -64.23
N SER E 134 2.06 62.95 -64.87
CA SER E 134 1.81 63.08 -66.31
C SER E 134 2.71 62.15 -67.11
N TRP E 135 4.01 62.15 -66.81
CA TRP E 135 4.95 61.27 -67.50
C TRP E 135 4.50 59.81 -67.43
N ALA E 136 4.27 59.31 -66.22
CA ALA E 136 3.85 57.92 -66.05
C ALA E 136 2.50 57.66 -66.71
N LYS E 137 1.58 58.63 -66.69
CA LYS E 137 0.32 58.43 -67.39
C LYS E 137 0.52 58.30 -68.88
N GLN E 138 1.50 59.02 -69.44
CA GLN E 138 1.78 58.92 -70.87
C GLN E 138 2.66 57.73 -71.21
N ASN E 139 3.25 57.07 -70.21
CA ASN E 139 3.90 55.79 -70.43
C ASN E 139 3.03 54.61 -70.01
N GLY E 140 1.73 54.84 -69.87
CA GLY E 140 0.79 53.77 -69.62
C GLY E 140 0.68 53.35 -68.17
N LEU E 141 1.38 54.02 -67.26
CA LEU E 141 1.29 53.74 -65.82
C LEU E 141 0.07 54.48 -65.31
N ASP E 142 -1.08 53.78 -65.30
CA ASP E 142 -2.40 54.38 -65.09
C ASP E 142 -2.46 55.21 -63.81
N GLY E 143 -3.31 54.77 -62.88
CA GLY E 143 -3.24 55.14 -61.49
C GLY E 143 -3.28 53.83 -60.73
N THR E 144 -3.31 52.74 -61.50
CA THR E 144 -3.75 51.45 -60.95
C THR E 144 -2.57 50.70 -60.32
N GLU E 145 -1.69 50.15 -61.15
CA GLU E 145 -0.73 49.18 -60.65
C GLU E 145 0.26 49.82 -59.68
N LYS E 146 0.50 49.12 -58.57
CA LYS E 146 1.61 49.50 -57.70
C LYS E 146 2.90 49.26 -58.47
N VAL E 147 3.81 50.22 -58.41
CA VAL E 147 4.97 50.18 -59.28
C VAL E 147 6.22 50.55 -58.49
N LEU E 148 7.32 49.94 -58.89
CA LEU E 148 8.63 50.15 -58.32
C LEU E 148 9.49 50.93 -59.31
N LEU E 149 10.42 51.72 -58.79
CA LEU E 149 11.21 52.59 -59.63
C LEU E 149 12.63 52.62 -59.12
N VAL E 150 13.58 52.57 -60.05
CA VAL E 150 15.01 52.62 -59.75
C VAL E 150 15.63 53.68 -60.64
N THR E 151 16.42 54.56 -60.05
CA THR E 151 17.14 55.57 -60.83
C THR E 151 18.26 56.13 -59.98
N ASP E 152 18.92 57.16 -60.50
CA ASP E 152 20.04 57.71 -59.78
C ASP E 152 20.01 59.21 -59.64
N ASP E 153 19.44 59.93 -60.60
CA ASP E 153 19.30 61.37 -60.41
C ASP E 153 18.36 61.64 -59.24
N GLU E 154 18.72 62.62 -58.41
CA GLU E 154 17.91 62.90 -57.23
C GLU E 154 16.51 63.30 -57.61
N ASN E 155 16.36 64.11 -58.65
CA ASN E 155 15.08 64.75 -58.89
C ASN E 155 14.02 63.74 -59.29
N THR E 156 14.33 62.81 -60.19
CA THR E 156 13.29 61.94 -60.72
C THR E 156 12.65 61.13 -59.61
N ARG E 157 13.46 60.67 -58.65
CA ARG E 157 12.91 60.05 -57.45
C ARG E 157 12.20 61.07 -56.57
N ARG E 158 12.62 62.33 -56.61
CA ARG E 158 11.94 63.27 -55.74
C ARG E 158 10.55 63.56 -56.21
N ALA E 159 10.09 62.85 -57.23
CA ALA E 159 8.66 62.53 -57.35
C ALA E 159 8.33 61.16 -56.73
N ALA E 160 8.91 60.87 -55.55
CA ALA E 160 8.73 59.58 -54.86
C ALA E 160 7.68 59.72 -53.75
N ARG E 161 6.45 59.98 -54.18
CA ARG E 161 5.30 60.03 -53.29
C ARG E 161 4.42 58.82 -53.61
N ASN E 162 4.70 57.73 -52.90
CA ASN E 162 3.93 56.51 -53.11
C ASN E 162 2.46 56.85 -52.87
N VAL E 163 1.63 56.64 -53.88
CA VAL E 163 0.22 56.99 -53.75
C VAL E 163 -0.60 55.80 -54.21
N SER E 164 -0.24 54.60 -53.71
CA SER E 164 -0.42 53.38 -54.50
C SER E 164 0.41 53.51 -55.78
N TRP E 165 1.61 54.04 -55.61
CA TRP E 165 2.48 54.38 -56.71
C TRP E 165 3.89 54.44 -56.16
N VAL E 166 4.85 54.41 -57.07
CA VAL E 166 6.17 54.99 -56.81
C VAL E 166 6.81 54.48 -55.51
N SER E 167 6.91 53.17 -55.30
CA SER E 167 7.95 52.74 -54.38
C SER E 167 9.30 52.97 -55.05
N VAL E 168 10.30 53.44 -54.30
CA VAL E 168 11.49 54.04 -54.91
C VAL E 168 12.76 53.42 -54.34
N LEU E 169 13.74 53.19 -55.22
CA LEU E 169 15.07 52.73 -54.86
C LEU E 169 16.10 53.38 -55.76
N PRO E 170 17.34 53.50 -55.30
CA PRO E 170 18.42 53.87 -56.21
C PRO E 170 19.06 52.65 -56.85
N VAL E 171 20.26 52.82 -57.40
CA VAL E 171 21.04 51.67 -57.81
C VAL E 171 21.48 50.90 -56.58
N ALA E 172 21.71 49.59 -56.75
CA ALA E 172 22.26 48.75 -55.69
C ALA E 172 21.26 48.61 -54.55
N GLY E 173 20.22 49.42 -54.56
CA GLY E 173 19.13 49.19 -53.63
C GLY E 173 18.24 48.05 -54.03
N VAL E 174 18.41 47.52 -55.24
CA VAL E 174 17.50 46.50 -55.75
C VAL E 174 17.60 45.24 -54.90
N ASN E 175 16.49 44.52 -54.84
CA ASN E 175 16.35 43.35 -53.99
C ASN E 175 15.22 42.52 -54.56
N VAL E 176 15.32 41.21 -54.42
CA VAL E 176 14.26 40.34 -54.93
C VAL E 176 12.91 40.74 -54.32
N TYR E 177 12.92 41.11 -53.03
CA TYR E 177 11.66 41.40 -52.36
C TYR E 177 10.98 42.60 -52.97
N ASP E 178 11.71 43.72 -53.13
CA ASP E 178 11.02 44.95 -53.51
C ASP E 178 10.44 44.87 -54.91
N ILE E 179 11.08 44.13 -55.81
CA ILE E 179 10.48 44.04 -57.14
C ILE E 179 9.36 43.00 -57.13
N LEU E 180 9.59 41.84 -56.51
CA LEU E 180 8.54 40.83 -56.47
C LEU E 180 7.31 41.36 -55.73
N ARG E 181 7.49 42.36 -54.87
CA ARG E 181 6.42 42.97 -54.09
C ARG E 181 5.50 43.83 -54.94
N HIS E 182 5.98 44.33 -56.08
CA HIS E 182 5.23 45.25 -56.92
C HIS E 182 4.87 44.56 -58.23
N ASP E 183 3.88 45.13 -58.93
CA ASP E 183 3.55 44.66 -60.26
C ASP E 183 4.63 45.11 -61.23
N ARG E 184 4.40 46.18 -61.96
CA ARG E 184 5.38 46.62 -62.95
C ARG E 184 6.64 47.10 -62.26
N LEU E 185 7.77 46.90 -62.94
CA LEU E 185 9.07 47.37 -62.47
C LEU E 185 9.58 48.38 -63.50
N VAL E 186 9.68 49.64 -63.09
CA VAL E 186 10.27 50.69 -63.93
C VAL E 186 11.76 50.74 -63.67
N ILE E 187 12.46 49.69 -64.09
CA ILE E 187 13.91 49.63 -63.95
C ILE E 187 14.58 50.73 -64.76
N ASP E 188 15.63 51.32 -64.19
CA ASP E 188 16.36 52.42 -64.81
C ASP E 188 17.24 51.85 -65.92
N ALA E 189 16.90 52.17 -67.18
CA ALA E 189 17.43 51.41 -68.30
C ALA E 189 18.97 51.43 -68.38
N ALA E 190 19.61 52.51 -67.93
CA ALA E 190 21.06 52.61 -68.03
C ALA E 190 21.77 51.39 -67.43
N ALA E 191 22.07 51.45 -66.13
CA ALA E 191 22.83 50.38 -65.48
C ALA E 191 21.92 49.17 -65.33
N LEU E 192 20.68 49.33 -65.80
CA LEU E 192 19.77 48.21 -65.87
C LEU E 192 20.31 47.10 -66.74
N GLU E 193 21.16 47.46 -67.69
CA GLU E 193 21.84 46.46 -68.49
C GLU E 193 23.22 46.96 -68.92
N ILE E 194 23.95 47.56 -67.99
CA ILE E 194 25.40 47.62 -68.10
C ILE E 194 25.90 46.28 -67.59
N VAL E 195 26.38 45.44 -68.52
CA VAL E 195 26.72 44.06 -68.19
C VAL E 195 27.91 44.05 -67.24
N GLU E 196 27.84 43.15 -66.25
CA GLU E 196 28.95 42.94 -65.34
C GLU E 196 30.16 42.36 -66.08
N GLU E 197 31.35 42.62 -65.54
CA GLU E 197 32.60 42.00 -66.01
C GLU E 197 32.77 42.10 -67.52
N GLN F 1 81.04 -81.59 -22.39
CA GLN F 1 81.35 -80.96 -21.10
C GLN F 1 80.37 -81.41 -19.99
N LEU F 2 80.45 -80.75 -18.83
CA LEU F 2 79.65 -81.18 -17.68
C LEU F 2 78.16 -81.18 -17.99
N LYS F 3 77.73 -80.33 -18.93
CA LYS F 3 76.36 -80.38 -19.41
C LYS F 3 76.10 -81.65 -20.22
N THR F 4 76.79 -81.79 -21.36
CA THR F 4 76.42 -82.86 -22.28
C THR F 4 76.51 -84.23 -21.60
N LYS F 5 77.35 -84.36 -20.58
CA LYS F 5 77.22 -85.52 -19.70
C LYS F 5 75.90 -85.49 -18.96
N TYR F 6 75.37 -84.29 -18.70
CA TYR F 6 74.06 -84.20 -18.06
C TYR F 6 72.95 -84.57 -19.04
N ASN F 7 72.96 -83.99 -20.24
CA ASN F 7 71.84 -84.18 -21.15
C ASN F 7 71.76 -85.63 -21.61
N ASP F 8 72.87 -86.17 -22.12
CA ASP F 8 72.85 -87.56 -22.60
C ASP F 8 72.72 -88.55 -21.46
N GLN F 9 73.17 -88.18 -20.25
CA GLN F 9 72.89 -89.02 -19.09
C GLN F 9 71.40 -89.03 -18.76
N VAL F 10 70.69 -87.94 -19.07
CA VAL F 10 69.26 -87.83 -18.81
C VAL F 10 68.45 -87.87 -20.08
N ARG F 11 68.87 -87.17 -21.13
CA ARG F 11 68.01 -87.06 -22.30
C ARG F 11 67.63 -88.41 -22.87
N PRO F 12 68.56 -89.31 -23.19
CA PRO F 12 68.17 -90.72 -23.36
C PRO F 12 67.52 -91.33 -22.13
N ALA F 13 67.97 -90.95 -20.92
CA ALA F 13 67.45 -91.60 -19.70
C ALA F 13 65.98 -91.28 -19.47
N LEU F 14 65.53 -90.12 -19.93
CA LEU F 14 64.11 -89.79 -19.89
C LEU F 14 63.39 -90.24 -21.15
N MET F 15 64.04 -90.13 -22.32
CA MET F 15 63.47 -90.71 -23.53
C MET F 15 63.40 -92.23 -23.43
N GLN F 16 64.31 -92.84 -22.66
CA GLN F 16 64.20 -94.27 -22.34
C GLN F 16 63.21 -94.51 -21.21
N GLN F 17 63.35 -93.76 -20.11
CA GLN F 17 62.38 -93.93 -19.03
C GLN F 17 60.98 -93.57 -19.49
N PHE F 18 60.86 -92.57 -20.37
CA PHE F 18 59.59 -92.09 -20.88
C PHE F 18 59.71 -91.85 -22.37
N GLY F 19 58.67 -92.19 -23.12
CA GLY F 19 58.70 -92.03 -24.57
C GLY F 19 58.47 -90.58 -24.97
N TYR F 20 59.39 -90.01 -25.73
CA TYR F 20 59.20 -88.71 -26.38
C TYR F 20 59.74 -88.83 -27.79
N SER F 21 58.97 -88.35 -28.77
CA SER F 21 59.40 -88.49 -30.15
C SER F 21 60.64 -87.67 -30.44
N SER F 22 60.86 -86.59 -29.68
CA SER F 22 61.89 -85.61 -29.99
C SER F 22 62.85 -85.44 -28.82
N VAL F 23 64.13 -85.27 -29.15
CA VAL F 23 65.09 -84.86 -28.15
C VAL F 23 64.71 -83.50 -27.59
N MET F 24 64.01 -82.68 -28.38
CA MET F 24 63.49 -81.39 -27.93
C MET F 24 62.36 -81.52 -26.91
N ALA F 25 61.66 -82.66 -26.89
CA ALA F 25 60.55 -82.88 -25.97
C ALA F 25 61.01 -83.32 -24.59
N VAL F 26 62.29 -83.59 -24.39
CA VAL F 26 62.83 -83.88 -23.07
C VAL F 26 62.93 -82.60 -22.27
N PRO F 27 62.61 -82.62 -20.99
CA PRO F 27 62.72 -81.39 -20.18
C PRO F 27 64.16 -80.89 -20.13
N ARG F 28 64.30 -79.57 -20.11
CA ARG F 28 65.61 -78.93 -20.02
C ARG F 28 65.64 -78.01 -18.81
N ILE F 29 66.60 -77.09 -18.78
CA ILE F 29 66.67 -76.07 -17.73
C ILE F 29 66.78 -74.71 -18.41
N GLU F 30 65.73 -73.87 -18.24
CA GLU F 30 65.70 -72.56 -18.86
C GLU F 30 66.68 -71.60 -18.20
N LYS F 31 66.65 -71.49 -16.88
CA LYS F 31 67.58 -70.57 -16.22
C LYS F 31 67.57 -70.81 -14.71
N ILE F 32 68.74 -70.66 -14.10
CA ILE F 32 68.83 -70.52 -12.65
C ILE F 32 68.46 -69.10 -12.28
N VAL F 33 67.88 -68.92 -11.11
CA VAL F 33 67.46 -67.61 -10.63
C VAL F 33 67.83 -67.49 -9.16
N VAL F 34 68.24 -66.31 -8.74
CA VAL F 34 68.53 -66.04 -7.34
C VAL F 34 67.90 -64.71 -6.96
N ASN F 35 66.96 -64.74 -6.00
CA ASN F 35 66.21 -63.55 -5.60
C ASN F 35 66.90 -62.74 -4.52
N GLU F 36 68.09 -63.16 -4.08
CA GLU F 36 68.77 -62.63 -2.90
C GLU F 36 67.79 -62.07 -1.89
N GLY F 37 67.20 -60.92 -2.20
CA GLY F 37 66.23 -60.30 -1.30
C GLY F 37 66.83 -59.59 -0.11
N LEU F 38 68.12 -59.22 -0.19
CA LEU F 38 68.85 -58.77 0.98
C LEU F 38 68.19 -57.55 1.62
N GLY F 39 68.27 -57.49 2.95
CA GLY F 39 67.79 -56.33 3.64
C GLY F 39 66.32 -56.08 3.41
N SER F 40 65.57 -57.13 3.08
CA SER F 40 64.14 -57.00 2.83
C SER F 40 63.40 -56.47 4.06
N SER F 41 63.96 -56.71 5.25
CA SER F 41 63.61 -55.95 6.45
C SER F 41 64.76 -55.09 6.96
N LYS F 42 65.99 -55.35 6.53
CA LYS F 42 67.17 -54.62 6.96
C LYS F 42 67.49 -53.54 5.92
N GLU F 43 67.20 -52.27 6.26
CA GLU F 43 67.42 -51.15 5.35
C GLU F 43 68.89 -50.73 5.41
N ASP F 44 69.73 -51.58 4.83
CA ASP F 44 71.18 -51.47 4.95
C ASP F 44 71.77 -51.06 3.59
N SER F 45 71.99 -49.75 3.41
CA SER F 45 72.76 -49.29 2.26
C SER F 45 74.20 -49.76 2.35
N LYS F 46 74.73 -49.90 3.57
CA LYS F 46 76.02 -50.54 3.75
C LYS F 46 75.97 -52.00 3.32
N ALA F 47 74.82 -52.65 3.56
CA ALA F 47 74.65 -54.07 3.20
C ALA F 47 74.15 -54.27 1.77
N ILE F 48 73.75 -53.21 1.07
CA ILE F 48 73.44 -53.37 -0.35
C ILE F 48 74.68 -53.85 -1.09
N ASP F 49 75.82 -53.22 -0.81
CA ASP F 49 77.11 -53.76 -1.25
C ASP F 49 77.45 -55.08 -0.57
N LYS F 50 76.92 -55.34 0.62
CA LYS F 50 77.11 -56.64 1.28
C LYS F 50 76.62 -57.78 0.38
N ALA F 51 75.31 -57.81 0.14
CA ALA F 51 74.74 -58.86 -0.70
C ALA F 51 75.22 -58.74 -2.13
N ALA F 52 75.47 -57.53 -2.64
CA ALA F 52 76.01 -57.42 -3.98
C ALA F 52 77.36 -58.12 -4.08
N LYS F 53 78.23 -57.90 -3.09
CA LYS F 53 79.56 -58.49 -3.11
C LYS F 53 79.49 -60.00 -2.92
N GLU F 54 78.69 -60.46 -1.95
CA GLU F 54 78.60 -61.89 -1.72
C GLU F 54 78.04 -62.60 -2.96
N LEU F 55 77.05 -62.00 -3.62
CA LEU F 55 76.47 -62.63 -4.80
C LEU F 55 77.44 -62.59 -5.98
N ALA F 56 78.05 -61.44 -6.24
CA ALA F 56 78.94 -61.33 -7.38
C ALA F 56 80.18 -62.21 -7.23
N LEU F 57 80.64 -62.43 -5.99
CA LEU F 57 81.80 -63.30 -5.81
C LEU F 57 81.41 -64.77 -5.87
N ILE F 58 80.29 -65.15 -5.22
CA ILE F 58 79.90 -66.56 -5.16
C ILE F 58 79.15 -67.04 -6.38
N THR F 59 78.77 -66.15 -7.31
CA THR F 59 77.89 -66.50 -8.40
C THR F 59 78.44 -66.20 -9.79
N LEU F 60 79.65 -65.69 -9.90
CA LEU F 60 80.32 -65.50 -11.19
C LEU F 60 79.50 -64.61 -12.14
N GLN F 61 78.67 -63.73 -11.58
CA GLN F 61 77.81 -62.85 -12.37
C GLN F 61 77.42 -61.63 -11.55
N LYS F 62 77.18 -60.51 -12.25
CA LYS F 62 76.78 -59.28 -11.57
C LYS F 62 75.32 -59.35 -11.14
N PRO F 63 74.97 -58.79 -9.98
CA PRO F 63 73.58 -58.79 -9.53
C PRO F 63 72.88 -57.45 -9.71
N ILE F 64 71.57 -57.46 -9.97
CA ILE F 64 70.76 -56.25 -10.08
C ILE F 64 70.00 -56.05 -8.79
N ILE F 65 69.68 -54.79 -8.51
CA ILE F 65 69.02 -54.41 -7.26
C ILE F 65 67.52 -54.32 -7.53
N THR F 66 66.80 -55.42 -7.29
CA THR F 66 65.36 -55.42 -7.47
C THR F 66 64.74 -54.40 -6.54
N LYS F 67 64.34 -53.26 -7.09
CA LYS F 67 63.85 -52.14 -6.31
C LYS F 67 62.42 -52.38 -5.86
N ALA F 68 62.05 -51.72 -4.75
CA ALA F 68 60.75 -51.94 -4.15
C ALA F 68 59.65 -51.65 -5.15
N LYS F 69 58.62 -52.51 -5.17
CA LYS F 69 57.60 -52.38 -6.20
C LYS F 69 56.86 -51.06 -6.10
N LYS F 70 56.94 -50.39 -4.96
CA LYS F 70 56.32 -49.08 -4.75
C LYS F 70 54.91 -49.23 -4.22
N SER F 71 54.59 -50.40 -3.64
CA SER F 71 53.35 -50.57 -2.89
C SER F 71 53.57 -50.11 -1.45
N ILE F 72 53.67 -48.79 -1.29
CA ILE F 72 53.82 -48.23 0.03
C ILE F 72 52.65 -48.67 0.89
N SER F 73 52.95 -49.01 2.15
CA SER F 73 51.96 -49.63 3.04
C SER F 73 52.10 -49.04 4.44
N ASN F 74 51.25 -49.52 5.36
CA ASN F 74 51.31 -49.05 6.75
C ASN F 74 52.73 -49.22 7.29
N PHE F 75 53.30 -50.40 7.10
CA PHE F 75 54.67 -50.66 7.54
C PHE F 75 55.65 -50.00 6.57
N LYS F 76 56.93 -50.09 6.90
CA LYS F 76 57.96 -49.36 6.17
C LYS F 76 58.03 -49.71 4.68
N LEU F 77 56.92 -49.56 3.96
CA LEU F 77 56.85 -49.77 2.52
C LEU F 77 56.92 -48.42 1.79
N ARG F 78 57.63 -48.39 0.68
CA ARG F 78 57.74 -47.16 -0.11
C ARG F 78 58.07 -47.52 -1.55
N GLN F 79 58.01 -46.52 -2.43
CA GLN F 79 58.19 -46.74 -3.86
C GLN F 79 59.62 -47.06 -4.25
N GLY F 80 60.48 -46.04 -4.29
CA GLY F 80 61.75 -46.11 -4.99
C GLY F 80 62.91 -46.74 -4.26
N MET F 81 62.70 -47.24 -3.06
CA MET F 81 63.80 -47.82 -2.29
C MET F 81 64.17 -49.21 -2.81
N PRO F 82 65.46 -49.54 -2.81
CA PRO F 82 65.87 -50.93 -3.06
C PRO F 82 65.38 -51.88 -1.97
N VAL F 83 65.08 -53.12 -2.36
CA VAL F 83 64.49 -54.09 -1.42
C VAL F 83 64.98 -55.53 -1.63
N GLY F 84 65.54 -55.83 -2.80
CA GLY F 84 65.98 -57.19 -3.08
C GLY F 84 67.11 -57.23 -4.10
N ILE F 85 67.61 -58.43 -4.38
CA ILE F 85 68.78 -58.59 -5.24
C ILE F 85 68.56 -59.77 -6.19
N LYS F 86 68.32 -59.47 -7.47
CA LYS F 86 68.08 -60.47 -8.50
C LYS F 86 69.36 -60.81 -9.24
N VAL F 87 69.52 -62.09 -9.58
CA VAL F 87 70.58 -62.54 -10.47
C VAL F 87 70.09 -63.73 -11.30
N THR F 88 70.09 -63.57 -12.61
CA THR F 88 69.67 -64.60 -13.55
C THR F 88 70.90 -65.26 -14.16
N LEU F 89 70.95 -66.59 -14.08
CA LEU F 89 72.05 -67.39 -14.64
C LEU F 89 71.51 -68.19 -15.81
N ARG F 90 72.12 -68.02 -16.98
CA ARG F 90 71.74 -68.75 -18.18
C ARG F 90 72.92 -69.57 -18.68
N GLY F 91 72.62 -70.77 -19.20
CA GLY F 91 73.61 -71.58 -19.87
C GLY F 91 74.82 -72.01 -19.07
N GLU F 92 76.00 -71.59 -19.52
CA GLU F 92 77.25 -72.09 -18.96
C GLU F 92 77.34 -71.80 -17.46
N ARG F 93 77.11 -70.54 -17.08
CA ARG F 93 77.21 -70.19 -15.66
C ARG F 93 76.12 -70.86 -14.82
N MET F 94 74.92 -71.06 -15.39
CA MET F 94 73.88 -71.75 -14.63
C MET F 94 74.26 -73.19 -14.41
N TYR F 95 74.92 -73.82 -15.39
CA TYR F 95 75.38 -75.19 -15.20
C TYR F 95 76.52 -75.25 -14.19
N VAL F 96 77.40 -74.24 -14.19
CA VAL F 96 78.47 -74.20 -13.20
C VAL F 96 77.88 -74.02 -11.79
N PHE F 97 76.80 -73.26 -11.67
CA PHE F 97 76.18 -73.09 -10.37
C PHE F 97 75.44 -74.35 -9.93
N LEU F 98 74.76 -75.00 -10.87
CA LEU F 98 74.10 -76.25 -10.52
C LEU F 98 75.11 -77.31 -10.13
N GLU F 99 76.30 -77.29 -10.75
CA GLU F 99 77.35 -78.22 -10.33
C GLU F 99 77.93 -77.85 -8.98
N LYS F 100 78.10 -76.55 -8.70
CA LYS F 100 78.57 -76.15 -7.37
C LYS F 100 77.59 -76.58 -6.30
N LEU F 101 76.30 -76.57 -6.61
CA LEU F 101 75.31 -77.06 -5.67
C LEU F 101 75.36 -78.57 -5.54
N ILE F 102 75.31 -79.28 -6.67
CA ILE F 102 75.21 -80.73 -6.62
C ILE F 102 76.47 -81.34 -6.00
N ASN F 103 77.63 -80.68 -6.14
CA ASN F 103 78.89 -81.22 -5.64
C ASN F 103 79.42 -80.51 -4.41
N ILE F 104 78.76 -79.46 -3.92
CA ILE F 104 79.26 -78.76 -2.73
C ILE F 104 78.11 -78.13 -1.97
N GLY F 105 76.93 -78.01 -2.60
CA GLY F 105 75.76 -77.51 -1.87
C GLY F 105 74.98 -78.57 -1.13
N LEU F 106 75.24 -79.86 -1.42
CA LEU F 106 74.68 -80.98 -0.68
C LEU F 106 75.66 -81.41 0.40
N PRO F 107 76.96 -81.50 0.09
CA PRO F 107 77.96 -81.54 1.18
C PRO F 107 77.89 -80.32 2.09
N ARG F 108 77.55 -79.15 1.53
CA ARG F 108 77.44 -77.95 2.35
C ARG F 108 76.34 -78.06 3.39
N ILE F 109 75.31 -78.87 3.12
CA ILE F 109 74.15 -78.87 3.99
C ILE F 109 74.52 -79.37 5.38
N ARG F 110 73.77 -78.91 6.37
CA ARG F 110 73.72 -79.55 7.67
C ARG F 110 72.53 -80.49 7.72
N ASP F 111 72.70 -81.64 8.37
CA ASP F 111 71.60 -82.55 8.71
C ASP F 111 70.76 -82.94 7.50
N PHE F 112 71.42 -83.29 6.39
CA PHE F 112 70.69 -83.54 5.15
C PHE F 112 69.87 -84.82 5.20
N ARG F 113 68.68 -84.76 4.61
CA ARG F 113 67.84 -85.92 4.36
C ARG F 113 67.16 -85.82 3.01
N GLY F 114 67.63 -84.93 2.14
CA GLY F 114 66.98 -84.58 0.90
C GLY F 114 66.55 -83.13 0.88
N ILE F 115 65.95 -82.74 -0.24
CA ILE F 115 65.26 -81.45 -0.36
C ILE F 115 63.77 -81.73 -0.50
N ASN F 116 62.95 -80.72 -0.23
CA ASN F 116 61.51 -80.97 -0.15
C ASN F 116 61.00 -81.46 -1.51
N PRO F 117 60.22 -82.55 -1.53
CA PRO F 117 60.00 -83.29 -2.78
C PRO F 117 58.74 -82.92 -3.53
N ASN F 118 57.86 -82.18 -2.88
CA ASN F 118 56.56 -81.85 -3.47
C ASN F 118 56.73 -80.68 -4.44
N ALA F 119 56.66 -80.96 -5.74
CA ALA F 119 57.07 -79.99 -6.76
C ALA F 119 56.28 -78.70 -6.61
N PHE F 120 56.98 -77.58 -6.80
CA PHE F 120 56.46 -76.30 -6.36
C PHE F 120 55.42 -75.74 -7.33
N ASP F 121 55.73 -75.74 -8.62
CA ASP F 121 54.75 -75.37 -9.63
C ASP F 121 53.82 -76.54 -9.90
N GLY F 122 52.58 -76.21 -10.30
CA GLY F 122 51.80 -77.23 -10.97
C GLY F 122 52.27 -77.50 -12.39
N ARG F 123 52.99 -76.54 -12.97
CA ARG F 123 53.67 -76.69 -14.25
C ARG F 123 55.10 -77.23 -14.09
N GLY F 124 55.57 -77.43 -12.87
CA GLY F 124 56.93 -77.88 -12.66
C GLY F 124 57.91 -76.74 -12.80
N ASN F 125 59.19 -77.10 -12.85
CA ASN F 125 60.25 -76.11 -12.92
C ASN F 125 60.17 -75.22 -11.69
N TYR F 126 61.00 -75.46 -10.68
CA TYR F 126 60.74 -74.86 -9.37
C TYR F 126 62.04 -74.40 -8.72
N ASN F 127 61.95 -74.00 -7.45
CA ASN F 127 62.86 -73.05 -6.85
C ASN F 127 63.31 -73.52 -5.47
N LEU F 128 64.58 -73.86 -5.34
CA LEU F 128 65.14 -74.09 -4.00
C LEU F 128 65.18 -72.78 -3.22
N GLY F 129 64.95 -72.89 -1.91
CA GLY F 129 65.05 -71.74 -1.03
C GLY F 129 66.12 -71.92 0.02
N ILE F 130 67.24 -71.21 -0.12
CA ILE F 130 68.32 -71.34 0.85
C ILE F 130 67.83 -70.87 2.22
N LYS F 131 68.15 -71.64 3.25
CA LYS F 131 67.82 -71.29 4.62
C LYS F 131 69.00 -70.70 5.39
N GLU F 132 70.20 -70.80 4.84
CA GLU F 132 71.43 -70.38 5.51
C GLU F 132 72.53 -70.30 4.46
N GLN F 133 73.45 -69.35 4.66
CA GLN F 133 74.52 -69.11 3.69
C GLN F 133 75.89 -69.60 4.14
N LEU F 134 76.01 -70.21 5.32
CA LEU F 134 77.32 -70.43 5.93
C LEU F 134 78.18 -71.41 5.13
N ILE F 135 77.59 -72.38 4.45
CA ILE F 135 78.34 -73.56 3.99
C ILE F 135 78.52 -73.60 2.48
N PHE F 136 78.28 -72.50 1.77
CA PHE F 136 78.58 -72.47 0.34
C PHE F 136 80.09 -72.52 0.13
N PRO F 137 80.54 -73.02 -1.04
CA PRO F 137 81.98 -73.04 -1.31
C PRO F 137 82.62 -71.65 -1.27
N GLU F 138 81.86 -70.60 -1.59
CA GLU F 138 82.36 -69.24 -1.58
C GLU F 138 82.05 -68.48 -0.29
N ILE F 139 81.01 -68.87 0.45
CA ILE F 139 80.55 -68.09 1.61
C ILE F 139 81.24 -68.66 2.85
N THR F 140 82.42 -68.12 3.16
CA THR F 140 83.11 -68.41 4.42
C THR F 140 82.58 -67.49 5.52
N TYR F 141 82.37 -68.06 6.73
CA TYR F 141 81.94 -67.24 7.85
C TYR F 141 83.04 -66.31 8.35
N ASP F 142 84.31 -66.67 8.11
CA ASP F 142 85.42 -65.84 8.59
C ASP F 142 85.60 -64.60 7.73
N MET F 143 85.65 -64.76 6.41
CA MET F 143 85.71 -63.61 5.52
C MET F 143 84.41 -62.81 5.54
N VAL F 144 83.27 -63.48 5.75
CA VAL F 144 81.97 -62.82 5.82
C VAL F 144 81.84 -62.09 7.15
N ASP F 145 81.06 -61.00 7.14
CA ASP F 145 80.76 -60.28 8.38
C ASP F 145 79.69 -60.99 9.20
N LYS F 146 78.66 -61.51 8.55
CA LYS F 146 77.53 -62.12 9.26
C LYS F 146 76.81 -63.06 8.32
N THR F 147 76.02 -63.97 8.90
CA THR F 147 75.23 -64.91 8.12
C THR F 147 73.99 -64.24 7.51
N ARG F 148 73.57 -64.75 6.36
CA ARG F 148 72.40 -64.26 5.63
C ARG F 148 71.79 -65.43 4.85
N GLY F 149 70.66 -65.17 4.22
CA GLY F 149 69.96 -66.18 3.44
C GLY F 149 69.49 -65.65 2.11
N MET F 150 69.58 -66.51 1.10
CA MET F 150 69.25 -66.17 -0.28
C MET F 150 68.22 -67.15 -0.83
N ASP F 151 67.92 -67.02 -2.12
CA ASP F 151 66.88 -67.78 -2.81
C ASP F 151 67.40 -68.20 -4.17
N ILE F 152 66.97 -69.37 -4.66
CA ILE F 152 67.47 -69.88 -5.93
C ILE F 152 66.37 -70.63 -6.67
N THR F 153 65.55 -69.90 -7.43
CA THR F 153 64.58 -70.54 -8.32
C THR F 153 65.29 -71.06 -9.57
N ILE F 154 64.77 -72.14 -10.13
CA ILE F 154 65.29 -72.73 -11.36
C ILE F 154 64.11 -73.14 -12.24
N VAL F 155 64.21 -72.84 -13.52
CA VAL F 155 63.13 -73.06 -14.46
C VAL F 155 63.49 -74.25 -15.33
N THR F 156 62.49 -75.06 -15.66
CA THR F 156 62.68 -76.22 -16.52
C THR F 156 61.48 -76.33 -17.44
N THR F 157 61.72 -76.72 -18.69
CA THR F 157 60.63 -76.82 -19.65
C THR F 157 59.89 -78.13 -19.46
N ALA F 158 59.90 -78.66 -18.24
CA ALA F 158 59.06 -79.78 -17.89
C ALA F 158 57.59 -79.39 -18.02
N LYS F 159 56.78 -80.31 -18.52
CA LYS F 159 55.35 -80.07 -18.64
C LYS F 159 54.56 -80.47 -17.41
N THR F 160 55.18 -81.17 -16.44
CA THR F 160 54.50 -81.58 -15.22
C THR F 160 55.52 -81.71 -14.10
N ASP F 161 55.02 -81.69 -12.86
CA ASP F 161 55.89 -81.82 -11.70
C ASP F 161 56.61 -83.16 -11.67
N GLU F 162 55.93 -84.23 -12.13
CA GLU F 162 56.56 -85.55 -12.13
C GLU F 162 57.76 -85.61 -13.08
N GLU F 163 57.70 -84.90 -14.20
CA GLU F 163 58.76 -85.01 -15.21
C GLU F 163 60.01 -84.24 -14.80
N ALA F 164 59.83 -82.99 -14.37
CA ALA F 164 60.96 -82.27 -13.79
C ALA F 164 61.45 -82.95 -12.52
N ARG F 165 60.56 -83.67 -11.82
CA ARG F 165 60.99 -84.43 -10.66
C ARG F 165 61.99 -85.51 -11.05
N ALA F 166 61.63 -86.32 -12.06
CA ALA F 166 62.56 -87.34 -12.54
C ALA F 166 63.83 -86.73 -13.10
N LEU F 167 63.72 -85.57 -13.75
CA LEU F 167 64.90 -84.93 -14.35
C LEU F 167 65.85 -84.41 -13.29
N LEU F 168 65.34 -83.68 -12.30
CA LEU F 168 66.16 -83.17 -11.23
C LEU F 168 66.66 -84.28 -10.31
N GLN F 169 65.99 -85.43 -10.29
CA GLN F 169 66.49 -86.57 -9.54
C GLN F 169 67.66 -87.23 -10.25
N SER F 170 67.50 -87.52 -11.55
CA SER F 170 68.60 -88.12 -12.31
C SER F 170 69.79 -87.18 -12.41
N MET F 171 69.54 -85.87 -12.47
CA MET F 171 70.61 -84.91 -12.67
C MET F 171 71.57 -84.84 -11.48
N GLY F 172 71.13 -85.23 -10.29
CA GLY F 172 71.99 -85.16 -9.12
C GLY F 172 71.42 -84.35 -7.97
N LEU F 173 70.16 -83.94 -8.08
CA LEU F 173 69.51 -83.30 -6.95
C LEU F 173 69.15 -84.36 -5.90
N PRO F 174 69.48 -84.14 -4.63
CA PRO F 174 68.95 -85.00 -3.56
C PRO F 174 67.44 -84.85 -3.37
N PHE F 175 66.81 -85.93 -2.91
CA PHE F 175 65.37 -85.99 -2.64
C PHE F 175 65.10 -86.44 -1.21
N ARG F 176 64.04 -85.88 -0.61
CA ARG F 176 63.58 -86.32 0.71
C ARG F 176 62.55 -87.43 0.51
N LYS F 177 63.04 -88.66 0.42
CA LYS F 177 62.20 -89.84 0.25
C LYS F 177 61.02 -89.84 1.22
N GLY G 1 -40.95 -67.55 2.34
CA GLY G 1 -41.93 -66.56 2.75
C GLY G 1 -42.89 -66.18 1.64
N LYS G 2 -43.40 -67.20 0.95
CA LYS G 2 -44.31 -67.03 -0.18
C LYS G 2 -45.43 -68.07 -0.10
N GLN G 3 -45.71 -68.80 -1.19
CA GLN G 3 -46.57 -70.00 -1.14
C GLN G 3 -48.06 -69.71 -1.07
N PRO G 4 -48.92 -70.73 -1.27
CA PRO G 4 -50.36 -70.51 -1.28
C PRO G 4 -50.92 -70.04 0.06
N ILE G 5 -51.96 -69.20 -0.02
CA ILE G 5 -52.78 -68.85 1.14
C ILE G 5 -53.79 -69.96 1.42
N ALA G 6 -54.19 -70.09 2.69
CA ALA G 6 -55.28 -70.96 3.09
C ALA G 6 -56.53 -70.14 3.35
N VAL G 7 -57.69 -70.70 3.03
CA VAL G 7 -58.96 -70.01 3.14
C VAL G 7 -59.87 -70.77 4.10
N PRO G 8 -59.98 -70.33 5.35
CA PRO G 8 -60.96 -70.92 6.27
C PRO G 8 -62.40 -70.62 5.87
N SER G 9 -63.31 -71.48 6.35
CA SER G 9 -64.69 -71.49 5.86
C SER G 9 -65.40 -70.15 6.06
N GLY G 10 -65.09 -69.42 7.14
CA GLY G 10 -65.78 -68.17 7.38
C GLY G 10 -65.03 -66.95 6.90
N VAL G 11 -64.79 -66.84 5.59
CA VAL G 11 -63.93 -65.79 5.07
C VAL G 11 -64.41 -65.35 3.70
N THR G 12 -64.10 -64.10 3.36
CA THR G 12 -64.34 -63.53 2.04
C THR G 12 -63.19 -62.61 1.71
N VAL G 13 -62.98 -62.36 0.42
CA VAL G 13 -61.86 -61.55 -0.03
C VAL G 13 -62.23 -60.86 -1.34
N ASN G 14 -61.76 -59.62 -1.49
CA ASN G 14 -62.01 -58.83 -2.69
C ASN G 14 -60.69 -58.37 -3.29
N ALA G 15 -60.55 -58.57 -4.60
CA ALA G 15 -59.33 -58.33 -5.35
C ALA G 15 -59.31 -56.98 -6.05
N GLN G 16 -60.25 -56.08 -5.73
CA GLN G 16 -60.26 -54.77 -6.37
C GLN G 16 -58.97 -54.03 -6.05
N ASP G 17 -58.45 -53.31 -7.05
CA ASP G 17 -57.26 -52.47 -6.91
C ASP G 17 -56.19 -53.13 -6.04
N GLY G 18 -55.55 -52.34 -5.19
CA GLY G 18 -54.78 -52.84 -4.05
C GLY G 18 -55.60 -53.04 -2.81
N VAL G 19 -56.89 -52.70 -2.86
CA VAL G 19 -57.77 -52.92 -1.72
C VAL G 19 -57.96 -54.41 -1.49
N PHE G 20 -58.10 -54.78 -0.21
CA PHE G 20 -58.25 -56.19 0.16
C PHE G 20 -58.99 -56.21 1.51
N LYS G 21 -60.32 -56.28 1.45
CA LYS G 21 -61.15 -56.35 2.64
C LYS G 21 -61.62 -57.79 2.89
N VAL G 22 -61.64 -58.19 4.16
CA VAL G 22 -62.07 -59.52 4.59
C VAL G 22 -63.20 -59.36 5.59
N LYS G 23 -64.11 -60.35 5.61
CA LYS G 23 -65.23 -60.40 6.56
C LYS G 23 -65.29 -61.80 7.16
N GLY G 24 -64.36 -62.07 8.08
CA GLY G 24 -64.30 -63.33 8.80
C GLY G 24 -65.12 -63.33 10.08
N PRO G 25 -65.08 -64.46 10.79
CA PRO G 25 -66.02 -64.62 11.92
C PRO G 25 -65.87 -63.55 12.99
N LYS G 26 -64.66 -63.03 13.24
CA LYS G 26 -64.50 -62.01 14.27
C LYS G 26 -64.69 -60.58 13.75
N GLY G 27 -64.79 -60.40 12.45
CA GLY G 27 -65.18 -59.12 11.87
C GLY G 27 -64.32 -58.79 10.66
N GLU G 28 -64.72 -57.72 9.97
CA GLU G 28 -64.08 -57.25 8.75
C GLU G 28 -62.78 -56.52 9.03
N LEU G 29 -61.88 -56.57 8.05
CA LEU G 29 -60.54 -55.99 8.15
C LEU G 29 -60.05 -55.66 6.74
N THR G 30 -58.95 -54.92 6.65
CA THR G 30 -58.39 -54.55 5.36
C THR G 30 -56.87 -54.49 5.46
N VAL G 31 -56.20 -54.92 4.40
CA VAL G 31 -54.74 -54.98 4.35
C VAL G 31 -54.24 -54.15 3.17
N PRO G 32 -53.46 -53.09 3.42
CA PRO G 32 -52.95 -52.29 2.30
C PRO G 32 -52.02 -53.10 1.41
N TYR G 33 -52.04 -52.79 0.12
CA TYR G 33 -51.46 -53.66 -0.88
C TYR G 33 -50.84 -52.85 -2.01
N ASN G 34 -49.60 -53.16 -2.36
CA ASN G 34 -48.98 -52.52 -3.52
C ASN G 34 -49.74 -52.93 -4.78
N THR G 35 -50.06 -51.95 -5.62
CA THR G 35 -50.79 -52.23 -6.85
C THR G 35 -49.87 -52.55 -8.03
N GLU G 36 -48.55 -52.43 -7.84
CA GLU G 36 -47.64 -52.86 -8.90
C GLU G 36 -47.81 -54.34 -9.20
N LEU G 37 -48.22 -55.12 -8.22
CA LEU G 37 -48.70 -56.48 -8.44
C LEU G 37 -50.23 -56.49 -8.43
N THR G 38 -50.79 -57.53 -9.05
CA THR G 38 -52.23 -57.73 -9.10
C THR G 38 -52.67 -58.78 -8.10
N VAL G 39 -53.75 -58.49 -7.36
CA VAL G 39 -54.28 -59.42 -6.37
C VAL G 39 -54.94 -60.62 -7.07
N ARG G 40 -54.76 -61.80 -6.49
CA ARG G 40 -54.96 -63.06 -7.21
C ARG G 40 -56.37 -63.61 -7.02
N GLN G 41 -56.70 -64.61 -7.86
CA GLN G 41 -58.02 -65.22 -7.87
C GLN G 41 -58.31 -65.94 -6.56
N ASP G 42 -59.53 -65.73 -6.04
CA ASP G 42 -59.93 -66.26 -4.74
C ASP G 42 -60.41 -67.71 -4.80
N GLY G 43 -60.43 -68.35 -5.98
CA GLY G 43 -60.92 -69.71 -6.10
C GLY G 43 -60.15 -70.73 -5.28
N ASP G 44 -60.51 -70.83 -3.99
CA ASP G 44 -59.88 -71.72 -3.00
C ASP G 44 -58.67 -71.04 -2.35
N GLN G 45 -57.51 -71.70 -2.35
CA GLN G 45 -56.29 -71.09 -1.87
C GLN G 45 -55.78 -70.03 -2.84
N LEU G 46 -55.09 -69.01 -2.31
CA LEU G 46 -54.68 -67.87 -3.13
C LEU G 46 -53.23 -67.48 -2.89
N LEU G 47 -52.53 -67.13 -3.98
CA LEU G 47 -51.16 -66.63 -3.96
C LEU G 47 -50.98 -65.57 -5.04
N VAL G 48 -50.28 -64.49 -4.69
CA VAL G 48 -49.81 -63.51 -5.65
C VAL G 48 -48.29 -63.66 -5.77
N GLU G 49 -47.76 -63.23 -6.92
CA GLU G 49 -46.35 -63.44 -7.22
C GLU G 49 -45.79 -62.23 -7.98
N ARG G 50 -44.43 -62.15 -8.01
CA ARG G 50 -43.70 -61.00 -8.55
C ARG G 50 -43.70 -61.02 -10.08
N PRO G 51 -43.86 -59.86 -10.73
CA PRO G 51 -43.67 -59.80 -12.18
C PRO G 51 -42.27 -60.22 -12.61
N SER G 52 -41.26 -59.90 -11.79
CA SER G 52 -39.85 -59.99 -12.17
C SER G 52 -39.08 -60.82 -11.18
N ASP G 53 -38.16 -61.65 -11.72
CA ASP G 53 -37.09 -62.25 -10.93
C ASP G 53 -36.09 -61.22 -10.46
N ALA G 54 -36.48 -59.95 -10.47
CA ALA G 54 -35.69 -58.80 -10.06
C ALA G 54 -35.52 -58.73 -8.54
N GLN G 55 -34.46 -58.05 -8.11
CA GLN G 55 -34.15 -57.95 -6.69
C GLN G 55 -35.30 -57.31 -5.91
N LYS G 56 -35.74 -56.13 -6.34
CA LYS G 56 -36.64 -55.33 -5.53
C LYS G 56 -38.02 -55.97 -5.38
N HIS G 57 -38.39 -56.88 -6.27
CA HIS G 57 -39.74 -57.43 -6.24
C HIS G 57 -39.92 -58.47 -5.15
N ARG G 58 -39.06 -59.50 -5.12
CA ARG G 58 -39.35 -60.66 -4.28
C ARG G 58 -39.42 -60.27 -2.81
N ALA G 59 -38.75 -59.19 -2.41
CA ALA G 59 -38.96 -58.68 -1.07
C ALA G 59 -40.44 -58.36 -0.83
N LEU G 60 -41.05 -57.60 -1.75
CA LEU G 60 -42.47 -57.32 -1.64
C LEU G 60 -43.31 -58.56 -1.84
N HIS G 61 -42.80 -59.52 -2.63
CA HIS G 61 -43.46 -60.81 -2.78
C HIS G 61 -43.72 -61.41 -1.41
N GLY G 62 -42.64 -61.56 -0.64
CA GLY G 62 -42.76 -62.20 0.66
C GLY G 62 -43.54 -61.35 1.66
N LEU G 63 -43.30 -60.04 1.66
CA LEU G 63 -44.00 -59.19 2.63
C LEU G 63 -45.51 -59.23 2.37
N THR G 64 -45.92 -59.09 1.11
CA THR G 64 -47.33 -59.07 0.78
C THR G 64 -48.00 -60.40 1.08
N ARG G 65 -47.33 -61.50 0.71
CA ARG G 65 -47.90 -62.80 1.01
C ARG G 65 -48.11 -62.96 2.51
N THR G 66 -47.06 -62.75 3.29
CA THR G 66 -47.17 -62.97 4.73
C THR G 66 -48.19 -62.02 5.35
N LEU G 67 -48.34 -60.82 4.80
CA LEU G 67 -49.28 -59.87 5.40
C LEU G 67 -50.71 -60.32 5.20
N VAL G 68 -51.06 -60.73 3.97
CA VAL G 68 -52.40 -61.27 3.75
C VAL G 68 -52.59 -62.55 4.55
N ALA G 69 -51.51 -63.32 4.71
CA ALA G 69 -51.60 -64.56 5.47
C ALA G 69 -52.01 -64.27 6.90
N ASN G 70 -51.27 -63.40 7.58
CA ASN G 70 -51.57 -63.09 8.98
C ASN G 70 -52.92 -62.41 9.11
N ALA G 71 -53.33 -61.60 8.12
CA ALA G 71 -54.65 -61.00 8.20
C ALA G 71 -55.74 -62.07 8.21
N VAL G 72 -55.58 -63.10 7.38
CA VAL G 72 -56.53 -64.21 7.42
C VAL G 72 -56.40 -64.98 8.72
N LYS G 73 -55.17 -65.19 9.21
CA LYS G 73 -54.95 -65.96 10.43
C LYS G 73 -55.64 -65.30 11.60
N GLY G 74 -55.77 -63.98 11.54
CA GLY G 74 -56.48 -63.23 12.55
C GLY G 74 -57.98 -63.24 12.37
N VAL G 75 -58.47 -62.87 11.18
CA VAL G 75 -59.92 -62.76 11.01
C VAL G 75 -60.58 -64.11 11.25
N SER G 76 -59.91 -65.20 10.89
CA SER G 76 -60.48 -66.54 11.06
C SER G 76 -60.26 -67.12 12.45
N ASP G 77 -59.08 -66.90 13.05
CA ASP G 77 -58.74 -67.45 14.36
C ASP G 77 -58.92 -66.43 15.46
N GLY G 78 -58.25 -65.29 15.34
CA GLY G 78 -58.04 -64.35 16.42
C GLY G 78 -56.56 -64.21 16.72
N TYR G 79 -56.27 -63.38 17.72
CA TYR G 79 -54.90 -63.19 18.15
C TYR G 79 -54.90 -62.94 19.65
N THR G 80 -53.79 -63.29 20.30
CA THR G 80 -53.70 -63.14 21.74
C THR G 80 -52.29 -63.43 22.26
N ILE G 81 -51.58 -62.39 22.69
CA ILE G 81 -50.27 -62.52 23.33
C ILE G 81 -50.45 -62.68 24.84
N ASN G 82 -49.51 -63.40 25.46
CA ASN G 82 -49.44 -63.57 26.90
C ASN G 82 -48.31 -62.74 27.50
N LEU G 83 -48.45 -62.44 28.79
CA LEU G 83 -47.52 -61.56 29.50
C LEU G 83 -47.52 -61.91 30.98
N GLU G 84 -46.37 -61.75 31.61
CA GLU G 84 -46.16 -62.13 32.99
C GLU G 84 -45.44 -61.00 33.70
N LEU G 85 -46.11 -60.39 34.67
CA LEU G 85 -45.39 -59.51 35.58
C LEU G 85 -44.40 -60.35 36.38
N ARG G 86 -43.22 -59.79 36.64
CA ARG G 86 -42.24 -60.52 37.43
C ARG G 86 -41.47 -59.54 38.29
N GLY G 87 -41.25 -59.89 39.54
CA GLY G 87 -40.62 -59.00 40.49
C GLY G 87 -41.47 -58.71 41.72
N VAL G 88 -40.81 -58.37 42.83
CA VAL G 88 -41.46 -58.32 44.13
C VAL G 88 -42.59 -57.30 44.10
N GLY G 89 -43.83 -57.78 44.30
CA GLY G 89 -44.99 -56.91 44.40
C GLY G 89 -45.51 -56.33 43.11
N PHE G 90 -45.07 -56.85 41.96
CA PHE G 90 -45.53 -56.31 40.68
C PHE G 90 -46.85 -56.98 40.28
N ARG G 91 -47.84 -56.17 39.89
CA ARG G 91 -49.17 -56.68 39.59
C ARG G 91 -49.97 -55.64 38.83
N ALA G 92 -51.12 -56.06 38.32
CA ALA G 92 -51.96 -55.22 37.47
C ALA G 92 -53.43 -55.41 37.83
N LYS G 93 -54.25 -54.48 37.35
CA LYS G 93 -55.70 -54.52 37.54
C LYS G 93 -56.37 -54.12 36.24
N LEU G 94 -57.60 -54.62 36.06
CA LEU G 94 -58.46 -54.15 34.99
C LEU G 94 -59.43 -53.13 35.57
N THR G 95 -59.50 -51.95 34.93
CA THR G 95 -60.40 -50.87 35.34
C THR G 95 -61.14 -50.35 34.10
N GLY G 96 -62.35 -50.85 33.90
CA GLY G 96 -63.12 -50.55 32.71
C GLY G 96 -62.56 -51.18 31.45
N LYS G 97 -62.22 -50.35 30.47
CA LYS G 97 -61.57 -50.79 29.25
C LYS G 97 -60.05 -50.63 29.30
N ALA G 98 -59.48 -50.40 30.48
CA ALA G 98 -58.06 -50.05 30.59
C ALA G 98 -57.31 -51.00 31.53
N LEU G 99 -56.00 -51.08 31.31
CA LEU G 99 -55.09 -51.85 32.16
C LEU G 99 -54.58 -51.00 33.32
N GLU G 100 -54.43 -51.62 34.48
CA GLU G 100 -54.02 -50.93 35.69
C GLU G 100 -52.67 -51.49 36.12
N MET G 101 -51.60 -50.99 35.51
CA MET G 101 -50.26 -51.38 35.88
C MET G 101 -49.99 -50.98 37.33
N ASN G 102 -49.29 -51.84 38.06
CA ASN G 102 -49.02 -51.63 39.48
C ASN G 102 -47.63 -52.22 39.79
N ILE G 103 -46.58 -51.56 39.31
CA ILE G 103 -45.28 -52.23 39.30
C ILE G 103 -44.09 -51.32 39.54
N GLY G 104 -43.85 -50.97 40.80
CA GLY G 104 -42.56 -50.43 41.18
C GLY G 104 -42.32 -48.97 40.87
N TYR G 105 -43.35 -48.22 40.48
CA TYR G 105 -43.27 -46.77 40.32
C TYR G 105 -44.16 -46.12 41.35
N SER G 106 -43.82 -44.89 41.73
CA SER G 106 -44.63 -44.22 42.74
C SER G 106 -46.08 -44.07 42.29
N HIS G 107 -46.30 -43.89 40.98
CA HIS G 107 -47.61 -43.67 40.39
C HIS G 107 -48.12 -44.95 39.75
N PRO G 108 -49.28 -45.46 40.10
CA PRO G 108 -49.83 -46.59 39.33
C PRO G 108 -50.05 -46.16 37.89
N VAL G 109 -49.80 -47.09 36.97
CA VAL G 109 -49.74 -46.83 35.54
C VAL G 109 -51.00 -47.37 34.88
N ILE G 110 -51.51 -46.64 33.89
CA ILE G 110 -52.72 -47.02 33.18
C ILE G 110 -52.43 -47.03 31.68
N ILE G 111 -53.23 -47.82 30.96
CA ILE G 111 -53.11 -47.90 29.50
C ILE G 111 -54.50 -48.13 28.92
N GLU G 112 -54.91 -47.28 27.98
CA GLU G 112 -56.17 -47.46 27.29
C GLU G 112 -55.94 -48.04 25.91
N PRO G 113 -56.51 -49.20 25.61
CA PRO G 113 -56.16 -49.90 24.37
C PRO G 113 -56.82 -49.27 23.16
N PRO G 114 -56.04 -48.88 22.14
CA PRO G 114 -56.64 -48.49 20.87
C PRO G 114 -57.72 -49.46 20.41
N ALA G 115 -58.54 -49.02 19.45
CA ALA G 115 -59.79 -49.71 19.14
C ALA G 115 -59.54 -51.14 18.65
N GLY G 116 -60.46 -52.04 19.02
CA GLY G 116 -60.45 -53.42 18.57
C GLY G 116 -59.58 -54.36 19.38
N VAL G 117 -58.85 -53.85 20.37
CA VAL G 117 -57.88 -54.61 21.15
C VAL G 117 -58.39 -54.73 22.58
N THR G 118 -58.48 -55.96 23.09
CA THR G 118 -59.03 -56.22 24.41
C THR G 118 -57.93 -56.69 25.34
N PHE G 119 -57.69 -55.93 26.40
CA PHE G 119 -56.92 -56.39 27.55
C PHE G 119 -57.70 -57.46 28.32
N ALA G 120 -56.95 -58.35 28.99
CA ALA G 120 -57.57 -59.32 29.88
C ALA G 120 -56.54 -59.78 30.90
N VAL G 121 -56.98 -60.00 32.14
CA VAL G 121 -56.11 -60.68 33.07
C VAL G 121 -56.92 -61.67 33.89
N PRO G 122 -56.36 -62.84 34.20
CA PRO G 122 -56.99 -63.75 35.15
C PRO G 122 -56.21 -63.81 36.46
N GLU G 123 -55.00 -64.37 36.39
CA GLU G 123 -54.08 -64.26 37.49
C GLU G 123 -53.60 -62.81 37.59
N PRO G 124 -53.61 -62.21 38.78
CA PRO G 124 -53.26 -60.78 38.89
C PRO G 124 -51.88 -60.47 38.39
N THR G 125 -50.97 -61.44 38.36
CA THR G 125 -49.61 -61.26 37.89
C THR G 125 -49.42 -61.60 36.41
N ARG G 126 -50.50 -61.73 35.63
CA ARG G 126 -50.36 -62.07 34.21
C ARG G 126 -51.40 -61.37 33.34
N ILE G 127 -50.92 -60.80 32.22
CA ILE G 127 -51.73 -60.09 31.24
C ILE G 127 -51.89 -60.94 29.98
N ASP G 128 -52.94 -60.64 29.23
CA ASP G 128 -53.18 -61.24 27.91
C ASP G 128 -53.87 -60.20 27.06
N VAL G 129 -53.34 -59.96 25.86
CA VAL G 129 -53.92 -59.00 24.95
C VAL G 129 -54.44 -59.75 23.73
N SER G 130 -55.76 -59.75 23.56
CA SER G 130 -56.39 -60.38 22.41
C SER G 130 -56.88 -59.31 21.42
N GLY G 131 -57.04 -59.72 20.17
CA GLY G 131 -57.42 -58.77 19.15
C GLY G 131 -57.39 -59.39 17.76
N ILE G 132 -57.59 -58.51 16.76
CA ILE G 132 -57.75 -58.89 15.37
C ILE G 132 -56.50 -58.56 14.55
N ASP G 133 -56.16 -57.27 14.45
CA ASP G 133 -54.93 -56.88 13.77
C ASP G 133 -53.72 -57.41 14.52
N LYS G 134 -52.77 -57.99 13.78
CA LYS G 134 -51.57 -58.48 14.44
C LYS G 134 -50.60 -57.37 14.74
N GLN G 135 -50.43 -56.41 13.82
CA GLN G 135 -49.58 -55.26 14.10
C GLN G 135 -50.11 -54.48 15.30
N LEU G 136 -51.44 -54.43 15.45
CA LEU G 136 -52.04 -53.71 16.59
C LEU G 136 -51.73 -54.41 17.90
N VAL G 137 -51.95 -55.72 17.96
CA VAL G 137 -51.67 -56.46 19.19
C VAL G 137 -50.19 -56.43 19.49
N GLY G 138 -49.37 -56.43 18.46
CA GLY G 138 -47.94 -56.33 18.68
C GLY G 138 -47.55 -55.02 19.35
N GLN G 139 -48.03 -53.89 18.80
CA GLN G 139 -47.67 -52.63 19.43
C GLN G 139 -48.28 -52.46 20.81
N VAL G 140 -49.47 -53.00 21.05
CA VAL G 140 -50.07 -52.90 22.37
C VAL G 140 -49.24 -53.67 23.40
N ALA G 141 -48.97 -54.93 23.12
CA ALA G 141 -48.16 -55.71 24.05
C ALA G 141 -46.78 -55.08 24.20
N ALA G 142 -46.23 -54.51 23.13
CA ALA G 142 -44.94 -53.87 23.23
C ALA G 142 -45.01 -52.67 24.15
N ASN G 143 -46.16 -51.99 24.19
CA ASN G 143 -46.34 -50.90 25.16
C ASN G 143 -46.31 -51.45 26.59
N VAL G 144 -47.09 -52.50 26.84
CA VAL G 144 -47.13 -53.00 28.21
C VAL G 144 -45.77 -53.51 28.64
N ARG G 145 -44.97 -54.00 27.69
CA ARG G 145 -43.57 -54.31 27.97
C ARG G 145 -42.74 -53.05 28.16
N LYS G 146 -43.08 -51.97 27.46
CA LYS G 146 -42.36 -50.71 27.64
C LYS G 146 -42.48 -50.22 29.06
N VAL G 147 -43.60 -50.52 29.72
CA VAL G 147 -43.83 -49.97 31.05
C VAL G 147 -42.69 -50.34 31.98
N ARG G 148 -42.02 -51.46 31.71
CA ARG G 148 -40.83 -51.84 32.45
C ARG G 148 -40.12 -53.00 31.73
N LYS G 149 -39.00 -52.70 31.07
CA LYS G 149 -38.20 -53.76 30.47
C LYS G 149 -37.51 -54.59 31.55
N PRO G 150 -37.47 -55.92 31.42
CA PRO G 150 -36.84 -56.72 32.47
C PRO G 150 -35.39 -56.30 32.63
N ASP G 151 -34.96 -56.18 33.88
CA ASP G 151 -33.65 -55.63 34.15
C ASP G 151 -32.58 -56.67 33.92
N ALA G 152 -31.40 -56.20 33.55
CA ALA G 152 -30.32 -57.12 33.26
C ALA G 152 -29.88 -57.90 34.50
N TYR G 153 -30.02 -57.31 35.67
CA TYR G 153 -29.39 -57.93 36.83
C TYR G 153 -30.26 -58.95 37.53
N HIS G 154 -31.58 -58.89 37.37
CA HIS G 154 -32.43 -59.68 38.25
C HIS G 154 -33.72 -60.10 37.56
N GLY G 155 -33.97 -59.59 36.36
CA GLY G 155 -35.13 -60.03 35.62
C GLY G 155 -36.47 -59.46 36.05
N LYS G 156 -36.50 -58.42 36.88
CA LYS G 156 -37.75 -57.74 37.16
C LYS G 156 -38.30 -57.12 35.88
N GLY G 157 -39.61 -57.22 35.70
CA GLY G 157 -40.25 -56.50 34.61
C GLY G 157 -41.38 -57.28 34.00
N VAL G 158 -41.76 -56.85 32.80
CA VAL G 158 -42.75 -57.53 31.98
C VAL G 158 -42.03 -58.63 31.21
N ARG G 159 -42.63 -59.83 31.16
CA ARG G 159 -42.06 -60.97 30.46
C ARG G 159 -43.12 -61.60 29.58
N PHE G 160 -42.67 -62.44 28.66
CA PHE G 160 -43.54 -63.04 27.67
C PHE G 160 -44.23 -64.31 28.15
N VAL G 161 -44.05 -64.69 29.41
CA VAL G 161 -44.56 -65.96 29.92
C VAL G 161 -43.55 -67.05 29.57
N GLY G 162 -43.35 -67.30 28.29
CA GLY G 162 -42.34 -68.28 27.95
C GLY G 162 -40.94 -67.74 27.90
N GLU G 163 -40.75 -66.47 28.24
CA GLU G 163 -39.52 -65.76 27.89
C GLU G 163 -38.42 -66.08 28.89
N GLN G 164 -37.50 -66.95 28.46
CA GLN G 164 -36.22 -67.13 29.14
C GLN G 164 -35.40 -65.85 29.04
N ILE G 165 -34.74 -65.48 30.13
CA ILE G 165 -33.86 -64.31 30.13
C ILE G 165 -32.66 -64.60 31.00
N ALA G 166 -31.48 -64.68 30.39
CA ALA G 166 -30.25 -64.76 31.14
C ALA G 166 -30.02 -63.47 31.90
N LEU G 167 -29.26 -63.58 32.98
CA LEU G 167 -29.07 -62.48 33.91
C LEU G 167 -27.59 -62.29 34.21
N LYS G 168 -27.20 -61.04 34.37
CA LYS G 168 -25.84 -60.70 34.73
C LYS G 168 -25.55 -61.08 36.17
N ALA G 169 -24.29 -61.39 36.44
CA ALA G 169 -23.85 -61.55 37.81
C ALA G 169 -23.83 -60.21 38.54
N GLY G 170 -24.26 -60.20 39.80
CA GLY G 170 -24.41 -58.97 40.55
C GLY G 170 -23.21 -58.57 41.37
N LYS G 171 -22.80 -59.43 42.29
CA LYS G 171 -21.68 -59.14 43.19
C LYS G 171 -20.66 -60.27 43.18
N LYS H 1 -38.27 -1.70 -37.64
CA LYS H 1 -39.49 -1.99 -38.39
C LYS H 1 -40.28 -3.18 -37.80
N THR H 2 -39.70 -3.88 -36.83
CA THR H 2 -40.40 -5.04 -36.27
C THR H 2 -41.66 -4.62 -35.52
N TYR H 3 -42.71 -5.43 -35.67
CA TYR H 3 -44.02 -5.12 -35.10
C TYR H 3 -43.98 -5.07 -33.57
N ILE H 4 -44.71 -4.12 -32.99
CA ILE H 4 -44.75 -3.87 -31.54
C ILE H 4 -46.20 -3.77 -31.07
N PRO H 5 -46.86 -4.88 -30.71
CA PRO H 5 -48.30 -4.83 -30.46
C PRO H 5 -48.68 -3.97 -29.26
N LYS H 6 -49.83 -3.31 -29.38
CA LYS H 6 -50.60 -2.87 -28.23
C LYS H 6 -51.39 -4.04 -27.69
N ASN H 7 -51.70 -4.02 -26.40
CA ASN H 7 -52.17 -5.22 -25.70
C ASN H 7 -53.44 -4.91 -24.89
N ASP H 8 -54.56 -4.76 -25.61
CA ASP H 8 -55.86 -4.69 -24.95
C ASP H 8 -56.20 -5.99 -24.26
N GLU H 9 -55.62 -7.08 -24.72
CA GLU H 9 -56.00 -8.40 -24.24
C GLU H 9 -55.63 -8.61 -22.77
N GLN H 10 -56.57 -9.18 -22.03
CA GLN H 10 -56.32 -9.83 -20.75
C GLN H 10 -56.67 -11.30 -20.94
N ASN H 11 -55.88 -12.19 -20.37
CA ASN H 11 -56.06 -13.61 -20.65
C ASN H 11 -56.00 -14.41 -19.35
N TRP H 12 -57.16 -14.87 -18.89
CA TRP H 12 -57.28 -15.69 -17.69
C TRP H 12 -57.17 -17.18 -18.02
N VAL H 13 -56.59 -17.95 -17.09
CA VAL H 13 -56.31 -19.36 -17.32
C VAL H 13 -56.35 -20.09 -15.99
N VAL H 14 -56.79 -21.35 -16.03
CA VAL H 14 -57.03 -22.16 -14.83
C VAL H 14 -56.21 -23.45 -14.96
N VAL H 15 -55.08 -23.49 -14.27
CA VAL H 15 -54.20 -24.64 -14.23
C VAL H 15 -54.54 -25.47 -13.00
N ASP H 16 -54.85 -26.75 -13.21
CA ASP H 16 -54.92 -27.68 -12.09
C ASP H 16 -53.50 -28.10 -11.70
N ALA H 17 -53.33 -28.51 -10.43
CA ALA H 17 -52.00 -28.89 -9.97
C ALA H 17 -51.92 -30.29 -9.38
N SER H 18 -53.04 -30.99 -9.21
CA SER H 18 -53.03 -32.27 -8.52
C SER H 18 -52.10 -33.24 -9.23
N GLY H 19 -51.10 -33.73 -8.50
CA GLY H 19 -50.21 -34.77 -8.95
C GLY H 19 -49.09 -34.29 -9.86
N VAL H 20 -49.17 -33.06 -10.33
CA VAL H 20 -48.11 -32.56 -11.20
C VAL H 20 -46.86 -32.32 -10.36
N PRO H 21 -45.69 -32.74 -10.81
CA PRO H 21 -44.49 -32.39 -10.07
C PRO H 21 -44.35 -30.89 -9.99
N LEU H 22 -43.90 -30.42 -8.83
CA LEU H 22 -44.03 -29.00 -8.55
C LEU H 22 -43.22 -28.19 -9.55
N GLY H 23 -41.97 -28.57 -9.76
CA GLY H 23 -41.17 -27.79 -10.68
C GLY H 23 -41.75 -27.75 -12.07
N ARG H 24 -42.44 -28.82 -12.48
CA ARG H 24 -42.94 -28.89 -13.84
C ARG H 24 -44.15 -27.97 -14.03
N LEU H 25 -45.12 -28.06 -13.13
CA LEU H 25 -46.24 -27.12 -13.18
C LEU H 25 -45.73 -25.70 -13.03
N ALA H 26 -44.68 -25.54 -12.24
CA ALA H 26 -44.06 -24.24 -12.09
C ALA H 26 -43.56 -23.72 -13.42
N THR H 27 -42.82 -24.54 -14.14
CA THR H 27 -42.23 -24.03 -15.36
C THR H 27 -43.32 -23.68 -16.36
N LEU H 28 -44.39 -24.47 -16.38
CA LEU H 28 -45.47 -24.16 -17.32
C LEU H 28 -46.13 -22.84 -16.95
N ILE H 29 -46.34 -22.61 -15.66
CA ILE H 29 -46.97 -21.37 -15.24
C ILE H 29 -46.04 -20.19 -15.51
N ALA H 30 -44.74 -20.36 -15.25
CA ALA H 30 -43.81 -19.24 -15.42
C ALA H 30 -43.70 -18.85 -16.90
N SER H 31 -43.71 -19.84 -17.77
CA SER H 31 -43.67 -19.57 -19.20
C SER H 31 -44.93 -18.86 -19.64
N ARG H 32 -46.09 -19.39 -19.25
CA ARG H 32 -47.33 -18.78 -19.68
C ARG H 32 -47.48 -17.36 -19.16
N ILE H 33 -46.94 -17.07 -17.97
CA ILE H 33 -47.05 -15.71 -17.41
C ILE H 33 -46.04 -14.75 -18.03
N ARG H 34 -44.85 -15.23 -18.39
CA ARG H 34 -43.82 -14.34 -18.91
C ARG H 34 -44.05 -13.95 -20.36
N GLY H 35 -44.97 -14.61 -21.06
CA GLY H 35 -45.15 -14.39 -22.49
C GLY H 35 -44.88 -15.67 -23.25
N LYS H 36 -43.73 -15.74 -23.94
CA LYS H 36 -43.29 -17.01 -24.47
C LYS H 36 -44.33 -17.60 -25.40
N HIS H 37 -45.39 -18.18 -24.84
CA HIS H 37 -46.49 -18.66 -25.67
C HIS H 37 -47.06 -17.49 -26.45
N ARG H 38 -47.55 -17.78 -27.67
CA ARG H 38 -47.90 -16.71 -28.59
C ARG H 38 -46.62 -15.99 -28.99
N PRO H 39 -46.55 -15.33 -30.16
CA PRO H 39 -45.35 -14.52 -30.44
C PRO H 39 -45.13 -13.48 -29.34
N ASP H 40 -43.94 -13.53 -28.72
CA ASP H 40 -43.64 -12.80 -27.50
C ASP H 40 -43.76 -11.30 -27.73
N PHE H 41 -43.61 -10.86 -28.96
CA PHE H 41 -43.62 -9.44 -29.24
C PHE H 41 -42.61 -8.82 -28.27
N THR H 42 -42.94 -7.74 -27.60
CA THR H 42 -41.96 -7.01 -26.84
C THR H 42 -41.64 -7.72 -25.54
N PRO H 43 -40.35 -7.91 -25.24
CA PRO H 43 -39.96 -8.23 -23.85
C PRO H 43 -40.34 -7.11 -22.89
N ASN H 44 -40.40 -5.88 -23.41
CA ASN H 44 -40.65 -4.68 -22.63
C ASN H 44 -41.98 -4.71 -21.91
N MET H 45 -42.98 -5.39 -22.45
CA MET H 45 -44.33 -5.33 -21.92
C MET H 45 -44.67 -6.63 -21.20
N ILE H 46 -45.39 -6.51 -20.07
CA ILE H 46 -45.93 -7.68 -19.40
C ILE H 46 -47.21 -8.04 -20.15
N GLN H 47 -47.08 -8.79 -21.24
CA GLN H 47 -48.22 -9.21 -22.04
C GLN H 47 -48.60 -10.68 -21.81
N GLY H 48 -48.03 -11.30 -20.78
CA GLY H 48 -48.39 -12.65 -20.40
C GLY H 48 -49.77 -12.75 -19.79
N ASP H 49 -50.07 -13.85 -19.13
CA ASP H 49 -51.44 -14.15 -18.72
C ASP H 49 -51.58 -14.19 -17.21
N PHE H 50 -52.83 -14.19 -16.78
CA PHE H 50 -53.19 -14.44 -15.40
C PHE H 50 -53.43 -15.93 -15.23
N VAL H 51 -52.66 -16.54 -14.35
CA VAL H 51 -52.81 -17.94 -14.01
C VAL H 51 -53.56 -18.07 -12.70
N VAL H 52 -54.43 -19.08 -12.61
CA VAL H 52 -55.23 -19.33 -11.41
C VAL H 52 -54.97 -20.78 -11.03
N VAL H 53 -53.91 -21.00 -10.25
CA VAL H 53 -53.60 -22.32 -9.75
C VAL H 53 -54.66 -22.75 -8.76
N ILE H 54 -55.13 -24.00 -8.88
CA ILE H 54 -56.05 -24.58 -7.91
C ILE H 54 -55.48 -25.92 -7.44
N ASN H 55 -56.07 -26.44 -6.37
CA ASN H 55 -55.62 -27.67 -5.75
C ASN H 55 -54.12 -27.64 -5.47
N ALA H 56 -53.59 -26.46 -5.17
CA ALA H 56 -52.17 -26.33 -4.92
C ALA H 56 -51.72 -27.23 -3.78
N ALA H 57 -52.65 -27.57 -2.87
CA ALA H 57 -52.34 -28.46 -1.76
C ALA H 57 -51.91 -29.85 -2.23
N GLN H 58 -52.40 -30.28 -3.39
CA GLN H 58 -52.22 -31.66 -3.84
C GLN H 58 -50.97 -31.86 -4.69
N VAL H 59 -50.11 -30.84 -4.81
CA VAL H 59 -48.95 -30.95 -5.68
C VAL H 59 -48.12 -32.14 -5.26
N ALA H 60 -47.72 -32.96 -6.22
CA ALA H 60 -46.80 -34.05 -5.92
C ALA H 60 -45.37 -33.53 -5.79
N LEU H 61 -44.55 -34.25 -5.04
CA LEU H 61 -43.18 -33.81 -4.82
C LEU H 61 -42.28 -35.04 -4.91
N THR H 62 -42.16 -35.56 -6.14
CA THR H 62 -41.61 -36.88 -6.37
C THR H 62 -40.23 -37.02 -5.75
N GLY H 63 -39.98 -38.21 -5.16
CA GLY H 63 -38.75 -38.46 -4.41
C GLY H 63 -38.87 -38.12 -2.93
N LYS H 64 -37.72 -38.14 -2.28
CA LYS H 64 -37.66 -37.85 -0.86
C LYS H 64 -38.11 -36.43 -0.54
N LYS H 65 -38.39 -35.63 -1.58
CA LYS H 65 -38.38 -34.16 -1.44
C LYS H 65 -39.36 -33.67 -0.38
N LEU H 66 -40.43 -34.42 -0.13
CA LEU H 66 -41.50 -33.87 0.70
C LEU H 66 -40.99 -33.47 2.07
N ASP H 67 -39.99 -34.19 2.60
CA ASP H 67 -39.38 -33.84 3.88
C ASP H 67 -37.90 -33.50 3.75
N ASP H 68 -37.32 -33.63 2.57
CA ASP H 68 -35.96 -33.15 2.37
C ASP H 68 -35.93 -31.66 2.06
N LYS H 69 -36.95 -31.16 1.34
CA LYS H 69 -36.95 -29.79 0.84
C LYS H 69 -37.07 -28.84 2.01
N VAL H 70 -36.04 -28.05 2.27
CA VAL H 70 -36.05 -27.13 3.40
C VAL H 70 -36.03 -25.72 2.84
N TYR H 71 -37.20 -25.14 2.61
CA TYR H 71 -37.24 -23.72 2.31
C TYR H 71 -36.64 -22.94 3.47
N THR H 72 -35.79 -21.97 3.17
CA THR H 72 -35.12 -21.21 4.22
C THR H 72 -35.34 -19.72 4.03
N ARG H 73 -35.53 -18.96 5.13
CA ARG H 73 -35.76 -17.52 5.08
C ARG H 73 -35.03 -16.79 6.20
N TYR H 74 -34.62 -15.56 5.95
CA TYR H 74 -33.75 -14.83 6.87
C TYR H 74 -34.35 -13.50 7.31
N THR H 75 -34.72 -13.41 8.60
CA THR H 75 -35.13 -12.17 9.24
C THR H 75 -33.93 -11.24 9.46
N GLY H 76 -34.18 -9.94 9.49
CA GLY H 76 -33.00 -9.10 9.52
C GLY H 76 -32.09 -9.42 10.68
N TYR H 77 -32.63 -10.03 11.72
CA TYR H 77 -31.93 -10.13 13.00
C TYR H 77 -30.78 -11.11 12.91
N GLN H 78 -29.64 -10.66 13.48
CA GLN H 78 -28.39 -11.41 13.51
C GLN H 78 -28.32 -12.31 14.72
N GLY H 79 -29.31 -12.25 15.58
CA GLY H 79 -29.67 -13.47 16.22
C GLY H 79 -29.95 -14.43 15.08
N GLY H 80 -29.68 -15.69 15.28
CA GLY H 80 -29.92 -16.59 14.18
C GLY H 80 -31.35 -16.52 13.74
N LEU H 81 -31.57 -15.90 12.58
CA LEU H 81 -32.78 -16.16 11.80
C LEU H 81 -32.57 -17.43 10.99
N LYS H 82 -32.73 -17.34 9.68
CA LYS H 82 -32.68 -18.58 8.90
C LYS H 82 -33.58 -19.54 9.67
N THR H 83 -34.86 -19.26 9.62
CA THR H 83 -35.83 -20.29 9.95
C THR H 83 -36.04 -21.18 8.72
N GLU H 84 -36.43 -22.44 8.94
CA GLU H 84 -36.64 -23.35 7.80
C GLU H 84 -37.85 -24.24 7.99
N THR H 85 -38.56 -24.47 6.88
CA THR H 85 -39.82 -25.19 6.87
C THR H 85 -39.73 -26.36 5.89
N ALA H 86 -40.42 -27.46 6.22
CA ALA H 86 -40.13 -28.75 5.61
C ALA H 86 -40.73 -28.92 4.22
N ARG H 87 -41.67 -28.08 3.80
CA ARG H 87 -42.37 -28.36 2.56
C ARG H 87 -43.40 -29.45 2.80
N GLU H 88 -43.08 -30.42 3.66
CA GLU H 88 -44.17 -31.13 4.32
C GLU H 88 -44.95 -30.16 5.17
N ALA H 89 -44.32 -29.05 5.58
CA ALA H 89 -45.00 -27.84 6.05
C ALA H 89 -45.40 -26.91 4.88
N LEU H 90 -45.87 -27.51 3.79
CA LEU H 90 -46.86 -26.89 2.93
C LEU H 90 -48.25 -26.96 3.54
N SER H 91 -48.42 -27.76 4.57
CA SER H 91 -49.66 -27.77 5.34
C SER H 91 -49.92 -26.41 5.98
N LYS H 92 -48.85 -25.68 6.30
CA LYS H 92 -49.03 -24.34 6.86
C LYS H 92 -49.58 -23.34 5.85
N HIS H 93 -49.27 -23.51 4.56
CA HIS H 93 -49.71 -22.54 3.57
C HIS H 93 -49.27 -22.97 2.17
N PRO H 94 -49.98 -23.91 1.55
CA PRO H 94 -49.48 -24.53 0.33
C PRO H 94 -49.23 -23.54 -0.78
N GLU H 95 -50.02 -22.46 -0.85
CA GLU H 95 -49.82 -21.53 -1.95
C GLU H 95 -48.40 -21.00 -1.96
N ARG H 96 -47.82 -20.77 -0.77
CA ARG H 96 -46.46 -20.27 -0.76
C ARG H 96 -45.55 -21.19 -1.54
N VAL H 97 -45.69 -22.51 -1.38
CA VAL H 97 -44.83 -23.44 -2.11
C VAL H 97 -44.92 -23.16 -3.60
N ILE H 98 -46.15 -23.19 -4.14
CA ILE H 98 -46.32 -22.90 -5.56
C ILE H 98 -45.77 -21.52 -5.88
N GLU H 99 -46.20 -20.52 -5.12
CA GLU H 99 -45.81 -19.15 -5.45
C GLU H 99 -44.31 -18.98 -5.37
N HIS H 100 -43.61 -19.81 -4.58
CA HIS H 100 -42.17 -19.66 -4.51
C HIS H 100 -41.55 -20.20 -5.78
N ALA H 101 -41.96 -21.41 -6.17
CA ALA H 101 -41.39 -22.01 -7.37
C ALA H 101 -41.50 -21.03 -8.52
N VAL H 102 -42.71 -20.55 -8.76
CA VAL H 102 -42.93 -19.67 -9.90
C VAL H 102 -42.04 -18.44 -9.80
N PHE H 103 -41.97 -17.80 -8.63
CA PHE H 103 -41.24 -16.54 -8.65
C PHE H 103 -39.76 -16.81 -8.91
N GLY H 104 -39.30 -18.02 -8.64
CA GLY H 104 -37.92 -18.33 -8.95
C GLY H 104 -37.67 -18.33 -10.45
N MET H 105 -38.65 -18.82 -11.22
CA MET H 105 -38.56 -18.99 -12.67
C MET H 105 -39.09 -17.78 -13.42
N LEU H 106 -39.10 -16.63 -12.77
CA LEU H 106 -39.51 -15.35 -13.32
C LEU H 106 -38.32 -14.41 -13.22
N PRO H 107 -38.30 -13.36 -14.01
CA PRO H 107 -37.22 -12.38 -13.91
C PRO H 107 -37.24 -11.73 -12.53
N LYS H 108 -36.08 -11.29 -12.10
CA LYS H 108 -35.95 -10.68 -10.79
C LYS H 108 -36.05 -9.16 -10.79
N GLY H 109 -36.34 -8.53 -11.93
CA GLY H 109 -36.28 -7.07 -12.04
C GLY H 109 -37.55 -6.37 -11.59
N ARG H 110 -37.63 -5.06 -11.93
CA ARG H 110 -38.86 -4.30 -11.70
C ARG H 110 -40.05 -4.97 -12.36
N GLN H 111 -39.91 -5.29 -13.63
CA GLN H 111 -41.02 -5.91 -14.34
C GLN H 111 -41.31 -7.30 -13.79
N GLY H 112 -40.30 -8.03 -13.31
CA GLY H 112 -40.58 -9.36 -12.80
C GLY H 112 -41.44 -9.33 -11.54
N ARG H 113 -41.04 -8.52 -10.57
CA ARG H 113 -41.90 -8.36 -9.42
C ARG H 113 -43.28 -8.01 -9.91
N ALA H 114 -43.37 -7.06 -10.84
CA ALA H 114 -44.68 -6.69 -11.35
C ALA H 114 -45.40 -7.90 -11.93
N MET H 115 -44.66 -8.86 -12.47
CA MET H 115 -45.28 -10.06 -13.00
C MET H 115 -45.87 -10.92 -11.90
N HIS H 116 -45.26 -10.92 -10.69
CA HIS H 116 -45.77 -11.84 -9.68
C HIS H 116 -47.23 -11.52 -9.38
N THR H 117 -47.66 -10.29 -9.70
CA THR H 117 -49.06 -9.89 -9.56
C THR H 117 -50.02 -10.79 -10.32
N ARG H 118 -49.56 -11.47 -11.36
CA ARG H 118 -50.42 -12.23 -12.26
C ARG H 118 -50.60 -13.67 -11.83
N LEU H 119 -50.09 -14.06 -10.67
CA LEU H 119 -50.29 -15.40 -10.14
C LEU H 119 -51.35 -15.37 -9.04
N LYS H 120 -52.34 -16.28 -9.13
CA LYS H 120 -53.35 -16.41 -8.10
C LYS H 120 -53.47 -17.89 -7.73
N VAL H 121 -53.13 -18.23 -6.50
CA VAL H 121 -53.04 -19.61 -6.05
C VAL H 121 -54.13 -19.87 -5.01
N TYR H 122 -54.77 -21.02 -5.11
CA TYR H 122 -55.77 -21.44 -4.12
C TYR H 122 -55.59 -22.92 -3.86
N ALA H 123 -55.30 -23.30 -2.62
CA ALA H 123 -54.97 -24.70 -2.36
C ALA H 123 -56.13 -25.64 -2.67
N GLY H 124 -57.37 -25.16 -2.53
CA GLY H 124 -58.53 -25.98 -2.79
C GLY H 124 -58.87 -26.02 -4.28
N GLU H 125 -59.88 -26.82 -4.60
CA GLU H 125 -60.40 -26.98 -5.97
C GLU H 125 -61.40 -25.87 -6.35
N THR H 126 -61.29 -24.69 -5.72
CA THR H 126 -62.26 -23.61 -5.91
C THR H 126 -61.53 -22.27 -5.96
N HIS H 127 -62.17 -21.27 -6.57
CA HIS H 127 -61.59 -19.95 -6.69
C HIS H 127 -62.71 -18.95 -6.93
N PRO H 128 -62.48 -17.67 -6.65
CA PRO H 128 -63.53 -16.63 -6.78
C PRO H 128 -63.53 -15.84 -8.08
N HIS H 129 -62.65 -16.17 -9.02
CA HIS H 129 -62.45 -15.38 -10.24
C HIS H 129 -63.36 -15.84 -11.36
N SER H 130 -64.54 -16.32 -11.00
CA SER H 130 -65.48 -16.80 -12.00
C SER H 130 -65.79 -15.72 -13.01
N ALA H 131 -65.67 -14.46 -12.60
CA ALA H 131 -66.02 -13.33 -13.45
C ALA H 131 -65.11 -13.20 -14.66
N GLN H 132 -63.95 -13.85 -14.65
CA GLN H 132 -63.04 -13.82 -15.80
C GLN H 132 -63.07 -15.12 -16.62
N LYS H 133 -64.01 -16.05 -16.31
CA LYS H 133 -64.06 -17.42 -16.81
C LYS H 133 -62.75 -17.84 -17.48
N PRO H 134 -61.74 -18.24 -16.72
CA PRO H 134 -60.48 -18.65 -17.32
C PRO H 134 -60.65 -19.88 -18.22
N GLN H 135 -59.87 -19.89 -19.30
CA GLN H 135 -59.71 -21.11 -20.08
C GLN H 135 -58.88 -22.13 -19.30
N VAL H 136 -59.27 -23.40 -19.42
CA VAL H 136 -58.47 -24.47 -18.85
C VAL H 136 -57.19 -24.65 -19.66
N LEU H 137 -56.17 -25.04 -18.96
CA LEU H 137 -55.03 -25.47 -19.76
C LEU H 137 -54.91 -26.97 -19.52
N LYS H 138 -54.03 -27.58 -20.32
CA LYS H 138 -53.51 -28.91 -20.05
C LYS H 138 -52.23 -28.76 -19.25
N THR H 139 -51.26 -29.66 -19.40
CA THR H 139 -50.05 -29.46 -18.62
C THR H 139 -48.72 -29.67 -19.35
N GLN H 140 -48.66 -30.32 -20.52
CA GLN H 140 -47.38 -30.51 -21.17
C GLN H 140 -47.51 -30.51 -22.69
N PRO H 141 -46.48 -30.05 -23.41
CA PRO H 141 -46.53 -30.00 -24.88
C PRO H 141 -45.98 -31.26 -25.54
N LEU H 142 -46.20 -31.35 -26.86
CA LEU H 142 -45.94 -32.60 -27.59
C LEU H 142 -45.02 -32.38 -28.79
N GLU H 143 -43.74 -32.72 -28.63
CA GLU H 143 -42.70 -32.65 -29.69
C GLU H 143 -42.85 -31.48 -30.67
N MET I 1 -27.67 -7.15 55.14
CA MET I 1 -26.78 -7.20 54.00
C MET I 1 -25.32 -7.27 54.41
N ILE I 2 -24.91 -8.46 54.73
CA ILE I 2 -23.50 -8.79 54.84
C ILE I 2 -23.01 -9.28 53.48
N MET I 3 -21.83 -8.85 53.08
CA MET I 3 -21.20 -9.28 51.85
C MET I 3 -19.72 -9.46 52.10
N PRO I 4 -19.01 -10.17 51.23
CA PRO I 4 -17.62 -10.48 51.51
C PRO I 4 -16.81 -9.23 51.65
N GLN I 5 -15.91 -9.24 52.64
CA GLN I 5 -15.08 -8.13 53.07
C GLN I 5 -15.64 -7.43 54.30
N SER I 6 -16.92 -7.60 54.58
CA SER I 6 -17.54 -6.82 55.64
C SER I 6 -17.35 -7.54 56.97
N ARG I 7 -16.88 -6.81 57.98
CA ARG I 7 -16.48 -7.37 59.26
C ARG I 7 -17.66 -7.46 60.24
N LEU I 8 -17.90 -8.63 60.80
CA LEU I 8 -18.95 -8.81 61.78
C LEU I 8 -18.38 -8.94 63.19
N ASP I 9 -19.28 -8.77 64.18
CA ASP I 9 -19.06 -9.11 65.59
C ASP I 9 -19.61 -10.47 65.94
N VAL I 10 -18.97 -11.11 66.92
CA VAL I 10 -19.25 -12.49 67.28
C VAL I 10 -20.06 -12.53 68.56
N ALA I 11 -21.18 -13.23 68.53
CA ALA I 11 -22.07 -13.28 69.69
C ALA I 11 -21.92 -14.56 70.49
N ASP I 12 -20.70 -15.06 70.61
CA ASP I 12 -20.49 -16.28 71.37
C ASP I 12 -19.13 -16.18 72.02
N ASN I 13 -18.92 -17.03 73.03
CA ASN I 13 -17.65 -17.11 73.72
C ASN I 13 -16.68 -18.01 73.00
N SER I 14 -17.00 -18.35 71.74
CA SER I 14 -16.17 -19.25 70.96
C SER I 14 -14.73 -18.77 70.87
N GLY I 15 -14.49 -17.48 71.02
CA GLY I 15 -13.15 -16.97 71.23
C GLY I 15 -12.66 -16.00 70.20
N ALA I 16 -13.35 -15.93 69.04
CA ALA I 16 -13.20 -14.83 68.10
C ALA I 16 -13.79 -13.55 68.67
N ARG I 17 -13.10 -12.42 68.50
CA ARG I 17 -13.76 -11.16 68.82
C ARG I 17 -14.57 -10.65 67.63
N GLU I 18 -14.00 -10.73 66.43
CA GLU I 18 -14.69 -10.30 65.22
C GLU I 18 -14.10 -10.98 63.99
N ILE I 19 -14.99 -11.35 63.08
CA ILE I 19 -14.61 -12.03 61.85
C ILE I 19 -14.79 -11.08 60.67
N MET I 20 -14.19 -11.42 59.53
CA MET I 20 -14.50 -10.76 58.26
C MET I 20 -15.00 -11.80 57.28
N CYS I 21 -16.20 -11.61 56.76
CA CYS I 21 -16.82 -12.62 55.94
C CYS I 21 -16.06 -12.74 54.64
N ILE I 22 -16.10 -13.94 54.02
CA ILE I 22 -15.43 -14.15 52.73
C ILE I 22 -16.24 -14.99 51.77
N ARG I 23 -17.41 -15.48 52.19
CA ARG I 23 -18.35 -16.07 51.26
C ARG I 23 -19.74 -16.01 51.86
N VAL I 24 -20.74 -16.29 51.03
CA VAL I 24 -22.15 -16.18 51.43
C VAL I 24 -22.86 -17.37 50.82
N LEU I 25 -23.46 -18.21 51.65
CA LEU I 25 -23.85 -19.53 51.18
C LEU I 25 -25.36 -19.68 51.20
N ASN I 26 -25.83 -20.93 51.03
CA ASN I 26 -27.16 -21.35 51.44
C ASN I 26 -27.09 -22.54 52.43
N SER I 27 -27.91 -22.46 53.46
CA SER I 27 -27.53 -22.99 54.77
C SER I 27 -28.75 -23.60 55.45
N GLY I 28 -29.41 -24.48 54.72
CA GLY I 28 -30.35 -25.37 55.34
C GLY I 28 -29.62 -26.25 56.32
N ILE I 29 -29.83 -26.04 57.61
CA ILE I 29 -29.65 -27.21 58.45
C ILE I 29 -30.67 -28.21 57.93
N GLY I 30 -30.24 -29.45 57.71
CA GLY I 30 -31.05 -30.31 56.87
C GLY I 30 -30.92 -31.79 57.19
N GLY I 31 -31.30 -32.17 58.42
CA GLY I 31 -31.30 -33.56 58.92
C GLY I 31 -30.02 -34.41 58.90
N LYS I 32 -29.20 -34.25 57.86
CA LYS I 32 -27.87 -34.82 57.82
C LYS I 32 -26.82 -33.79 58.18
N GLY I 33 -27.22 -32.66 58.73
CA GLY I 33 -26.35 -31.53 58.97
C GLY I 33 -26.64 -30.39 58.01
N LEU I 34 -25.66 -29.52 57.86
CA LEU I 34 -25.77 -28.45 56.87
C LEU I 34 -25.79 -29.00 55.45
N THR I 35 -26.64 -28.41 54.60
CA THR I 35 -26.74 -28.77 53.20
C THR I 35 -25.53 -28.26 52.41
N THR I 36 -25.29 -28.90 51.26
CA THR I 36 -24.45 -28.28 50.24
C THR I 36 -25.16 -27.06 49.66
N GLY I 37 -24.36 -26.10 49.18
CA GLY I 37 -24.85 -24.77 48.80
C GLY I 37 -26.08 -24.74 47.90
N GLY I 38 -26.69 -23.58 47.75
CA GLY I 38 -27.90 -23.45 46.94
C GLY I 38 -27.71 -22.62 45.70
N GLY I 39 -26.47 -22.58 45.20
CA GLY I 39 -26.09 -21.77 44.06
C GLY I 39 -24.89 -20.88 44.31
N GLY I 40 -23.99 -20.77 43.35
CA GLY I 40 -22.73 -20.11 43.62
C GLY I 40 -22.72 -18.62 43.50
N ASN I 41 -23.87 -17.99 43.26
CA ASN I 41 -23.93 -16.57 42.92
C ASN I 41 -24.60 -15.68 43.95
N LYS I 42 -25.15 -16.20 45.05
CA LYS I 42 -25.91 -15.34 45.94
C LYS I 42 -25.01 -14.24 46.51
N ARG I 43 -25.54 -13.01 46.54
CA ARG I 43 -24.71 -11.83 46.78
C ARG I 43 -24.67 -11.32 48.22
N TYR I 44 -25.74 -11.49 49.02
CA TYR I 44 -25.89 -10.78 50.29
C TYR I 44 -26.32 -11.70 51.42
N ALA I 45 -25.63 -11.58 52.57
CA ALA I 45 -26.02 -12.28 53.79
C ALA I 45 -27.07 -11.49 54.54
N HIS I 46 -28.14 -12.16 54.88
CA HIS I 46 -29.26 -11.65 55.65
C HIS I 46 -29.26 -12.31 57.01
N VAL I 47 -30.13 -11.87 57.90
CA VAL I 47 -30.22 -12.59 59.15
C VAL I 47 -30.64 -14.03 58.84
N GLY I 48 -30.02 -14.98 59.54
CA GLY I 48 -30.35 -16.37 59.35
C GLY I 48 -29.51 -17.11 58.33
N ASP I 49 -28.84 -16.38 57.43
CA ASP I 49 -27.94 -16.96 56.44
C ASP I 49 -26.63 -17.38 57.09
N ILE I 50 -25.96 -18.38 56.48
CA ILE I 50 -24.62 -18.76 56.93
C ILE I 50 -23.60 -18.16 55.99
N ILE I 51 -22.43 -17.86 56.56
CA ILE I 51 -21.33 -17.32 55.79
C ILE I 51 -20.04 -17.99 56.24
N VAL I 52 -19.12 -18.11 55.31
CA VAL I 52 -17.72 -18.42 55.59
C VAL I 52 -16.98 -17.16 55.97
N ALA I 53 -15.91 -17.28 56.74
CA ALA I 53 -15.26 -16.05 57.12
C ALA I 53 -13.91 -16.33 57.74
N SER I 54 -12.98 -15.42 57.51
CA SER I 54 -11.74 -15.41 58.28
C SER I 54 -12.00 -14.81 59.65
N VAL I 55 -11.20 -15.23 60.63
CA VAL I 55 -11.34 -14.76 62.01
C VAL I 55 -10.26 -13.71 62.26
N LYS I 56 -10.62 -12.44 62.08
CA LYS I 56 -9.65 -11.36 62.07
C LYS I 56 -9.20 -10.96 63.46
N ASP I 57 -9.84 -11.45 64.52
CA ASP I 57 -9.43 -11.05 65.85
C ASP I 57 -10.02 -11.98 66.91
N ALA I 58 -9.24 -12.26 67.94
CA ALA I 58 -9.63 -13.39 68.75
C ALA I 58 -9.19 -13.20 70.18
N ALA I 59 -9.86 -13.94 71.03
CA ALA I 59 -9.59 -13.90 72.44
C ALA I 59 -8.26 -14.61 72.74
N PRO I 60 -7.34 -13.94 73.43
CA PRO I 60 -6.22 -14.66 74.07
C PRO I 60 -6.83 -15.62 75.07
N ARG I 61 -6.23 -16.80 75.21
CA ARG I 61 -6.98 -17.93 75.79
C ARG I 61 -8.28 -18.13 74.99
N GLY I 62 -8.10 -18.59 73.76
CA GLY I 62 -9.21 -18.84 72.85
C GLY I 62 -9.54 -20.31 72.73
N ALA I 63 -10.66 -20.57 72.06
CA ALA I 63 -10.96 -21.86 71.47
C ALA I 63 -10.84 -21.79 69.96
N VAL I 64 -10.42 -20.64 69.45
CA VAL I 64 -10.64 -20.19 68.09
C VAL I 64 -9.70 -19.00 67.94
N LYS I 65 -8.61 -19.17 67.21
CA LYS I 65 -7.54 -18.20 67.13
C LYS I 65 -7.66 -17.34 65.88
N ALA I 66 -6.83 -16.30 65.81
CA ALA I 66 -6.78 -15.46 64.62
C ALA I 66 -6.39 -16.25 63.37
N GLY I 67 -7.11 -16.00 62.29
CA GLY I 67 -6.79 -16.60 61.01
C GLY I 67 -7.51 -17.89 60.70
N ASP I 68 -8.18 -18.50 61.65
CA ASP I 68 -8.97 -19.63 61.26
C ASP I 68 -10.01 -19.19 60.26
N VAL I 69 -10.17 -19.95 59.19
CA VAL I 69 -11.39 -19.89 58.41
C VAL I 69 -12.50 -20.56 59.20
N VAL I 70 -13.74 -20.09 59.06
CA VAL I 70 -14.81 -20.55 59.92
C VAL I 70 -16.16 -20.30 59.27
N LYS I 71 -17.20 -20.96 59.79
CA LYS I 71 -18.56 -20.78 59.31
C LYS I 71 -19.43 -20.23 60.44
N ALA I 72 -19.89 -18.98 60.30
CA ALA I 72 -20.75 -18.35 61.31
C ALA I 72 -22.13 -18.09 60.74
N VAL I 73 -23.18 -18.26 61.56
CA VAL I 73 -24.52 -17.84 61.16
C VAL I 73 -24.79 -16.42 61.69
N VAL I 74 -25.44 -15.60 60.87
CA VAL I 74 -25.66 -14.19 61.12
C VAL I 74 -26.91 -14.00 61.97
N VAL I 75 -26.84 -13.12 62.99
CA VAL I 75 -27.89 -13.03 63.99
C VAL I 75 -28.31 -11.58 64.28
N ARG I 76 -27.60 -10.62 63.70
CA ARG I 76 -27.90 -9.20 63.90
C ARG I 76 -27.45 -8.38 62.70
N THR I 77 -28.41 -7.85 61.94
CA THR I 77 -28.15 -6.94 60.83
C THR I 77 -28.49 -5.53 61.24
N SER I 78 -27.67 -4.57 60.82
CA SER I 78 -28.11 -3.18 60.80
C SER I 78 -29.18 -2.97 59.74
N HIS I 79 -29.20 -3.83 58.72
CA HIS I 79 -30.21 -3.81 57.67
C HIS I 79 -31.58 -4.15 58.25
N ALA I 80 -32.61 -3.53 57.71
CA ALA I 80 -33.94 -3.83 58.22
C ALA I 80 -34.32 -5.25 57.85
N ILE I 81 -34.91 -5.99 58.78
CA ILE I 81 -35.50 -7.26 58.44
C ILE I 81 -36.99 -7.11 58.66
N LYS I 82 -37.77 -7.21 57.59
CA LYS I 82 -39.21 -7.06 57.71
C LYS I 82 -39.89 -8.41 57.95
N ARG I 83 -41.13 -8.37 58.42
CA ARG I 83 -41.81 -9.54 58.94
C ARG I 83 -43.24 -9.59 58.43
N ALA I 84 -43.85 -10.77 58.59
CA ALA I 84 -45.10 -11.09 57.91
C ALA I 84 -46.26 -10.21 58.32
N ASP I 85 -46.24 -9.65 59.54
CA ASP I 85 -47.31 -8.74 59.96
C ASP I 85 -47.15 -7.34 59.39
N GLY I 86 -45.91 -6.89 59.19
CA GLY I 86 -45.63 -5.57 58.68
C GLY I 86 -44.49 -4.92 59.42
N SER I 87 -44.15 -5.46 60.58
CA SER I 87 -43.16 -4.83 61.43
C SER I 87 -41.77 -4.97 60.83
N THR I 88 -40.88 -4.07 61.22
CA THR I 88 -39.47 -4.16 60.87
C THR I 88 -38.61 -4.24 62.12
N ILE I 89 -37.42 -4.84 62.02
CA ILE I 89 -36.41 -4.79 63.08
C ILE I 89 -35.13 -4.22 62.53
N ARG I 90 -34.21 -3.92 63.43
CA ARG I 90 -32.89 -3.48 63.00
C ARG I 90 -31.97 -3.20 64.18
N PHE I 91 -30.76 -3.74 64.20
CA PHE I 91 -29.84 -3.56 65.31
C PHE I 91 -28.76 -2.56 64.96
N ASP I 92 -28.19 -1.95 66.00
CA ASP I 92 -27.17 -0.93 65.78
C ASP I 92 -25.90 -1.48 65.13
N ARG I 93 -25.60 -2.79 65.27
CA ARG I 93 -24.37 -3.41 64.72
C ARG I 93 -24.61 -4.81 64.20
N ASN I 94 -23.88 -5.20 63.16
CA ASN I 94 -23.99 -6.55 62.65
C ASN I 94 -23.16 -7.53 63.48
N ALA I 95 -23.66 -8.76 63.63
CA ALA I 95 -23.03 -9.72 64.53
C ALA I 95 -23.42 -11.13 64.13
N ALA I 96 -22.51 -12.09 64.39
CA ALA I 96 -22.70 -13.49 64.05
C ALA I 96 -22.16 -14.41 65.14
N VAL I 97 -22.47 -15.69 64.97
CA VAL I 97 -22.17 -16.75 65.92
C VAL I 97 -21.52 -17.92 65.19
N ILE I 98 -20.27 -18.25 65.55
CA ILE I 98 -19.54 -19.33 64.87
C ILE I 98 -20.19 -20.68 65.13
N ILE I 99 -20.18 -21.57 64.14
CA ILE I 99 -20.91 -22.83 64.24
C ILE I 99 -20.17 -23.94 63.49
N ASN I 100 -20.39 -25.18 63.92
CA ASN I 100 -19.78 -26.37 63.32
C ASN I 100 -20.62 -26.86 62.15
N ASN I 101 -20.11 -27.85 61.44
CA ASN I 101 -20.73 -28.22 60.17
C ASN I 101 -22.03 -29.00 60.35
N GLN I 102 -22.47 -29.21 61.59
CA GLN I 102 -23.84 -29.60 61.90
C GLN I 102 -24.68 -28.42 62.36
N GLY I 103 -24.12 -27.21 62.29
CA GLY I 103 -24.84 -25.99 62.59
C GLY I 103 -24.78 -25.55 64.06
N GLU I 104 -24.46 -26.45 64.99
CA GLU I 104 -24.49 -26.08 66.40
C GLU I 104 -23.43 -25.03 66.71
N PRO I 105 -23.70 -24.14 67.67
CA PRO I 105 -22.71 -23.11 68.02
C PRO I 105 -21.46 -23.72 68.61
N ARG I 106 -20.35 -23.04 68.37
CA ARG I 106 -19.10 -23.52 68.94
C ARG I 106 -18.84 -22.96 70.35
N GLY I 107 -19.40 -21.79 70.69
CA GLY I 107 -19.28 -21.29 72.05
C GLY I 107 -20.21 -22.00 73.04
N THR I 108 -20.03 -21.69 74.33
CA THR I 108 -20.99 -22.13 75.34
C THR I 108 -22.23 -21.26 75.41
N ARG I 109 -22.21 -20.05 74.83
CA ARG I 109 -23.37 -19.19 74.93
C ARG I 109 -23.34 -18.08 73.88
N VAL I 110 -24.52 -17.57 73.60
CA VAL I 110 -24.72 -16.45 72.69
C VAL I 110 -24.87 -15.16 73.50
N PHE I 111 -24.66 -14.04 72.84
CA PHE I 111 -24.48 -12.75 73.50
C PHE I 111 -25.23 -11.67 72.74
N GLY I 112 -26.20 -11.05 73.43
CA GLY I 112 -27.09 -10.10 72.81
C GLY I 112 -28.31 -10.82 72.24
N PRO I 113 -29.25 -10.06 71.69
CA PRO I 113 -30.43 -10.68 71.11
C PRO I 113 -30.10 -11.37 69.80
N VAL I 114 -31.01 -12.23 69.39
CA VAL I 114 -30.93 -12.83 68.06
C VAL I 114 -32.29 -12.73 67.41
N ALA I 115 -32.28 -12.58 66.09
CA ALA I 115 -33.53 -12.36 65.36
C ALA I 115 -34.43 -13.57 65.47
N ARG I 116 -35.72 -13.32 65.62
CA ARG I 116 -36.64 -14.44 65.65
C ARG I 116 -36.49 -15.31 64.42
N GLU I 117 -35.96 -14.76 63.33
CA GLU I 117 -35.87 -15.53 62.10
C GLU I 117 -34.92 -16.72 62.23
N LEU I 118 -33.99 -16.71 63.19
CA LEU I 118 -33.18 -17.91 63.42
C LEU I 118 -34.04 -19.09 63.78
N ARG I 119 -35.05 -18.87 64.62
CA ARG I 119 -35.98 -19.94 64.92
C ARG I 119 -36.67 -20.45 63.66
N ASP I 120 -36.88 -19.55 62.68
CA ASP I 120 -37.49 -19.92 61.41
C ASP I 120 -36.66 -20.97 60.69
N ARG I 121 -35.36 -20.71 60.59
CA ARG I 121 -34.43 -21.58 59.87
C ARG I 121 -33.80 -22.62 60.78
N ARG I 122 -34.57 -23.12 61.76
CA ARG I 122 -34.23 -24.32 62.52
C ARG I 122 -32.86 -24.26 63.18
N PHE I 123 -32.40 -23.08 63.57
CA PHE I 123 -31.12 -22.97 64.30
C PHE I 123 -31.33 -23.12 65.80
N MET I 124 -31.72 -24.33 66.22
CA MET I 124 -32.31 -24.56 67.55
C MET I 124 -31.39 -24.09 68.66
N LYS I 125 -30.16 -24.60 68.70
CA LYS I 125 -29.31 -24.34 69.85
C LYS I 125 -28.87 -22.88 69.92
N ILE I 126 -28.64 -22.22 68.78
CA ILE I 126 -28.29 -20.80 68.83
C ILE I 126 -29.42 -20.03 69.47
N VAL I 127 -30.67 -20.34 69.08
CA VAL I 127 -31.83 -19.69 69.66
C VAL I 127 -31.91 -19.99 71.14
N SER I 128 -31.54 -21.20 71.50
CA SER I 128 -31.69 -21.58 72.89
C SER I 128 -30.70 -20.83 73.76
N LEU I 129 -29.50 -20.56 73.27
CA LEU I 129 -28.54 -19.84 74.12
C LEU I 129 -28.77 -18.33 74.12
N ALA I 130 -29.80 -17.82 73.40
CA ALA I 130 -29.54 -16.40 73.43
C ALA I 130 -30.49 -15.69 74.39
N PRO I 131 -30.02 -14.62 75.04
CA PRO I 131 -30.80 -13.99 76.11
C PRO I 131 -32.16 -13.50 75.69
N GLU I 132 -32.31 -13.08 74.44
CA GLU I 132 -33.62 -12.63 73.97
C GLU I 132 -33.74 -12.95 72.49
N VAL I 133 -34.78 -13.68 72.11
CA VAL I 133 -35.10 -13.89 70.70
C VAL I 133 -36.13 -12.82 70.34
N LEU I 134 -35.62 -11.70 69.85
CA LEU I 134 -36.42 -10.47 69.65
C LEU I 134 -37.43 -10.56 68.50
N MET J 1 5.83 38.78 -59.21
CA MET J 1 5.00 37.60 -59.36
C MET J 1 4.09 37.52 -58.14
N LYS J 2 3.50 36.36 -57.92
CA LYS J 2 2.55 36.17 -56.82
C LYS J 2 3.34 35.84 -55.56
N LEU J 3 3.57 36.86 -54.72
CA LEU J 3 4.18 36.63 -53.41
C LEU J 3 3.37 35.63 -52.60
N HIS J 4 2.05 35.64 -52.76
CA HIS J 4 1.23 34.56 -52.26
C HIS J 4 1.48 33.26 -52.99
N ASP J 5 2.00 33.32 -54.22
CA ASP J 5 2.25 32.11 -54.98
C ASP J 5 3.71 31.70 -54.96
N LEU J 6 4.52 32.31 -54.11
CA LEU J 6 5.77 31.66 -53.76
C LEU J 6 5.46 30.34 -53.05
N LYS J 7 6.15 29.29 -53.44
CA LYS J 7 5.97 27.97 -52.85
C LYS J 7 7.34 27.39 -52.54
N PRO J 8 7.61 27.02 -51.30
CA PRO J 8 8.86 26.36 -50.97
C PRO J 8 8.93 25.00 -51.66
N THR J 9 10.15 24.59 -52.02
CA THR J 9 10.30 23.32 -52.69
C THR J 9 9.76 22.21 -51.79
N PRO J 10 8.83 21.38 -52.25
CA PRO J 10 8.29 20.35 -51.37
C PRO J 10 9.43 19.42 -50.95
N GLY J 11 9.35 18.93 -49.71
CA GLY J 11 10.58 18.59 -49.02
C GLY J 11 11.20 19.89 -48.52
N SER J 12 12.47 19.83 -48.18
CA SER J 12 13.10 21.00 -47.60
C SER J 12 12.53 21.27 -46.21
N ARG J 13 11.49 22.11 -46.14
CA ARG J 13 10.80 22.37 -44.88
C ARG J 13 10.11 21.12 -44.37
N LYS J 14 10.30 20.83 -43.08
CA LYS J 14 9.62 19.74 -42.37
C LYS J 14 9.34 20.24 -40.96
N ASP J 15 8.20 19.84 -40.41
CA ASP J 15 7.72 20.36 -39.13
C ASP J 15 8.45 19.79 -37.93
N ARG J 16 8.55 20.60 -36.89
CA ARG J 16 9.20 20.19 -35.65
C ARG J 16 8.36 19.19 -34.88
N LYS J 17 9.05 18.38 -34.11
CA LYS J 17 8.43 17.50 -33.14
C LYS J 17 7.91 18.34 -31.96
N ARG J 18 6.60 18.51 -31.89
CA ARG J 18 5.93 19.05 -30.71
C ARG J 18 5.58 17.86 -29.83
N VAL J 19 6.10 17.85 -28.61
CA VAL J 19 6.30 16.59 -27.91
C VAL J 19 5.13 16.25 -26.99
N GLY J 20 4.86 17.07 -25.98
CA GLY J 20 3.84 16.70 -25.00
C GLY J 20 2.49 16.35 -25.59
N ARG J 21 1.52 17.24 -25.43
CA ARG J 21 0.50 17.56 -26.44
C ARG J 21 -0.23 16.37 -27.08
N GLY J 22 -0.74 15.47 -26.25
CA GLY J 22 -1.89 14.69 -26.62
C GLY J 22 -1.67 13.22 -26.90
N PRO J 23 -2.71 12.43 -26.73
CA PRO J 23 -2.63 11.00 -27.05
C PRO J 23 -2.94 10.78 -28.51
N GLY J 24 -2.79 11.83 -29.30
CA GLY J 24 -2.75 11.70 -30.74
C GLY J 24 -1.38 11.36 -31.28
N GLY J 25 -0.42 11.20 -30.39
CA GLY J 25 0.92 10.90 -30.82
C GLY J 25 1.93 11.40 -29.82
N THR J 26 2.70 10.47 -29.26
CA THR J 26 3.78 10.77 -28.30
C THR J 26 3.22 11.51 -27.07
N ASP J 27 2.48 10.75 -26.26
CA ASP J 27 1.64 11.28 -25.18
C ASP J 27 2.41 11.55 -23.89
N LYS J 28 1.92 10.99 -22.77
CA LYS J 28 2.38 11.29 -21.42
C LYS J 28 3.88 11.44 -21.29
N THR J 29 4.57 10.32 -21.24
CA THR J 29 6.00 10.32 -21.40
C THR J 29 6.33 10.73 -22.82
N ALA J 30 7.36 11.54 -22.99
CA ALA J 30 7.51 12.25 -24.26
C ALA J 30 8.44 11.52 -25.25
N GLY J 31 8.19 10.25 -25.48
CA GLY J 31 9.18 9.41 -26.11
C GLY J 31 10.33 9.20 -25.16
N ARG J 32 10.13 8.45 -24.07
CA ARG J 32 11.13 8.34 -23.02
C ARG J 32 10.88 7.16 -22.07
N GLY J 33 9.68 6.58 -22.11
CA GLY J 33 9.47 5.20 -21.69
C GLY J 33 9.28 4.89 -20.21
N HIS J 34 9.20 5.88 -19.30
CA HIS J 34 9.02 5.61 -17.87
C HIS J 34 10.29 5.22 -17.12
N LYS J 35 11.27 6.10 -16.94
CA LYS J 35 12.62 5.56 -16.75
C LYS J 35 13.36 6.35 -15.67
N GLY J 36 14.66 6.05 -15.56
CA GLY J 36 15.68 6.93 -15.01
C GLY J 36 16.14 7.86 -16.13
N GLN J 37 15.12 8.38 -16.86
CA GLN J 37 15.22 9.41 -17.91
C GLN J 37 14.44 10.64 -17.49
N LYS J 38 15.18 11.68 -17.14
CA LYS J 38 14.73 12.79 -16.33
C LYS J 38 15.56 13.96 -16.79
N SER J 39 15.11 15.18 -16.52
CA SER J 39 15.71 16.36 -17.16
C SER J 39 17.24 16.37 -17.30
N ARG J 40 17.92 16.75 -16.23
CA ARG J 40 19.27 17.33 -16.27
C ARG J 40 20.41 16.49 -16.90
N SER J 41 20.40 16.27 -18.21
CA SER J 41 21.09 15.12 -18.80
C SER J 41 22.58 15.08 -18.44
N GLY J 42 23.14 13.85 -18.32
CA GLY J 42 24.53 13.68 -17.94
C GLY J 42 25.31 12.43 -18.39
N ALA J 43 25.95 12.49 -19.59
CA ALA J 43 26.98 11.56 -20.11
C ALA J 43 26.85 11.29 -21.62
N GLY J 44 27.93 10.84 -22.26
CA GLY J 44 27.87 10.65 -23.71
C GLY J 44 28.85 9.64 -24.29
N LYS J 45 30.00 9.48 -23.63
CA LYS J 45 30.99 8.48 -23.98
C LYS J 45 31.46 7.77 -22.71
N GLY J 46 30.50 7.36 -21.87
CA GLY J 46 30.80 6.75 -20.59
C GLY J 46 29.89 5.64 -20.10
N ALA J 47 30.47 4.46 -19.84
CA ALA J 47 30.08 3.52 -18.79
C ALA J 47 31.31 3.30 -17.87
N PHE J 48 31.21 2.37 -16.91
CA PHE J 48 31.94 2.40 -15.64
C PHE J 48 32.95 1.25 -15.49
N PHE J 49 33.48 0.78 -16.60
CA PHE J 49 34.54 -0.22 -16.69
C PHE J 49 35.41 0.11 -17.91
N GLU J 50 35.73 1.40 -18.07
CA GLU J 50 35.36 2.15 -19.27
C GLU J 50 35.57 1.41 -20.59
N GLY J 51 36.74 0.80 -20.81
CA GLY J 51 36.92 -0.03 -22.01
C GLY J 51 37.30 0.71 -23.29
N GLY J 52 37.43 2.02 -23.23
CA GLY J 52 38.25 2.77 -24.14
C GLY J 52 39.56 2.85 -23.39
N ARG J 53 39.72 1.91 -22.44
CA ARG J 53 40.80 1.80 -21.46
C ARG J 53 42.00 0.94 -21.92
N SER J 54 42.11 0.64 -23.22
CA SER J 54 43.33 0.06 -23.80
C SER J 54 44.46 1.09 -23.84
N ARG J 55 45.69 0.59 -23.93
CA ARG J 55 46.93 1.35 -23.75
C ARG J 55 47.35 2.13 -24.99
N LEU J 56 48.31 3.04 -24.78
CA LEU J 56 48.67 4.10 -25.71
C LEU J 56 50.15 4.08 -26.05
N ILE J 57 50.46 4.43 -27.30
CA ILE J 57 51.83 4.53 -27.82
C ILE J 57 51.94 5.87 -28.55
N ALA J 58 52.86 6.72 -28.10
CA ALA J 58 52.63 8.16 -28.21
C ALA J 58 53.80 8.91 -28.83
N ARG J 59 53.50 9.65 -29.89
CA ARG J 59 54.37 10.70 -30.41
C ARG J 59 53.58 12.01 -30.43
N LEU J 60 54.28 13.12 -30.20
CA LEU J 60 53.66 14.44 -30.17
C LEU J 60 53.51 15.05 -31.57
N PRO J 61 54.62 15.20 -32.38
CA PRO J 61 54.60 16.11 -33.55
C PRO J 61 54.03 15.52 -34.83
N LYS J 62 54.00 16.34 -35.88
CA LYS J 62 53.83 15.90 -37.26
C LYS J 62 54.02 17.09 -38.19
N ARG J 63 54.35 16.78 -39.45
CA ARG J 63 54.52 17.77 -40.51
C ARG J 63 54.39 17.09 -41.88
N GLY J 64 53.77 17.77 -42.84
CA GLY J 64 53.42 17.10 -44.07
C GLY J 64 53.26 18.04 -45.23
N PHE J 65 53.33 17.48 -46.44
CA PHE J 65 53.42 18.22 -47.69
C PHE J 65 52.06 18.37 -48.37
N ASN J 66 51.88 19.49 -49.07
CA ASN J 66 50.78 19.63 -50.04
C ASN J 66 51.03 18.72 -51.24
N ASN J 67 49.95 18.05 -51.68
CA ASN J 67 50.02 16.95 -52.62
C ASN J 67 49.62 17.40 -54.04
N VAL J 68 50.43 17.01 -55.03
CA VAL J 68 50.15 17.36 -56.42
C VAL J 68 50.35 16.15 -57.32
N GLY J 69 49.34 15.30 -57.44
CA GLY J 69 49.44 14.15 -58.34
C GLY J 69 49.64 14.65 -59.76
N THR J 70 50.62 14.09 -60.48
CA THR J 70 50.95 14.60 -61.81
C THR J 70 49.87 14.26 -62.84
N THR J 71 48.98 13.33 -62.54
CA THR J 71 47.95 12.97 -63.51
C THR J 71 47.17 14.19 -64.00
N TYR J 72 46.63 14.98 -63.06
CA TYR J 72 46.05 16.27 -63.44
C TYR J 72 47.11 17.17 -64.07
N GLU J 73 48.35 17.00 -63.63
CA GLU J 73 49.45 17.84 -64.08
C GLU J 73 49.75 17.66 -65.57
N VAL J 74 49.48 16.48 -66.12
CA VAL J 74 49.99 16.09 -67.44
C VAL J 74 48.95 16.29 -68.54
N VAL J 75 47.67 16.19 -68.19
CA VAL J 75 46.59 16.37 -69.14
C VAL J 75 46.25 17.85 -69.21
N LYS J 76 47.07 18.67 -68.56
CA LYS J 76 46.79 20.09 -68.43
C LYS J 76 46.79 20.81 -69.77
N LEU J 77 47.62 20.37 -70.71
CA LEU J 77 47.79 20.94 -72.05
C LEU J 77 48.65 22.23 -72.02
N SER J 78 48.91 22.82 -70.86
CA SER J 78 49.80 23.98 -70.73
C SER J 78 50.96 23.54 -69.85
N GLN J 79 52.14 23.37 -70.44
CA GLN J 79 53.22 22.63 -69.80
C GLN J 79 54.39 23.55 -69.46
N LEU J 80 55.04 23.22 -68.35
CA LEU J 80 56.04 24.03 -67.64
C LEU J 80 55.36 24.56 -66.39
N GLN J 81 54.88 23.63 -65.56
CA GLN J 81 53.94 23.88 -64.45
C GLN J 81 54.69 24.40 -63.23
N ASP J 82 54.97 25.70 -63.25
CA ASP J 82 55.42 26.42 -62.07
C ASP J 82 54.26 27.29 -61.59
N LEU J 83 53.76 26.98 -60.40
CA LEU J 83 52.54 27.61 -59.89
C LEU J 83 52.85 28.97 -59.30
N GLU J 84 52.12 29.97 -59.76
CA GLU J 84 52.00 31.19 -58.96
C GLU J 84 51.28 30.84 -57.66
N ASP J 85 51.55 31.61 -56.60
CA ASP J 85 51.11 31.23 -55.27
C ASP J 85 49.61 30.98 -55.22
N THR J 86 48.85 31.67 -56.08
CA THR J 86 47.40 31.61 -56.04
C THR J 86 46.84 30.32 -56.65
N THR J 87 47.28 29.98 -57.86
CA THR J 87 46.39 29.29 -58.79
C THR J 87 46.35 27.77 -58.62
N PHE J 88 45.17 27.22 -58.92
CA PHE J 88 44.83 25.81 -59.12
C PHE J 88 44.89 24.94 -57.87
N ASP J 89 46.04 24.88 -57.20
CA ASP J 89 46.26 23.92 -56.13
C ASP J 89 46.53 24.61 -54.80
N ARG J 90 46.30 23.85 -53.72
CA ARG J 90 46.55 24.24 -52.33
C ARG J 90 45.38 25.03 -51.73
N ASP J 91 44.25 25.09 -52.43
CA ASP J 91 43.09 25.86 -51.95
C ASP J 91 42.74 25.44 -50.53
N THR J 92 42.52 24.14 -50.32
CA THR J 92 42.68 23.61 -48.98
C THR J 92 44.16 23.67 -48.62
N LEU J 93 44.46 24.08 -47.39
CA LEU J 93 45.79 23.91 -46.77
C LEU J 93 46.93 24.40 -47.71
N GLU J 94 46.75 25.60 -48.28
CA GLU J 94 47.67 26.19 -49.26
C GLU J 94 49.02 26.61 -48.68
N ALA J 95 49.06 27.81 -48.08
CA ALA J 95 50.30 28.51 -47.78
C ALA J 95 51.02 28.02 -46.54
N TYR J 96 50.41 27.14 -45.75
CA TYR J 96 51.01 26.65 -44.52
C TYR J 96 51.96 25.47 -44.72
N ARG J 97 52.07 24.92 -45.94
CA ARG J 97 52.80 23.68 -46.16
C ARG J 97 53.56 23.70 -47.48
N LEU J 98 54.40 22.68 -47.64
CA LEU J 98 55.22 22.51 -48.84
C LEU J 98 54.58 21.47 -49.78
N VAL J 99 55.00 21.53 -51.08
CA VAL J 99 54.41 20.73 -52.16
C VAL J 99 55.28 19.51 -52.45
N ARG J 100 54.65 18.44 -52.93
CA ARG J 100 55.40 17.23 -53.30
C ARG J 100 54.66 16.47 -54.39
N ARG J 101 55.19 16.46 -55.61
CA ARG J 101 54.59 15.72 -56.71
C ARG J 101 54.83 14.23 -56.57
N LYS J 102 53.89 13.44 -57.10
CA LYS J 102 53.93 12.00 -56.87
C LYS J 102 53.37 11.27 -58.08
N ASN J 103 53.79 10.01 -58.21
CA ASN J 103 53.57 9.23 -59.43
C ASN J 103 52.17 8.60 -59.45
N ARG J 104 51.17 9.45 -59.31
CA ARG J 104 49.83 9.06 -59.72
C ARG J 104 49.70 9.23 -61.24
N PRO J 105 49.01 8.27 -61.93
CA PRO J 105 49.03 8.15 -63.41
C PRO J 105 50.00 8.98 -64.29
N VAL J 106 49.81 8.88 -65.61
CA VAL J 106 50.74 9.44 -66.57
C VAL J 106 49.97 9.76 -67.87
N LYS J 107 50.59 10.57 -68.74
CA LYS J 107 50.13 10.74 -70.12
C LYS J 107 51.32 10.97 -71.06
N LEU J 108 52.54 11.12 -70.51
CA LEU J 108 53.74 11.41 -71.31
C LEU J 108 53.63 12.75 -72.04
N LEU J 109 54.46 13.72 -71.63
CA LEU J 109 54.71 14.94 -72.39
C LEU J 109 55.81 15.72 -71.68
N ALA J 110 56.41 16.66 -72.39
CA ALA J 110 57.38 17.56 -71.77
C ALA J 110 56.68 18.49 -70.79
N SER J 111 57.38 18.82 -69.70
CA SER J 111 56.85 19.72 -68.68
C SER J 111 57.86 19.95 -67.56
N GLY J 112 58.19 21.21 -67.29
CA GLY J 112 59.09 21.52 -66.20
C GLY J 112 58.39 22.08 -64.97
N GLU J 113 57.96 21.21 -64.04
CA GLU J 113 57.24 21.58 -62.82
C GLU J 113 58.19 21.65 -61.64
N ILE J 114 58.08 22.73 -60.85
CA ILE J 114 59.10 23.06 -59.86
C ILE J 114 58.56 22.97 -58.43
N SER J 115 58.11 21.78 -58.05
CA SER J 115 57.61 21.55 -56.69
C SER J 115 58.75 21.53 -55.67
N ARG J 116 58.38 21.79 -54.41
CA ARG J 116 59.33 21.86 -53.30
C ARG J 116 59.97 20.50 -52.96
N ALA J 117 59.31 19.40 -53.28
CA ALA J 117 59.88 18.05 -53.11
C ALA J 117 59.03 17.10 -53.95
N VAL J 118 59.52 15.88 -54.14
CA VAL J 118 58.84 14.95 -55.04
C VAL J 118 59.26 13.51 -54.82
N THR J 119 58.39 12.59 -55.22
CA THR J 119 58.65 11.16 -55.11
C THR J 119 59.82 10.79 -56.00
N VAL J 120 60.53 9.72 -55.63
CA VAL J 120 61.70 9.33 -56.39
C VAL J 120 61.31 8.99 -57.83
N HIS J 121 60.14 8.39 -58.01
CA HIS J 121 59.70 7.91 -59.31
C HIS J 121 58.93 8.95 -60.11
N VAL J 122 58.49 10.04 -59.49
CA VAL J 122 58.04 11.17 -60.29
C VAL J 122 59.21 11.73 -61.07
N ASP J 123 60.41 11.67 -60.48
CA ASP J 123 61.61 11.90 -61.27
C ASP J 123 61.78 10.80 -62.32
N ALA J 124 61.39 9.58 -61.98
CA ALA J 124 61.44 8.50 -62.96
C ALA J 124 60.50 8.79 -64.13
N ALA J 125 59.25 9.13 -63.83
CA ALA J 125 58.30 9.38 -64.91
C ALA J 125 58.34 10.81 -65.45
N SER J 126 59.00 11.74 -64.77
CA SER J 126 59.08 13.10 -65.31
C SER J 126 60.31 13.26 -66.19
N ALA J 127 61.48 12.85 -65.69
CA ALA J 127 62.70 12.90 -66.49
C ALA J 127 62.65 11.93 -67.66
N ALA J 128 61.89 10.83 -67.52
CA ALA J 128 61.72 9.89 -68.63
C ALA J 128 61.00 10.52 -69.82
N ALA J 129 60.15 11.52 -69.58
CA ALA J 129 59.51 12.30 -70.64
C ALA J 129 60.24 13.61 -70.90
N ILE J 130 61.57 13.58 -70.81
CA ILE J 130 62.44 14.77 -70.91
C ILE J 130 61.80 15.93 -70.16
N LYS J 131 61.92 15.95 -68.84
CA LYS J 131 61.22 16.92 -68.00
C LYS J 131 61.99 17.11 -66.71
N ALA J 132 62.53 18.33 -66.51
CA ALA J 132 63.17 18.72 -65.26
C ALA J 132 62.14 18.96 -64.14
N VAL J 133 62.58 18.81 -62.89
CA VAL J 133 61.80 19.16 -61.70
C VAL J 133 62.76 19.76 -60.69
N GLU J 134 62.55 21.02 -60.32
CA GLU J 134 63.49 21.76 -59.48
C GLU J 134 63.12 21.68 -58.01
N ALA J 135 63.63 20.66 -57.31
CA ALA J 135 63.55 20.68 -55.85
C ALA J 135 64.35 21.88 -55.32
N ALA J 136 63.78 22.59 -54.35
CA ALA J 136 64.35 23.86 -53.92
C ALA J 136 65.73 23.64 -53.29
N GLY J 137 66.70 24.48 -53.66
CA GLY J 137 68.07 24.29 -53.24
C GLY J 137 68.72 25.49 -52.57
N LYS K 1 16.70 -51.47 6.92
CA LYS K 1 16.79 -50.12 7.48
C LYS K 1 17.96 -49.34 6.86
N ARG K 2 18.56 -48.41 7.61
CA ARG K 2 19.56 -47.51 7.01
C ARG K 2 20.73 -48.30 6.43
N THR K 3 21.16 -47.88 5.25
CA THR K 3 22.31 -48.46 4.59
C THR K 3 23.60 -47.81 5.10
N LYS K 4 24.72 -48.52 4.97
CA LYS K 4 26.00 -48.07 5.51
C LYS K 4 26.86 -47.32 4.49
N PHE K 5 26.25 -46.66 3.51
CA PHE K 5 26.86 -46.44 2.19
C PHE K 5 27.39 -45.05 1.82
N ARG K 6 26.70 -44.41 0.88
CA ARG K 6 27.28 -43.43 -0.03
C ARG K 6 26.56 -42.09 0.06
N LYS K 7 26.40 -41.37 -1.07
CA LYS K 7 26.08 -39.94 -1.08
C LYS K 7 24.80 -39.68 -0.31
N GLN K 8 24.80 -38.59 0.47
CA GLN K 8 23.77 -38.39 1.48
C GLN K 8 22.37 -38.22 0.89
N PHE K 9 22.24 -37.45 -0.21
CA PHE K 9 20.93 -36.95 -0.65
C PHE K 9 20.76 -37.12 -2.16
N ARG K 10 19.52 -36.89 -2.63
CA ARG K 10 19.05 -37.29 -3.97
C ARG K 10 18.02 -36.35 -4.60
N GLY K 11 17.03 -36.93 -5.30
CA GLY K 11 15.97 -36.20 -5.99
C GLY K 11 14.64 -36.93 -5.91
N ARG K 12 13.87 -37.02 -7.02
CA ARG K 12 12.56 -37.68 -6.96
C ARG K 12 11.66 -37.51 -8.20
N MET K 13 11.24 -38.61 -8.84
CA MET K 13 9.97 -38.72 -9.60
C MET K 13 9.64 -40.21 -9.75
N THR K 14 8.85 -40.57 -10.78
CA THR K 14 8.24 -41.91 -10.78
C THR K 14 7.94 -42.48 -12.17
N GLY K 15 7.86 -43.81 -12.22
CA GLY K 15 7.40 -44.64 -13.33
C GLY K 15 7.26 -46.08 -12.87
N ASP K 16 6.38 -46.86 -13.49
CA ASP K 16 6.08 -48.21 -13.00
C ASP K 16 7.34 -49.09 -12.91
N ALA K 17 7.40 -49.90 -11.86
CA ALA K 17 8.61 -50.64 -11.47
C ALA K 17 8.84 -51.84 -12.36
N LYS K 18 10.12 -52.22 -12.48
CA LYS K 18 10.52 -53.38 -13.25
C LYS K 18 11.24 -54.46 -12.44
N GLY K 19 11.99 -54.09 -11.41
CA GLY K 19 12.95 -55.01 -10.82
C GLY K 19 12.45 -56.04 -9.82
N GLY K 20 11.26 -56.58 -10.03
CA GLY K 20 10.77 -57.62 -9.14
C GLY K 20 9.26 -57.72 -9.12
N ASP K 21 8.67 -58.00 -10.27
CA ASP K 21 7.23 -58.17 -10.37
C ASP K 21 6.79 -59.58 -9.99
N TYR K 22 7.72 -60.53 -9.89
CA TYR K 22 7.40 -61.94 -9.72
C TYR K 22 8.02 -62.48 -8.45
N VAL K 23 7.35 -63.45 -7.84
CA VAL K 23 7.74 -63.95 -6.53
C VAL K 23 8.67 -65.12 -6.74
N ALA K 24 9.97 -64.88 -6.59
CA ALA K 24 10.97 -65.93 -6.76
C ALA K 24 11.08 -66.82 -5.52
N PHE K 25 11.40 -66.22 -4.38
CA PHE K 25 11.51 -66.94 -3.13
C PHE K 25 10.13 -67.23 -2.56
N GLY K 26 10.04 -68.32 -1.82
CA GLY K 26 8.86 -68.54 -1.00
C GLY K 26 7.65 -68.98 -1.81
N ASP K 27 6.52 -69.01 -1.11
CA ASP K 27 5.25 -69.44 -1.70
C ASP K 27 4.40 -68.25 -2.11
N TYR K 28 3.88 -67.53 -1.13
CA TYR K 28 2.97 -66.42 -1.37
C TYR K 28 3.68 -65.08 -1.31
N GLY K 29 3.02 -64.06 -1.84
CA GLY K 29 3.54 -62.71 -1.79
C GLY K 29 2.51 -61.58 -1.81
N LEU K 30 2.59 -60.68 -0.83
CA LEU K 30 1.91 -59.40 -0.90
C LEU K 30 2.65 -58.46 -1.83
N ILE K 31 1.92 -57.57 -2.49
CA ILE K 31 2.48 -56.82 -3.61
C ILE K 31 1.83 -55.44 -3.68
N ALA K 32 2.66 -54.44 -3.98
CA ALA K 32 2.25 -53.04 -4.00
C ALA K 32 1.42 -52.71 -5.23
N MET K 33 0.52 -51.74 -5.07
CA MET K 33 -0.35 -51.25 -6.13
C MET K 33 -0.22 -49.75 -6.41
N GLU K 34 0.50 -49.02 -5.57
CA GLU K 34 0.60 -47.57 -5.65
C GLU K 34 2.04 -47.13 -5.52
N PRO K 35 2.38 -45.95 -6.02
CA PRO K 35 3.78 -45.59 -6.24
C PRO K 35 4.46 -44.80 -5.12
N ALA K 36 4.05 -45.04 -3.88
CA ALA K 36 4.60 -44.27 -2.79
C ALA K 36 6.04 -44.70 -2.49
N TRP K 37 6.75 -43.83 -1.79
CA TRP K 37 7.90 -44.23 -0.98
C TRP K 37 7.44 -45.09 0.20
N ILE K 38 8.28 -46.03 0.64
CA ILE K 38 7.94 -46.94 1.72
C ILE K 38 8.82 -46.72 2.94
N LYS K 39 10.15 -46.72 2.77
CA LYS K 39 11.04 -46.19 3.80
C LYS K 39 11.01 -46.87 5.17
N SER K 40 12.09 -47.57 5.49
CA SER K 40 12.54 -47.84 6.85
C SER K 40 11.46 -48.40 7.77
N ASN K 41 11.05 -47.56 8.74
CA ASN K 41 10.22 -48.04 9.84
C ASN K 41 8.87 -48.55 9.37
N GLN K 42 8.37 -48.06 8.23
CA GLN K 42 7.15 -48.63 7.67
C GLN K 42 7.35 -50.12 7.37
N ILE K 43 8.43 -50.43 6.65
CA ILE K 43 8.78 -51.82 6.43
C ILE K 43 9.00 -52.53 7.75
N GLU K 44 9.85 -51.96 8.60
CA GLU K 44 10.24 -52.68 9.80
C GLU K 44 9.03 -53.02 10.65
N ALA K 45 8.01 -52.17 10.63
CA ALA K 45 6.76 -52.53 11.29
C ALA K 45 6.09 -53.70 10.56
N CYS K 46 6.14 -53.72 9.23
CA CYS K 46 5.61 -54.91 8.55
C CYS K 46 6.33 -56.16 9.01
N ARG K 47 7.65 -56.06 9.10
CA ARG K 47 8.49 -57.19 9.48
C ARG K 47 8.13 -57.66 10.89
N ILE K 48 8.04 -56.73 11.84
CA ILE K 48 7.80 -57.09 13.23
C ILE K 48 6.39 -57.63 13.42
N VAL K 49 5.41 -57.15 12.65
CA VAL K 49 4.09 -57.74 12.73
C VAL K 49 4.12 -59.19 12.25
N MET K 50 4.65 -59.40 11.04
CA MET K 50 4.59 -60.74 10.48
C MET K 50 5.43 -61.71 11.31
N SER K 51 6.56 -61.24 11.85
CA SER K 51 7.39 -62.09 12.71
C SER K 51 6.68 -62.43 14.01
N ARG K 52 5.85 -61.54 14.54
CA ARG K 52 5.01 -61.94 15.66
C ARG K 52 4.06 -63.05 15.23
N HIS K 53 3.29 -62.81 14.17
CA HIS K 53 2.24 -63.75 13.81
C HIS K 53 2.79 -65.12 13.44
N PHE K 54 3.99 -65.15 12.88
CA PHE K 54 4.49 -66.36 12.23
C PHE K 54 5.68 -67.01 12.93
N ARG K 55 6.44 -66.25 13.71
CA ARG K 55 7.77 -66.73 14.06
C ARG K 55 7.72 -67.75 15.21
N ARG K 56 8.85 -68.46 15.34
CA ARG K 56 8.91 -69.84 15.78
C ARG K 56 8.75 -70.66 14.51
N GLY K 57 8.21 -70.04 13.45
CA GLY K 57 8.03 -70.71 12.18
C GLY K 57 8.07 -69.75 11.01
N GLY K 58 8.14 -70.34 9.82
CA GLY K 58 8.02 -69.62 8.57
C GLY K 58 9.30 -68.93 8.16
N LYS K 59 9.37 -68.57 6.88
CA LYS K 59 10.49 -67.82 6.34
C LYS K 59 9.99 -66.50 5.76
N ILE K 60 10.62 -65.41 6.19
CA ILE K 60 10.17 -64.06 5.88
C ILE K 60 11.25 -63.38 5.03
N TYR K 61 10.89 -62.96 3.81
CA TYR K 61 11.81 -62.25 2.94
C TYR K 61 11.33 -60.81 2.73
N ILE K 62 12.25 -59.87 2.70
CA ILE K 62 11.92 -58.46 2.50
C ILE K 62 12.64 -58.02 1.25
N ARG K 63 11.97 -58.14 0.11
CA ARG K 63 12.64 -57.91 -1.18
C ARG K 63 12.84 -56.44 -1.46
N ILE K 64 12.27 -55.57 -0.65
CA ILE K 64 12.38 -54.13 -0.80
C ILE K 64 13.44 -53.60 0.15
N PHE K 65 14.05 -52.46 -0.19
CA PHE K 65 15.06 -51.95 0.73
C PHE K 65 15.26 -50.44 0.76
N PRO K 66 15.19 -49.82 1.96
CA PRO K 66 15.40 -48.37 2.11
C PRO K 66 16.66 -47.80 1.49
N ASP K 67 16.66 -47.67 0.16
CA ASP K 67 17.82 -47.14 -0.52
C ASP K 67 17.91 -45.61 -0.40
N LYS K 68 16.79 -44.93 -0.59
CA LYS K 68 16.78 -43.53 -0.99
C LYS K 68 16.71 -42.61 0.23
N PRO K 69 17.72 -41.77 0.46
CA PRO K 69 17.62 -40.77 1.52
C PRO K 69 16.54 -39.74 1.25
N VAL K 70 15.92 -39.26 2.34
CA VAL K 70 14.98 -38.14 2.29
C VAL K 70 15.26 -37.19 3.44
N THR K 71 15.07 -35.90 3.17
CA THR K 71 15.56 -34.79 3.97
C THR K 71 14.43 -33.95 4.57
N LYS K 72 14.75 -33.33 5.70
CA LYS K 72 13.89 -32.38 6.39
C LYS K 72 14.73 -31.15 6.69
N LYS K 73 14.29 -30.01 6.23
CA LYS K 73 14.92 -28.80 6.69
C LYS K 73 14.66 -28.63 8.20
N PRO K 74 15.53 -27.91 8.90
CA PRO K 74 15.29 -27.68 10.33
C PRO K 74 14.00 -26.94 10.59
N ALA K 75 13.34 -27.33 11.67
CA ALA K 75 12.43 -26.50 12.45
C ALA K 75 11.53 -25.58 11.63
N GLU K 76 12.06 -24.39 11.30
CA GLU K 76 11.18 -23.31 10.95
C GLU K 76 11.88 -22.19 10.21
N THR K 77 12.88 -22.53 9.39
CA THR K 77 13.66 -21.46 8.78
C THR K 77 13.11 -21.12 7.41
N ARG K 78 13.58 -20.00 6.87
CA ARG K 78 13.32 -19.65 5.48
C ARG K 78 14.11 -20.55 4.54
N MET K 79 13.66 -20.62 3.29
CA MET K 79 14.43 -21.33 2.27
C MET K 79 15.85 -20.78 2.32
N GLY K 80 16.76 -21.52 2.95
CA GLY K 80 17.98 -20.93 3.48
C GLY K 80 19.27 -21.39 2.85
N LYS K 81 20.13 -22.02 3.64
CA LYS K 81 21.35 -22.62 3.10
C LYS K 81 20.95 -23.77 2.18
N GLY K 82 21.44 -24.98 2.43
CA GLY K 82 21.16 -26.12 1.58
C GLY K 82 20.01 -26.96 2.09
N LYS K 83 19.99 -28.22 1.64
CA LYS K 83 18.97 -29.14 2.11
C LYS K 83 19.32 -29.68 3.50
N GLY K 84 18.43 -30.49 4.06
CA GLY K 84 18.56 -30.96 5.45
C GLY K 84 19.11 -32.36 5.55
N ALA K 85 20.11 -32.53 6.42
CA ALA K 85 21.17 -33.53 6.23
C ALA K 85 20.69 -34.98 6.33
N VAL K 86 19.52 -35.19 6.89
CA VAL K 86 19.16 -36.50 7.40
C VAL K 86 17.65 -36.54 7.28
N GLU K 87 17.06 -37.63 7.74
CA GLU K 87 15.71 -37.69 8.27
C GLU K 87 15.26 -39.13 8.15
N TYR K 88 15.01 -39.59 6.93
CA TYR K 88 14.70 -41.01 6.91
C TYR K 88 15.03 -41.59 5.56
N TRP K 89 15.26 -42.90 5.55
CA TRP K 89 15.52 -43.62 4.33
C TRP K 89 14.24 -44.30 3.84
N VAL K 90 14.07 -44.34 2.52
CA VAL K 90 12.86 -44.84 1.89
C VAL K 90 13.22 -45.89 0.85
N SER K 91 12.21 -46.60 0.38
CA SER K 91 12.31 -47.41 -0.82
C SER K 91 11.16 -47.06 -1.72
N VAL K 92 11.46 -46.56 -2.92
CA VAL K 92 10.42 -46.32 -3.88
C VAL K 92 9.76 -47.65 -4.22
N VAL K 93 8.48 -47.61 -4.53
CA VAL K 93 7.71 -48.83 -4.71
C VAL K 93 6.61 -48.59 -5.74
N LYS K 94 6.69 -49.27 -6.88
CA LYS K 94 5.76 -49.11 -7.98
C LYS K 94 4.87 -50.35 -8.12
N PRO K 95 3.66 -50.21 -8.68
CA PRO K 95 2.71 -51.34 -8.65
C PRO K 95 3.24 -52.55 -9.41
N GLY K 96 2.93 -53.73 -8.86
CA GLY K 96 3.49 -54.97 -9.35
C GLY K 96 4.80 -55.34 -8.72
N ARG K 97 5.45 -54.38 -8.05
CA ARG K 97 6.62 -54.68 -7.25
C ARG K 97 6.25 -55.51 -6.04
N VAL K 98 7.05 -56.52 -5.73
CA VAL K 98 6.77 -57.41 -4.63
C VAL K 98 7.61 -56.98 -3.43
N MET K 99 6.93 -56.68 -2.32
CA MET K 99 7.62 -56.32 -1.10
C MET K 99 7.83 -57.52 -0.19
N PHE K 100 6.85 -58.41 -0.14
CA PHE K 100 6.80 -59.46 0.87
C PHE K 100 6.38 -60.78 0.23
N GLU K 101 6.64 -61.86 0.96
CA GLU K 101 6.47 -63.23 0.49
C GLU K 101 6.84 -64.22 1.62
N VAL K 102 5.91 -65.06 2.02
CA VAL K 102 6.14 -65.96 3.13
C VAL K 102 6.59 -67.31 2.61
N ALA K 103 7.08 -68.15 3.52
CA ALA K 103 7.41 -69.53 3.23
C ALA K 103 6.95 -70.41 4.38
N GLY K 104 6.51 -71.62 4.05
CA GLY K 104 6.24 -72.60 5.09
C GLY K 104 5.11 -72.23 6.02
N VAL K 105 4.07 -71.61 5.50
CA VAL K 105 2.90 -71.23 6.28
C VAL K 105 1.65 -71.50 5.45
N THR K 106 0.58 -71.95 6.09
CA THR K 106 -0.61 -72.32 5.36
C THR K 106 -1.20 -71.09 4.67
N GLU K 107 -1.94 -71.34 3.60
CA GLU K 107 -2.55 -70.25 2.85
C GLU K 107 -3.27 -69.26 3.75
N GLU K 108 -4.15 -69.75 4.63
CA GLU K 108 -4.98 -68.84 5.41
C GLU K 108 -4.14 -67.99 6.36
N GLN K 109 -3.14 -68.59 7.01
CA GLN K 109 -2.34 -67.79 7.93
C GLN K 109 -1.53 -66.75 7.19
N ALA K 110 -1.09 -67.05 5.96
CA ALA K 110 -0.46 -66.02 5.17
C ALA K 110 -1.44 -64.92 4.82
N LYS K 111 -2.72 -65.26 4.60
CA LYS K 111 -3.73 -64.23 4.41
C LYS K 111 -3.74 -63.27 5.59
N GLU K 112 -3.90 -63.82 6.79
CA GLU K 112 -4.03 -62.96 7.97
C GLU K 112 -2.76 -62.14 8.21
N ALA K 113 -1.59 -62.71 7.92
CA ALA K 113 -0.34 -62.01 8.17
C ALA K 113 -0.14 -60.87 7.20
N PHE K 114 -0.44 -61.10 5.91
CA PHE K 114 -0.41 -60.02 4.94
C PHE K 114 -1.42 -58.94 5.28
N ARG K 115 -2.58 -59.32 5.82
CA ARG K 115 -3.59 -58.34 6.19
C ARG K 115 -3.07 -57.42 7.30
N LEU K 116 -2.52 -58.02 8.35
CA LEU K 116 -1.95 -57.21 9.42
C LEU K 116 -0.87 -56.30 8.86
N ALA K 117 0.10 -56.85 8.13
CA ALA K 117 1.22 -56.03 7.70
C ALA K 117 0.77 -54.89 6.80
N GLY K 118 -0.24 -55.14 5.95
CA GLY K 118 -0.70 -54.11 5.04
C GLY K 118 -1.62 -53.08 5.65
N HIS K 119 -2.12 -53.33 6.86
CA HIS K 119 -2.89 -52.28 7.52
C HIS K 119 -2.02 -51.15 8.05
N LYS K 120 -0.70 -51.19 7.88
CA LYS K 120 0.20 -50.09 8.23
C LYS K 120 1.17 -49.77 7.09
N LEU K 121 0.67 -49.71 5.86
CA LEU K 121 1.47 -49.26 4.74
C LEU K 121 0.74 -48.14 4.00
N PRO K 122 1.48 -47.13 3.52
CA PRO K 122 0.79 -45.99 2.88
C PRO K 122 -0.05 -46.40 1.69
N ILE K 123 0.36 -47.41 0.95
CA ILE K 123 -0.35 -47.88 -0.24
C ILE K 123 -1.33 -48.96 0.16
N GLN K 124 -2.41 -49.07 -0.60
CA GLN K 124 -3.14 -50.33 -0.59
C GLN K 124 -2.36 -51.36 -1.40
N THR K 125 -2.59 -52.64 -1.10
CA THR K 125 -1.80 -53.68 -1.73
C THR K 125 -2.61 -54.96 -1.83
N LYS K 126 -2.24 -55.81 -2.80
CA LYS K 126 -2.93 -57.07 -3.04
C LYS K 126 -1.94 -58.22 -2.91
N MET K 127 -2.41 -59.33 -2.33
CA MET K 127 -1.62 -60.54 -2.19
C MET K 127 -1.93 -61.49 -3.33
N VAL K 128 -1.01 -62.42 -3.58
CA VAL K 128 -1.21 -63.49 -4.55
C VAL K 128 -0.33 -64.68 -4.18
N LYS K 129 -0.80 -65.88 -4.51
CA LYS K 129 0.07 -67.03 -4.71
C LYS K 129 0.71 -66.94 -6.08
N ARG K 130 1.89 -67.54 -6.24
CA ARG K 130 2.61 -67.44 -7.50
C ARG K 130 1.95 -68.29 -8.58
N GLU K 131 1.56 -67.66 -9.70
CA GLU K 131 1.11 -68.41 -10.87
C GLU K 131 2.27 -69.27 -11.38
N VAL K 132 2.16 -69.73 -12.62
CA VAL K 132 3.31 -70.23 -13.34
C VAL K 132 4.32 -69.09 -13.54
N TYR K 133 5.60 -69.43 -13.49
CA TYR K 133 6.60 -68.37 -13.54
C TYR K 133 7.75 -68.74 -14.46
N ASP K 134 8.33 -67.69 -15.05
CA ASP K 134 9.56 -67.75 -15.83
C ASP K 134 10.36 -66.48 -15.56
N GLU K 135 11.66 -66.56 -15.87
CA GLU K 135 12.70 -65.59 -15.55
C GLU K 135 13.75 -66.26 -14.65
N ALA K 136 14.71 -66.96 -15.26
CA ALA K 136 15.73 -67.69 -14.51
C ALA K 136 17.11 -67.53 -15.15
N MET L 1 -36.78 13.08 34.13
CA MET L 1 -38.22 13.00 34.30
C MET L 1 -38.76 14.11 35.22
N ARG L 2 -40.07 14.17 35.45
CA ARG L 2 -40.65 15.37 36.06
C ARG L 2 -42.15 15.25 36.26
N HIS L 3 -42.65 14.22 36.93
CA HIS L 3 -44.10 13.99 36.99
C HIS L 3 -44.80 14.76 38.10
N GLY L 4 -44.13 15.72 38.73
CA GLY L 4 -44.76 16.64 39.66
C GLY L 4 -43.87 17.86 39.66
N LYS L 5 -44.47 19.03 39.64
CA LYS L 5 -43.70 20.21 39.28
C LYS L 5 -44.18 21.43 40.06
N ALA L 6 -43.25 22.04 40.77
CA ALA L 6 -43.38 23.45 41.08
C ALA L 6 -42.73 24.17 39.91
N GLY L 7 -43.57 24.55 38.95
CA GLY L 7 -43.20 25.62 38.04
C GLY L 7 -41.86 25.37 37.36
N ARG L 8 -41.05 26.42 37.35
CA ARG L 8 -40.06 26.62 36.31
C ARG L 8 -38.73 26.90 36.95
N LYS L 9 -37.67 26.48 36.28
CA LYS L 9 -36.36 26.99 36.65
C LYS L 9 -36.07 28.34 36.01
N LEU L 10 -36.92 28.81 35.10
CA LEU L 10 -36.56 29.84 34.14
C LEU L 10 -35.22 29.50 33.49
N ASN L 11 -34.14 30.09 33.94
CA ASN L 11 -32.85 29.52 33.58
C ASN L 11 -31.97 30.17 34.60
N ARG L 12 -32.22 29.80 35.85
CA ARG L 12 -31.74 30.49 37.04
C ARG L 12 -31.72 29.51 38.22
N ASN L 13 -30.91 29.85 39.21
CA ASN L 13 -30.68 29.08 40.42
C ASN L 13 -31.65 29.47 41.53
N SER L 14 -31.74 28.61 42.53
CA SER L 14 -32.74 28.80 43.58
C SER L 14 -32.77 30.24 44.09
N SER L 15 -31.60 30.86 44.25
CA SER L 15 -31.58 32.19 44.82
C SER L 15 -32.30 33.17 43.90
N ALA L 16 -31.96 33.12 42.60
CA ALA L 16 -32.53 34.08 41.67
C ALA L 16 -34.03 33.85 41.51
N ARG L 17 -34.43 32.63 41.19
CA ARG L 17 -35.86 32.32 41.06
C ARG L 17 -36.67 33.14 42.05
N VAL L 18 -36.22 33.10 43.30
CA VAL L 18 -36.86 33.84 44.38
C VAL L 18 -36.73 35.33 44.16
N ALA L 19 -35.50 35.83 43.96
CA ALA L 19 -35.35 37.28 43.93
C ALA L 19 -36.17 37.90 42.82
N LEU L 20 -36.29 37.19 41.70
CA LEU L 20 -37.17 37.60 40.61
C LEU L 20 -38.61 37.62 41.10
N ALA L 21 -39.17 36.45 41.41
CA ALA L 21 -40.59 36.47 41.74
C ALA L 21 -40.88 37.54 42.79
N ARG L 22 -39.93 37.80 43.67
CA ARG L 22 -40.17 38.86 44.65
C ARG L 22 -40.23 40.20 43.96
N ALA L 23 -39.21 40.53 43.18
CA ALA L 23 -39.20 41.85 42.56
C ALA L 23 -40.44 42.06 41.71
N GLN L 24 -40.77 41.09 40.85
CA GLN L 24 -41.94 41.24 39.98
C GLN L 24 -43.23 41.30 40.78
N ALA L 25 -43.34 40.60 41.89
CA ALA L 25 -44.53 40.85 42.67
C ALA L 25 -44.54 42.30 43.16
N THR L 26 -43.37 42.80 43.55
CA THR L 26 -43.30 44.17 44.06
C THR L 26 -43.72 45.15 43.01
N ALA L 27 -43.31 44.94 41.77
CA ALA L 27 -43.64 45.90 40.73
C ALA L 27 -45.09 45.80 40.33
N LEU L 28 -45.64 44.60 40.19
CA LEU L 28 -47.05 44.55 39.82
C LEU L 28 -47.89 45.18 40.90
N LEU L 29 -47.49 45.05 42.18
CA LEU L 29 -48.29 45.63 43.25
C LEU L 29 -48.14 47.15 43.29
N ARG L 30 -46.93 47.64 43.06
CA ARG L 30 -46.75 49.08 43.00
C ARG L 30 -47.45 49.70 41.80
N GLU L 31 -47.63 48.94 40.72
CA GLU L 31 -47.95 49.50 39.42
C GLU L 31 -49.27 49.07 38.81
N GLY L 32 -50.03 48.18 39.45
CA GLY L 32 -51.34 47.83 38.98
C GLY L 32 -51.37 46.82 37.85
N ARG L 33 -50.40 46.93 36.94
CA ARG L 33 -50.26 46.07 35.78
C ARG L 33 -48.86 46.29 35.26
N ILE L 34 -48.25 45.23 34.70
CA ILE L 34 -46.99 45.38 33.98
C ILE L 34 -46.94 44.34 32.88
N GLN L 35 -46.18 44.60 31.85
CA GLN L 35 -45.96 43.58 30.84
C GLN L 35 -44.55 43.05 30.98
N THR L 36 -44.42 41.76 30.73
CA THR L 36 -43.15 41.03 30.75
C THR L 36 -43.34 39.80 29.86
N THR L 37 -42.33 38.93 29.83
CA THR L 37 -42.43 37.74 28.99
C THR L 37 -43.65 36.92 29.41
N LEU L 38 -44.27 36.23 28.46
CA LEU L 38 -45.47 35.49 28.82
C LEU L 38 -45.16 34.47 29.91
N THR L 39 -44.00 33.82 29.83
CA THR L 39 -43.55 32.88 30.84
C THR L 39 -43.56 33.58 32.19
N LYS L 40 -42.68 34.58 32.36
CA LYS L 40 -42.50 35.17 33.68
C LYS L 40 -43.81 35.69 34.26
N ALA L 41 -44.74 36.06 33.39
CA ALA L 41 -46.08 36.40 33.85
C ALA L 41 -46.81 35.18 34.38
N LYS L 42 -46.83 34.10 33.62
CA LYS L 42 -47.50 32.91 34.13
C LYS L 42 -46.88 32.47 35.46
N GLU L 43 -45.56 32.60 35.58
CA GLU L 43 -44.92 32.27 36.85
C GLU L 43 -45.30 33.26 37.94
N LEU L 44 -45.50 34.54 37.59
CA LEU L 44 -45.82 35.53 38.62
C LEU L 44 -47.19 35.32 39.19
N ARG L 45 -48.10 34.82 38.38
CA ARG L 45 -49.51 34.91 38.76
C ARG L 45 -49.78 34.37 40.16
N PRO L 46 -49.35 33.14 40.53
CA PRO L 46 -49.77 32.59 41.82
C PRO L 46 -48.96 33.13 42.98
N PHE L 47 -47.70 33.48 42.79
CA PHE L 47 -46.96 34.07 43.90
C PHE L 47 -47.66 35.33 44.41
N VAL L 48 -47.96 36.23 43.49
CA VAL L 48 -48.59 37.48 43.89
C VAL L 48 -50.01 37.21 44.35
N GLU L 49 -50.71 36.23 43.77
CA GLU L 49 -52.06 35.97 44.25
C GLU L 49 -52.04 35.56 45.73
N GLN L 50 -51.13 34.65 46.08
CA GLN L 50 -51.02 34.20 47.46
C GLN L 50 -50.56 35.35 48.36
N LEU L 51 -49.69 36.22 47.86
CA LEU L 51 -49.22 37.33 48.69
C LEU L 51 -50.38 38.23 49.08
N ILE L 52 -51.24 38.54 48.12
CA ILE L 52 -52.37 39.38 48.48
C ILE L 52 -53.27 38.63 49.45
N THR L 53 -53.39 37.30 49.29
CA THR L 53 -54.22 36.56 50.25
C THR L 53 -53.61 36.55 51.65
N THR L 54 -52.29 36.62 51.75
CA THR L 54 -51.68 36.72 53.06
C THR L 54 -52.04 38.04 53.71
N ALA L 55 -51.84 39.13 52.95
CA ALA L 55 -52.09 40.47 53.50
C ALA L 55 -53.56 40.69 53.83
N LYS L 56 -54.43 39.92 53.20
CA LYS L 56 -55.86 39.99 53.40
C LYS L 56 -56.26 39.64 54.84
N GLY L 57 -55.31 39.24 55.67
CA GLY L 57 -55.67 38.96 57.06
C GLY L 57 -55.66 40.12 58.06
N GLY L 58 -54.93 41.19 57.76
CA GLY L 58 -55.01 42.45 58.51
C GLY L 58 -54.15 42.66 59.74
N ASP L 59 -53.94 41.58 60.51
CA ASP L 59 -53.20 41.63 61.75
C ASP L 59 -51.71 41.82 61.49
N LEU L 60 -50.99 42.19 62.53
CA LEU L 60 -49.58 42.47 62.34
C LEU L 60 -48.85 41.27 61.77
N HIS L 61 -49.29 40.06 62.11
CA HIS L 61 -48.61 38.87 61.58
C HIS L 61 -48.61 38.88 60.07
N SER L 62 -49.78 39.10 59.47
CA SER L 62 -49.84 39.05 58.02
C SER L 62 -48.98 40.15 57.40
N ARG L 63 -48.88 41.29 58.06
CA ARG L 63 -48.01 42.34 57.51
C ARG L 63 -46.56 41.93 57.56
N ARG L 64 -46.14 41.31 58.67
CA ARG L 64 -44.75 40.90 58.76
C ARG L 64 -44.44 39.73 57.81
N LEU L 65 -45.44 38.88 57.57
CA LEU L 65 -45.30 37.85 56.54
C LEU L 65 -45.05 38.49 55.19
N VAL L 66 -45.86 39.50 54.85
CA VAL L 66 -45.69 40.16 53.55
C VAL L 66 -44.35 40.86 53.50
N ALA L 67 -43.92 41.43 54.62
CA ALA L 67 -42.62 42.06 54.68
C ALA L 67 -41.50 41.09 54.40
N GLN L 68 -41.73 39.80 54.64
CA GLN L 68 -40.72 38.81 54.30
C GLN L 68 -40.36 38.82 52.81
N ASP L 69 -41.31 39.15 51.93
CA ASP L 69 -41.09 39.10 50.48
C ASP L 69 -41.05 40.45 49.80
N ILE L 70 -41.88 41.39 50.23
CA ILE L 70 -41.96 42.72 49.64
C ILE L 70 -41.15 43.62 50.55
N HIS L 71 -39.87 43.80 50.25
CA HIS L 71 -38.98 44.48 51.18
C HIS L 71 -39.00 45.99 51.04
N ASP L 72 -39.88 46.55 50.20
CA ASP L 72 -40.13 47.99 50.06
C ASP L 72 -41.36 48.43 50.85
N LYS L 73 -41.17 49.31 51.84
CA LYS L 73 -42.19 49.48 52.88
C LYS L 73 -43.48 50.07 52.34
N ASP L 74 -43.38 50.90 51.31
CA ASP L 74 -44.59 51.52 50.80
C ASP L 74 -45.45 50.53 50.03
N VAL L 75 -44.83 49.64 49.24
CA VAL L 75 -45.65 48.66 48.56
C VAL L 75 -46.35 47.77 49.57
N VAL L 76 -45.64 47.37 50.63
CA VAL L 76 -46.30 46.53 51.61
C VAL L 76 -47.45 47.29 52.24
N ARG L 77 -47.26 48.60 52.45
CA ARG L 77 -48.32 49.40 53.04
C ARG L 77 -49.52 49.44 52.12
N LYS L 78 -49.28 49.64 50.83
CA LYS L 78 -50.37 49.73 49.89
C LYS L 78 -51.13 48.42 49.83
N VAL L 79 -50.40 47.31 49.79
CA VAL L 79 -51.03 46.00 49.67
C VAL L 79 -51.82 45.67 50.92
N MET L 80 -51.35 46.16 52.07
CA MET L 80 -51.95 45.86 53.35
C MET L 80 -53.25 46.64 53.58
N ASP L 81 -53.16 47.95 53.38
CA ASP L 81 -54.23 48.87 53.75
C ASP L 81 -55.02 49.38 52.56
N GLU L 82 -54.55 49.14 51.33
CA GLU L 82 -55.27 49.57 50.16
C GLU L 82 -55.81 48.41 49.34
N VAL L 83 -54.93 47.54 48.85
CA VAL L 83 -55.34 46.59 47.82
C VAL L 83 -56.05 45.40 48.44
N ALA L 84 -55.43 44.77 49.42
CA ALA L 84 -56.06 43.61 50.05
C ALA L 84 -57.44 43.96 50.56
N PRO L 85 -57.62 45.05 51.30
CA PRO L 85 -58.97 45.35 51.76
C PRO L 85 -59.91 45.48 50.59
N LYS L 86 -59.45 46.00 49.46
CA LYS L 86 -60.35 46.13 48.32
C LYS L 86 -60.76 44.75 47.84
N TYR L 87 -59.85 43.80 47.95
CA TYR L 87 -60.14 42.48 47.44
C TYR L 87 -60.94 41.66 48.43
N ALA L 88 -61.25 42.24 49.59
CA ALA L 88 -62.18 41.68 50.57
C ALA L 88 -63.04 40.55 50.03
N GLU L 89 -64.11 40.85 49.30
CA GLU L 89 -65.07 39.82 48.93
C GLU L 89 -64.73 39.07 47.65
N ARG L 90 -63.49 39.19 47.16
CA ARG L 90 -63.05 38.48 45.97
C ARG L 90 -62.31 37.21 46.35
N PRO L 91 -62.83 36.02 46.02
CA PRO L 91 -62.22 34.72 46.37
C PRO L 91 -61.13 34.30 45.40
N GLY L 92 -60.00 34.99 45.45
CA GLY L 92 -58.94 34.70 44.52
C GLY L 92 -59.20 35.25 43.13
N GLY L 93 -58.28 34.95 42.25
CA GLY L 93 -58.46 35.57 40.95
C GLY L 93 -58.17 37.05 41.05
N TYR L 94 -57.18 37.42 41.84
CA TYR L 94 -56.82 38.81 41.99
C TYR L 94 -56.07 39.33 40.78
N THR L 95 -55.77 38.44 39.84
CA THR L 95 -54.79 38.75 38.83
C THR L 95 -55.26 38.15 37.50
N ARG L 96 -54.95 38.84 36.39
CA ARG L 96 -55.22 38.33 35.04
C ARG L 96 -54.05 38.61 34.08
N ILE L 97 -53.98 37.80 33.00
CA ILE L 97 -52.96 37.94 31.96
C ILE L 97 -53.60 37.95 30.59
N LEU L 98 -53.07 38.79 29.70
CA LEU L 98 -53.47 38.78 28.29
C LEU L 98 -52.25 39.09 27.45
N ARG L 99 -52.19 38.45 26.28
CA ARG L 99 -50.92 38.34 25.57
C ARG L 99 -50.90 39.25 24.36
N VAL L 100 -49.79 39.94 24.18
CA VAL L 100 -49.70 41.07 23.28
C VAL L 100 -48.60 40.89 22.25
N GLY L 101 -48.57 39.74 21.56
CA GLY L 101 -47.67 39.62 20.42
C GLY L 101 -46.18 39.58 20.78
N THR L 102 -45.36 39.81 19.77
CA THR L 102 -43.99 39.31 19.79
C THR L 102 -43.00 40.47 19.72
N ARG L 103 -41.83 40.28 20.32
CA ARG L 103 -40.82 41.31 20.45
C ARG L 103 -39.83 41.29 19.28
N ARG L 104 -39.17 42.44 19.07
CA ARG L 104 -38.26 42.51 17.92
C ARG L 104 -36.99 41.71 18.15
N GLY L 105 -36.28 41.97 19.25
CA GLY L 105 -34.86 41.62 19.33
C GLY L 105 -34.58 40.14 19.50
N ASP L 106 -35.29 39.48 20.41
CA ASP L 106 -35.21 38.04 20.62
C ASP L 106 -36.42 37.33 20.04
N GLY L 107 -37.36 38.06 19.47
CA GLY L 107 -38.50 37.40 18.86
C GLY L 107 -39.30 36.60 19.84
N VAL L 108 -39.34 37.06 21.14
CA VAL L 108 -40.07 36.51 22.27
C VAL L 108 -41.44 37.16 22.34
N THR L 109 -42.43 36.47 22.90
CA THR L 109 -43.78 37.05 22.96
C THR L 109 -44.11 37.57 24.37
N MET L 110 -44.25 38.89 24.52
CA MET L 110 -44.62 39.52 25.78
C MET L 110 -46.12 39.44 26.05
N ALA L 111 -46.50 39.69 27.29
CA ALA L 111 -47.91 39.86 27.66
C ALA L 111 -48.01 40.71 28.90
N LEU L 112 -49.22 41.16 29.19
CA LEU L 112 -49.47 41.97 30.36
C LEU L 112 -50.15 41.13 31.43
N ILE L 113 -49.81 41.45 32.67
CA ILE L 113 -50.47 40.91 33.84
C ILE L 113 -50.91 42.10 34.68
N GLU L 114 -52.15 42.07 35.14
CA GLU L 114 -52.68 43.23 35.81
C GLU L 114 -53.65 42.80 36.89
N LEU L 115 -53.79 43.69 37.88
CA LEU L 115 -54.72 43.51 38.98
C LEU L 115 -56.17 43.58 38.48
N VAL L 116 -57.01 42.78 39.11
CA VAL L 116 -58.34 42.55 38.61
C VAL L 116 -59.33 43.56 39.10
N ARG M 1 57.65 -61.46 -28.88
CA ARG M 1 58.00 -60.21 -29.55
C ARG M 1 56.94 -59.79 -30.58
N ARG M 2 56.30 -58.63 -30.37
CA ARG M 2 55.20 -58.22 -31.24
C ARG M 2 55.06 -56.73 -31.41
N LYS M 3 54.99 -56.00 -30.28
CA LYS M 3 54.50 -54.63 -30.32
C LYS M 3 55.31 -53.74 -31.25
N LEU M 4 56.61 -54.00 -31.40
CA LEU M 4 57.43 -53.16 -32.26
C LEU M 4 57.00 -53.25 -33.71
N ARG M 5 56.50 -54.41 -34.12
CA ARG M 5 56.03 -54.57 -35.49
C ARG M 5 54.94 -53.57 -35.80
N THR M 6 53.81 -53.67 -35.09
CA THR M 6 52.70 -52.77 -35.34
C THR M 6 53.07 -51.33 -34.98
N ARG M 7 54.02 -51.12 -34.07
CA ARG M 7 54.46 -49.76 -33.77
C ARG M 7 55.06 -49.09 -34.99
N ARG M 8 56.15 -49.66 -35.54
CA ARG M 8 56.74 -49.05 -36.72
C ARG M 8 55.80 -49.10 -37.91
N LYS M 9 54.92 -50.11 -37.95
CA LYS M 9 53.91 -50.19 -39.00
C LYS M 9 52.88 -49.07 -38.88
N VAL M 10 52.59 -48.58 -37.68
CA VAL M 10 51.72 -47.42 -37.59
C VAL M 10 52.50 -46.14 -37.90
N ARG M 11 53.73 -46.03 -37.39
CA ARG M 11 54.48 -44.82 -37.73
C ARG M 11 54.91 -44.81 -39.19
N THR M 12 55.02 -45.97 -39.84
CA THR M 12 55.34 -45.97 -41.27
C THR M 12 54.17 -45.48 -42.09
N THR M 13 52.96 -46.02 -41.86
CA THR M 13 51.83 -45.66 -42.71
C THR M 13 51.22 -44.33 -42.31
N THR M 14 51.66 -43.74 -41.20
CA THR M 14 51.44 -42.32 -41.01
C THR M 14 52.36 -41.51 -41.90
N ALA M 15 53.67 -41.76 -41.83
CA ALA M 15 54.61 -41.03 -42.69
C ALA M 15 54.37 -41.33 -44.16
N ALA M 16 53.71 -42.45 -44.47
CA ALA M 16 53.36 -42.84 -45.83
C ALA M 16 52.28 -41.90 -46.35
N SER M 17 52.71 -40.93 -47.16
CA SER M 17 51.81 -40.08 -47.94
C SER M 17 52.54 -39.80 -49.25
N GLY M 18 52.07 -40.43 -50.32
CA GLY M 18 52.81 -40.48 -51.56
C GLY M 18 53.77 -41.65 -51.62
N ARG M 19 54.70 -41.72 -50.66
CA ARG M 19 55.81 -42.67 -50.71
C ARG M 19 55.33 -44.11 -50.54
N LEU M 20 56.06 -45.05 -51.14
CA LEU M 20 55.73 -46.46 -51.11
C LEU M 20 56.42 -47.19 -49.96
N ARG M 21 55.85 -48.34 -49.60
CA ARG M 21 56.38 -49.19 -48.54
C ARG M 21 57.54 -50.05 -49.03
N LEU M 22 58.39 -50.47 -48.07
CA LEU M 22 59.55 -51.32 -48.35
C LEU M 22 59.80 -52.21 -47.12
N SER M 23 59.05 -53.32 -47.04
CA SER M 23 59.01 -54.15 -45.82
C SER M 23 60.04 -55.28 -45.89
N VAL M 24 61.20 -55.06 -45.27
CA VAL M 24 62.21 -56.10 -45.18
C VAL M 24 61.78 -57.16 -44.16
N TYR M 25 61.75 -58.42 -44.59
CA TYR M 25 61.53 -59.55 -43.70
C TYR M 25 62.86 -60.24 -43.43
N ARG M 26 63.16 -60.50 -42.16
CA ARG M 26 64.49 -60.94 -41.78
C ARG M 26 64.50 -62.10 -40.80
N SER M 27 63.35 -62.52 -40.28
CA SER M 27 63.35 -63.46 -39.15
C SER M 27 64.02 -64.79 -39.49
N SER M 28 64.04 -65.17 -40.77
CA SER M 28 64.68 -66.39 -41.20
C SER M 28 65.96 -66.03 -41.96
N LYS M 29 66.48 -67.00 -42.72
CA LYS M 29 67.50 -66.73 -43.74
C LYS M 29 66.84 -66.55 -45.10
N HIS M 30 65.84 -65.65 -45.09
CA HIS M 30 64.89 -65.42 -46.18
C HIS M 30 64.74 -63.93 -46.46
N ILE M 31 65.76 -63.13 -46.13
CA ILE M 31 65.61 -61.68 -46.00
C ILE M 31 64.86 -61.09 -47.19
N TYR M 32 63.65 -61.59 -47.42
CA TYR M 32 62.82 -61.10 -48.51
C TYR M 32 62.52 -59.63 -48.31
N ALA M 33 62.33 -58.92 -49.41
CA ALA M 33 61.93 -57.51 -49.35
C ALA M 33 60.83 -57.28 -50.38
N GLN M 34 59.91 -56.37 -50.06
CA GLN M 34 58.82 -56.01 -50.96
C GLN M 34 58.71 -54.49 -51.06
N ILE M 35 58.10 -54.03 -52.15
CA ILE M 35 57.74 -52.63 -52.33
C ILE M 35 56.24 -52.59 -52.52
N ILE M 36 55.53 -52.09 -51.50
CA ILE M 36 54.07 -52.11 -51.46
C ILE M 36 53.55 -50.68 -51.60
N ASP M 37 52.56 -50.52 -52.47
CA ASP M 37 51.86 -49.26 -52.62
C ASP M 37 50.72 -49.27 -51.62
N ASP M 38 50.94 -48.65 -50.47
CA ASP M 38 49.87 -48.56 -49.51
C ASP M 38 48.73 -47.77 -50.14
N SER M 39 47.50 -48.08 -49.71
CA SER M 39 46.27 -47.70 -50.39
C SER M 39 45.84 -48.87 -51.26
N ARG M 40 46.34 -48.91 -52.49
CA ARG M 40 46.08 -50.07 -53.32
C ARG M 40 46.63 -51.31 -52.60
N GLY M 41 45.84 -52.37 -52.59
CA GLY M 41 46.23 -53.53 -51.81
C GLY M 41 47.29 -54.34 -52.52
N GLN M 42 48.30 -53.69 -53.10
CA GLN M 42 49.23 -54.31 -54.04
C GLN M 42 50.68 -54.08 -53.65
N THR M 43 51.52 -55.06 -53.96
CA THR M 43 52.96 -54.91 -54.00
C THR M 43 53.40 -54.82 -55.46
N LEU M 44 54.59 -54.24 -55.67
CA LEU M 44 55.12 -54.14 -57.03
C LEU M 44 56.65 -53.93 -56.93
N ALA M 45 57.37 -55.04 -56.87
CA ALA M 45 58.84 -55.09 -56.85
C ALA M 45 59.38 -55.76 -55.60
N ALA M 46 59.18 -57.07 -55.46
CA ALA M 46 59.80 -57.85 -54.40
C ALA M 46 61.13 -58.42 -54.87
N ALA M 47 62.05 -58.59 -53.92
CA ALA M 47 63.42 -59.02 -54.19
C ALA M 47 63.86 -60.06 -53.16
N SER M 48 63.16 -61.20 -53.13
CA SER M 48 63.48 -62.27 -52.20
C SER M 48 64.73 -63.03 -52.61
N SER M 49 65.45 -63.54 -51.61
CA SER M 49 66.70 -64.25 -51.86
C SER M 49 66.60 -65.74 -51.53
N ALA M 50 65.71 -66.46 -52.22
CA ALA M 50 65.68 -67.91 -52.10
C ALA M 50 66.66 -68.59 -53.06
N ALA M 51 66.97 -67.95 -54.18
CA ALA M 51 67.93 -68.47 -55.14
C ALA M 51 69.34 -67.94 -54.97
N LEU M 52 69.48 -66.72 -54.44
CA LEU M 52 70.79 -66.09 -54.29
C LEU M 52 71.54 -66.66 -53.09
N LYS M 53 72.87 -66.58 -53.15
CA LYS M 53 73.73 -67.03 -52.07
C LYS M 53 75.08 -66.34 -52.20
N SER M 54 75.52 -65.64 -51.15
CA SER M 54 76.79 -64.93 -51.18
C SER M 54 77.62 -65.10 -49.90
N GLY M 55 77.18 -65.95 -48.96
CA GLY M 55 78.00 -66.26 -47.81
C GLY M 55 77.38 -65.89 -46.47
N ASN M 56 78.04 -64.99 -45.74
CA ASN M 56 77.46 -64.53 -44.48
C ASN M 56 76.16 -63.80 -44.76
N LYS M 57 75.22 -63.87 -43.81
CA LYS M 57 73.90 -63.30 -44.06
C LYS M 57 73.98 -61.80 -44.30
N THR M 58 74.91 -61.10 -43.64
CA THR M 58 74.99 -59.65 -43.81
C THR M 58 75.33 -59.27 -45.25
N ASP M 59 76.17 -60.06 -45.92
CA ASP M 59 76.56 -59.78 -47.29
C ASP M 59 75.64 -60.45 -48.31
N THR M 60 75.13 -61.64 -48.02
CA THR M 60 74.07 -62.22 -48.85
C THR M 60 72.94 -61.23 -49.00
N ALA M 61 72.42 -60.77 -47.87
CA ALA M 61 71.34 -59.81 -47.91
C ALA M 61 71.76 -58.56 -48.69
N ALA M 62 73.04 -58.20 -48.64
CA ALA M 62 73.47 -57.03 -49.37
C ALA M 62 73.03 -57.12 -50.83
N ALA M 63 73.28 -58.26 -51.47
CA ALA M 63 72.92 -58.38 -52.88
C ALA M 63 71.42 -58.26 -53.08
N VAL M 64 70.65 -58.71 -52.08
CA VAL M 64 69.19 -58.60 -52.16
C VAL M 64 68.77 -57.14 -52.31
N GLY M 65 69.37 -56.26 -51.52
CA GLY M 65 69.07 -54.85 -51.71
C GLY M 65 69.36 -54.43 -53.14
N LYS M 66 70.54 -54.82 -53.63
CA LYS M 66 70.94 -54.48 -55.00
C LYS M 66 69.98 -55.06 -56.02
N ALA M 67 69.59 -56.33 -55.84
CA ALA M 67 68.62 -56.88 -56.77
C ALA M 67 67.38 -55.99 -56.80
N LEU M 68 66.87 -55.66 -55.61
CA LEU M 68 65.64 -54.89 -55.52
C LEU M 68 65.80 -53.53 -56.16
N ALA M 69 66.97 -52.91 -55.98
CA ALA M 69 67.11 -51.56 -56.51
C ALA M 69 66.97 -51.55 -58.01
N ALA M 70 67.42 -52.62 -58.68
CA ALA M 70 67.24 -52.70 -60.12
C ALA M 70 65.78 -52.88 -60.48
N ALA M 71 65.07 -53.72 -59.73
CA ALA M 71 63.68 -54.03 -60.08
C ALA M 71 62.81 -52.78 -60.02
N ALA M 72 62.81 -52.11 -58.87
CA ALA M 72 62.05 -50.87 -58.77
C ALA M 72 62.58 -49.83 -59.75
N ALA M 73 63.87 -49.88 -60.07
CA ALA M 73 64.38 -48.90 -61.00
C ALA M 73 63.71 -49.05 -62.36
N GLU M 74 63.33 -50.27 -62.72
CA GLU M 74 62.66 -50.48 -64.00
C GLU M 74 61.21 -50.02 -63.98
N LYS M 75 60.65 -49.74 -62.80
CA LYS M 75 59.27 -49.30 -62.71
C LYS M 75 59.14 -47.80 -62.51
N GLY M 76 60.24 -47.08 -62.29
CA GLY M 76 60.15 -45.65 -62.05
C GLY M 76 59.84 -45.31 -60.60
N ILE M 77 60.64 -45.86 -59.70
CA ILE M 77 60.44 -45.72 -58.26
C ILE M 77 61.17 -44.46 -57.78
N LYS M 78 60.41 -43.47 -57.32
CA LYS M 78 60.95 -42.30 -56.63
C LYS M 78 61.73 -42.73 -55.40
N GLN M 79 61.13 -42.47 -54.24
CA GLN M 79 61.57 -42.99 -52.97
C GLN M 79 60.48 -43.89 -52.42
N VAL M 80 60.62 -44.26 -51.15
CA VAL M 80 59.94 -45.43 -50.61
C VAL M 80 59.80 -45.22 -49.10
N VAL M 81 59.35 -46.22 -48.35
CA VAL M 81 59.19 -45.98 -46.92
C VAL M 81 60.37 -46.53 -46.14
N PHE M 82 60.47 -47.86 -46.03
CA PHE M 82 61.52 -48.60 -45.31
C PHE M 82 60.97 -49.69 -44.38
N ASP M 83 59.98 -49.37 -43.53
CA ASP M 83 59.11 -50.37 -42.91
C ASP M 83 59.89 -51.54 -42.27
N ARG M 84 60.84 -51.21 -41.41
CA ARG M 84 61.58 -52.26 -40.71
C ARG M 84 60.60 -53.13 -39.93
N GLY M 85 60.89 -54.43 -39.86
CA GLY M 85 59.98 -55.33 -39.18
C GLY M 85 60.01 -55.18 -37.66
N SER M 86 61.20 -55.26 -37.08
CA SER M 86 61.41 -55.22 -35.64
C SER M 86 62.90 -55.16 -35.42
N TYR M 87 63.64 -55.25 -36.51
CA TYR M 87 65.07 -55.49 -36.49
C TYR M 87 65.80 -54.16 -36.40
N LYS M 88 66.66 -54.03 -35.41
CA LYS M 88 67.05 -52.69 -34.95
C LYS M 88 68.07 -52.03 -35.87
N TYR M 89 67.65 -51.83 -37.12
CA TYR M 89 68.47 -51.16 -38.13
C TYR M 89 69.92 -51.61 -38.02
N HIS M 90 70.11 -52.92 -38.05
CA HIS M 90 71.41 -53.54 -37.83
C HIS M 90 72.09 -53.85 -39.17
N GLY M 91 73.32 -54.37 -39.05
CA GLY M 91 74.22 -54.41 -40.20
C GLY M 91 73.68 -55.19 -41.37
N ARG M 92 72.90 -56.25 -41.13
CA ARG M 92 72.34 -57.00 -42.24
C ARG M 92 71.19 -56.27 -42.91
N VAL M 93 70.27 -55.71 -42.12
CA VAL M 93 69.22 -54.94 -42.76
C VAL M 93 69.67 -53.50 -43.01
N LYS M 94 70.58 -52.96 -42.19
CA LYS M 94 71.21 -51.70 -42.59
C LYS M 94 71.98 -51.88 -43.89
N ALA M 95 72.57 -53.06 -44.10
CA ALA M 95 73.21 -53.31 -45.38
C ALA M 95 72.18 -53.47 -46.49
N LEU M 96 71.06 -54.12 -46.22
CA LEU M 96 70.06 -54.22 -47.27
C LEU M 96 69.64 -52.82 -47.69
N ALA M 97 69.65 -51.87 -46.77
CA ALA M 97 69.34 -50.49 -47.14
C ALA M 97 70.47 -49.87 -47.95
N ASP M 98 71.67 -49.85 -47.40
CA ASP M 98 72.74 -49.18 -48.12
C ASP M 98 72.88 -49.76 -49.51
N ALA M 99 72.60 -51.06 -49.66
CA ALA M 99 72.62 -51.72 -50.96
C ALA M 99 71.40 -51.38 -51.80
N ALA M 100 70.24 -51.18 -51.17
CA ALA M 100 69.07 -50.82 -51.95
C ALA M 100 69.25 -49.45 -52.60
N ARG M 101 69.48 -48.42 -51.78
CA ARG M 101 69.45 -47.08 -52.34
C ARG M 101 70.83 -46.50 -52.65
N GLU M 102 71.92 -47.21 -52.39
CA GLU M 102 73.14 -46.85 -53.09
C GLU M 102 73.03 -47.13 -54.58
N GLY M 103 72.28 -48.17 -54.96
CA GLY M 103 72.09 -48.57 -56.33
C GLY M 103 70.74 -48.22 -56.92
N GLY M 104 69.90 -47.48 -56.21
CA GLY M 104 68.56 -47.18 -56.67
C GLY M 104 68.47 -46.64 -58.09
N MET N 1 -52.66 4.92 27.77
CA MET N 1 -53.54 6.09 27.95
C MET N 1 -54.62 5.89 29.07
N GLN N 2 -55.20 6.98 29.57
CA GLN N 2 -55.79 6.97 30.89
C GLN N 2 -57.28 7.33 30.89
N THR N 3 -58.08 6.61 31.68
CA THR N 3 -59.50 6.90 31.80
C THR N 3 -59.67 8.20 32.51
N HIS N 4 -60.73 8.92 32.17
CA HIS N 4 -61.05 10.11 32.95
C HIS N 4 -62.42 10.00 33.60
N ILE N 5 -62.62 8.96 34.43
CA ILE N 5 -63.84 8.84 35.20
C ILE N 5 -63.82 9.91 36.28
N LYS N 6 -64.98 10.55 36.48
CA LYS N 6 -65.17 11.48 37.61
C LYS N 6 -65.21 10.68 38.89
N ILE N 7 -64.26 10.93 39.78
CA ILE N 7 -64.03 10.01 40.87
C ILE N 7 -63.20 10.69 41.95
N ASN N 8 -63.60 10.55 43.21
CA ASN N 8 -62.76 11.01 44.31
C ASN N 8 -61.92 9.82 44.75
N ARG N 9 -60.72 9.69 44.19
CA ARG N 9 -59.92 8.54 44.60
C ARG N 9 -59.48 8.68 46.05
N GLY N 10 -59.43 9.90 46.56
CA GLY N 10 -59.37 10.09 48.00
C GLY N 10 -60.26 9.13 48.75
N GLU N 11 -61.58 9.30 48.67
CA GLU N 11 -62.51 8.49 49.47
C GLU N 11 -62.58 7.02 49.02
N LEU N 12 -62.21 6.67 47.78
CA LEU N 12 -62.11 5.24 47.48
C LEU N 12 -61.02 4.61 48.31
N LEU N 13 -59.85 5.26 48.33
CA LEU N 13 -58.77 4.81 49.19
C LEU N 13 -59.17 4.85 50.66
N ARG N 14 -59.92 5.89 51.06
CA ARG N 14 -60.25 6.01 52.46
C ARG N 14 -61.16 4.87 52.90
N GLY N 15 -62.10 4.45 52.06
CA GLY N 15 -63.00 3.39 52.52
C GLY N 15 -62.27 2.08 52.70
N ILE N 16 -61.52 1.70 51.66
CA ILE N 16 -60.65 0.55 51.84
C ILE N 16 -59.88 0.67 53.15
N GLU N 17 -59.08 1.73 53.24
CA GLU N 17 -58.08 1.85 54.29
C GLU N 17 -58.67 1.96 55.68
N GLN N 18 -59.84 2.58 55.83
CA GLN N 18 -60.45 2.68 57.16
C GLN N 18 -60.91 1.33 57.66
N ASP N 19 -61.21 0.40 56.76
CA ASP N 19 -61.53 -0.89 57.36
C ASP N 19 -60.35 -1.50 58.13
N HIS N 20 -59.11 -1.15 57.80
CA HIS N 20 -57.96 -1.69 58.53
C HIS N 20 -57.13 -0.55 59.10
N THR N 21 -57.76 0.35 59.84
CA THR N 21 -57.03 1.38 60.56
C THR N 21 -57.39 1.32 62.04
N ARG N 22 -56.42 1.66 62.88
CA ARG N 22 -56.62 1.46 64.31
C ARG N 22 -55.90 2.58 65.05
N GLN N 23 -56.60 3.12 66.06
CA GLN N 23 -56.18 4.28 66.82
C GLN N 23 -55.50 3.87 68.13
N LEU N 24 -54.47 4.61 68.50
CA LEU N 24 -53.78 4.25 69.72
C LEU N 24 -53.63 5.46 70.63
N PRO N 25 -53.53 5.22 71.91
CA PRO N 25 -53.01 6.23 72.84
C PRO N 25 -52.06 7.22 72.18
N ASP N 26 -52.15 8.48 72.60
CA ASP N 26 -51.43 9.58 71.97
C ASP N 26 -50.03 9.69 72.55
N PHE N 27 -49.09 9.03 71.93
CA PHE N 27 -47.72 9.29 72.27
C PHE N 27 -47.15 10.32 71.29
N ARG N 28 -45.84 10.50 71.33
CA ARG N 28 -45.24 11.66 70.69
C ARG N 28 -43.77 11.81 71.07
N PRO N 29 -42.89 11.01 70.53
CA PRO N 29 -41.49 11.01 70.96
C PRO N 29 -41.05 10.90 72.43
N GLY N 30 -41.74 10.13 73.31
CA GLY N 30 -41.27 9.73 74.63
C GLY N 30 -42.01 8.48 75.04
N ASP N 31 -41.36 7.67 75.90
CA ASP N 31 -41.35 6.20 75.82
C ASP N 31 -42.56 5.45 76.38
N THR N 32 -42.64 4.19 75.98
CA THR N 32 -43.85 3.39 76.09
C THR N 32 -43.53 1.89 76.02
N VAL N 33 -44.53 1.08 76.32
CA VAL N 33 -44.47 -0.38 76.25
C VAL N 33 -45.44 -0.81 75.16
N ARG N 34 -44.92 -1.48 74.13
CA ARG N 34 -45.73 -2.15 73.12
C ARG N 34 -45.84 -3.62 73.56
N VAL N 35 -47.02 -4.01 73.99
CA VAL N 35 -47.31 -5.41 74.33
C VAL N 35 -47.82 -6.07 73.07
N ASP N 36 -47.33 -7.26 72.76
CA ASP N 36 -47.59 -7.83 71.45
C ASP N 36 -47.52 -9.35 71.48
N THR N 37 -48.02 -9.95 70.42
CA THR N 37 -48.26 -11.38 70.35
C THR N 37 -47.29 -12.01 69.36
N LYS N 38 -46.50 -12.99 69.82
CA LYS N 38 -45.74 -13.91 68.96
C LYS N 38 -46.48 -15.24 68.91
N VAL N 39 -47.43 -15.31 67.99
CA VAL N 39 -47.92 -16.58 67.46
C VAL N 39 -46.73 -17.32 66.90
N ARG N 40 -45.67 -16.56 66.59
CA ARG N 40 -44.51 -16.96 65.82
C ARG N 40 -43.73 -18.08 66.49
N GLU N 41 -43.89 -18.25 67.81
CA GLU N 41 -43.25 -19.34 68.52
C GLU N 41 -44.20 -20.54 68.48
N GLY N 42 -43.99 -21.42 67.49
CA GLY N 42 -44.80 -22.61 67.40
C GLY N 42 -46.24 -22.27 67.06
N ASN N 43 -47.12 -23.25 67.30
CA ASN N 43 -48.55 -23.05 67.21
C ASN N 43 -49.12 -22.31 68.41
N ARG N 44 -48.35 -22.19 69.50
CA ARG N 44 -48.71 -21.44 70.70
C ARG N 44 -48.61 -19.94 70.45
N THR N 45 -49.34 -19.17 71.25
CA THR N 45 -49.39 -17.71 71.14
C THR N 45 -48.70 -17.08 72.35
N ARG N 46 -47.38 -17.01 72.28
CA ARG N 46 -46.58 -16.35 73.32
C ARG N 46 -46.81 -14.84 73.24
N SER N 47 -46.51 -14.15 74.35
CA SER N 47 -46.58 -12.69 74.39
C SER N 47 -45.21 -12.13 74.76
N GLN N 48 -44.96 -10.90 74.32
CA GLN N 48 -43.65 -10.28 74.54
C GLN N 48 -43.83 -8.77 74.47
N ALA N 49 -42.88 -8.04 75.03
CA ALA N 49 -43.10 -6.60 75.15
C ALA N 49 -41.84 -5.81 74.90
N PHE N 50 -42.02 -4.68 74.21
CA PHE N 50 -40.94 -3.80 73.79
C PHE N 50 -41.17 -2.45 74.44
N GLU N 51 -40.32 -2.07 75.38
CA GLU N 51 -40.42 -0.76 76.02
C GLU N 51 -39.25 0.07 75.58
N GLY N 52 -39.54 1.21 74.99
CA GLY N 52 -38.50 2.07 74.45
C GLY N 52 -39.04 3.44 74.14
N VAL N 53 -38.11 4.33 73.80
CA VAL N 53 -38.41 5.68 73.32
C VAL N 53 -39.02 5.64 71.92
N VAL N 54 -40.04 6.47 71.69
CA VAL N 54 -40.62 6.60 70.36
C VAL N 54 -39.85 7.69 69.63
N ILE N 55 -39.17 7.32 68.55
CA ILE N 55 -38.33 8.23 67.77
C ILE N 55 -38.92 8.57 66.42
N ALA N 56 -40.10 8.08 66.07
CA ALA N 56 -40.76 8.73 64.95
C ALA N 56 -42.11 8.10 64.74
N ILE N 57 -42.96 8.81 64.00
CA ILE N 57 -44.31 8.38 63.67
C ILE N 57 -44.51 8.76 62.21
N ASN N 58 -45.12 7.87 61.42
CA ASN N 58 -45.09 8.00 59.98
C ASN N 58 -46.38 7.57 59.32
N GLY N 59 -46.90 8.43 58.46
CA GLY N 59 -48.02 8.07 57.65
C GLY N 59 -49.34 8.26 58.35
N SER N 60 -50.36 7.62 57.79
CA SER N 60 -51.74 7.85 58.19
C SER N 60 -52.59 6.75 57.59
N GLY N 61 -53.70 6.45 58.25
CA GLY N 61 -54.51 5.36 57.74
C GLY N 61 -53.79 4.04 57.94
N SER N 62 -54.08 3.10 57.04
CA SER N 62 -53.47 1.77 57.10
C SER N 62 -51.99 1.88 57.36
N ARG N 63 -51.42 2.92 56.81
CA ARG N 63 -49.99 2.99 56.68
C ARG N 63 -49.30 3.58 57.90
N LYS N 64 -50.03 4.24 58.79
CA LYS N 64 -49.40 4.86 59.93
C LYS N 64 -48.62 3.84 60.78
N SER N 65 -47.46 4.28 61.27
CA SER N 65 -46.50 3.43 61.99
C SER N 65 -45.76 4.30 63.00
N PHE N 66 -45.13 3.66 63.98
CA PHE N 66 -44.31 4.38 64.95
C PHE N 66 -43.06 3.56 65.25
N THR N 67 -42.03 4.24 65.73
CA THR N 67 -40.72 3.61 65.82
C THR N 67 -40.17 3.71 67.24
N VAL N 68 -40.03 2.52 67.92
CA VAL N 68 -39.46 2.40 69.26
C VAL N 68 -37.98 2.08 69.19
N ARG N 69 -37.20 2.58 70.13
CA ARG N 69 -35.79 2.24 70.18
C ARG N 69 -35.39 1.94 71.62
N LYS N 70 -34.87 0.72 71.86
CA LYS N 70 -34.45 0.27 73.19
C LYS N 70 -33.01 -0.22 73.17
N ILE N 71 -32.53 -0.70 74.31
CA ILE N 71 -31.25 -1.38 74.39
C ILE N 71 -31.46 -2.75 75.05
N SER N 72 -31.06 -3.82 74.39
CA SER N 72 -31.19 -5.16 74.95
C SER N 72 -29.80 -5.74 75.09
N PHE N 73 -29.44 -6.09 76.30
CA PHE N 73 -28.14 -6.67 76.54
C PHE N 73 -27.14 -5.95 75.67
N GLY N 74 -26.92 -4.68 75.92
CA GLY N 74 -25.79 -4.03 75.29
C GLY N 74 -26.01 -3.58 73.86
N GLU N 75 -26.67 -4.37 73.02
CA GLU N 75 -26.84 -3.96 71.62
C GLU N 75 -28.14 -3.18 71.46
N GLY N 76 -28.07 -2.05 70.77
CA GLY N 76 -29.24 -1.24 70.56
C GLY N 76 -30.18 -1.86 69.54
N VAL N 77 -31.47 -1.53 69.64
CA VAL N 77 -32.44 -2.14 68.76
C VAL N 77 -33.49 -1.09 68.47
N GLU N 78 -34.10 -1.17 67.28
CA GLU N 78 -35.21 -0.31 66.92
C GLU N 78 -36.23 -1.17 66.24
N ARG N 79 -37.50 -0.79 66.34
CA ARG N 79 -38.55 -1.58 65.75
C ARG N 79 -39.67 -0.65 65.29
N VAL N 80 -40.44 -1.14 64.31
CA VAL N 80 -41.33 -0.29 63.54
C VAL N 80 -42.70 -0.94 63.54
N PHE N 81 -43.64 -0.38 64.27
CA PHE N 81 -44.92 -1.01 64.39
C PHE N 81 -45.97 -0.29 63.58
N PRO N 82 -46.65 -0.97 62.67
CA PRO N 82 -47.94 -0.47 62.19
C PRO N 82 -49.00 -0.44 63.29
N PHE N 83 -49.71 0.70 63.42
CA PHE N 83 -50.71 0.79 64.49
C PHE N 83 -51.74 -0.30 64.35
N ALA N 84 -51.95 -0.80 63.15
CA ALA N 84 -53.03 -1.71 62.88
C ALA N 84 -52.55 -3.14 62.72
N SER N 85 -51.27 -3.40 62.98
CA SER N 85 -50.75 -4.75 62.85
C SER N 85 -51.44 -5.67 63.83
N PRO N 86 -52.00 -6.80 63.40
CA PRO N 86 -52.61 -7.72 64.36
C PRO N 86 -51.65 -8.26 65.41
N LEU N 87 -50.36 -8.30 65.13
CA LEU N 87 -49.39 -8.71 66.14
C LEU N 87 -48.98 -7.54 67.04
N VAL N 88 -49.96 -6.85 67.61
CA VAL N 88 -49.74 -5.73 68.52
C VAL N 88 -50.97 -5.68 69.43
N ASN N 89 -50.76 -5.73 70.73
CA ASN N 89 -51.93 -5.82 71.56
C ASN N 89 -52.41 -4.44 71.99
N GLN N 90 -51.73 -3.86 72.98
CA GLN N 90 -52.00 -2.54 73.54
C GLN N 90 -50.66 -1.79 73.62
N VAL N 91 -50.67 -0.52 73.24
CA VAL N 91 -49.58 0.35 73.64
C VAL N 91 -50.03 1.06 74.90
N THR N 92 -49.06 1.52 75.69
CA THR N 92 -49.37 2.28 76.88
C THR N 92 -48.20 3.19 77.20
N ILE N 93 -48.53 4.39 77.68
CA ILE N 93 -47.56 5.46 77.80
C ILE N 93 -46.81 5.23 79.10
N VAL N 94 -45.62 4.66 79.05
CA VAL N 94 -44.86 4.59 80.29
C VAL N 94 -44.53 5.99 80.79
N GLU N 95 -44.26 6.90 79.87
CA GLU N 95 -43.60 8.14 80.24
C GLU N 95 -44.08 9.23 79.33
N ARG N 96 -43.67 10.46 79.64
CA ARG N 96 -43.96 11.63 78.82
C ARG N 96 -42.63 12.34 78.60
N GLY N 97 -42.38 12.75 77.37
CA GLY N 97 -41.07 13.26 76.97
C GLY N 97 -41.13 14.68 76.49
N LYS N 98 -40.10 15.46 76.82
CA LYS N 98 -40.00 16.87 76.44
C LYS N 98 -39.02 17.00 75.27
N VAL N 99 -39.44 16.52 74.12
CA VAL N 99 -38.57 16.52 72.96
C VAL N 99 -38.91 17.73 72.10
N ARG N 100 -38.05 18.04 71.13
CA ARG N 100 -38.22 19.31 70.43
C ARG N 100 -38.23 19.21 68.91
N ARG N 101 -38.44 18.02 68.35
CA ARG N 101 -38.46 17.88 66.90
C ARG N 101 -39.16 16.58 66.57
N ALA N 102 -39.75 16.52 65.39
CA ALA N 102 -40.68 15.43 65.13
C ALA N 102 -40.00 14.08 65.12
N LYS N 103 -38.70 14.03 64.79
CA LYS N 103 -38.08 12.77 64.40
C LYS N 103 -37.02 12.29 65.37
N LEU N 104 -35.97 13.07 65.64
CA LEU N 104 -35.16 12.81 66.85
C LEU N 104 -34.37 11.48 66.77
N TYR N 105 -33.65 11.34 65.66
CA TYR N 105 -32.66 10.31 65.43
C TYR N 105 -31.36 10.62 66.12
N TYR N 106 -31.24 11.77 66.77
CA TYR N 106 -29.95 12.10 67.36
C TYR N 106 -29.54 11.11 68.42
N LEU N 107 -30.50 10.34 68.94
CA LEU N 107 -30.29 9.30 69.95
C LEU N 107 -29.74 8.00 69.39
N ARG N 108 -29.61 7.88 68.06
CA ARG N 108 -28.89 6.74 67.51
C ARG N 108 -27.47 6.70 68.01
N GLU N 109 -26.78 7.84 67.97
CA GLU N 109 -25.37 7.87 68.36
C GLU N 109 -25.14 8.54 69.69
N LEU N 110 -26.17 8.64 70.52
CA LEU N 110 -26.07 9.20 71.86
C LEU N 110 -25.90 8.12 72.93
N ARG N 111 -26.75 7.10 72.91
CA ARG N 111 -26.67 5.93 73.80
C ARG N 111 -25.78 6.16 75.02
N GLY N 112 -26.41 6.51 76.14
CA GLY N 112 -25.76 6.80 77.41
C GLY N 112 -26.80 7.01 78.49
N LYS N 113 -26.54 7.97 79.40
CA LYS N 113 -27.53 8.39 80.40
C LYS N 113 -27.18 9.79 80.89
N PRO O 1 6.38 36.01 -29.83
CA PRO O 1 4.96 36.28 -29.59
C PRO O 1 4.28 35.29 -28.63
N ARG O 2 3.46 35.84 -27.73
CA ARG O 2 2.61 35.06 -26.84
C ARG O 2 1.45 34.46 -27.62
N ALA O 3 0.91 33.35 -27.14
CA ALA O 3 -0.22 32.75 -27.82
C ALA O 3 -1.07 31.98 -26.81
N LYS O 4 -1.70 32.74 -25.90
CA LYS O 4 -2.45 32.19 -24.78
C LYS O 4 -3.64 31.37 -25.28
N THR O 5 -4.25 30.62 -24.37
CA THR O 5 -5.28 29.67 -24.79
C THR O 5 -6.48 30.37 -25.40
N GLY O 6 -6.84 31.55 -24.91
CA GLY O 6 -7.91 32.30 -25.53
C GLY O 6 -9.20 31.53 -25.76
N ILE O 7 -9.64 31.47 -27.01
CA ILE O 7 -10.95 30.94 -27.34
C ILE O 7 -11.02 29.41 -27.35
N VAL O 8 -9.88 28.73 -27.42
CA VAL O 8 -9.86 27.34 -27.86
C VAL O 8 -10.39 26.40 -26.80
N ARG O 9 -9.94 26.59 -25.56
CA ARG O 9 -10.33 25.65 -24.54
C ARG O 9 -11.84 25.72 -24.30
N ARG O 10 -12.36 26.94 -24.23
CA ARG O 10 -13.78 27.05 -23.96
C ARG O 10 -14.59 26.36 -25.04
N ARG O 11 -14.11 26.36 -26.28
CA ARG O 11 -14.89 25.77 -27.35
C ARG O 11 -14.84 24.25 -27.30
N ARG O 12 -13.68 23.66 -27.04
CA ARG O 12 -13.72 22.21 -26.88
C ARG O 12 -14.62 21.84 -25.72
N HIS O 13 -14.51 22.61 -24.63
CA HIS O 13 -15.28 22.29 -23.44
C HIS O 13 -16.77 22.34 -23.73
N LYS O 14 -17.21 23.38 -24.46
CA LYS O 14 -18.62 23.47 -24.76
C LYS O 14 -19.06 22.32 -25.63
N LYS O 15 -18.16 21.84 -26.49
CA LYS O 15 -18.53 20.70 -27.33
C LYS O 15 -18.86 19.49 -26.46
N VAL O 16 -18.04 19.24 -25.44
CA VAL O 16 -18.37 18.14 -24.56
C VAL O 16 -19.64 18.44 -23.78
N LEU O 17 -19.75 19.64 -23.25
CA LEU O 17 -20.91 19.92 -22.40
C LEU O 17 -22.20 19.77 -23.19
N LYS O 18 -22.15 20.02 -24.50
CA LYS O 18 -23.35 19.88 -25.32
C LYS O 18 -23.59 18.42 -25.66
N ARG O 19 -22.53 17.61 -25.72
CA ARG O 19 -22.77 16.19 -25.82
C ARG O 19 -23.49 15.68 -24.57
N ALA O 20 -23.35 16.40 -23.45
CA ALA O 20 -23.88 15.97 -22.16
C ALA O 20 -25.41 15.89 -22.15
N LYS O 21 -26.09 16.97 -22.55
CA LYS O 21 -27.54 16.93 -22.51
C LYS O 21 -27.98 16.27 -21.21
N GLY O 22 -28.99 15.40 -21.25
CA GLY O 22 -29.62 14.94 -20.02
C GLY O 22 -28.82 13.99 -19.12
N PHE O 23 -27.58 14.36 -18.84
CA PHE O 23 -26.74 13.60 -17.94
C PHE O 23 -27.00 14.10 -16.52
N TRP O 24 -27.25 13.17 -15.60
CA TRP O 24 -27.64 13.47 -14.22
C TRP O 24 -26.50 14.19 -13.49
N GLY O 25 -26.85 15.24 -12.76
CA GLY O 25 -25.91 15.88 -11.86
C GLY O 25 -24.74 16.52 -12.57
N SER O 26 -23.58 16.50 -11.90
CA SER O 26 -22.37 17.11 -12.45
C SER O 26 -22.02 16.50 -13.82
N ARG O 27 -22.46 15.26 -14.05
CA ARG O 27 -22.20 14.57 -15.30
C ARG O 27 -22.56 15.44 -16.50
N SER O 28 -23.50 16.37 -16.34
CA SER O 28 -23.86 17.19 -17.48
C SER O 28 -23.45 18.64 -17.38
N LYS O 29 -22.92 19.10 -16.23
CA LYS O 29 -22.61 20.52 -16.09
C LYS O 29 -21.16 20.84 -15.75
N GLN O 30 -20.39 19.92 -15.18
CA GLN O 30 -18.96 20.12 -14.98
C GLN O 30 -18.21 19.40 -16.09
N TYR O 31 -17.25 20.09 -16.70
CA TYR O 31 -16.61 19.54 -17.89
C TYR O 31 -15.94 18.20 -17.62
N ARG O 32 -15.05 18.14 -16.63
CA ARG O 32 -14.26 16.93 -16.49
C ARG O 32 -15.16 15.74 -16.32
N ASN O 33 -16.19 15.85 -15.51
CA ASN O 33 -16.98 14.65 -15.32
C ASN O 33 -17.78 14.32 -16.56
N ALA O 34 -18.11 15.33 -17.38
CA ALA O 34 -18.79 15.05 -18.63
C ALA O 34 -17.87 14.31 -19.60
N PHE O 35 -16.66 14.81 -19.77
CA PHE O 35 -15.66 14.15 -20.60
C PHE O 35 -15.51 12.69 -20.18
N GLN O 36 -15.24 12.46 -18.91
CA GLN O 36 -15.00 11.09 -18.44
C GLN O 36 -16.24 10.21 -18.67
N THR O 37 -17.43 10.77 -18.47
CA THR O 37 -18.62 9.98 -18.74
C THR O 37 -18.66 9.58 -20.19
N LEU O 38 -18.23 10.47 -21.07
CA LEU O 38 -18.25 10.17 -22.48
C LEU O 38 -17.20 9.15 -22.87
N LEU O 39 -16.10 9.02 -22.11
CA LEU O 39 -15.19 7.89 -22.37
C LEU O 39 -15.94 6.58 -22.20
N ASN O 40 -16.55 6.41 -21.03
CA ASN O 40 -17.25 5.14 -20.86
C ASN O 40 -18.41 5.03 -21.84
N ALA O 41 -18.99 6.16 -22.24
CA ALA O 41 -20.05 6.13 -23.23
C ALA O 41 -19.54 5.63 -24.57
N ALA O 42 -18.30 5.96 -24.93
CA ALA O 42 -17.74 5.41 -26.16
C ALA O 42 -17.80 3.89 -26.09
N THR O 43 -17.20 3.36 -25.03
CA THR O 43 -17.27 1.91 -24.83
C THR O 43 -18.67 1.39 -25.16
N TYR O 44 -19.66 1.92 -24.45
CA TYR O 44 -21.02 1.38 -24.58
C TYR O 44 -21.52 1.52 -26.00
N GLU O 45 -21.20 2.62 -26.65
CA GLU O 45 -21.73 2.86 -27.97
C GLU O 45 -21.26 1.75 -28.91
N TYR O 46 -19.95 1.70 -29.18
CA TYR O 46 -19.45 0.73 -30.17
C TYR O 46 -19.96 -0.67 -29.86
N ARG O 47 -19.85 -1.09 -28.60
CA ARG O 47 -20.22 -2.47 -28.36
C ARG O 47 -21.71 -2.70 -28.60
N ASP O 48 -22.55 -1.74 -28.22
CA ASP O 48 -23.98 -1.95 -28.46
C ASP O 48 -24.29 -1.96 -29.95
N ARG O 49 -23.61 -1.10 -30.72
CA ARG O 49 -23.81 -1.14 -32.17
C ARG O 49 -23.64 -2.56 -32.65
N ARG O 50 -22.65 -3.28 -32.10
CA ARG O 50 -22.60 -4.73 -32.35
C ARG O 50 -23.82 -5.44 -31.79
N ASN O 51 -24.13 -5.19 -30.53
CA ASN O 51 -25.00 -6.11 -29.82
C ASN O 51 -26.42 -6.11 -30.37
N LYS O 52 -26.86 -4.98 -30.89
CA LYS O 52 -28.28 -4.84 -31.19
C LYS O 52 -28.73 -5.90 -32.16
N LYS O 53 -27.79 -6.38 -32.98
CA LYS O 53 -28.05 -7.41 -33.97
C LYS O 53 -28.20 -8.78 -33.33
N ARG O 54 -27.41 -9.07 -32.28
CA ARG O 54 -27.74 -10.24 -31.45
C ARG O 54 -29.12 -10.07 -30.84
N ASP O 55 -29.47 -8.84 -30.50
CA ASP O 55 -30.73 -8.64 -29.81
C ASP O 55 -31.91 -8.96 -30.72
N PHE O 56 -31.95 -8.33 -31.88
CA PHE O 56 -33.09 -8.59 -32.74
C PHE O 56 -33.10 -10.02 -33.25
N ARG O 57 -31.93 -10.65 -33.42
CA ARG O 57 -31.94 -12.09 -33.72
C ARG O 57 -32.70 -12.83 -32.63
N ARG O 58 -32.39 -12.50 -31.39
CA ARG O 58 -33.03 -13.21 -30.29
C ARG O 58 -34.54 -13.00 -30.32
N LEU O 59 -34.98 -11.77 -30.59
CA LEU O 59 -36.42 -11.49 -30.52
C LEU O 59 -37.17 -12.21 -31.64
N TRP O 60 -36.62 -12.17 -32.85
CA TRP O 60 -37.29 -12.88 -33.94
C TRP O 60 -37.34 -14.36 -33.61
N ILE O 61 -36.29 -14.88 -33.00
CA ILE O 61 -36.31 -16.30 -32.68
C ILE O 61 -37.43 -16.61 -31.71
N GLN O 62 -37.58 -15.76 -30.70
CA GLN O 62 -38.62 -15.96 -29.72
C GLN O 62 -39.97 -16.03 -30.41
N ARG O 63 -40.25 -15.03 -31.23
CA ARG O 63 -41.56 -15.03 -31.86
C ARG O 63 -41.73 -16.22 -32.82
N ILE O 64 -40.66 -16.61 -33.49
CA ILE O 64 -40.83 -17.60 -34.54
C ILE O 64 -41.16 -18.95 -33.92
N ASN O 65 -40.46 -19.34 -32.88
CA ASN O 65 -40.88 -20.63 -32.36
C ASN O 65 -42.09 -20.52 -31.46
N ALA O 66 -42.46 -19.31 -31.03
CA ALA O 66 -43.78 -19.17 -30.43
C ALA O 66 -44.86 -19.55 -31.43
N GLY O 67 -44.76 -19.01 -32.65
CA GLY O 67 -45.71 -19.39 -33.66
C GLY O 67 -45.57 -20.86 -34.02
N ALA O 68 -44.34 -21.38 -34.05
CA ALA O 68 -44.12 -22.77 -34.42
C ALA O 68 -44.80 -23.70 -33.45
N ARG O 69 -44.77 -23.36 -32.15
CA ARG O 69 -45.43 -24.14 -31.12
C ARG O 69 -46.94 -23.91 -31.12
N LEU O 70 -47.42 -22.82 -31.73
CA LEU O 70 -48.86 -22.67 -31.89
C LEU O 70 -49.45 -23.78 -32.74
N HIS O 71 -48.64 -24.40 -33.59
CA HIS O 71 -49.07 -25.44 -34.52
C HIS O 71 -48.49 -26.81 -34.20
N GLY O 72 -47.78 -26.97 -33.08
CA GLY O 72 -47.23 -28.28 -32.77
C GLY O 72 -45.85 -28.53 -33.32
N MET O 73 -45.08 -27.49 -33.60
CA MET O 73 -43.71 -27.57 -34.04
C MET O 73 -42.83 -26.90 -32.99
N ASN O 74 -41.61 -26.54 -33.37
CA ASN O 74 -40.78 -25.67 -32.54
C ASN O 74 -39.68 -25.11 -33.41
N TYR O 75 -39.02 -24.07 -32.91
CA TYR O 75 -38.04 -23.36 -33.73
C TYR O 75 -37.04 -24.32 -34.35
N SER O 76 -36.46 -25.21 -33.54
CA SER O 76 -35.52 -26.17 -34.10
C SER O 76 -36.18 -26.90 -35.26
N THR O 77 -37.37 -27.45 -35.02
CA THR O 77 -38.05 -28.27 -36.00
C THR O 77 -38.55 -27.46 -37.19
N PHE O 78 -39.21 -26.33 -36.93
CA PHE O 78 -39.76 -25.56 -38.04
C PHE O 78 -38.67 -24.97 -38.90
N ILE O 79 -37.64 -24.40 -38.28
CA ILE O 79 -36.55 -23.79 -39.04
C ILE O 79 -35.84 -24.84 -39.87
N ASN O 80 -35.59 -26.02 -39.30
CA ASN O 80 -34.93 -27.06 -40.10
C ASN O 80 -35.81 -27.49 -41.26
N GLY O 81 -37.08 -27.78 -41.01
CA GLY O 81 -37.93 -28.26 -42.08
C GLY O 81 -38.12 -27.24 -43.19
N LEU O 82 -38.15 -25.94 -42.84
CA LEU O 82 -38.13 -24.92 -43.88
C LEU O 82 -36.80 -24.94 -44.62
N LYS O 83 -35.71 -25.17 -43.91
CA LYS O 83 -34.40 -25.24 -44.54
C LYS O 83 -34.31 -26.42 -45.53
N ARG O 84 -34.97 -27.53 -45.22
CA ARG O 84 -35.01 -28.73 -46.04
C ARG O 84 -35.87 -28.54 -47.28
N ALA O 85 -36.79 -27.59 -47.25
CA ALA O 85 -37.72 -27.37 -48.35
C ALA O 85 -37.12 -26.36 -49.30
N ASN O 86 -36.39 -26.85 -50.30
CA ASN O 86 -35.80 -26.03 -51.35
C ASN O 86 -35.33 -24.69 -50.80
N ILE O 87 -34.66 -24.76 -49.64
CA ILE O 87 -34.12 -23.63 -48.89
C ILE O 87 -34.96 -22.37 -49.13
N ASP O 88 -35.81 -22.04 -48.14
CA ASP O 88 -36.67 -20.85 -48.26
C ASP O 88 -35.87 -19.56 -48.15
N LEU O 89 -34.91 -19.52 -47.24
CA LEU O 89 -34.01 -18.39 -47.07
C LEU O 89 -34.75 -17.09 -46.71
N ASN O 90 -35.95 -17.19 -46.15
CA ASN O 90 -36.51 -16.02 -45.48
C ASN O 90 -35.64 -15.71 -44.26
N ARG O 91 -35.44 -14.42 -43.99
CA ARG O 91 -34.74 -14.03 -42.78
C ARG O 91 -35.59 -14.37 -41.57
N LYS O 92 -34.94 -14.48 -40.41
CA LYS O 92 -35.68 -14.62 -39.16
C LYS O 92 -36.57 -13.38 -38.89
N VAL O 93 -36.13 -12.19 -39.30
CA VAL O 93 -37.03 -11.03 -39.28
C VAL O 93 -38.31 -11.38 -40.01
N LEU O 94 -38.16 -11.80 -41.25
CA LEU O 94 -39.32 -11.99 -42.09
C LEU O 94 -40.25 -13.09 -41.58
N ALA O 95 -39.70 -14.13 -40.97
CA ALA O 95 -40.59 -15.18 -40.46
C ALA O 95 -41.45 -14.67 -39.30
N ASP O 96 -40.92 -13.74 -38.50
CA ASP O 96 -41.73 -13.12 -37.47
C ASP O 96 -42.96 -12.44 -38.07
N ILE O 97 -42.73 -11.61 -39.08
CA ILE O 97 -43.84 -10.79 -39.55
C ILE O 97 -44.93 -11.71 -40.04
N ALA O 98 -44.55 -12.85 -40.60
CA ALA O 98 -45.54 -13.85 -40.96
C ALA O 98 -46.12 -14.51 -39.71
N ALA O 99 -45.49 -14.31 -38.54
CA ALA O 99 -46.17 -14.54 -37.26
C ALA O 99 -47.06 -13.38 -36.82
N ARG O 100 -47.11 -12.29 -37.58
CA ARG O 100 -48.22 -11.33 -37.56
C ARG O 100 -49.27 -11.54 -38.67
N GLU O 101 -49.11 -12.54 -39.54
CA GLU O 101 -50.08 -12.83 -40.60
C GLU O 101 -50.32 -14.34 -40.58
N PRO O 102 -51.12 -14.81 -39.61
CA PRO O 102 -51.06 -16.24 -39.24
C PRO O 102 -51.36 -17.23 -40.36
N GLU O 103 -52.23 -16.88 -41.30
CA GLU O 103 -52.63 -17.84 -42.32
C GLU O 103 -51.45 -18.31 -43.15
N ALA O 104 -50.45 -17.45 -43.30
CA ALA O 104 -49.26 -17.83 -44.07
C ALA O 104 -48.31 -18.67 -43.23
N PHE O 105 -47.87 -18.12 -42.11
CA PHE O 105 -46.99 -18.87 -41.23
C PHE O 105 -47.54 -20.29 -41.06
N LYS O 106 -48.87 -20.42 -41.07
CA LYS O 106 -49.46 -21.75 -40.99
C LYS O 106 -48.99 -22.61 -42.15
N ALA O 107 -49.11 -22.10 -43.36
CA ALA O 107 -48.71 -22.90 -44.52
C ALA O 107 -47.20 -23.15 -44.53
N LEU O 108 -46.42 -22.21 -44.02
CA LEU O 108 -45.00 -22.48 -43.89
C LEU O 108 -44.76 -23.61 -42.91
N VAL O 109 -45.60 -23.72 -41.88
CA VAL O 109 -45.48 -24.81 -40.93
C VAL O 109 -45.85 -26.13 -41.58
N ASP O 110 -46.92 -26.14 -42.37
CA ASP O 110 -47.28 -27.37 -43.09
C ASP O 110 -46.22 -27.76 -44.11
N ALA O 111 -45.57 -26.76 -44.71
CA ALA O 111 -44.53 -27.03 -45.69
C ALA O 111 -43.28 -27.56 -45.02
N SER O 112 -42.86 -26.98 -43.91
CA SER O 112 -41.74 -27.52 -43.15
C SER O 112 -42.06 -28.93 -42.63
N ARG O 113 -43.31 -29.16 -42.20
CA ARG O 113 -43.70 -30.47 -41.73
C ARG O 113 -43.63 -31.50 -42.85
N ASN O 114 -43.90 -31.07 -44.09
CA ASN O 114 -43.74 -31.94 -45.24
C ASN O 114 -42.29 -32.37 -45.35
N ALA O 115 -41.44 -31.47 -45.85
CA ALA O 115 -40.05 -31.79 -46.15
C ALA O 115 -39.33 -32.31 -44.92
N ARG O 116 -39.90 -33.34 -44.29
CA ARG O 116 -39.49 -33.72 -42.95
C ARG O 116 -40.17 -35.03 -42.56
N GLN O 117 -41.16 -35.42 -43.35
CA GLN O 117 -41.82 -36.71 -43.15
C GLN O 117 -41.07 -37.80 -43.92
N MET P 1 -46.01 -6.08 -45.76
CA MET P 1 -45.02 -7.02 -45.24
C MET P 1 -43.72 -7.06 -46.08
N PHE P 2 -43.53 -6.10 -47.01
CA PHE P 2 -42.39 -6.16 -47.94
C PHE P 2 -41.07 -6.10 -47.18
N ALA P 3 -40.07 -6.80 -47.72
CA ALA P 3 -38.87 -7.12 -46.97
C ALA P 3 -37.64 -6.81 -47.81
N ILE P 4 -36.90 -5.77 -47.41
CA ILE P 4 -35.60 -5.47 -47.98
C ILE P 4 -34.59 -6.50 -47.48
N ILE P 5 -35.08 -7.68 -47.07
CA ILE P 5 -34.31 -8.63 -46.28
C ILE P 5 -32.87 -8.76 -46.82
N GLN P 6 -31.88 -8.54 -45.96
CA GLN P 6 -30.46 -8.67 -46.30
C GLN P 6 -29.97 -7.61 -47.28
N THR P 7 -30.13 -7.85 -48.60
CA THR P 7 -29.62 -7.02 -49.70
C THR P 7 -30.56 -6.97 -50.92
N GLY P 8 -31.25 -8.08 -51.18
CA GLY P 8 -32.23 -8.15 -52.25
C GLY P 8 -33.54 -8.73 -51.76
N GLY P 9 -34.61 -7.94 -51.82
CA GLY P 9 -35.82 -8.26 -51.09
C GLY P 9 -37.04 -8.73 -51.87
N LYS P 10 -37.98 -9.39 -51.16
CA LYS P 10 -38.86 -10.37 -51.79
C LYS P 10 -40.30 -10.36 -51.26
N GLN P 11 -40.83 -9.23 -50.84
CA GLN P 11 -42.08 -9.26 -50.09
C GLN P 11 -43.10 -8.26 -50.62
N TYR P 12 -44.37 -8.62 -50.46
CA TYR P 12 -45.46 -7.86 -51.06
C TYR P 12 -45.75 -6.60 -50.26
N ARG P 13 -45.11 -5.48 -50.63
CA ARG P 13 -45.62 -4.13 -50.30
C ARG P 13 -45.69 -3.35 -51.61
N VAL P 14 -46.81 -3.44 -52.32
CA VAL P 14 -46.91 -2.77 -53.62
C VAL P 14 -46.80 -1.26 -53.44
N SER P 15 -45.97 -0.63 -54.27
CA SER P 15 -46.05 0.81 -54.52
C SER P 15 -45.60 1.70 -53.37
N GLU P 16 -44.29 1.74 -53.09
CA GLU P 16 -43.73 2.75 -52.20
C GLU P 16 -42.21 2.69 -52.26
N GLY P 17 -41.58 3.82 -51.95
CA GLY P 17 -40.14 3.86 -51.88
C GLY P 17 -39.62 3.14 -50.65
N ASP P 18 -38.38 2.69 -50.74
CA ASP P 18 -37.68 2.20 -49.55
C ASP P 18 -36.18 2.18 -49.87
N VAL P 19 -35.37 2.13 -48.82
CA VAL P 19 -33.93 2.37 -48.93
C VAL P 19 -33.17 1.05 -48.97
N ILE P 20 -32.06 1.02 -49.74
CA ILE P 20 -31.27 -0.18 -50.02
C ILE P 20 -29.80 0.22 -50.08
N ARG P 21 -28.92 -0.79 -50.12
CA ARG P 21 -27.49 -0.57 -49.89
C ARG P 21 -26.82 0.26 -50.98
N VAL P 22 -27.26 0.15 -52.24
CA VAL P 22 -26.86 0.97 -53.38
C VAL P 22 -27.05 0.11 -54.62
N GLU P 23 -26.67 0.64 -55.79
CA GLU P 23 -27.06 0.03 -57.05
C GLU P 23 -26.07 0.22 -58.18
N SER P 24 -25.57 1.45 -58.35
CA SER P 24 -24.88 1.97 -59.52
C SER P 24 -25.89 2.38 -60.59
N LEU P 25 -27.15 1.96 -60.48
CA LEU P 25 -28.21 2.23 -61.45
C LEU P 25 -28.55 3.71 -61.48
N GLN P 26 -27.96 4.48 -62.39
CA GLN P 26 -28.07 5.93 -62.28
C GLN P 26 -29.52 6.40 -62.36
N GLY P 27 -29.82 7.47 -61.63
CA GLY P 27 -31.13 8.09 -61.71
C GLY P 27 -32.22 7.08 -61.44
N GLU P 28 -33.29 7.17 -62.22
CA GLU P 28 -34.32 6.14 -62.24
C GLU P 28 -33.93 4.99 -63.14
N ALA P 29 -32.74 5.05 -63.76
CA ALA P 29 -32.41 4.15 -64.85
C ALA P 29 -32.47 2.70 -64.42
N GLY P 30 -32.25 2.42 -63.15
CA GLY P 30 -32.21 1.06 -62.67
C GLY P 30 -33.36 0.18 -63.13
N ASP P 31 -34.60 0.54 -62.77
CA ASP P 31 -35.74 -0.33 -63.01
C ASP P 31 -35.43 -1.76 -62.59
N LYS P 32 -34.80 -1.89 -61.41
CA LYS P 32 -34.26 -3.18 -60.99
C LYS P 32 -35.38 -4.19 -60.82
N VAL P 33 -35.19 -5.39 -61.39
CA VAL P 33 -36.18 -6.46 -61.31
C VAL P 33 -35.81 -7.36 -60.16
N GLU P 34 -36.81 -7.95 -59.50
CA GLU P 34 -36.54 -8.62 -58.24
C GLU P 34 -37.05 -10.04 -58.19
N LEU P 35 -36.20 -10.90 -57.64
CA LEU P 35 -36.37 -12.29 -57.26
C LEU P 35 -37.79 -12.64 -56.83
N LYS P 36 -37.99 -12.77 -55.50
CA LYS P 36 -39.25 -13.03 -54.82
C LYS P 36 -39.22 -14.37 -54.09
N ALA P 37 -39.06 -14.31 -52.76
CA ALA P 37 -39.01 -15.50 -51.90
C ALA P 37 -40.39 -15.91 -51.35
N LEU P 38 -41.43 -15.11 -51.62
CA LEU P 38 -42.76 -15.20 -51.00
C LEU P 38 -43.32 -13.80 -50.90
N PHE P 39 -44.44 -13.52 -51.55
CA PHE P 39 -45.20 -12.34 -51.18
C PHE P 39 -46.67 -12.66 -51.42
N VAL P 40 -47.54 -12.00 -50.65
CA VAL P 40 -48.99 -12.13 -50.82
C VAL P 40 -49.44 -10.91 -51.61
N GLY P 41 -49.48 -11.07 -52.95
CA GLY P 41 -49.96 -10.15 -53.97
C GLY P 41 -51.41 -10.31 -54.34
N GLY P 42 -52.12 -11.22 -53.68
CA GLY P 42 -53.54 -11.44 -53.87
C GLY P 42 -54.07 -12.44 -52.86
N GLU P 43 -53.86 -12.15 -51.57
CA GLU P 43 -54.18 -13.09 -50.50
C GLU P 43 -53.27 -14.32 -50.58
N GLN P 44 -53.37 -15.05 -51.69
CA GLN P 44 -52.57 -16.25 -51.89
C GLN P 44 -51.08 -15.92 -51.94
N THR P 45 -50.24 -16.87 -51.53
CA THR P 45 -48.80 -16.76 -51.71
C THR P 45 -48.21 -18.15 -51.68
N VAL P 46 -46.92 -18.22 -51.98
CA VAL P 46 -46.15 -19.47 -52.02
C VAL P 46 -44.68 -19.15 -51.76
N PHE P 47 -43.90 -20.18 -51.48
CA PHE P 47 -42.46 -20.03 -51.42
C PHE P 47 -41.72 -20.90 -52.42
N GLY P 48 -42.12 -22.16 -52.59
CA GLY P 48 -41.25 -23.19 -53.15
C GLY P 48 -40.67 -22.88 -54.52
N GLU P 49 -39.85 -21.83 -54.59
CA GLU P 49 -39.30 -21.33 -55.84
C GLU P 49 -40.40 -20.96 -56.84
N ASP P 50 -41.67 -21.26 -56.48
CA ASP P 50 -42.78 -20.66 -57.20
C ASP P 50 -42.80 -19.16 -56.98
N ALA P 51 -42.28 -18.69 -55.86
CA ALA P 51 -42.00 -17.27 -55.70
C ALA P 51 -40.93 -16.81 -56.67
N GLY P 52 -39.97 -17.67 -56.99
CA GLY P 52 -38.94 -17.30 -57.95
C GLY P 52 -39.48 -17.16 -59.36
N LYS P 53 -40.54 -17.90 -59.69
CA LYS P 53 -41.20 -17.72 -60.97
C LYS P 53 -41.96 -16.40 -61.03
N TYR P 54 -42.21 -15.76 -59.89
CA TYR P 54 -42.67 -14.37 -59.85
C TYR P 54 -41.48 -13.43 -59.69
N THR P 55 -41.72 -12.15 -59.95
CA THR P 55 -40.72 -11.10 -59.82
C THR P 55 -41.42 -9.76 -59.66
N VAL P 56 -40.77 -8.85 -58.94
CA VAL P 56 -41.30 -7.50 -58.75
C VAL P 56 -40.30 -6.50 -59.28
N GLN P 57 -40.69 -5.73 -60.29
CA GLN P 57 -39.85 -4.64 -60.76
C GLN P 57 -39.98 -3.45 -59.84
N ALA P 58 -38.94 -2.63 -59.83
CA ALA P 58 -38.95 -1.43 -59.02
C ALA P 58 -38.19 -0.34 -59.76
N GLU P 59 -38.85 0.79 -59.94
CA GLU P 59 -38.15 2.00 -60.34
C GLU P 59 -37.17 2.41 -59.25
N VAL P 60 -35.97 2.82 -59.67
CA VAL P 60 -35.08 3.52 -58.75
C VAL P 60 -35.61 4.92 -58.52
N VAL P 61 -35.44 5.43 -57.30
CA VAL P 61 -35.90 6.76 -56.95
C VAL P 61 -34.73 7.74 -56.83
N GLU P 62 -33.78 7.45 -55.94
CA GLU P 62 -32.65 8.36 -55.89
C GLU P 62 -31.57 7.81 -54.96
N HIS P 63 -30.33 8.19 -55.24
CA HIS P 63 -29.23 7.84 -54.33
C HIS P 63 -29.16 8.83 -53.17
N GLY P 64 -28.63 8.36 -52.04
CA GLY P 64 -28.60 9.19 -50.86
C GLY P 64 -27.53 8.75 -49.88
N ARG P 65 -27.31 9.60 -48.88
CA ARG P 65 -26.37 9.32 -47.81
C ARG P 65 -27.12 9.25 -46.50
N GLY P 66 -26.82 8.25 -45.68
CA GLY P 66 -27.53 8.07 -44.43
C GLY P 66 -27.11 9.13 -43.44
N LYS P 67 -27.73 9.08 -42.26
CA LYS P 67 -27.37 10.05 -41.24
C LYS P 67 -25.94 9.84 -40.80
N LYS P 68 -25.29 10.96 -40.45
CA LYS P 68 -23.94 10.92 -39.93
C LYS P 68 -23.90 10.17 -38.60
N ILE P 69 -22.77 9.54 -38.37
CA ILE P 69 -22.49 8.72 -37.19
C ILE P 69 -21.05 9.03 -36.81
N TYR P 70 -20.71 8.87 -35.54
CA TYR P 70 -19.30 8.91 -35.18
C TYR P 70 -18.92 7.58 -34.56
N ILE P 71 -18.08 6.81 -35.27
CA ILE P 71 -17.44 5.68 -34.62
C ILE P 71 -16.57 6.20 -33.50
N ARG P 72 -16.71 5.60 -32.32
CA ARG P 72 -16.01 6.02 -31.13
C ARG P 72 -15.44 4.78 -30.46
N LYS P 73 -14.13 4.77 -30.25
CA LYS P 73 -13.46 3.66 -29.60
C LYS P 73 -12.65 4.17 -28.42
N TYR P 74 -12.60 3.37 -27.36
CA TYR P 74 -11.90 3.73 -26.12
C TYR P 74 -11.51 2.46 -25.39
N LYS P 75 -10.36 2.50 -24.71
CA LYS P 75 -9.99 1.41 -23.81
C LYS P 75 -9.27 1.98 -22.60
N SER P 76 -9.58 1.40 -21.42
CA SER P 76 -9.18 2.02 -20.17
C SER P 76 -7.67 2.02 -19.99
N GLY P 77 -7.17 3.08 -19.36
CA GLY P 77 -5.89 3.09 -18.72
C GLY P 77 -4.70 3.13 -19.65
N VAL P 78 -4.94 3.09 -20.96
CA VAL P 78 -3.90 2.91 -21.98
C VAL P 78 -3.88 4.08 -22.96
N GLN P 79 -4.34 5.25 -22.54
CA GLN P 79 -4.72 6.32 -23.47
C GLN P 79 -5.67 5.71 -24.50
N TYR P 80 -5.46 5.89 -25.78
CA TYR P 80 -6.30 5.20 -26.75
C TYR P 80 -7.77 5.62 -26.73
N ARG P 81 -8.06 6.79 -27.31
CA ARG P 81 -9.36 7.16 -27.82
C ARG P 81 -9.32 7.29 -29.34
N ARG P 82 -10.45 7.06 -29.98
CA ARG P 82 -10.54 7.13 -31.43
C ARG P 82 -11.88 7.72 -31.83
N ARG P 83 -11.86 8.88 -32.48
CA ARG P 83 -13.04 9.50 -33.07
C ARG P 83 -12.96 9.45 -34.59
N THR P 84 -14.04 9.05 -35.24
CA THR P 84 -13.97 8.92 -36.70
C THR P 84 -15.37 9.00 -37.31
N GLY P 85 -15.56 9.93 -38.25
CA GLY P 85 -16.87 10.10 -38.87
C GLY P 85 -17.20 9.00 -39.86
N HIS P 86 -18.49 8.71 -40.00
CA HIS P 86 -18.91 7.71 -40.98
C HIS P 86 -20.37 7.93 -41.34
N ARG P 87 -20.70 7.68 -42.61
CA ARG P 87 -22.08 7.52 -43.02
C ARG P 87 -22.12 6.74 -44.34
N GLN P 88 -23.11 5.87 -44.45
CA GLN P 88 -23.21 4.86 -45.49
C GLN P 88 -24.23 5.29 -46.53
N ASN P 89 -23.89 5.09 -47.80
CA ASN P 89 -24.76 5.49 -48.88
C ASN P 89 -25.81 4.42 -49.16
N PHE P 90 -26.86 4.85 -49.86
CA PHE P 90 -27.97 3.97 -50.18
C PHE P 90 -28.61 4.40 -51.49
N THR P 91 -29.49 3.55 -52.00
CA THR P 91 -30.35 3.85 -53.13
C THR P 91 -31.80 3.65 -52.71
N ALA P 92 -32.64 4.61 -53.02
CA ALA P 92 -34.05 4.55 -52.73
C ALA P 92 -34.75 4.07 -53.98
N ILE P 93 -35.58 3.04 -53.83
CA ILE P 93 -36.24 2.38 -54.94
C ILE P 93 -37.74 2.37 -54.67
N LYS P 94 -38.50 2.86 -55.66
CA LYS P 94 -39.95 2.69 -55.70
C LYS P 94 -40.30 1.29 -56.20
N ILE P 95 -41.44 0.77 -55.76
CA ILE P 95 -41.87 -0.57 -56.15
C ILE P 95 -43.13 -0.50 -57.01
N LEU P 96 -43.26 -1.44 -57.94
CA LEU P 96 -44.47 -1.52 -58.76
C LEU P 96 -44.81 -2.95 -59.16
N GLY P 97 -43.92 -3.91 -58.88
CA GLY P 97 -43.91 -5.17 -59.61
C GLY P 97 -45.05 -6.12 -59.27
N ILE P 98 -45.18 -7.15 -60.10
CA ILE P 98 -46.20 -8.20 -59.91
C ILE P 98 -46.09 -8.83 -58.51
N ALA Q 1 -46.30 45.97 -34.79
CA ALA Q 1 -45.32 47.03 -34.60
C ALA Q 1 -43.89 46.55 -34.96
N THR Q 2 -43.73 46.07 -36.20
CA THR Q 2 -42.43 45.60 -36.69
C THR Q 2 -41.47 46.76 -36.95
N PHE Q 3 -40.18 46.51 -36.72
CA PHE Q 3 -39.11 47.46 -36.96
C PHE Q 3 -38.17 46.84 -37.99
N ARG Q 4 -37.14 47.59 -38.41
CA ARG Q 4 -36.23 47.09 -39.44
C ARG Q 4 -34.86 46.68 -38.91
N ASN Q 5 -34.26 47.46 -38.02
CA ASN Q 5 -33.00 47.05 -37.44
C ASN Q 5 -32.99 47.47 -35.98
N LYS Q 6 -32.00 46.96 -35.24
CA LYS Q 6 -32.01 47.10 -33.80
C LYS Q 6 -32.07 48.57 -33.37
N LYS Q 7 -31.18 49.41 -33.91
CA LYS Q 7 -30.95 50.70 -33.29
C LYS Q 7 -32.23 51.54 -33.25
N GLN Q 8 -33.11 51.40 -34.25
CA GLN Q 8 -34.32 52.20 -34.22
C GLN Q 8 -35.35 51.60 -33.26
N ARG Q 9 -35.44 50.27 -33.21
CA ARG Q 9 -36.28 49.67 -32.19
C ARG Q 9 -35.81 50.04 -30.80
N LYS Q 10 -34.52 50.35 -30.65
CA LYS Q 10 -34.00 50.80 -29.37
C LYS Q 10 -34.34 52.26 -29.11
N GLN Q 11 -34.29 53.10 -30.13
CA GLN Q 11 -34.54 54.51 -29.90
C GLN Q 11 -36.01 54.88 -29.92
N GLN Q 12 -36.93 53.95 -30.19
CA GLN Q 12 -38.35 54.30 -30.05
C GLN Q 12 -39.14 53.19 -29.38
N VAL Q 13 -38.55 52.52 -28.39
CA VAL Q 13 -39.29 51.55 -27.59
C VAL Q 13 -38.50 51.29 -26.32
N LYS Q 14 -38.84 52.02 -25.24
CA LYS Q 14 -37.98 52.13 -24.07
C LYS Q 14 -38.18 51.02 -23.03
N LEU Q 15 -39.25 50.22 -23.12
CA LEU Q 15 -39.21 48.92 -22.47
C LEU Q 15 -39.25 48.98 -20.93
N ARG Q 16 -40.43 48.84 -20.36
CA ARG Q 16 -40.67 49.16 -18.96
C ARG Q 16 -40.92 47.89 -18.14
N LYS Q 17 -41.07 48.13 -16.83
CA LYS Q 17 -41.18 47.05 -15.84
C LYS Q 17 -42.41 47.33 -14.97
N PRO Q 18 -43.60 47.04 -15.49
CA PRO Q 18 -44.82 47.18 -14.66
C PRO Q 18 -44.77 46.33 -13.39
N GLY Q 19 -45.24 46.92 -12.30
CA GLY Q 19 -45.41 46.23 -11.05
C GLY Q 19 -44.13 45.83 -10.35
N PHE Q 20 -42.98 46.31 -10.83
CA PHE Q 20 -41.71 45.75 -10.43
C PHE Q 20 -41.00 46.64 -9.42
N ALA Q 21 -40.34 46.01 -8.45
CA ALA Q 21 -39.44 46.79 -7.62
C ALA Q 21 -38.41 45.86 -7.01
N VAL Q 22 -37.21 46.41 -6.85
CA VAL Q 22 -36.09 45.66 -6.32
C VAL Q 22 -35.47 46.38 -5.14
N ALA Q 23 -35.14 45.62 -4.11
CA ALA Q 23 -34.34 46.08 -2.98
C ALA Q 23 -32.98 45.45 -3.17
N LYS Q 24 -32.09 46.19 -3.83
CA LYS Q 24 -30.73 45.71 -4.02
C LYS Q 24 -29.92 45.86 -2.73
N TYR Q 25 -29.01 44.91 -2.54
CA TYR Q 25 -27.94 44.97 -1.54
C TYR Q 25 -28.44 44.96 -0.10
N VAL Q 26 -29.61 44.38 0.18
CA VAL Q 26 -30.04 44.16 1.56
C VAL Q 26 -29.06 43.22 2.27
N ARG Q 27 -28.69 43.55 3.50
CA ARG Q 27 -27.62 42.84 4.20
C ARG Q 27 -28.18 41.67 5.02
N MET Q 28 -28.64 40.65 4.31
CA MET Q 28 -29.22 39.45 4.90
C MET Q 28 -28.87 38.29 3.98
N SER Q 29 -28.90 37.06 4.55
CA SER Q 29 -28.63 35.98 3.59
C SER Q 29 -29.88 35.62 2.79
N PRO Q 30 -29.70 35.33 1.52
CA PRO Q 30 -30.84 35.00 0.67
C PRO Q 30 -31.64 33.83 1.19
N ARG Q 31 -31.07 32.89 1.94
CA ARG Q 31 -31.86 31.73 2.37
C ARG Q 31 -33.04 32.14 3.27
N LYS Q 32 -32.76 32.96 4.29
CA LYS Q 32 -33.85 33.32 5.19
C LYS Q 32 -34.87 34.22 4.48
N VAL Q 33 -34.34 35.17 3.73
CA VAL Q 33 -35.21 36.10 3.07
C VAL Q 33 -36.12 35.30 2.17
N ARG Q 34 -35.60 34.20 1.63
CA ARG Q 34 -36.44 33.37 0.80
C ARG Q 34 -37.55 32.71 1.59
N LEU Q 35 -37.31 32.36 2.86
CA LEU Q 35 -38.41 31.76 3.64
C LEU Q 35 -39.61 32.70 3.72
N VAL Q 36 -39.33 33.95 4.10
CA VAL Q 36 -40.41 34.95 4.14
C VAL Q 36 -41.04 35.10 2.77
N VAL Q 37 -40.20 35.33 1.76
CA VAL Q 37 -40.74 35.62 0.46
C VAL Q 37 -41.58 34.47 -0.03
N ASP Q 38 -41.19 33.25 0.30
CA ASP Q 38 -41.97 32.13 -0.17
C ASP Q 38 -43.35 32.14 0.45
N VAL Q 39 -43.49 32.64 1.68
CA VAL Q 39 -44.86 32.68 2.20
C VAL Q 39 -45.69 33.77 1.51
N ILE Q 40 -45.04 34.86 1.07
CA ILE Q 40 -45.79 35.95 0.43
C ILE Q 40 -46.45 35.53 -0.88
N ARG Q 41 -45.84 34.62 -1.64
CA ARG Q 41 -45.88 34.62 -3.11
C ARG Q 41 -47.25 34.90 -3.74
N GLY Q 42 -47.87 33.91 -4.41
CA GLY Q 42 -48.98 34.26 -5.32
C GLY Q 42 -50.25 34.88 -4.73
N LYS Q 43 -50.05 35.76 -3.76
CA LYS Q 43 -51.03 36.08 -2.73
C LYS Q 43 -51.62 37.48 -2.93
N SER Q 44 -52.85 37.67 -2.46
CA SER Q 44 -53.46 39.00 -2.52
C SER Q 44 -52.55 40.00 -1.83
N VAL Q 45 -52.39 41.19 -2.41
CA VAL Q 45 -51.38 42.08 -1.83
C VAL Q 45 -51.77 42.54 -0.42
N GLN Q 46 -53.06 42.61 -0.09
CA GLN Q 46 -53.46 42.84 1.29
C GLN Q 46 -52.86 41.78 2.21
N ASP Q 47 -53.17 40.52 1.92
CA ASP Q 47 -52.65 39.45 2.75
C ASP Q 47 -51.15 39.51 2.75
N ALA Q 48 -50.55 39.92 1.66
CA ALA Q 48 -49.11 40.08 1.69
C ALA Q 48 -48.70 41.01 2.82
N GLU Q 49 -49.32 42.20 2.89
CA GLU Q 49 -48.98 43.16 3.93
C GLU Q 49 -49.33 42.65 5.31
N ASP Q 50 -50.36 41.81 5.41
CA ASP Q 50 -50.78 41.20 6.66
C ASP Q 50 -49.79 40.15 7.19
N LEU Q 51 -49.78 39.01 6.50
CA LEU Q 51 -48.79 38.00 6.76
C LEU Q 51 -47.47 38.65 7.11
N LEU Q 52 -47.03 39.66 6.36
CA LEU Q 52 -45.78 40.28 6.74
C LEU Q 52 -45.86 41.04 8.07
N ARG Q 53 -47.00 41.61 8.43
CA ARG Q 53 -47.07 42.25 9.75
C ARG Q 53 -46.85 41.25 10.87
N PHE Q 54 -47.27 40.00 10.66
CA PHE Q 54 -47.38 39.05 11.76
C PHE Q 54 -46.41 37.88 11.65
N ILE Q 55 -45.35 37.97 10.88
CA ILE Q 55 -44.44 36.86 10.68
C ILE Q 55 -43.10 37.24 11.27
N PRO Q 56 -42.51 36.41 12.12
CA PRO Q 56 -41.58 36.87 13.15
C PRO Q 56 -40.13 37.00 12.73
N ARG Q 57 -39.83 36.85 11.44
CA ARG Q 57 -38.46 36.91 10.96
C ARG Q 57 -37.94 38.34 10.88
N SER Q 58 -36.64 38.47 11.04
CA SER Q 58 -36.02 39.77 10.89
C SER Q 58 -36.16 40.26 9.45
N ALA Q 59 -36.28 39.34 8.48
CA ALA Q 59 -36.39 39.68 7.07
C ALA Q 59 -37.79 40.08 6.66
N SER Q 60 -38.78 39.92 7.52
CA SER Q 60 -40.10 40.41 7.15
C SER Q 60 -40.05 41.89 6.84
N GLU Q 61 -39.13 42.62 7.46
CA GLU Q 61 -39.08 44.07 7.30
C GLU Q 61 -38.77 44.48 5.88
N PRO Q 62 -37.54 44.25 5.38
CA PRO Q 62 -37.26 44.71 4.02
C PRO Q 62 -38.20 44.11 2.99
N VAL Q 63 -38.60 42.85 3.17
CA VAL Q 63 -39.51 42.23 2.21
C VAL Q 63 -40.83 42.98 2.21
N ALA Q 64 -41.23 43.49 3.36
CA ALA Q 64 -42.44 44.30 3.40
C ALA Q 64 -42.21 45.61 2.65
N LYS Q 65 -41.09 46.27 2.90
CA LYS Q 65 -40.86 47.56 2.27
C LYS Q 65 -40.85 47.44 0.74
N VAL Q 66 -40.19 46.41 0.22
CA VAL Q 66 -40.20 46.22 -1.21
C VAL Q 66 -41.60 45.86 -1.69
N LEU Q 67 -42.34 45.09 -0.90
CA LEU Q 67 -43.69 44.79 -1.33
C LEU Q 67 -44.46 46.06 -1.57
N ASN Q 68 -44.06 47.15 -0.93
CA ASN Q 68 -44.79 48.40 -1.11
C ASN Q 68 -44.40 49.12 -2.39
N SER Q 69 -43.12 49.14 -2.74
CA SER Q 69 -42.76 49.88 -3.93
C SER Q 69 -43.46 49.30 -5.14
N ALA Q 70 -43.57 47.97 -5.22
CA ALA Q 70 -44.39 47.36 -6.23
C ALA Q 70 -45.75 48.05 -6.27
N LYS Q 71 -46.49 47.95 -5.17
CA LYS Q 71 -47.80 48.57 -5.09
C LYS Q 71 -47.71 50.00 -5.56
N ALA Q 72 -46.77 50.76 -5.00
CA ALA Q 72 -46.66 52.17 -5.33
C ALA Q 72 -46.48 52.34 -6.83
N ASN Q 73 -45.49 51.65 -7.37
CA ASN Q 73 -45.21 51.80 -8.78
C ASN Q 73 -46.36 51.28 -9.63
N ALA Q 74 -47.09 50.26 -9.16
CA ALA Q 74 -48.24 49.81 -9.92
C ALA Q 74 -49.30 50.90 -9.98
N LEU Q 75 -49.44 51.66 -8.90
CA LEU Q 75 -50.55 52.57 -8.80
C LEU Q 75 -50.20 53.99 -9.20
N HIS Q 76 -48.93 54.35 -9.11
CA HIS Q 76 -48.52 55.68 -9.52
C HIS Q 76 -48.02 55.60 -10.96
N ASN Q 77 -46.86 54.97 -11.15
CA ASN Q 77 -46.22 54.95 -12.46
C ASN Q 77 -47.01 54.15 -13.49
N ASP Q 78 -47.79 53.17 -13.06
CA ASP Q 78 -48.34 52.21 -14.01
C ASP Q 78 -49.84 52.26 -14.11
N GLU Q 79 -50.52 52.96 -13.20
CA GLU Q 79 -51.95 53.26 -13.34
C GLU Q 79 -52.85 52.05 -13.10
N MET Q 80 -52.45 51.12 -12.24
CA MET Q 80 -53.23 49.91 -12.02
C MET Q 80 -54.30 50.15 -10.93
N LEU Q 81 -55.00 49.07 -10.56
CA LEU Q 81 -56.13 49.10 -9.63
C LEU Q 81 -55.70 48.40 -8.35
N GLU Q 82 -55.45 49.19 -7.29
CA GLU Q 82 -54.88 48.60 -6.07
C GLU Q 82 -55.80 47.56 -5.45
N ASP Q 83 -57.09 47.68 -5.64
CA ASP Q 83 -58.06 46.75 -5.07
C ASP Q 83 -58.05 45.40 -5.81
N ARG Q 84 -57.05 45.28 -6.66
CA ARG Q 84 -56.91 44.18 -7.60
C ARG Q 84 -55.49 43.63 -7.72
N LEU Q 85 -54.50 44.25 -7.06
CA LEU Q 85 -53.12 43.81 -7.16
C LEU Q 85 -52.92 42.45 -6.52
N PHE Q 86 -51.89 41.74 -6.97
CA PHE Q 86 -51.38 40.59 -6.25
C PHE Q 86 -49.93 40.39 -6.63
N VAL Q 87 -49.27 39.48 -5.92
CA VAL Q 87 -47.86 39.26 -6.09
C VAL Q 87 -47.76 38.23 -7.21
N LYS Q 88 -47.67 38.73 -8.45
CA LYS Q 88 -47.52 37.81 -9.58
C LYS Q 88 -46.18 37.09 -9.52
N GLU Q 89 -45.11 37.79 -9.13
CA GLU Q 89 -43.87 37.07 -8.89
C GLU Q 89 -43.08 37.80 -7.82
N ALA Q 90 -42.24 37.04 -7.10
CA ALA Q 90 -41.37 37.57 -6.07
C ALA Q 90 -40.25 36.57 -5.90
N TYR Q 91 -39.04 37.07 -5.66
CA TYR Q 91 -37.89 36.18 -5.55
C TYR Q 91 -36.73 36.90 -4.87
N VAL Q 92 -35.79 36.12 -4.36
CA VAL Q 92 -34.57 36.68 -3.80
C VAL Q 92 -33.40 36.09 -4.54
N ASP Q 93 -32.41 36.93 -4.83
CA ASP Q 93 -31.16 36.53 -5.48
C ASP Q 93 -30.02 37.04 -4.62
N ALA Q 94 -28.81 36.62 -4.96
CA ALA Q 94 -27.63 36.91 -4.15
C ALA Q 94 -26.96 38.22 -4.53
N GLY Q 95 -26.60 39.01 -3.53
CA GLY Q 95 -25.82 40.20 -3.80
C GLY Q 95 -24.35 39.88 -3.73
N PRO Q 96 -23.51 40.88 -3.63
CA PRO Q 96 -22.12 40.60 -3.26
C PRO Q 96 -22.11 40.08 -1.85
N THR Q 97 -20.91 39.86 -1.30
CA THR Q 97 -20.75 39.21 -0.02
C THR Q 97 -19.63 39.91 0.73
N LEU Q 98 -19.94 40.42 1.93
CA LEU Q 98 -18.92 41.01 2.79
C LEU Q 98 -18.16 39.89 3.46
N LYS Q 99 -16.95 39.64 3.00
CA LYS Q 99 -16.11 38.65 3.64
C LYS Q 99 -15.32 39.31 4.77
N ARG Q 100 -15.45 38.77 5.99
CA ARG Q 100 -14.72 39.26 7.16
C ARG Q 100 -13.92 38.10 7.78
N LEU Q 101 -12.61 38.20 7.75
CA LEU Q 101 -11.78 37.20 8.40
C LEU Q 101 -11.88 37.33 9.91
N ILE Q 102 -11.97 36.18 10.61
CA ILE Q 102 -12.20 36.12 12.06
C ILE Q 102 -11.23 35.17 12.76
N PRO Q 103 -10.78 35.47 13.97
CA PRO Q 103 -9.74 34.65 14.61
C PRO Q 103 -10.28 33.33 15.16
N ARG Q 104 -9.37 32.39 15.40
CA ARG Q 104 -9.77 31.07 15.83
C ARG Q 104 -8.66 30.40 16.62
N ALA Q 105 -8.97 29.23 17.15
CA ALA Q 105 -8.08 28.63 18.12
C ALA Q 105 -6.70 28.41 17.51
N ARG Q 106 -5.69 28.60 18.33
CA ARG Q 106 -4.32 28.14 18.02
C ARG Q 106 -3.78 28.74 16.74
N GLY Q 107 -4.13 29.98 16.44
CA GLY Q 107 -3.42 30.77 15.45
C GLY Q 107 -4.07 30.88 14.09
N SER Q 108 -4.99 29.98 13.76
CA SER Q 108 -5.57 30.01 12.44
C SER Q 108 -6.61 31.12 12.34
N ALA Q 109 -7.03 31.38 11.10
CA ALA Q 109 -8.06 32.37 10.85
C ALA Q 109 -9.24 31.72 10.15
N ASN Q 110 -10.13 32.55 9.67
CA ASN Q 110 -11.30 31.95 9.06
C ASN Q 110 -12.14 33.07 8.45
N ILE Q 111 -12.90 32.74 7.42
CA ILE Q 111 -13.59 33.75 6.63
C ILE Q 111 -15.06 33.59 6.90
N ILE Q 112 -15.68 34.60 7.54
CA ILE Q 112 -17.13 34.65 7.69
C ILE Q 112 -17.74 35.39 6.51
N LYS Q 113 -18.84 34.88 6.00
CA LYS Q 113 -19.47 35.46 4.82
C LYS Q 113 -20.77 36.13 5.23
N LYS Q 114 -20.74 37.45 5.38
CA LYS Q 114 -21.98 38.19 5.53
C LYS Q 114 -22.57 38.32 4.14
N ARG Q 115 -23.61 37.54 3.86
CA ARG Q 115 -24.24 37.60 2.56
C ARG Q 115 -25.16 38.82 2.46
N THR Q 116 -25.39 39.27 1.21
CA THR Q 116 -26.36 40.32 0.89
C THR Q 116 -27.42 39.74 -0.02
N SER Q 117 -28.50 40.50 -0.22
CA SER Q 117 -29.65 40.01 -0.96
C SER Q 117 -30.18 41.06 -1.93
N HIS Q 118 -30.70 40.57 -3.04
CA HIS Q 118 -31.44 41.37 -3.99
C HIS Q 118 -32.86 40.83 -3.92
N ILE Q 119 -33.74 41.58 -3.26
CA ILE Q 119 -35.11 41.14 -3.05
C ILE Q 119 -35.98 41.81 -4.09
N THR Q 120 -36.49 41.08 -5.06
CA THR Q 120 -37.36 41.74 -6.02
C THR Q 120 -38.74 41.16 -5.95
N ILE Q 121 -39.73 42.01 -6.20
CA ILE Q 121 -41.11 41.57 -6.13
C ILE Q 121 -41.91 42.40 -7.13
N ILE Q 122 -43.00 41.80 -7.61
CA ILE Q 122 -43.63 42.21 -8.84
C ILE Q 122 -45.11 41.86 -8.79
N VAL Q 123 -45.94 42.90 -8.90
CA VAL Q 123 -47.36 42.83 -8.63
C VAL Q 123 -48.13 43.01 -9.93
N ALA Q 124 -49.42 42.72 -9.88
CA ALA Q 124 -50.16 42.56 -11.11
C ALA Q 124 -51.65 42.51 -10.79
N GLU Q 125 -52.48 42.73 -11.81
CA GLU Q 125 -53.92 42.76 -11.59
C GLU Q 125 -54.45 41.34 -11.74
N LYS Q 126 -54.50 40.63 -10.62
CA LYS Q 126 -54.91 39.24 -10.73
C LYS Q 126 -56.31 39.17 -11.29
N GLY Q 127 -56.40 39.00 -12.61
CA GLY Q 127 -57.62 38.58 -13.24
C GLY Q 127 -57.70 37.06 -13.30
N ASN Q 128 -58.61 36.59 -14.15
CA ASN Q 128 -58.72 35.16 -14.39
C ASN Q 128 -59.60 34.89 -15.61
N SER R 1 11.55 89.04 12.66
CA SER R 1 10.79 90.17 13.20
C SER R 1 9.58 89.66 13.99
N HIS R 2 9.01 90.56 14.78
CA HIS R 2 7.96 90.16 15.71
C HIS R 2 6.82 89.48 14.97
N TYR R 3 6.35 90.10 13.89
CA TYR R 3 4.98 89.89 13.46
C TYR R 3 4.72 88.46 13.03
N ASP R 4 5.71 87.82 12.40
CA ASP R 4 5.46 86.48 11.85
C ASP R 4 5.60 85.37 12.88
N ILE R 5 6.11 85.66 14.07
CA ILE R 5 6.25 84.64 15.11
C ILE R 5 4.91 84.40 15.79
N LEU R 6 4.26 85.47 16.21
CA LEU R 6 2.86 85.38 16.60
C LEU R 6 2.04 84.96 15.38
N GLN R 7 1.15 84.00 15.56
CA GLN R 7 0.67 83.17 14.46
C GLN R 7 -0.77 83.45 14.08
N ALA R 8 -1.70 83.30 15.01
CA ALA R 8 -3.11 83.57 14.79
C ALA R 8 -3.84 83.30 16.10
N PRO R 9 -4.75 84.19 16.52
CA PRO R 9 -5.37 84.04 17.84
C PRO R 9 -6.22 82.79 17.97
N VAL R 10 -6.27 82.30 19.19
CA VAL R 10 -7.17 81.22 19.56
C VAL R 10 -8.60 81.69 19.38
N ILE R 11 -9.50 80.73 19.13
CA ILE R 11 -10.92 81.03 19.04
C ILE R 11 -11.67 79.86 19.66
N SER R 12 -12.30 80.08 20.80
CA SER R 12 -12.94 79.01 21.56
C SER R 12 -13.83 79.64 22.61
N GLU R 13 -14.75 78.85 23.17
CA GLU R 13 -15.47 79.39 24.32
C GLU R 13 -14.49 79.78 25.41
N LYS R 14 -13.45 78.96 25.61
CA LYS R 14 -12.51 79.21 26.67
C LYS R 14 -11.76 80.50 26.41
N ALA R 15 -10.79 80.49 25.51
CA ALA R 15 -9.87 81.63 25.45
C ALA R 15 -10.61 82.94 25.22
N TYR R 16 -11.78 82.90 24.55
CA TYR R 16 -12.56 84.13 24.41
C TYR R 16 -13.13 84.58 25.75
N SER R 17 -13.84 83.69 26.45
CA SER R 17 -14.41 84.14 27.71
C SER R 17 -13.33 84.35 28.77
N ALA R 18 -12.10 83.89 28.51
CA ALA R 18 -10.92 84.26 29.26
C ALA R 18 -10.33 85.57 28.80
N MET R 19 -10.72 86.05 27.63
CA MET R 19 -10.35 87.41 27.24
C MET R 19 -10.94 88.42 28.19
N GLU R 20 -12.12 88.13 28.75
CA GLU R 20 -12.78 89.03 29.70
C GLU R 20 -12.05 89.11 31.03
N ARG R 21 -11.35 88.06 31.42
CA ARG R 21 -10.57 88.14 32.64
C ARG R 21 -9.33 89.00 32.46
N GLY R 22 -8.97 89.33 31.23
CA GLY R 22 -7.74 90.03 30.92
C GLY R 22 -6.66 89.16 30.33
N VAL R 23 -6.87 87.85 30.26
CA VAL R 23 -5.95 86.96 29.58
C VAL R 23 -6.15 87.05 28.09
N TYR R 24 -5.05 86.83 27.35
CA TYR R 24 -5.10 86.74 25.90
C TYR R 24 -4.38 85.48 25.46
N SER R 25 -4.79 84.93 24.33
CA SER R 25 -4.41 83.56 24.03
C SER R 25 -4.30 83.38 22.53
N PHE R 26 -3.17 82.86 22.07
CA PHE R 26 -3.00 82.71 20.63
C PHE R 26 -1.86 81.76 20.29
N TRP R 27 -1.92 81.23 19.07
CA TRP R 27 -0.95 80.32 18.50
C TRP R 27 0.31 81.06 18.06
N VAL R 28 1.41 80.31 17.97
CA VAL R 28 2.72 80.86 17.65
C VAL R 28 3.57 79.76 17.00
N SER R 29 4.76 80.16 16.53
CA SER R 29 5.69 79.24 15.88
C SER R 29 6.31 78.30 16.91
N PRO R 30 6.22 76.99 16.70
CA PRO R 30 6.61 76.08 17.78
C PRO R 30 8.04 76.29 18.24
N LYS R 31 8.93 76.60 17.32
CA LYS R 31 10.27 77.01 17.73
C LYS R 31 10.10 78.46 18.14
N ALA R 32 10.00 78.71 19.44
CA ALA R 32 9.83 80.09 19.87
C ALA R 32 9.96 80.18 21.38
N THR R 33 11.12 80.62 21.86
CA THR R 33 11.33 80.69 23.29
C THR R 33 10.30 81.62 23.92
N LYS R 34 9.96 81.35 25.17
CA LYS R 34 8.91 82.14 25.80
C LYS R 34 9.21 83.62 25.69
N THR R 35 10.44 84.02 26.01
CA THR R 35 10.75 85.44 26.06
C THR R 35 10.55 86.09 24.69
N GLU R 36 10.73 85.32 23.61
CA GLU R 36 10.56 85.87 22.28
C GLU R 36 9.11 86.14 21.97
N ILE R 37 8.22 85.18 22.26
CA ILE R 37 6.81 85.43 22.00
C ILE R 37 6.29 86.52 22.93
N LYS R 38 6.88 86.63 24.12
CA LYS R 38 6.52 87.72 25.02
C LYS R 38 6.88 89.07 24.40
N ASP R 39 8.14 89.25 24.00
CA ASP R 39 8.55 90.52 23.41
C ASP R 39 7.77 90.80 22.13
N ALA R 40 7.44 89.77 21.35
CA ALA R 40 6.73 89.97 20.10
C ALA R 40 5.32 90.48 20.36
N ILE R 41 4.55 89.80 21.21
CA ILE R 41 3.21 90.30 21.50
C ILE R 41 3.28 91.67 22.15
N GLN R 42 4.30 91.92 22.98
CA GLN R 42 4.44 93.22 23.63
C GLN R 42 4.58 94.33 22.61
N GLN R 43 5.51 94.18 21.68
CA GLN R 43 5.79 95.26 20.75
C GLN R 43 4.94 95.19 19.50
N ALA R 44 4.04 94.22 19.43
CA ALA R 44 2.99 94.28 18.43
C ALA R 44 1.73 94.97 18.94
N PHE R 45 1.46 94.88 20.24
CA PHE R 45 0.24 95.49 20.78
C PHE R 45 0.48 96.60 21.78
N GLY R 46 1.73 96.98 22.02
CA GLY R 46 2.01 98.11 22.89
C GLY R 46 1.63 97.91 24.34
N VAL R 47 1.64 96.67 24.83
CA VAL R 47 1.30 96.33 26.21
C VAL R 47 2.51 95.68 26.87
N ARG R 48 2.59 95.80 28.20
CA ARG R 48 3.65 95.13 28.95
C ARG R 48 3.11 93.88 29.63
N VAL R 49 3.79 92.74 29.41
CA VAL R 49 3.30 91.43 29.81
C VAL R 49 4.05 90.97 31.06
N ILE R 50 3.27 90.53 32.07
CA ILE R 50 3.77 90.05 33.35
C ILE R 50 3.51 88.56 33.55
N GLY R 51 2.94 87.88 32.54
CA GLY R 51 2.77 86.45 32.65
C GLY R 51 2.61 85.75 31.32
N ILE R 52 3.32 84.65 31.13
CA ILE R 52 3.22 83.83 29.92
C ILE R 52 3.28 82.36 30.30
N SER R 53 2.56 81.55 29.54
CA SER R 53 2.72 80.10 29.66
C SER R 53 2.40 79.48 28.30
N THR R 54 3.11 78.38 27.99
CA THR R 54 3.27 77.91 26.62
C THR R 54 3.13 76.39 26.54
N MET R 55 2.49 75.90 25.48
CA MET R 55 2.20 74.48 25.33
C MET R 55 2.29 74.03 23.87
N ASN R 56 2.88 72.86 23.62
CA ASN R 56 3.00 72.35 22.25
C ASN R 56 1.90 71.33 21.95
N VAL R 57 1.24 71.50 20.81
CA VAL R 57 -0.04 70.83 20.56
C VAL R 57 -0.11 70.21 19.16
N PRO R 58 -0.35 68.91 19.07
CA PRO R 58 -0.17 68.21 17.78
C PRO R 58 -1.40 67.50 17.19
N GLY R 59 -1.97 67.94 16.05
CA GLY R 59 -3.19 67.35 15.49
C GLY R 59 -2.94 66.15 14.56
N LYS R 60 -4.05 65.55 14.04
CA LYS R 60 -3.94 64.50 13.00
C LYS R 60 -5.22 63.86 12.43
N ARG R 61 -5.53 64.12 11.15
CA ARG R 61 -6.74 63.58 10.51
C ARG R 61 -6.41 62.76 9.27
N LYS R 62 -7.39 62.53 8.38
CA LYS R 62 -7.20 61.63 7.24
C LYS R 62 -8.30 61.85 6.20
N ARG R 63 -7.92 62.40 5.04
CA ARG R 63 -8.86 62.64 3.94
C ARG R 63 -9.25 61.33 3.26
N VAL R 64 -10.50 61.29 2.79
CA VAL R 64 -11.17 60.01 2.58
C VAL R 64 -10.36 59.18 1.59
N GLY R 65 -10.42 57.88 1.76
CA GLY R 65 -9.61 57.03 0.95
C GLY R 65 -8.19 57.01 1.47
N ARG R 66 -7.34 56.36 0.67
CA ARG R 66 -6.06 55.84 1.15
C ARG R 66 -5.24 56.85 1.94
N PHE R 67 -5.51 58.15 1.76
CA PHE R 67 -4.56 59.19 2.13
C PHE R 67 -4.48 59.36 3.64
N ILE R 68 -3.29 59.04 4.16
CA ILE R 68 -3.09 58.58 5.53
C ILE R 68 -3.54 59.61 6.55
N GLY R 69 -3.42 60.89 6.19
CA GLY R 69 -3.60 61.97 7.15
C GLY R 69 -2.31 62.36 7.85
N GLN R 70 -2.47 63.31 8.77
CA GLN R 70 -1.43 63.81 9.68
C GLN R 70 -1.32 65.32 9.63
N ARG R 71 -2.25 66.02 10.29
CA ARG R 71 -2.30 67.48 10.31
C ARG R 71 -1.08 68.06 11.02
N ASN R 72 -0.76 69.31 10.72
CA ASN R 72 0.51 69.81 11.24
C ASN R 72 0.36 70.33 12.66
N ASP R 73 1.49 70.33 13.37
CA ASP R 73 1.56 70.57 14.80
C ASP R 73 1.53 72.06 15.08
N ARG R 74 1.73 72.45 16.35
CA ARG R 74 1.92 73.86 16.70
C ARG R 74 2.25 74.11 18.15
N LYS R 75 2.16 75.38 18.57
CA LYS R 75 2.35 75.78 19.95
C LYS R 75 1.44 76.96 20.27
N LYS R 76 0.93 77.02 21.49
CA LYS R 76 0.02 78.06 21.93
C LYS R 76 0.56 78.76 23.17
N ALA R 77 0.30 80.05 23.25
CA ALA R 77 0.69 80.85 24.38
C ALA R 77 -0.54 81.47 25.01
N ILE R 78 -0.46 81.68 26.32
CA ILE R 78 -1.42 82.50 27.05
C ILE R 78 -0.65 83.56 27.83
N VAL R 79 -1.17 84.77 27.81
CA VAL R 79 -0.49 85.90 28.40
C VAL R 79 -1.45 86.62 29.33
N ARG R 80 -0.87 87.22 30.37
CA ARG R 80 -1.54 88.13 31.29
C ARG R 80 -0.68 89.38 31.43
N LEU R 81 -1.28 90.53 31.20
CA LEU R 81 -0.60 91.82 31.21
C LEU R 81 -1.02 92.61 32.44
N ALA R 82 -0.42 93.78 32.63
CA ALA R 82 -0.70 94.59 33.81
C ALA R 82 -2.12 95.15 33.77
N GLU R 83 -2.69 95.37 34.97
CA GLU R 83 -4.14 95.46 35.10
C GLU R 83 -4.78 96.34 34.05
N GLY R 84 -4.20 97.49 33.76
CA GLY R 84 -4.82 98.28 32.72
C GLY R 84 -4.47 97.89 31.32
N GLN R 85 -3.53 96.96 31.15
CA GLN R 85 -2.86 96.86 29.87
C GLN R 85 -3.71 96.21 28.79
N SER R 86 -5.00 95.93 29.02
CA SER R 86 -5.75 95.06 28.11
C SER R 86 -5.70 95.56 26.67
N ILE R 87 -5.44 94.62 25.73
CA ILE R 87 -5.15 94.99 24.34
C ILE R 87 -6.43 95.40 23.62
N GLU R 88 -6.24 96.18 22.56
CA GLU R 88 -7.28 97.03 21.99
C GLU R 88 -8.39 96.26 21.27
N ALA R 89 -8.83 96.82 20.13
CA ALA R 89 -9.96 96.28 19.39
C ALA R 89 -9.68 94.89 18.80
N LEU R 90 -8.43 94.61 18.40
CA LEU R 90 -8.15 93.25 17.94
C LEU R 90 -8.40 92.27 19.07
N ALA R 91 -8.42 92.76 20.31
CA ALA R 91 -9.04 92.06 21.42
C ALA R 91 -10.55 92.25 21.47
N GLY R 92 -11.13 93.06 20.58
CA GLY R 92 -12.54 93.41 20.69
C GLY R 92 -13.49 92.23 20.57
N GLN R 93 -13.07 91.19 19.84
CA GLN R 93 -13.88 89.97 19.63
C GLN R 93 -14.91 89.65 20.73
N PRO S 1 -3.05 58.49 -17.58
CA PRO S 1 -4.49 58.68 -17.85
C PRO S 1 -4.78 59.37 -19.17
N SER S 2 -4.58 58.61 -20.26
CA SER S 2 -4.99 58.96 -21.62
C SER S 2 -4.26 60.20 -22.16
N ALA S 3 -3.75 61.07 -21.28
CA ALA S 3 -3.14 62.31 -21.75
C ALA S 3 -4.20 63.26 -22.34
N GLY S 4 -3.90 64.57 -22.43
CA GLY S 4 -4.84 65.60 -22.83
C GLY S 4 -4.91 65.79 -24.33
N SER S 5 -5.07 67.01 -24.83
CA SER S 5 -4.99 67.25 -26.26
C SER S 5 -3.57 67.12 -26.85
N HIS S 6 -3.48 66.53 -28.04
CA HIS S 6 -2.24 66.36 -28.79
C HIS S 6 -1.98 67.49 -29.78
N HIS S 7 -2.83 68.51 -29.80
CA HIS S 7 -2.64 69.60 -30.75
C HIS S 7 -1.65 70.61 -30.18
N ASN S 8 -0.50 70.11 -29.74
CA ASN S 8 0.55 70.97 -29.20
C ASN S 8 -0.03 72.09 -28.34
N ASP S 9 -1.15 71.79 -27.69
CA ASP S 9 -1.84 72.77 -26.85
C ASP S 9 -2.01 74.08 -27.59
N LYS S 10 -2.38 74.00 -28.87
CA LYS S 10 -2.50 75.20 -29.69
C LYS S 10 -3.93 75.32 -30.20
N LEU S 11 -4.65 76.32 -29.71
CA LEU S 11 -5.91 76.68 -30.29
C LEU S 11 -5.69 77.42 -31.59
N HIS S 12 -6.61 77.23 -32.54
CA HIS S 12 -6.54 77.86 -33.84
C HIS S 12 -7.45 79.07 -33.96
N PHE S 13 -7.74 79.73 -32.84
CA PHE S 13 -8.66 80.85 -32.85
C PHE S 13 -8.75 81.51 -31.48
N LYS S 14 -9.10 82.80 -31.45
CA LYS S 14 -9.21 83.53 -30.20
C LYS S 14 -10.65 83.46 -29.66
N LYS S 15 -10.79 83.87 -28.39
CA LYS S 15 -12.10 84.01 -27.78
C LYS S 15 -12.93 85.12 -28.44
N GLY S 16 -12.29 86.06 -29.14
CA GLY S 16 -13.06 87.10 -29.81
C GLY S 16 -13.85 86.57 -31.00
N ASP S 17 -13.29 85.63 -31.75
CA ASP S 17 -13.65 85.42 -33.14
C ASP S 17 -14.99 84.73 -33.34
N THR S 18 -15.61 85.05 -34.49
CA THR S 18 -16.78 84.34 -34.99
C THR S 18 -16.33 83.05 -35.66
N VAL S 19 -17.21 82.04 -35.64
CA VAL S 19 -16.81 80.68 -35.95
C VAL S 19 -18.06 79.89 -36.30
N ILE S 20 -17.88 78.77 -36.99
CA ILE S 20 -18.99 77.93 -37.45
C ILE S 20 -18.67 76.48 -37.17
N VAL S 21 -19.65 75.74 -36.67
CA VAL S 21 -19.49 74.30 -36.54
C VAL S 21 -19.47 73.68 -37.94
N LEU S 22 -18.56 72.73 -38.14
CA LEU S 22 -18.51 72.02 -39.43
C LEU S 22 -18.68 70.51 -39.27
N SER S 23 -19.31 70.05 -38.20
CA SER S 23 -19.46 68.61 -38.03
C SER S 23 -20.51 68.36 -36.97
N GLY S 24 -21.12 67.18 -37.03
CA GLY S 24 -22.16 66.82 -36.09
C GLY S 24 -23.41 67.66 -36.28
N LYS S 25 -24.25 67.64 -35.25
CA LYS S 25 -25.33 68.60 -35.20
C LYS S 25 -24.72 69.99 -35.08
N HIS S 26 -25.47 70.99 -35.50
CA HIS S 26 -25.00 72.35 -35.44
C HIS S 26 -24.04 72.66 -36.58
N LYS S 27 -23.77 71.71 -37.48
CA LYS S 27 -22.89 72.04 -38.59
C LYS S 27 -23.50 73.20 -39.37
N GLY S 28 -22.66 74.16 -39.71
CA GLY S 28 -23.08 75.36 -40.38
C GLY S 28 -23.44 76.49 -39.44
N GLN S 29 -23.67 76.21 -38.16
CA GLN S 29 -24.05 77.26 -37.23
C GLN S 29 -22.84 78.09 -36.84
N THR S 30 -23.10 79.33 -36.44
CA THR S 30 -22.08 80.34 -36.27
C THR S 30 -22.30 81.10 -34.96
N GLY S 31 -21.22 81.62 -34.41
CA GLY S 31 -21.30 82.42 -33.19
C GLY S 31 -19.94 82.95 -32.78
N LYS S 32 -19.97 83.81 -31.76
CA LYS S 32 -18.78 84.34 -31.11
C LYS S 32 -18.19 83.28 -30.16
N VAL S 33 -16.88 83.40 -29.90
CA VAL S 33 -16.15 82.36 -29.16
C VAL S 33 -16.15 82.75 -27.68
N LEU S 34 -17.17 82.32 -26.95
CA LEU S 34 -17.30 82.79 -25.58
C LEU S 34 -16.32 82.16 -24.61
N LEU S 35 -15.64 81.05 -24.97
CA LEU S 35 -14.65 80.48 -24.07
C LEU S 35 -13.74 79.52 -24.82
N ALA S 36 -12.44 79.83 -24.84
CA ALA S 36 -11.44 78.96 -25.42
C ALA S 36 -10.65 78.27 -24.32
N LEU S 37 -10.42 76.96 -24.48
CA LEU S 37 -9.72 76.13 -23.50
C LEU S 37 -8.65 75.33 -24.22
N PRO S 38 -7.50 75.95 -24.52
CA PRO S 38 -6.53 75.26 -25.39
C PRO S 38 -6.07 73.93 -24.82
N ARG S 39 -5.61 73.90 -23.55
CA ARG S 39 -4.96 72.70 -23.03
C ARG S 39 -5.92 71.52 -22.98
N ASP S 40 -7.20 71.78 -22.76
CA ASP S 40 -8.19 70.73 -22.88
C ASP S 40 -8.85 70.68 -24.25
N GLN S 41 -8.54 71.64 -25.12
CA GLN S 41 -9.14 71.74 -26.45
C GLN S 41 -10.67 71.78 -26.35
N LYS S 42 -11.23 72.93 -25.97
CA LYS S 42 -12.68 73.05 -25.78
C LYS S 42 -13.09 74.48 -26.10
N VAL S 43 -14.27 74.62 -26.69
CA VAL S 43 -14.67 75.88 -27.30
C VAL S 43 -16.12 76.17 -26.94
N VAL S 44 -16.33 77.26 -26.21
CA VAL S 44 -17.69 77.74 -25.92
C VAL S 44 -18.18 78.63 -27.04
N VAL S 45 -19.45 78.44 -27.40
CA VAL S 45 -20.07 79.13 -28.52
C VAL S 45 -21.57 79.17 -28.23
N GLU S 46 -22.26 80.14 -28.83
CA GLU S 46 -23.69 80.23 -28.57
C GLU S 46 -24.51 79.22 -29.37
N GLY S 47 -23.85 78.44 -30.26
CA GLY S 47 -24.46 77.31 -30.95
C GLY S 47 -25.05 76.24 -30.04
N VAL S 48 -24.22 75.28 -29.59
CA VAL S 48 -24.72 74.12 -28.85
C VAL S 48 -25.39 74.55 -27.57
N ASN S 49 -26.55 73.93 -27.28
CA ASN S 49 -27.25 74.22 -26.05
C ASN S 49 -27.73 72.93 -25.42
N VAL S 50 -27.91 73.00 -24.10
CA VAL S 50 -28.13 71.84 -23.25
C VAL S 50 -28.85 72.34 -22.00
N ILE S 51 -29.82 71.56 -21.54
CA ILE S 51 -30.65 71.93 -20.38
C ILE S 51 -30.09 71.21 -19.16
N THR S 52 -29.23 71.92 -18.44
CA THR S 52 -28.59 71.40 -17.24
C THR S 52 -29.52 71.60 -16.05
N LYS S 53 -30.05 70.51 -15.53
CA LYS S 53 -30.83 70.53 -14.31
C LYS S 53 -29.82 70.48 -13.17
N ASN S 54 -29.38 71.64 -12.68
CA ASN S 54 -28.50 71.60 -11.52
C ASN S 54 -29.28 71.06 -10.32
N VAL S 55 -28.65 70.14 -9.58
CA VAL S 55 -29.33 69.46 -8.49
C VAL S 55 -29.64 70.48 -7.40
N LYS S 56 -30.82 70.38 -6.81
CA LYS S 56 -31.23 71.42 -5.88
C LYS S 56 -30.33 71.36 -4.66
N PRO S 57 -29.67 72.44 -4.31
CA PRO S 57 -28.86 72.44 -3.09
C PRO S 57 -29.38 73.50 -2.14
N SER S 58 -30.59 74.00 -2.41
CA SER S 58 -31.21 75.12 -1.72
C SER S 58 -30.30 76.35 -1.67
N MET S 59 -29.21 76.35 -2.46
CA MET S 59 -28.25 77.45 -2.43
C MET S 59 -28.91 78.67 -3.03
N THR S 60 -29.82 79.28 -2.27
CA THR S 60 -30.80 80.26 -2.69
C THR S 60 -31.97 79.59 -3.42
N ASN S 61 -31.84 78.32 -3.81
CA ASN S 61 -32.89 77.60 -4.54
C ASN S 61 -33.12 76.25 -3.87
N PRO S 62 -33.95 76.23 -2.81
CA PRO S 62 -34.33 74.94 -2.22
C PRO S 62 -34.60 73.89 -3.28
N GLN S 63 -35.79 73.95 -3.87
CA GLN S 63 -36.04 73.18 -5.08
C GLN S 63 -35.17 73.68 -6.21
N GLY S 64 -34.57 72.77 -6.95
CA GLY S 64 -33.69 73.15 -8.02
C GLY S 64 -34.44 73.49 -9.26
N GLY S 65 -33.71 74.04 -10.23
CA GLY S 65 -34.26 74.35 -11.53
C GLY S 65 -33.54 73.62 -12.65
N GLN S 66 -33.97 73.91 -13.86
CA GLN S 66 -33.28 73.50 -15.08
C GLN S 66 -32.84 74.76 -15.82
N GLU S 67 -31.54 75.04 -15.81
CA GLU S 67 -31.01 76.12 -16.63
C GLU S 67 -30.83 75.67 -18.07
N GLN S 68 -30.98 76.60 -19.01
CA GLN S 68 -30.55 76.41 -20.39
C GLN S 68 -29.17 77.06 -20.53
N ARG S 69 -28.18 76.29 -20.98
CA ARG S 69 -26.80 76.77 -21.06
C ARG S 69 -26.10 76.06 -22.21
N GLU S 70 -25.08 76.70 -22.78
CA GLU S 70 -24.36 76.13 -23.92
C GLU S 70 -23.20 75.26 -23.46
N LEU S 71 -23.08 74.06 -24.05
CA LEU S 71 -22.10 73.05 -23.63
C LEU S 71 -20.98 72.92 -24.66
N ALA S 72 -19.74 73.09 -24.19
CA ALA S 72 -18.60 73.39 -25.05
C ALA S 72 -18.23 72.22 -25.98
N LEU S 73 -17.58 72.58 -27.10
CA LEU S 73 -17.08 71.65 -28.11
C LEU S 73 -15.57 71.78 -28.25
N HIS S 74 -15.00 71.25 -29.33
CA HIS S 74 -13.56 71.42 -29.53
C HIS S 74 -13.24 71.23 -31.02
N ALA S 75 -12.17 71.90 -31.49
CA ALA S 75 -11.66 71.85 -32.86
C ALA S 75 -12.57 71.12 -33.86
N SER S 76 -13.88 71.31 -33.70
CA SER S 76 -14.90 70.82 -34.62
C SER S 76 -15.86 71.89 -35.06
N LYS S 77 -16.02 72.96 -34.28
CA LYS S 77 -16.34 74.24 -34.89
C LYS S 77 -15.12 74.61 -35.71
N VAL S 78 -15.34 75.06 -36.90
CA VAL S 78 -14.24 75.41 -37.77
C VAL S 78 -13.82 76.85 -37.49
N ALA S 79 -12.59 77.16 -37.88
CA ALA S 79 -11.99 78.42 -37.52
C ALA S 79 -12.81 79.59 -38.04
N LEU S 80 -12.14 80.72 -38.16
CA LEU S 80 -12.72 81.94 -38.64
C LEU S 80 -13.25 81.76 -40.07
N VAL S 81 -14.08 82.72 -40.53
CA VAL S 81 -14.70 82.68 -41.86
C VAL S 81 -14.42 84.01 -42.58
N ASP S 82 -14.98 84.15 -43.79
CA ASP S 82 -14.92 85.43 -44.51
C ASP S 82 -15.72 85.38 -45.82
N PRO S 83 -15.57 84.31 -46.64
CA PRO S 83 -16.47 84.14 -47.79
C PRO S 83 -17.66 83.30 -47.37
N GLU S 84 -18.09 83.52 -46.12
CA GLU S 84 -19.29 82.97 -45.52
C GLU S 84 -19.17 81.47 -45.18
N THR S 85 -17.95 80.91 -45.25
CA THR S 85 -17.74 79.51 -44.87
C THR S 85 -16.37 79.34 -44.24
N GLY S 86 -16.20 78.21 -43.53
CA GLY S 86 -14.92 77.92 -42.91
C GLY S 86 -13.81 77.89 -43.93
N LYS S 87 -12.58 78.01 -43.44
CA LYS S 87 -11.45 78.12 -44.37
C LYS S 87 -10.17 77.70 -43.68
N ALA S 88 -9.26 77.12 -44.46
CA ALA S 88 -7.87 77.11 -44.06
C ALA S 88 -7.37 78.55 -44.03
N THR S 89 -6.36 78.82 -43.21
CA THR S 89 -5.88 80.20 -43.12
C THR S 89 -4.37 80.25 -42.94
N ARG S 90 -3.82 81.42 -43.30
CA ARG S 90 -2.37 81.60 -43.44
C ARG S 90 -1.92 82.83 -42.67
N VAL S 91 -0.68 82.76 -42.18
CA VAL S 91 -0.02 83.90 -41.56
C VAL S 91 0.23 84.96 -42.63
N ARG S 92 0.14 86.23 -42.24
CA ARG S 92 0.19 87.32 -43.20
C ARG S 92 1.41 88.21 -43.01
N LYS S 93 1.16 89.46 -42.66
CA LYS S 93 2.16 90.52 -42.79
C LYS S 93 2.01 91.49 -41.61
N GLN S 94 2.69 92.63 -41.72
CA GLN S 94 2.63 93.69 -40.73
C GLN S 94 1.54 94.69 -41.11
N ILE S 95 1.03 95.39 -40.10
CA ILE S 95 -0.01 96.39 -40.31
C ILE S 95 0.43 97.71 -39.68
N VAL S 96 -0.51 98.63 -39.44
CA VAL S 96 -0.21 99.76 -38.56
C VAL S 96 0.03 99.27 -37.15
N ASP S 97 -0.55 98.11 -36.80
CA ASP S 97 -0.11 97.30 -35.66
C ASP S 97 0.94 96.32 -36.20
N GLY S 98 2.14 96.85 -36.45
CA GLY S 98 3.15 96.14 -37.21
C GLY S 98 3.83 95.03 -36.47
N LYS S 99 3.64 94.94 -35.15
CA LYS S 99 4.11 93.81 -34.38
C LYS S 99 3.23 92.58 -34.55
N LYS S 100 2.19 92.66 -35.37
CA LYS S 100 1.22 91.59 -35.50
C LYS S 100 1.18 91.02 -36.91
N VAL S 101 0.96 89.72 -36.99
CA VAL S 101 0.49 89.05 -38.18
C VAL S 101 -1.02 88.86 -38.04
N ARG S 102 -1.72 88.83 -39.17
CA ARG S 102 -3.16 88.59 -39.19
C ARG S 102 -3.42 87.21 -39.79
N VAL S 103 -4.54 87.06 -40.51
CA VAL S 103 -4.91 85.80 -41.14
C VAL S 103 -5.61 86.09 -42.46
N ALA S 104 -5.72 85.06 -43.28
CA ALA S 104 -6.44 85.11 -44.53
C ALA S 104 -6.57 83.70 -45.04
N VAL S 105 -7.47 83.49 -45.98
CA VAL S 105 -7.58 82.17 -46.62
C VAL S 105 -7.18 82.32 -48.08
N ALA S 106 -8.17 82.38 -48.96
CA ALA S 106 -8.01 82.88 -50.33
C ALA S 106 -8.65 84.27 -50.44
N SER S 107 -8.11 85.20 -49.65
CA SER S 107 -8.80 86.46 -49.41
C SER S 107 -8.03 87.42 -48.50
N GLY S 108 -8.77 88.14 -47.65
CA GLY S 108 -8.29 89.31 -46.94
C GLY S 108 -7.76 89.10 -45.53
N LYS S 109 -8.53 89.50 -44.50
CA LYS S 109 -8.10 89.34 -43.10
C LYS S 109 -9.30 88.92 -42.26
N THR S 110 -9.10 88.93 -40.94
CA THR S 110 -10.16 88.57 -40.00
C THR S 110 -10.26 89.59 -38.86
N MET T 1 -6.24 -76.94 -28.83
CA MET T 1 -6.54 -75.52 -28.66
C MET T 1 -7.00 -74.90 -29.98
N GLU T 2 -7.08 -73.57 -30.04
CA GLU T 2 -7.52 -72.89 -31.25
C GLU T 2 -7.04 -71.44 -31.23
N LEU T 3 -6.76 -70.91 -32.42
CA LEU T 3 -6.40 -69.51 -32.58
C LEU T 3 -6.70 -69.13 -34.02
N THR T 4 -6.79 -67.82 -34.28
CA THR T 4 -7.24 -67.37 -35.60
C THR T 4 -6.29 -66.38 -36.26
N ALA T 5 -6.37 -65.11 -35.86
CA ALA T 5 -5.71 -64.01 -36.56
C ALA T 5 -4.24 -63.90 -36.15
N LYS T 6 -3.53 -63.03 -36.88
CA LYS T 6 -2.17 -62.64 -36.53
C LYS T 6 -1.75 -61.36 -37.24
N PRO T 7 -2.63 -60.36 -37.34
CA PRO T 7 -2.24 -59.12 -38.02
C PRO T 7 -1.13 -58.43 -37.24
N ARG T 8 -0.32 -57.66 -37.96
CA ARG T 8 0.61 -56.79 -37.25
C ARG T 8 -0.14 -55.79 -36.37
N THR T 9 -1.40 -55.46 -36.74
CA THR T 9 -2.25 -54.52 -35.99
C THR T 9 -2.85 -55.21 -34.76
N PRO T 10 -2.82 -54.57 -33.59
CA PRO T 10 -3.29 -55.24 -32.36
C PRO T 10 -4.63 -54.75 -31.82
N LYS T 11 -5.27 -53.77 -32.47
CA LYS T 11 -6.45 -53.16 -31.87
C LYS T 11 -7.58 -54.15 -31.64
N GLN T 12 -7.67 -55.20 -32.47
CA GLN T 12 -8.66 -56.23 -32.24
C GLN T 12 -8.34 -57.07 -31.01
N LYS T 13 -7.07 -57.27 -30.69
CA LYS T 13 -6.72 -58.24 -29.67
C LYS T 13 -7.22 -57.81 -28.29
N LEU T 14 -7.05 -56.53 -27.92
CA LEU T 14 -7.32 -56.11 -26.55
C LEU T 14 -8.80 -56.25 -26.19
N ASP T 15 -9.71 -56.14 -27.17
CA ASP T 15 -11.13 -56.02 -26.85
C ASP T 15 -11.71 -57.33 -26.32
N GLU T 16 -11.48 -58.44 -27.04
CA GLU T 16 -11.95 -59.75 -26.60
C GLU T 16 -10.92 -60.46 -25.74
N SER T 17 -9.93 -59.71 -25.24
CA SER T 17 -9.04 -60.13 -24.17
C SER T 17 -8.31 -61.38 -24.59
N MET T 18 -8.38 -61.72 -25.87
CA MET T 18 -7.61 -62.85 -26.38
C MET T 18 -6.13 -62.51 -26.35
N ILE T 19 -5.32 -63.47 -25.92
CA ILE T 19 -3.88 -63.25 -25.80
C ILE T 19 -3.24 -63.25 -27.18
N ALA T 20 -2.21 -62.43 -27.35
CA ALA T 20 -1.35 -62.50 -28.52
C ALA T 20 -0.43 -63.71 -28.42
N ALA T 21 0.02 -64.22 -29.57
CA ALA T 21 0.78 -65.46 -29.55
C ALA T 21 1.76 -65.46 -30.71
N VAL T 22 2.68 -66.42 -30.68
CA VAL T 22 3.59 -66.70 -31.78
C VAL T 22 3.90 -68.19 -31.75
N ALA T 23 4.35 -68.72 -32.89
CA ALA T 23 4.89 -70.06 -32.95
C ALA T 23 6.07 -70.04 -33.90
N TYR T 24 7.16 -70.69 -33.50
CA TYR T 24 8.40 -70.59 -34.25
C TYR T 24 9.28 -71.79 -33.99
N ASN T 25 10.29 -71.94 -34.85
CA ASN T 25 11.33 -72.96 -34.77
C ASN T 25 12.47 -72.53 -35.67
N LYS T 26 13.02 -73.46 -36.44
CA LYS T 26 14.00 -73.08 -37.46
C LYS T 26 13.31 -72.54 -38.72
N GLU T 27 12.27 -73.22 -39.18
CA GLU T 27 11.80 -72.96 -40.54
C GLU T 27 10.80 -71.81 -40.58
N ASN T 28 9.86 -71.76 -39.65
CA ASN T 28 8.80 -70.74 -39.69
C ASN T 28 8.51 -70.23 -38.29
N ASN T 29 8.61 -68.91 -38.12
CA ASN T 29 8.42 -68.21 -36.85
C ASN T 29 7.19 -67.30 -36.90
N VAL T 30 6.09 -67.81 -37.47
CA VAL T 30 4.92 -66.99 -37.73
C VAL T 30 4.19 -66.70 -36.43
N SER T 31 3.65 -65.49 -36.33
CA SER T 31 2.90 -64.98 -35.18
C SER T 31 1.40 -65.20 -35.37
N PHE T 32 0.66 -65.19 -34.25
CA PHE T 32 -0.75 -65.58 -34.23
C PHE T 32 -1.43 -64.93 -33.03
N ALA T 33 -2.67 -65.35 -32.74
CA ALA T 33 -3.37 -64.87 -31.56
C ALA T 33 -4.55 -65.78 -31.23
N LEU T 34 -4.81 -65.98 -29.93
CA LEU T 34 -5.74 -67.02 -29.47
C LEU T 34 -6.57 -66.53 -28.30
N ASP T 35 -7.59 -67.32 -27.93
CA ASP T 35 -8.48 -66.96 -26.84
C ASP T 35 -7.76 -67.00 -25.50
N ARG T 36 -8.25 -66.20 -24.55
CA ARG T 36 -7.54 -66.04 -23.29
C ARG T 36 -7.92 -67.11 -22.27
N LYS T 37 -9.21 -67.21 -21.94
CA LYS T 37 -9.62 -68.05 -20.82
C LYS T 37 -9.27 -69.52 -21.07
N ALA T 38 -9.50 -70.01 -22.28
CA ALA T 38 -9.11 -71.39 -22.56
C ALA T 38 -7.61 -71.55 -22.43
N PHE T 39 -6.85 -70.52 -22.81
CA PHE T 39 -5.41 -70.59 -22.66
C PHE T 39 -5.02 -70.68 -21.20
N ASP T 40 -5.77 -70.01 -20.33
CA ASP T 40 -5.40 -70.05 -18.92
C ASP T 40 -5.81 -71.35 -18.26
N ARG T 41 -6.94 -71.93 -18.66
CA ARG T 41 -7.25 -73.26 -18.18
C ARG T 41 -6.17 -74.25 -18.63
N ALA T 42 -5.67 -74.08 -19.86
CA ALA T 42 -4.65 -74.98 -20.38
C ALA T 42 -3.32 -74.79 -19.67
N PHE T 43 -2.87 -73.54 -19.53
CA PHE T 43 -1.61 -73.26 -18.87
C PHE T 43 -1.65 -73.66 -17.40
N ARG T 44 -2.82 -73.62 -16.76
CA ARG T 44 -2.94 -74.24 -15.45
C ARG T 44 -2.71 -75.75 -15.55
N GLN T 45 -3.40 -76.40 -16.50
CA GLN T 45 -3.28 -77.85 -16.59
C GLN T 45 -1.83 -78.28 -16.87
N GLN T 46 -1.08 -77.47 -17.61
CA GLN T 46 0.30 -77.80 -17.94
C GLN T 46 1.13 -76.52 -17.92
N SER T 47 2.34 -76.61 -17.39
CA SER T 47 3.22 -75.45 -17.33
C SER T 47 4.21 -75.46 -18.48
N THR T 48 5.48 -75.16 -18.17
CA THR T 48 6.51 -75.16 -19.19
C THR T 48 6.91 -76.58 -19.61
N THR T 49 6.51 -77.60 -18.84
CA THR T 49 6.69 -78.98 -19.26
C THR T 49 5.50 -79.52 -20.06
N GLY T 50 4.29 -79.01 -19.81
CA GLY T 50 3.13 -79.43 -20.59
C GLY T 50 3.15 -78.87 -22.00
N LEU T 51 2.43 -79.55 -22.89
CA LEU T 51 2.33 -79.12 -24.28
C LEU T 51 0.89 -79.28 -24.75
N PHE T 52 0.56 -78.61 -25.86
CA PHE T 52 -0.78 -78.72 -26.42
C PHE T 52 -0.73 -78.44 -27.92
N ASP T 53 -1.79 -78.87 -28.60
CA ASP T 53 -1.95 -78.68 -30.04
C ASP T 53 -2.70 -77.40 -30.33
N ILE T 54 -2.25 -76.68 -31.36
CA ILE T 54 -2.93 -75.50 -31.86
C ILE T 54 -3.46 -75.79 -33.26
N THR T 55 -4.69 -75.35 -33.51
CA THR T 55 -5.38 -75.51 -34.79
C THR T 55 -5.72 -74.13 -35.33
N VAL T 56 -4.71 -73.48 -35.93
CA VAL T 56 -4.95 -72.22 -36.60
C VAL T 56 -6.03 -72.44 -37.64
N GLU T 57 -6.88 -71.43 -37.84
CA GLU T 57 -8.01 -71.61 -38.75
C GLU T 57 -7.53 -71.82 -40.19
N GLY T 58 -6.52 -72.68 -40.38
CA GLY T 58 -6.01 -73.04 -41.68
C GLY T 58 -6.11 -74.51 -42.01
N GLY T 59 -6.50 -75.34 -41.03
CA GLY T 59 -6.73 -76.76 -41.25
C GLY T 59 -5.59 -77.71 -40.93
N GLU T 60 -4.57 -77.29 -40.18
CA GLU T 60 -3.48 -78.18 -39.79
C GLU T 60 -3.13 -77.99 -38.33
N THR T 61 -3.16 -79.08 -37.56
CA THR T 61 -2.75 -79.07 -36.16
C THR T 61 -1.24 -79.03 -36.02
N PHE T 62 -0.77 -78.37 -34.96
CA PHE T 62 0.65 -78.31 -34.64
C PHE T 62 0.88 -78.56 -33.16
N PRO T 63 2.03 -79.16 -32.79
CA PRO T 63 2.29 -79.46 -31.38
C PRO T 63 3.28 -78.51 -30.74
N ALA T 64 2.87 -77.79 -29.69
CA ALA T 64 3.65 -76.70 -29.14
C ALA T 64 3.91 -76.91 -27.66
N LEU T 65 5.15 -76.66 -27.25
CA LEU T 65 5.47 -76.44 -25.84
C LEU T 65 5.31 -74.95 -25.53
N VAL T 66 5.14 -74.63 -24.24
CA VAL T 66 5.08 -73.22 -23.83
C VAL T 66 6.48 -72.76 -23.44
N LYS T 67 6.89 -71.57 -23.89
CA LYS T 67 8.27 -71.16 -23.70
C LYS T 67 8.42 -69.88 -22.88
N ALA T 68 7.53 -68.90 -23.04
CA ALA T 68 7.57 -67.73 -22.16
C ALA T 68 6.27 -66.95 -22.29
N VAL T 69 5.79 -66.44 -21.15
CA VAL T 69 4.66 -65.53 -21.09
C VAL T 69 5.16 -64.24 -20.48
N GLN T 70 4.77 -63.10 -21.08
CA GLN T 70 5.16 -61.79 -20.58
C GLN T 70 3.91 -60.94 -20.47
N MET T 71 3.58 -60.53 -19.24
CA MET T 71 2.25 -60.00 -18.96
C MET T 71 2.34 -58.74 -18.09
N ASP T 72 1.15 -58.21 -17.79
CA ASP T 72 1.00 -56.91 -17.14
C ASP T 72 1.56 -56.94 -15.73
N LYS T 73 2.32 -55.89 -15.37
CA LYS T 73 2.83 -55.78 -14.01
C LYS T 73 1.75 -55.35 -13.04
N ARG T 74 0.97 -54.34 -13.44
CA ARG T 74 -0.13 -53.86 -12.61
C ARG T 74 -1.25 -54.88 -12.61
N LYS T 75 -2.05 -54.93 -13.67
CA LYS T 75 -2.99 -56.03 -13.80
C LYS T 75 -2.20 -57.33 -13.71
N ARG T 76 -2.74 -58.30 -13.01
CA ARG T 76 -2.02 -59.56 -12.94
C ARG T 76 -2.15 -60.40 -14.21
N ALA T 77 -3.02 -60.01 -15.13
CA ALA T 77 -3.38 -60.89 -16.24
C ALA T 77 -2.20 -61.12 -17.17
N PRO T 78 -2.11 -62.32 -17.76
CA PRO T 78 -1.15 -62.56 -18.84
C PRO T 78 -1.46 -61.71 -20.08
N ILE T 79 -0.40 -61.29 -20.76
CA ILE T 79 -0.47 -60.41 -21.91
C ILE T 79 -0.11 -61.13 -23.21
N HIS T 80 1.06 -61.76 -23.24
CA HIS T 80 1.62 -62.32 -24.46
C HIS T 80 2.23 -63.67 -24.17
N VAL T 81 2.27 -64.52 -25.20
CA VAL T 81 2.73 -65.90 -25.05
C VAL T 81 3.63 -66.24 -26.23
N ASP T 82 4.55 -67.18 -26.00
CA ASP T 82 5.45 -67.70 -27.03
C ASP T 82 5.44 -69.23 -26.96
N PHE T 83 4.57 -69.84 -27.75
CA PHE T 83 4.64 -71.27 -27.95
C PHE T 83 5.81 -71.61 -28.87
N TYR T 84 6.35 -72.82 -28.73
CA TYR T 84 7.53 -73.30 -29.43
C TYR T 84 7.18 -74.62 -30.13
N MET T 85 7.22 -74.59 -31.45
CA MET T 85 7.11 -75.82 -32.25
C MET T 85 8.32 -76.70 -32.01
N VAL T 86 8.09 -77.99 -31.85
CA VAL T 86 9.12 -78.90 -31.32
C VAL T 86 9.18 -80.16 -32.18
N THR T 87 10.35 -80.43 -32.76
CA THR T 87 10.63 -81.73 -33.35
C THR T 87 10.87 -82.75 -32.22
N TYR T 88 10.71 -84.02 -32.57
CA TYR T 88 10.68 -85.10 -31.60
C TYR T 88 12.06 -85.67 -31.23
N GLY T 89 13.14 -84.94 -31.56
CA GLY T 89 14.35 -85.03 -30.76
C GLY T 89 14.18 -84.27 -29.45
N GLU T 90 15.06 -84.55 -28.49
CA GLU T 90 14.79 -84.12 -27.12
C GLU T 90 14.67 -82.60 -27.02
N PRO T 91 13.59 -82.07 -26.45
CA PRO T 91 13.42 -80.61 -26.35
C PRO T 91 14.46 -79.96 -25.45
N VAL T 92 14.90 -78.77 -25.85
CA VAL T 92 16.12 -78.20 -25.30
C VAL T 92 15.86 -77.58 -23.94
N GLU T 93 16.56 -78.06 -22.93
CA GLU T 93 16.76 -77.36 -21.66
C GLU T 93 15.42 -76.93 -21.03
N VAL T 94 14.46 -77.87 -21.01
CA VAL T 94 13.15 -77.56 -20.44
C VAL T 94 13.25 -77.49 -18.93
N SER T 95 12.44 -76.61 -18.33
CA SER T 95 12.38 -76.50 -16.87
C SER T 95 11.35 -77.46 -16.29
N VAL T 96 11.64 -77.96 -15.09
CA VAL T 96 10.81 -78.94 -14.41
C VAL T 96 10.56 -78.48 -12.97
N PRO T 97 9.31 -78.48 -12.51
CA PRO T 97 9.05 -78.13 -11.11
C PRO T 97 9.69 -79.11 -10.15
N VAL T 98 10.15 -78.59 -9.00
CA VAL T 98 10.58 -79.43 -7.89
C VAL T 98 9.40 -79.60 -6.93
N HIS T 99 9.22 -80.83 -6.45
CA HIS T 99 8.18 -81.14 -5.49
C HIS T 99 8.73 -82.15 -4.49
N THR T 100 8.26 -82.06 -3.25
CA THR T 100 8.81 -82.84 -2.16
C THR T 100 7.79 -83.86 -1.67
N THR T 101 8.26 -85.07 -1.40
CA THR T 101 7.42 -86.17 -0.94
C THR T 101 7.85 -86.62 0.44
N GLY T 102 6.87 -87.10 1.20
CA GLY T 102 7.10 -87.58 2.54
C GLY T 102 7.06 -86.46 3.56
N ARG T 103 6.88 -86.84 4.83
CA ARG T 103 7.07 -85.91 5.92
C ARG T 103 8.51 -86.05 6.40
N SER T 104 9.31 -85.02 6.13
CA SER T 104 10.71 -85.06 6.51
C SER T 104 10.83 -85.19 8.03
N GLN T 105 11.79 -85.98 8.47
CA GLN T 105 12.04 -86.05 9.90
C GLN T 105 12.68 -84.77 10.43
N GLY T 106 13.21 -83.92 9.54
CA GLY T 106 13.65 -82.61 10.00
C GLY T 106 12.50 -81.69 10.40
N GLU T 107 11.33 -81.87 9.77
CA GLU T 107 10.16 -81.07 10.13
C GLU T 107 9.64 -81.40 11.52
N VAL T 108 9.89 -82.61 12.00
CA VAL T 108 9.29 -83.08 13.24
C VAL T 108 10.00 -82.59 14.49
N GLN T 109 11.17 -81.96 14.35
CA GLN T 109 11.88 -81.36 15.48
C GLN T 109 12.26 -79.91 15.15
N GLY T 110 11.22 -79.09 14.91
CA GLY T 110 11.37 -77.66 14.85
C GLY T 110 11.85 -77.09 13.55
N GLY T 111 12.27 -77.94 12.60
CA GLY T 111 12.73 -77.48 11.31
C GLY T 111 11.58 -77.32 10.32
N LEU T 112 11.94 -76.81 9.14
CA LEU T 112 10.99 -76.77 8.03
C LEU T 112 11.75 -76.91 6.72
N VAL T 113 11.16 -77.65 5.79
CA VAL T 113 11.77 -77.81 4.48
C VAL T 113 11.59 -76.53 3.67
N ASP T 114 12.58 -76.23 2.83
CA ASP T 114 12.57 -75.05 1.97
C ASP T 114 13.14 -75.44 0.61
N ILE T 115 12.35 -75.26 -0.44
CA ILE T 115 12.75 -75.60 -1.80
C ILE T 115 13.51 -74.40 -2.36
N VAL T 116 14.84 -74.45 -2.29
CA VAL T 116 15.66 -73.32 -2.69
C VAL T 116 15.60 -73.08 -4.21
N VAL T 117 15.16 -74.06 -4.98
CA VAL T 117 15.05 -73.86 -6.43
C VAL T 117 13.73 -74.44 -6.92
N HIS T 118 12.73 -73.57 -7.07
CA HIS T 118 11.39 -74.00 -7.41
C HIS T 118 11.31 -74.64 -8.80
N ASN T 119 12.28 -74.38 -9.67
CA ASN T 119 12.35 -75.04 -10.96
C ASN T 119 13.78 -75.45 -11.25
N LEU T 120 13.93 -76.59 -11.92
CA LEU T 120 15.23 -77.12 -12.32
C LEU T 120 15.22 -77.36 -13.81
N GLN T 121 16.13 -76.71 -14.52
CA GLN T 121 16.16 -76.76 -15.99
C GLN T 121 17.05 -77.91 -16.43
N ILE T 122 16.44 -79.03 -16.83
CA ILE T 122 17.19 -80.19 -17.31
C ILE T 122 17.22 -80.15 -18.82
N VAL T 123 18.34 -80.56 -19.37
CA VAL T 123 18.49 -80.71 -20.81
C VAL T 123 18.01 -82.09 -21.22
N ALA T 124 17.74 -82.23 -22.53
CA ALA T 124 17.38 -83.49 -23.17
C ALA T 124 16.28 -84.28 -22.43
N PRO T 125 15.19 -83.61 -22.02
CA PRO T 125 14.07 -84.35 -21.41
C PRO T 125 13.47 -85.43 -22.29
N GLY T 126 13.48 -85.26 -23.62
CA GLY T 126 12.84 -86.20 -24.52
C GLY T 126 11.40 -85.79 -24.76
N PRO T 127 11.10 -85.25 -25.94
CA PRO T 127 9.78 -84.66 -26.16
C PRO T 127 8.67 -85.70 -26.10
N ARG T 128 7.51 -85.28 -25.58
CA ARG T 128 6.35 -86.15 -25.44
C ARG T 128 6.51 -87.09 -24.25
N ARG T 129 7.75 -87.29 -23.81
CA ARG T 129 8.08 -88.03 -22.59
C ARG T 129 8.59 -87.09 -21.50
N ILE T 130 8.19 -85.82 -21.55
CA ILE T 130 8.74 -84.77 -20.69
C ILE T 130 8.37 -85.05 -19.25
N PRO T 131 9.21 -84.68 -18.29
CA PRO T 131 8.83 -84.81 -16.88
C PRO T 131 7.94 -83.64 -16.45
N GLN T 132 6.66 -83.94 -16.21
CA GLN T 132 5.71 -82.92 -15.80
C GLN T 132 5.85 -82.53 -14.33
N GLU T 133 6.69 -83.23 -13.56
CA GLU T 133 7.03 -82.84 -12.20
C GLU T 133 8.40 -83.43 -11.87
N LEU T 134 8.74 -83.47 -10.59
CA LEU T 134 10.00 -84.07 -10.18
C LEU T 134 10.00 -84.31 -8.68
N VAL T 135 9.61 -85.52 -8.26
CA VAL T 135 9.43 -85.84 -6.84
C VAL T 135 10.78 -86.09 -6.20
N VAL T 136 10.99 -85.50 -5.02
CA VAL T 136 12.21 -85.66 -4.23
C VAL T 136 11.79 -86.04 -2.82
N ASP T 137 12.21 -87.23 -2.36
CA ASP T 137 11.91 -87.67 -1.01
C ASP T 137 12.85 -86.98 -0.03
N VAL T 138 12.28 -86.28 0.95
CA VAL T 138 13.02 -85.48 1.92
C VAL T 138 13.07 -86.12 3.29
N THR T 139 12.47 -87.30 3.45
CA THR T 139 12.35 -87.91 4.78
C THR T 139 13.72 -88.21 5.41
N LYS T 140 14.72 -88.56 4.59
CA LYS T 140 16.04 -88.82 5.14
C LYS T 140 16.64 -87.55 5.73
N MET T 141 16.28 -86.39 5.20
CA MET T 141 16.92 -85.15 5.57
C MET T 141 16.62 -84.72 7.00
N ASN T 142 17.66 -84.28 7.69
CA ASN T 142 17.63 -83.73 9.04
C ASN T 142 17.97 -82.24 8.94
N ILE T 143 17.91 -81.53 10.08
CA ILE T 143 18.08 -80.08 10.02
C ILE T 143 19.47 -79.73 9.51
N GLY T 144 19.53 -78.80 8.55
CA GLY T 144 20.78 -78.34 7.97
C GLY T 144 21.32 -79.14 6.79
N ASP T 145 20.64 -80.20 6.36
CA ASP T 145 21.06 -81.00 5.20
C ASP T 145 20.70 -80.33 3.88
N HIS T 146 21.46 -80.67 2.83
CA HIS T 146 21.23 -80.14 1.48
C HIS T 146 21.06 -81.29 0.49
N ILE T 147 19.91 -81.33 -0.19
CA ILE T 147 19.65 -82.29 -1.26
C ILE T 147 19.98 -81.60 -2.58
N THR T 148 21.21 -81.82 -3.08
CA THR T 148 21.69 -81.14 -4.28
C THR T 148 21.25 -81.85 -5.55
N ALA T 149 21.65 -81.29 -6.70
CA ALA T 149 21.34 -81.90 -7.99
C ALA T 149 22.05 -83.24 -8.20
N GLY T 150 23.08 -83.53 -7.42
CA GLY T 150 23.67 -84.84 -7.44
C GLY T 150 22.82 -85.90 -6.80
N ASP T 151 21.67 -85.53 -6.24
CA ASP T 151 20.70 -86.47 -5.72
C ASP T 151 19.54 -86.70 -6.68
N ILE T 152 18.95 -85.62 -7.20
CA ILE T 152 17.63 -85.71 -7.84
C ILE T 152 17.68 -86.75 -8.93
N LYS T 153 16.89 -87.81 -8.77
CA LYS T 153 16.82 -88.88 -9.76
C LYS T 153 16.10 -88.39 -11.02
N LEU T 154 16.40 -89.03 -12.14
CA LEU T 154 15.89 -88.58 -13.41
C LEU T 154 15.26 -89.75 -14.15
N PRO T 155 14.32 -89.48 -15.05
CA PRO T 155 13.68 -90.57 -15.80
C PRO T 155 14.55 -91.14 -16.92
N GLU T 156 13.98 -91.26 -18.13
CA GLU T 156 14.72 -91.68 -19.31
C GLU T 156 15.56 -90.55 -19.89
N GLY T 157 16.71 -90.92 -20.46
CA GLY T 157 17.42 -90.07 -21.42
C GLY T 157 17.63 -88.62 -21.01
N CYS T 158 17.66 -88.37 -19.69
CA CYS T 158 17.75 -87.03 -19.12
C CYS T 158 19.08 -86.82 -18.42
N THR T 159 19.57 -85.59 -18.48
CA THR T 159 20.81 -85.21 -17.83
C THR T 159 20.65 -83.80 -17.30
N LEU T 160 20.98 -83.58 -16.04
CA LEU T 160 20.71 -82.28 -15.44
C LEU T 160 21.45 -81.20 -16.23
N ALA T 161 20.76 -80.09 -16.51
CA ALA T 161 21.36 -78.95 -17.17
C ALA T 161 21.97 -77.96 -16.20
N ALA T 162 21.82 -78.16 -14.90
CA ALA T 162 22.42 -77.30 -13.90
C ALA T 162 23.55 -78.03 -13.18
N ASP T 163 24.41 -77.24 -12.55
CA ASP T 163 25.59 -77.76 -11.87
C ASP T 163 25.14 -78.71 -10.76
N PRO T 164 25.62 -79.95 -10.74
CA PRO T 164 25.12 -80.90 -9.74
C PRO T 164 25.33 -80.45 -8.29
N GLU T 165 26.43 -79.76 -8.00
CA GLU T 165 26.73 -79.42 -6.61
C GLU T 165 25.77 -78.37 -6.05
N LEU T 166 25.06 -77.65 -6.91
CA LEU T 166 24.23 -76.53 -6.48
C LEU T 166 23.13 -77.00 -5.54
N THR T 167 22.83 -76.17 -4.54
CA THR T 167 21.80 -76.49 -3.57
C THR T 167 20.42 -76.45 -4.21
N VAL T 168 19.59 -77.44 -3.87
CA VAL T 168 18.23 -77.48 -4.41
C VAL T 168 17.25 -77.26 -3.27
N VAL T 169 16.90 -78.31 -2.55
CA VAL T 169 16.04 -78.20 -1.37
C VAL T 169 16.91 -78.38 -0.14
N SER T 170 16.58 -77.64 0.91
CA SER T 170 17.35 -77.68 2.14
C SER T 170 16.37 -77.58 3.31
N VAL T 171 16.59 -78.39 4.32
CA VAL T 171 15.84 -78.21 5.57
C VAL T 171 16.47 -77.06 6.34
N LEU T 172 15.65 -76.31 7.08
CA LEU T 172 16.10 -75.12 7.77
C LEU T 172 15.67 -75.17 9.23
N PRO T 173 16.45 -74.53 10.11
CA PRO T 173 16.16 -74.57 11.55
C PRO T 173 15.12 -73.54 11.95
N PRO T 174 14.75 -73.50 13.23
CA PRO T 174 13.76 -72.52 13.71
C PRO T 174 14.25 -71.08 13.63
N ARG T 175 13.29 -70.16 13.53
CA ARG T 175 13.52 -68.71 13.54
C ARG T 175 13.94 -68.17 12.17
N ASN U 1 30.39 -25.03 -0.62
CA ASN U 1 29.97 -26.41 -0.86
C ASN U 1 28.87 -26.50 -1.92
N GLY U 2 28.83 -25.53 -2.82
CA GLY U 2 27.82 -25.51 -3.85
C GLY U 2 28.11 -24.52 -4.96
N ARG U 3 28.66 -23.36 -4.58
CA ARG U 3 28.73 -22.23 -5.50
C ARG U 3 29.47 -22.56 -6.80
N ASP U 4 30.34 -23.55 -6.77
CA ASP U 4 31.30 -23.78 -7.84
C ASP U 4 30.61 -24.40 -9.07
N SER U 5 31.15 -24.08 -10.27
CA SER U 5 31.01 -24.78 -11.57
C SER U 5 31.82 -24.06 -12.66
N ASN U 6 31.69 -24.43 -13.98
CA ASN U 6 32.43 -23.77 -15.08
C ASN U 6 31.95 -24.13 -16.50
N PRO U 7 32.16 -23.22 -17.60
CA PRO U 7 31.42 -23.37 -18.88
C PRO U 7 32.18 -23.48 -20.21
N LYS U 8 32.67 -24.63 -20.65
CA LYS U 8 33.57 -24.68 -21.82
C LYS U 8 32.94 -25.44 -23.00
N TYR U 9 32.38 -24.70 -23.96
CA TYR U 9 31.66 -25.30 -25.08
C TYR U 9 32.55 -26.29 -25.80
N LEU U 10 32.02 -27.50 -26.04
CA LEU U 10 32.73 -28.56 -26.75
C LEU U 10 31.79 -29.26 -27.73
N GLY U 11 32.39 -29.97 -28.66
CA GLY U 11 31.64 -30.89 -29.49
C GLY U 11 32.18 -30.97 -30.90
N VAL U 12 31.54 -31.84 -31.68
CA VAL U 12 31.69 -31.82 -33.13
C VAL U 12 31.26 -30.45 -33.65
N LYS U 13 32.04 -29.89 -34.56
CA LYS U 13 31.68 -28.60 -35.14
C LYS U 13 31.33 -28.66 -36.61
N LYS U 14 31.84 -29.65 -37.35
CA LYS U 14 31.66 -29.76 -38.80
C LYS U 14 31.24 -31.18 -39.13
N PHE U 15 29.98 -31.37 -39.49
CA PHE U 15 29.41 -32.70 -39.53
C PHE U 15 29.44 -33.30 -40.94
N GLY U 16 29.30 -34.62 -41.00
CA GLY U 16 29.65 -35.33 -42.23
C GLY U 16 28.79 -34.92 -43.42
N GLY U 17 29.41 -34.86 -44.58
CA GLY U 17 28.71 -34.32 -45.72
C GLY U 17 28.65 -32.81 -45.69
N GLU U 18 29.62 -32.16 -45.05
CA GLU U 18 29.74 -30.71 -45.09
C GLU U 18 31.03 -30.34 -45.78
N VAL U 19 31.03 -29.18 -46.44
CA VAL U 19 32.16 -28.73 -47.23
C VAL U 19 33.01 -27.81 -46.37
N VAL U 20 34.06 -28.36 -45.79
CA VAL U 20 34.98 -27.57 -44.98
C VAL U 20 36.01 -26.91 -45.90
N LYS U 21 36.30 -25.64 -45.64
CA LYS U 21 37.52 -25.05 -46.16
C LYS U 21 38.69 -25.48 -45.29
N ALA U 22 39.87 -25.56 -45.90
CA ALA U 22 41.04 -26.04 -45.19
C ALA U 22 41.37 -25.10 -44.03
N GLY U 23 41.82 -25.68 -42.92
CA GLY U 23 42.03 -24.93 -41.70
C GLY U 23 40.79 -24.80 -40.84
N ASN U 24 39.65 -25.30 -41.30
CA ASN U 24 38.44 -25.31 -40.49
C ASN U 24 38.56 -26.30 -39.33
N ILE U 25 37.98 -25.95 -38.20
CA ILE U 25 37.90 -26.87 -37.06
C ILE U 25 36.68 -27.76 -37.24
N LEU U 26 36.86 -29.04 -37.03
CA LEU U 26 35.82 -30.01 -37.32
C LEU U 26 35.32 -30.73 -36.09
N VAL U 27 36.12 -30.83 -35.03
CA VAL U 27 35.64 -31.33 -33.76
C VAL U 27 36.52 -30.77 -32.65
N ARG U 28 35.88 -30.35 -31.57
CA ARG U 28 36.53 -30.09 -30.30
C ARG U 28 36.06 -31.14 -29.30
N GLN U 29 37.00 -31.71 -28.57
CA GLN U 29 36.75 -32.89 -27.76
C GLN U 29 37.83 -32.87 -26.69
N ARG U 30 37.62 -33.63 -25.64
CA ARG U 30 38.68 -33.54 -24.65
C ARG U 30 39.77 -34.59 -24.88
N GLY U 31 39.39 -35.77 -25.34
CA GLY U 31 40.35 -36.82 -25.63
C GLY U 31 40.45 -37.23 -27.09
N THR U 32 40.03 -38.45 -27.40
CA THR U 32 40.13 -39.00 -28.75
C THR U 32 38.83 -39.72 -29.11
N LYS U 33 37.68 -39.17 -28.72
CA LYS U 33 36.42 -39.76 -29.14
C LYS U 33 36.37 -39.85 -30.65
N PHE U 34 36.97 -38.88 -31.32
CA PHE U 34 37.29 -38.98 -32.72
C PHE U 34 38.80 -38.98 -32.86
N LYS U 35 39.31 -39.83 -33.76
CA LYS U 35 40.72 -39.87 -34.13
C LYS U 35 40.89 -39.23 -35.51
N ALA U 36 41.92 -38.40 -35.63
CA ALA U 36 42.09 -37.63 -36.86
C ALA U 36 42.33 -38.58 -38.02
N GLY U 37 41.63 -38.33 -39.12
CA GLY U 37 41.56 -39.28 -40.21
C GLY U 37 42.57 -38.99 -41.29
N GLN U 38 42.26 -39.49 -42.48
CA GLN U 38 42.99 -39.10 -43.67
C GLN U 38 42.58 -37.69 -44.06
N GLY U 39 43.53 -36.77 -44.08
CA GLY U 39 43.27 -35.37 -44.41
C GLY U 39 43.00 -34.45 -43.25
N VAL U 40 43.19 -34.91 -42.02
CA VAL U 40 42.79 -34.22 -40.81
C VAL U 40 44.01 -34.08 -39.91
N GLY U 41 44.05 -33.02 -39.11
CA GLY U 41 45.12 -32.81 -38.16
C GLY U 41 44.57 -32.50 -36.79
N MET U 42 45.37 -32.78 -35.76
CA MET U 42 44.90 -32.64 -34.38
C MET U 42 45.89 -31.87 -33.52
N GLY U 43 45.42 -30.79 -32.91
CA GLY U 43 46.27 -29.92 -32.12
C GLY U 43 46.37 -30.40 -30.70
N ARG U 44 46.91 -29.54 -29.84
CA ARG U 44 47.20 -29.91 -28.45
C ARG U 44 45.98 -30.45 -27.71
N ASP U 45 44.82 -29.82 -27.88
CA ASP U 45 43.61 -30.23 -27.16
C ASP U 45 42.82 -31.30 -27.91
N HIS U 46 43.47 -31.98 -28.87
CA HIS U 46 42.84 -32.99 -29.71
C HIS U 46 41.71 -32.42 -30.55
N THR U 47 41.84 -31.14 -30.92
CA THR U 47 40.97 -30.59 -31.94
C THR U 47 41.35 -31.18 -33.29
N LEU U 48 40.35 -31.50 -34.10
CA LEU U 48 40.57 -31.99 -35.46
C LEU U 48 40.19 -30.89 -36.44
N PHE U 49 41.09 -30.59 -37.35
CA PHE U 49 40.92 -29.51 -38.31
C PHE U 49 41.30 -29.98 -39.70
N ALA U 50 40.66 -29.37 -40.69
CA ALA U 50 40.92 -29.72 -42.08
C ALA U 50 42.36 -29.38 -42.44
N LEU U 51 43.02 -30.33 -43.12
CA LEU U 51 44.34 -30.09 -43.68
C LEU U 51 44.22 -29.46 -45.06
N SER U 52 43.19 -29.85 -45.82
CA SER U 52 42.92 -29.30 -47.13
C SER U 52 41.43 -29.36 -47.40
N ASP U 53 40.94 -28.43 -48.22
CA ASP U 53 39.52 -28.28 -48.46
C ASP U 53 38.92 -29.56 -49.05
N GLY U 54 37.71 -29.88 -48.63
CA GLY U 54 37.04 -31.09 -49.12
C GLY U 54 35.71 -31.31 -48.43
N LYS U 55 35.12 -32.47 -48.72
CA LYS U 55 33.90 -32.92 -48.06
C LYS U 55 34.25 -33.64 -46.77
N VAL U 56 33.72 -33.16 -45.65
CA VAL U 56 33.89 -33.85 -44.39
C VAL U 56 33.10 -35.15 -44.40
N VAL U 57 33.68 -36.21 -43.84
CA VAL U 57 33.01 -37.50 -43.79
C VAL U 57 33.48 -38.27 -42.58
N PHE U 58 32.59 -39.08 -42.04
CA PHE U 58 32.80 -39.79 -40.79
C PHE U 58 32.96 -41.28 -41.03
N ILE U 59 33.91 -41.88 -40.33
CA ILE U 59 34.08 -43.32 -40.31
C ILE U 59 33.85 -43.78 -38.88
N ASN U 60 32.91 -44.71 -38.71
CA ASN U 60 32.53 -45.21 -37.39
C ASN U 60 32.87 -46.69 -37.30
N LYS U 61 33.69 -47.05 -36.31
CA LYS U 61 33.93 -48.47 -36.02
C LYS U 61 34.20 -48.63 -34.52
N GLY U 62 33.12 -48.90 -33.78
CA GLY U 62 33.22 -49.41 -32.43
C GLY U 62 33.42 -48.40 -31.32
N LYS U 63 33.37 -47.10 -31.61
CA LYS U 63 33.37 -46.09 -30.55
C LYS U 63 34.61 -46.14 -29.67
N GLY U 64 35.49 -47.11 -29.89
CA GLY U 64 36.86 -46.88 -29.47
C GLY U 64 37.65 -46.11 -30.50
N ALA U 65 37.16 -46.10 -31.74
CA ALA U 65 38.02 -45.82 -32.88
C ALA U 65 37.12 -45.43 -34.06
N ARG U 66 36.82 -44.15 -34.15
CA ARG U 66 36.18 -43.56 -35.31
C ARG U 66 37.02 -42.38 -35.76
N PHE U 67 36.87 -41.98 -37.01
CA PHE U 67 37.78 -40.99 -37.55
C PHE U 67 37.03 -40.03 -38.46
N ILE U 68 37.37 -38.75 -38.35
CA ILE U 68 36.89 -37.72 -39.27
C ILE U 68 37.90 -37.61 -40.41
N SER U 69 37.42 -37.34 -41.63
CA SER U 69 38.33 -37.25 -42.76
C SER U 69 37.77 -36.33 -43.83
N ILE U 70 38.65 -35.92 -44.74
CA ILE U 70 38.33 -35.00 -45.84
C ILE U 70 38.47 -35.75 -47.16
N GLU U 71 37.44 -35.65 -48.01
CA GLU U 71 37.49 -36.12 -49.39
C GLU U 71 37.40 -34.89 -50.29
N ALA U 72 38.54 -34.46 -50.82
CA ALA U 72 38.59 -33.18 -51.51
C ALA U 72 37.66 -33.18 -52.72
N ALA U 73 37.15 -31.99 -53.04
CA ALA U 73 36.39 -31.79 -54.27
C ALA U 73 37.34 -32.02 -55.46
N GLN U 74 36.81 -32.01 -56.67
CA GLN U 74 37.64 -32.12 -57.88
C GLN U 74 38.31 -33.50 -57.98
CA TYR V 1 49.24 47.34 9.49
C TYR V 1 50.72 47.07 9.62
N LEU V 2 51.12 45.87 9.20
CA LEU V 2 52.52 45.50 9.28
C LEU V 2 53.36 46.22 8.24
N THR V 3 52.74 47.04 7.39
CA THR V 3 53.45 47.71 6.30
C THR V 3 54.74 48.35 6.81
N GLY V 4 55.88 47.98 6.18
CA GLY V 4 57.15 48.56 6.54
C GLY V 4 57.39 49.91 5.87
N LYS V 5 58.38 50.63 6.36
CA LYS V 5 58.69 51.95 5.84
C LYS V 5 59.56 51.80 4.59
N LYS V 6 58.94 52.05 3.42
CA LYS V 6 59.52 51.63 2.15
C LYS V 6 59.65 50.11 2.09
N ASN V 7 58.69 49.43 2.73
CA ASN V 7 58.71 47.98 2.89
C ASN V 7 57.43 47.34 2.38
N LEU V 8 56.89 46.41 3.17
CA LEU V 8 56.30 45.19 2.66
C LEU V 8 54.96 44.93 3.32
N VAL V 9 53.93 44.70 2.48
CA VAL V 9 52.60 44.40 3.01
C VAL V 9 52.62 43.09 3.80
N VAL V 10 53.47 42.14 3.40
CA VAL V 10 53.46 40.79 3.98
C VAL V 10 52.46 39.91 3.25
N ASN V 11 52.96 39.02 2.41
CA ASN V 11 52.13 38.32 1.46
C ASN V 11 51.73 36.93 1.93
N SER V 12 50.75 36.37 1.22
CA SER V 12 50.18 35.06 1.47
C SER V 12 50.64 34.09 0.40
N VAL V 13 50.44 32.80 0.68
CA VAL V 13 50.80 31.77 -0.29
C VAL V 13 50.45 30.40 0.26
N ILE V 14 49.67 29.61 -0.50
CA ILE V 14 49.23 28.31 0.02
C ILE V 14 50.44 27.42 0.23
N ARG V 15 50.41 26.59 1.29
CA ARG V 15 51.50 25.69 1.66
C ARG V 15 51.12 24.25 1.33
N ARG V 16 51.92 23.61 0.46
CA ARG V 16 51.60 22.31 -0.11
C ARG V 16 52.38 21.20 0.61
N GLY V 17 51.65 20.17 1.05
CA GLY V 17 52.23 19.02 1.69
C GLY V 17 52.16 17.83 0.75
N LYS V 18 53.30 17.47 0.17
CA LYS V 18 53.42 16.38 -0.79
C LYS V 18 53.91 15.11 -0.09
N ALA V 19 53.54 13.96 -0.66
CA ALA V 19 53.73 12.68 -0.01
C ALA V 19 54.78 11.82 -0.70
N ARG V 20 54.50 11.30 -1.89
CA ARG V 20 55.20 10.11 -2.36
C ARG V 20 56.72 10.26 -2.28
N ALA V 21 57.22 11.49 -2.41
CA ALA V 21 58.63 11.81 -2.15
C ALA V 21 59.58 10.93 -2.98
N ASP V 22 59.36 10.91 -4.30
CA ASP V 22 60.22 10.12 -5.18
C ASP V 22 59.95 10.39 -6.67
N GLY V 23 60.14 11.62 -7.11
CA GLY V 23 59.73 12.01 -8.46
C GLY V 23 60.71 11.65 -9.55
N GLY V 24 61.71 12.52 -9.75
CA GLY V 24 62.72 12.24 -10.75
C GLY V 24 63.63 11.08 -10.35
N VAL V 25 63.93 10.97 -9.06
CA VAL V 25 64.57 9.74 -8.58
C VAL V 25 63.59 8.59 -8.83
N GLY V 26 64.13 7.47 -9.33
CA GLY V 26 63.33 6.46 -9.99
C GLY V 26 62.22 5.88 -9.15
N ARG V 27 61.01 6.37 -9.33
CA ARG V 27 59.90 5.97 -8.46
C ARG V 27 58.59 6.33 -9.14
N LYS V 28 57.49 5.85 -8.54
CA LYS V 28 56.20 6.02 -9.20
C LYS V 28 55.91 7.50 -9.41
N THR V 29 55.95 8.28 -8.33
CA THR V 29 55.83 9.74 -8.44
C THR V 29 55.68 10.41 -7.08
N THR V 30 54.77 11.38 -6.98
CA THR V 30 54.64 12.20 -5.79
C THR V 30 53.20 12.70 -5.70
N GLY V 31 52.40 12.07 -4.81
CA GLY V 31 51.06 12.54 -4.53
C GLY V 31 51.09 13.78 -3.67
N ILE V 32 49.93 14.41 -3.51
CA ILE V 32 49.77 15.67 -2.78
C ILE V 32 48.64 15.53 -1.77
N THR V 33 48.93 15.79 -0.50
CA THR V 33 47.96 15.62 0.59
C THR V 33 47.06 16.83 0.78
N LYS V 34 47.59 18.05 0.74
CA LYS V 34 46.71 19.22 0.78
C LYS V 34 47.49 20.51 0.53
N ARG V 35 46.75 21.53 0.10
CA ARG V 35 47.19 22.91 0.07
C ARG V 35 46.35 23.71 1.06
N VAL V 36 46.97 24.72 1.67
CA VAL V 36 46.27 25.66 2.56
C VAL V 36 47.04 26.97 2.57
N GLN V 37 46.31 28.07 2.79
CA GLN V 37 46.88 29.41 2.73
C GLN V 37 47.73 29.73 3.95
N ARG V 38 48.64 30.69 3.77
CA ARG V 38 49.53 31.14 4.84
C ARG V 38 49.85 32.61 4.62
N ALA V 39 50.77 33.14 5.43
CA ALA V 39 51.24 34.51 5.23
C ALA V 39 52.66 34.72 5.76
N ASN V 40 52.94 35.87 6.38
CA ASN V 40 54.16 36.11 7.16
C ASN V 40 54.16 37.53 7.74
N LEU V 41 55.34 38.16 7.90
CA LEU V 41 55.49 39.51 8.47
C LEU V 41 56.98 39.90 8.46
N HIS V 42 57.37 40.93 9.25
CA HIS V 42 58.72 41.00 9.84
C HIS V 42 59.05 42.20 10.75
N LYS V 43 60.35 42.37 11.09
CA LYS V 43 60.87 43.01 12.31
C LYS V 43 60.32 44.40 12.67
N LYS V 44 60.93 45.07 13.65
CA LYS V 44 60.40 46.34 14.17
C LYS V 44 61.48 47.13 14.93
N ALA V 45 62.16 48.04 14.22
CA ALA V 45 63.18 48.92 14.79
C ALA V 45 62.61 50.31 15.05
N ILE V 46 63.40 51.37 14.82
CA ILE V 46 62.91 52.75 14.87
C ILE V 46 63.98 53.79 14.55
N ARG V 47 63.74 54.61 13.52
CA ARG V 47 64.65 55.67 13.09
C ARG V 47 63.82 56.78 12.46
N GLU V 48 64.45 57.93 12.20
CA GLU V 48 63.70 59.15 11.88
C GLU V 48 64.35 59.98 10.77
N ASN V 49 63.57 60.94 10.25
CA ASN V 49 63.83 61.64 8.99
C ASN V 49 63.62 63.15 9.06
N GLY V 50 62.41 63.60 9.41
CA GLY V 50 62.15 65.02 9.53
C GLY V 50 62.64 65.58 10.84
N GLN V 51 61.84 65.44 11.90
CA GLN V 51 62.23 65.83 13.26
C GLN V 51 62.48 64.63 14.16
N VAL V 52 61.52 63.71 14.25
CA VAL V 52 61.66 62.51 15.07
C VAL V 52 60.68 61.48 14.51
N LYS V 53 60.97 60.20 14.76
CA LYS V 53 60.05 59.16 14.30
C LYS V 53 60.49 57.81 14.85
N THR V 54 59.56 56.86 14.78
CA THR V 54 59.78 55.48 15.22
C THR V 54 58.84 54.59 14.42
N VAL V 55 59.39 53.69 13.62
CA VAL V 55 58.65 52.99 12.56
C VAL V 55 59.02 51.51 12.56
N TRP V 56 58.24 50.72 11.82
CA TRP V 56 58.63 49.33 11.56
C TRP V 56 59.72 49.25 10.51
N LEU V 57 60.57 48.23 10.63
CA LEU V 57 61.65 47.98 9.67
C LEU V 57 61.83 46.48 9.46
N SER V 58 62.05 46.09 8.21
CA SER V 58 62.41 44.74 7.84
C SER V 58 63.92 44.56 7.88
N ALA V 59 64.36 43.31 7.79
CA ALA V 59 65.79 43.08 7.70
C ALA V 59 66.38 43.76 6.47
N ASN V 60 65.63 43.80 5.36
CA ASN V 60 66.11 44.53 4.19
C ASN V 60 66.26 46.00 4.48
N ALA V 61 65.42 46.55 5.35
CA ALA V 61 65.53 47.96 5.70
C ALA V 61 66.75 48.22 6.57
N LEU V 62 67.01 47.34 7.53
CA LEU V 62 68.21 47.49 8.34
C LEU V 62 69.45 47.35 7.48
N ARG V 63 69.39 46.48 6.48
CA ARG V 63 70.54 46.31 5.59
C ARG V 63 70.76 47.55 4.74
N THR V 64 69.69 48.05 4.10
CA THR V 64 69.83 49.21 3.23
C THR V 64 70.20 50.47 4.00
N LEU V 65 69.77 50.56 5.26
CA LEU V 65 70.01 51.78 6.03
C LEU V 65 71.42 51.88 6.57
N SER V 66 72.18 50.78 6.57
CA SER V 66 73.60 50.87 6.89
C SER V 66 74.44 51.33 5.70
N LYS V 67 74.00 51.03 4.47
CA LYS V 67 74.68 51.52 3.28
C LYS V 67 74.56 53.01 3.10
N GLY V 68 73.52 53.63 3.66
CA GLY V 68 73.29 55.04 3.49
C GLY V 68 71.89 55.42 3.95
N PRO V 69 71.66 56.71 4.16
CA PRO V 69 70.35 57.14 4.70
C PRO V 69 69.15 56.74 3.85
N TYR V 70 69.27 56.75 2.52
CA TYR V 70 68.10 56.88 1.67
C TYR V 70 67.32 58.13 2.07
N LYS V 71 66.10 57.96 2.59
CA LYS V 71 65.30 59.08 3.08
C LYS V 71 65.23 59.11 4.61
N GLY V 72 64.64 58.08 5.24
CA GLY V 72 64.72 57.94 6.67
C GLY V 72 66.10 57.50 7.14
N ILE V 73 66.42 57.78 8.40
CA ILE V 73 67.76 57.51 8.93
C ILE V 73 67.66 57.19 10.42
N GLU V 74 68.69 56.50 10.92
CA GLU V 74 68.73 55.88 12.27
C GLU V 74 68.34 56.79 13.45
N MET W 1 10.52 101.68 -7.02
CA MET W 1 10.50 100.85 -5.81
C MET W 1 11.94 100.61 -5.31
N ARG W 2 12.88 100.50 -6.25
CA ARG W 2 14.29 100.43 -5.91
C ARG W 2 14.85 101.76 -5.40
N ASN W 3 14.19 102.88 -5.75
CA ASN W 3 14.73 104.21 -5.44
C ASN W 3 14.89 104.46 -3.95
N LEU W 4 14.14 103.74 -3.12
CA LEU W 4 14.12 103.96 -1.68
C LEU W 4 15.49 103.64 -1.05
N GLN W 5 15.75 104.28 0.09
CA GLN W 5 16.87 103.91 0.95
C GLN W 5 16.56 102.64 1.74
N ALA W 6 17.62 101.90 2.09
CA ALA W 6 17.46 100.59 2.73
C ALA W 6 16.82 100.70 4.11
N THR W 7 16.95 101.85 4.77
CA THR W 7 16.15 102.09 5.97
C THR W 7 14.66 102.11 5.62
N ASP W 8 14.32 102.70 4.46
CA ASP W 8 12.96 102.58 3.95
C ASP W 8 12.67 101.17 3.45
N PHE W 9 13.70 100.41 3.04
CA PHE W 9 13.49 98.99 2.77
C PHE W 9 13.02 98.27 4.03
N ALA W 10 13.66 98.55 5.17
CA ALA W 10 13.22 97.93 6.43
C ALA W 10 11.81 98.39 6.81
N LYS W 11 11.53 99.68 6.67
CA LYS W 11 10.21 100.19 7.05
C LYS W 11 9.11 99.58 6.19
N GLU W 12 9.28 99.60 4.86
CA GLU W 12 8.25 99.11 3.97
C GLU W 12 8.21 97.59 3.91
N ILE W 13 9.24 96.91 4.43
CA ILE W 13 9.13 95.48 4.68
C ILE W 13 8.23 95.23 5.89
N ASP W 14 8.53 95.91 7.00
CA ASP W 14 7.82 95.64 8.24
C ASP W 14 6.36 96.01 8.13
N ALA W 15 6.01 97.01 7.32
CA ALA W 15 4.60 97.33 7.17
C ALA W 15 3.85 96.21 6.47
N ARG W 16 4.46 95.60 5.46
CA ARG W 16 3.82 94.46 4.81
C ARG W 16 3.74 93.27 5.75
N LYS W 17 4.76 93.08 6.59
CA LYS W 17 4.69 91.98 7.55
C LYS W 17 3.52 92.17 8.50
N LYS W 18 3.35 93.40 9.01
CA LYS W 18 2.25 93.67 9.93
C LYS W 18 0.90 93.48 9.25
N GLU W 19 0.75 93.99 8.03
CA GLU W 19 -0.52 93.82 7.35
C GLU W 19 -0.78 92.34 7.06
N LEU W 20 0.27 91.57 6.79
CA LEU W 20 0.09 90.16 6.51
C LEU W 20 -0.38 89.42 7.75
N MET W 21 0.20 89.75 8.91
CA MET W 21 -0.29 89.13 10.13
C MET W 21 -1.70 89.57 10.46
N GLU W 22 -2.07 90.80 10.10
CA GLU W 22 -3.44 91.24 10.36
C GLU W 22 -4.43 90.52 9.44
N LEU W 23 -4.05 90.31 8.18
CA LEU W 23 -4.87 89.49 7.30
C LEU W 23 -5.01 88.09 7.84
N ARG W 24 -3.95 87.55 8.46
CA ARG W 24 -4.04 86.21 9.01
C ARG W 24 -5.00 86.16 10.19
N PHE W 25 -4.90 87.14 11.10
CA PHE W 25 -5.86 87.23 12.19
C PHE W 25 -7.28 87.22 11.65
N GLN W 26 -7.53 88.06 10.65
CA GLN W 26 -8.88 88.13 10.10
C GLN W 26 -9.30 86.78 9.57
N ALA W 27 -8.44 86.14 8.78
CA ALA W 27 -8.84 84.90 8.15
C ALA W 27 -9.12 83.83 9.19
N ALA W 28 -8.37 83.85 10.30
CA ALA W 28 -8.65 82.95 11.41
C ALA W 28 -9.98 83.29 12.08
N ALA W 29 -10.39 84.56 12.01
CA ALA W 29 -11.79 84.91 12.28
C ALA W 29 -12.73 84.28 11.26
N GLY W 30 -12.22 83.96 10.07
CA GLY W 30 -13.00 83.42 8.99
C GLY W 30 -13.52 84.48 8.03
N GLN W 31 -13.43 85.75 8.38
CA GLN W 31 -13.90 86.85 7.56
C GLN W 31 -12.81 87.39 6.62
N LEU W 32 -12.04 86.50 5.98
CA LEU W 32 -10.98 86.92 5.06
C LEU W 32 -11.60 87.11 3.69
N ALA W 33 -12.09 88.33 3.42
CA ALA W 33 -12.87 88.58 2.23
C ALA W 33 -12.03 88.85 0.98
N GLN W 34 -10.73 89.14 1.11
CA GLN W 34 -9.89 89.51 -0.02
C GLN W 34 -8.62 88.66 -0.03
N PRO W 35 -8.74 87.37 -0.37
CA PRO W 35 -7.58 86.48 -0.27
C PRO W 35 -6.38 86.91 -1.08
N HIS W 36 -6.60 87.57 -2.22
CA HIS W 36 -5.47 87.96 -3.06
C HIS W 36 -4.55 88.94 -2.35
N ARG W 37 -5.07 89.69 -1.37
CA ARG W 37 -4.26 90.69 -0.69
C ARG W 37 -3.08 90.04 0.00
N VAL W 38 -3.27 88.82 0.49
CA VAL W 38 -2.19 88.07 1.12
C VAL W 38 -1.06 87.88 0.12
N ARG W 39 -1.36 87.21 -0.99
CA ARG W 39 -0.32 86.88 -1.95
C ARG W 39 0.31 88.16 -2.50
N GLN W 40 -0.46 89.24 -2.58
CA GLN W 40 0.11 90.50 -3.05
C GLN W 40 1.17 90.99 -2.06
N LEU W 41 0.87 90.93 -0.77
CA LEU W 41 1.87 91.35 0.21
C LEU W 41 3.09 90.45 0.19
N ARG W 42 2.88 89.16 -0.07
CA ARG W 42 4.00 88.23 -0.05
C ARG W 42 4.94 88.49 -1.22
N ARG W 43 4.39 88.62 -2.42
CA ARG W 43 5.22 88.95 -3.57
C ARG W 43 5.88 90.32 -3.40
N GLU W 44 5.21 91.27 -2.74
CA GLU W 44 5.85 92.56 -2.52
C GLU W 44 7.05 92.42 -1.58
N VAL W 45 6.93 91.58 -0.55
CA VAL W 45 8.08 91.32 0.31
C VAL W 45 9.19 90.65 -0.49
N ALA W 46 8.80 89.77 -1.41
CA ALA W 46 9.79 89.07 -2.22
C ALA W 46 10.57 90.05 -3.10
N GLN W 47 9.84 90.94 -3.78
CA GLN W 47 10.49 91.94 -4.62
C GLN W 47 11.38 92.85 -3.80
N LEU W 48 10.95 93.19 -2.58
CA LEU W 48 11.76 94.06 -1.73
C LEU W 48 13.09 93.39 -1.36
N ASN W 49 13.02 92.16 -0.86
CA ASN W 49 14.27 91.49 -0.51
C ASN W 49 15.15 91.27 -1.73
N THR W 50 14.55 91.01 -2.90
CA THR W 50 15.35 90.79 -4.10
C THR W 50 16.06 92.07 -4.53
N VAL W 51 15.36 93.20 -4.47
CA VAL W 51 15.96 94.47 -4.88
C VAL W 51 17.06 94.88 -3.91
N LYS W 52 16.87 94.63 -2.62
CA LYS W 52 17.98 94.90 -1.72
C LYS W 52 19.17 93.98 -2.01
N ALA W 53 18.91 92.73 -2.43
CA ALA W 53 20.02 91.86 -2.82
C ALA W 53 20.75 92.40 -4.05
N GLU W 54 20.00 92.97 -4.98
CA GLU W 54 20.61 93.56 -6.17
C GLU W 54 21.44 94.80 -5.83
N LEU W 55 21.03 95.57 -4.83
CA LEU W 55 21.90 96.65 -4.34
C LEU W 55 23.03 96.11 -3.48
N ALA W 56 22.90 94.90 -2.97
CA ALA W 56 24.04 94.19 -2.40
C ALA W 56 25.09 94.01 -3.48
N ARG W 57 24.84 93.11 -4.44
CA ARG W 57 25.87 92.77 -5.41
C ARG W 57 26.33 94.00 -6.20
N LYS W 58 25.42 94.93 -6.48
CA LYS W 58 25.77 96.14 -7.23
C LYS W 58 26.54 97.12 -6.36
N GLY W 59 27.40 97.91 -7.02
CA GLY W 59 28.25 98.87 -6.33
C GLY W 59 29.50 98.24 -5.75
N GLU W 60 29.33 97.39 -4.71
CA GLU W 60 30.47 96.80 -4.03
C GLU W 60 31.27 95.86 -4.92
N GLN W 61 30.63 95.22 -5.90
CA GLN W 61 31.31 94.29 -6.81
C GLN W 61 31.68 92.99 -6.08
N MET X 1 -6.94 -33.07 -53.90
CA MET X 1 -6.48 -32.90 -52.52
C MET X 1 -6.95 -31.58 -51.94
N LYS X 2 -8.26 -31.46 -51.71
CA LYS X 2 -8.82 -30.23 -51.17
C LYS X 2 -8.59 -30.12 -49.67
N ILE X 3 -8.45 -28.87 -49.22
CA ILE X 3 -8.14 -28.53 -47.84
C ILE X 3 -8.96 -27.30 -47.49
N LYS X 4 -9.16 -27.08 -46.19
CA LYS X 4 -9.58 -25.78 -45.66
C LYS X 4 -9.11 -25.69 -44.22
N LEU X 5 -8.96 -24.45 -43.75
CA LEU X 5 -8.82 -24.21 -42.32
C LEU X 5 -10.17 -24.43 -41.64
N VAL X 6 -10.14 -24.91 -40.41
CA VAL X 6 -11.37 -25.05 -39.63
C VAL X 6 -11.06 -24.89 -38.15
N ARG X 7 -9.86 -24.41 -37.84
CA ARG X 7 -9.42 -24.19 -36.47
C ARG X 7 -8.35 -23.11 -36.52
N SER X 8 -8.35 -22.24 -35.54
CA SER X 8 -7.53 -21.05 -35.62
C SER X 8 -6.06 -21.38 -35.41
N VAL X 9 -5.20 -20.49 -35.93
CA VAL X 9 -3.79 -20.52 -35.59
C VAL X 9 -3.55 -20.17 -34.14
N ILE X 10 -4.37 -19.31 -33.54
CA ILE X 10 -4.00 -18.68 -32.27
C ILE X 10 -3.82 -19.74 -31.21
N GLY X 11 -2.83 -19.54 -30.36
CA GLY X 11 -2.65 -20.44 -29.25
C GLY X 11 -2.10 -21.79 -29.62
N ARG X 12 -1.60 -21.94 -30.87
CA ARG X 12 -0.95 -23.09 -31.46
C ARG X 12 0.54 -22.85 -31.62
N PRO X 13 1.33 -23.90 -31.51
CA PRO X 13 2.79 -23.77 -31.56
C PRO X 13 3.29 -23.16 -32.85
N GLY X 14 4.61 -22.94 -32.89
CA GLY X 14 5.20 -22.18 -33.99
C GLY X 14 5.21 -22.91 -35.32
N ASN X 15 5.61 -24.18 -35.30
CA ASN X 15 5.64 -24.91 -36.56
C ASN X 15 4.25 -25.01 -37.14
N GLN X 16 3.23 -25.23 -36.30
CA GLN X 16 1.88 -25.29 -36.85
C GLN X 16 1.52 -23.98 -37.51
N VAL X 17 1.91 -22.86 -36.90
CA VAL X 17 1.52 -21.57 -37.43
C VAL X 17 2.21 -21.31 -38.77
N LYS X 18 3.54 -21.45 -38.79
CA LYS X 18 4.26 -21.15 -40.01
C LYS X 18 3.88 -22.13 -41.12
N THR X 19 3.46 -23.34 -40.75
CA THR X 19 3.00 -24.31 -41.74
C THR X 19 1.64 -23.93 -42.31
N VAL X 20 0.72 -23.49 -41.44
CA VAL X 20 -0.54 -22.97 -41.95
C VAL X 20 -0.25 -21.86 -42.94
N GLN X 21 0.71 -21.00 -42.59
CA GLN X 21 1.07 -19.87 -43.45
C GLN X 21 1.71 -20.34 -44.76
N ALA X 22 2.45 -21.44 -44.73
CA ALA X 22 3.04 -21.94 -45.96
C ALA X 22 1.97 -22.51 -46.89
N LEU X 23 1.08 -23.33 -46.34
CA LEU X 23 0.10 -24.02 -47.19
C LEU X 23 -0.78 -23.06 -47.96
N GLY X 24 -0.75 -21.76 -47.63
CA GLY X 24 -1.54 -20.75 -48.30
C GLY X 24 -2.82 -20.33 -47.62
N LEU X 25 -3.00 -20.70 -46.34
CA LEU X 25 -4.25 -20.46 -45.62
C LEU X 25 -4.04 -19.37 -44.57
N ARG X 26 -4.82 -18.29 -44.65
CA ARG X 26 -4.63 -17.12 -43.82
C ARG X 26 -5.89 -16.70 -43.06
N LYS X 27 -6.95 -17.49 -43.12
CA LYS X 27 -8.20 -17.24 -42.40
C LYS X 27 -8.92 -18.57 -42.28
N ILE X 28 -9.67 -18.75 -41.18
CA ILE X 28 -10.49 -19.94 -41.10
C ILE X 28 -11.44 -19.89 -42.28
N GLY X 29 -11.81 -21.07 -42.78
CA GLY X 29 -12.73 -21.13 -43.89
C GLY X 29 -12.10 -20.90 -45.23
N ASP X 30 -10.81 -20.59 -45.28
CA ASP X 30 -10.08 -20.67 -46.53
C ASP X 30 -10.05 -22.11 -47.00
N SER X 31 -10.12 -22.30 -48.31
CA SER X 31 -9.96 -23.61 -48.91
C SER X 31 -8.86 -23.55 -49.96
N ARG X 32 -8.38 -24.72 -50.36
CA ARG X 32 -7.35 -24.76 -51.38
C ARG X 32 -7.21 -26.15 -51.96
N GLU X 33 -6.56 -26.21 -53.11
CA GLU X 33 -6.30 -27.45 -53.86
C GLU X 33 -4.80 -27.67 -53.88
N VAL X 34 -4.34 -28.76 -53.26
CA VAL X 34 -2.92 -28.98 -53.06
C VAL X 34 -2.51 -30.27 -53.74
N SER X 35 -1.32 -30.26 -54.34
CA SER X 35 -0.74 -31.42 -55.00
C SER X 35 -0.37 -32.48 -53.97
N ASP X 36 -0.29 -33.73 -54.41
CA ASP X 36 0.23 -34.77 -53.52
C ASP X 36 1.61 -35.19 -54.02
N THR X 37 2.61 -34.44 -53.54
CA THR X 37 4.07 -34.52 -53.51
C THR X 37 4.53 -34.57 -52.07
N PRO X 38 5.63 -35.27 -51.77
CA PRO X 38 5.85 -35.71 -50.37
C PRO X 38 5.92 -34.58 -49.37
N ALA X 39 6.50 -33.44 -49.74
CA ALA X 39 6.67 -32.35 -48.79
C ALA X 39 5.33 -31.69 -48.49
N VAL X 40 4.50 -31.50 -49.51
CA VAL X 40 3.16 -30.96 -49.25
C VAL X 40 2.34 -31.95 -48.45
N ARG X 41 2.51 -33.25 -48.71
CA ARG X 41 1.80 -34.20 -47.86
C ARG X 41 2.30 -34.10 -46.43
N GLY X 42 3.59 -33.81 -46.24
CA GLY X 42 4.12 -33.69 -44.89
C GLY X 42 3.63 -32.43 -44.19
N MET X 43 3.50 -31.34 -44.93
CA MET X 43 2.93 -30.13 -44.35
C MET X 43 1.50 -30.37 -43.95
N VAL X 44 0.66 -30.82 -44.89
CA VAL X 44 -0.73 -31.01 -44.54
C VAL X 44 -0.92 -32.12 -43.50
N LYS X 45 0.10 -32.96 -43.29
CA LYS X 45 0.04 -33.89 -42.16
C LYS X 45 0.41 -33.20 -40.85
N THR X 46 1.35 -32.26 -40.92
CA THR X 46 1.88 -31.65 -39.69
C THR X 46 0.79 -30.90 -38.94
N VAL X 47 -0.24 -30.44 -39.63
CA VAL X 47 -1.26 -29.61 -39.05
C VAL X 47 -2.62 -30.18 -39.43
N LYS X 48 -2.71 -31.51 -39.44
CA LYS X 48 -3.91 -32.14 -39.98
C LYS X 48 -5.13 -31.96 -39.08
N HIS X 49 -4.93 -31.70 -37.79
CA HIS X 49 -6.04 -31.41 -36.89
C HIS X 49 -6.68 -30.05 -37.15
N LEU X 50 -5.95 -29.11 -37.77
CA LEU X 50 -6.53 -27.83 -38.13
C LEU X 50 -7.26 -27.87 -39.47
N LEU X 51 -7.15 -28.95 -40.24
CA LEU X 51 -7.57 -28.98 -41.63
C LEU X 51 -8.58 -30.08 -41.87
N GLU X 52 -9.62 -29.74 -42.64
CA GLU X 52 -10.61 -30.72 -43.08
C GLU X 52 -10.19 -31.26 -44.44
N VAL X 53 -9.22 -32.18 -44.43
CA VAL X 53 -8.74 -32.77 -45.67
C VAL X 53 -9.90 -33.45 -46.38
N GLN X 54 -10.03 -33.19 -47.69
CA GLN X 54 -11.25 -33.63 -48.36
C GLN X 54 -11.22 -35.12 -48.65
N GLU X 55 -10.12 -35.60 -49.22
CA GLU X 55 -9.99 -37.01 -49.61
C GLU X 55 -8.62 -37.25 -50.24
N ALA Y 1 -6.69 16.87 12.92
CA ALA Y 1 -7.88 17.66 12.55
C ALA Y 1 -9.19 17.33 13.38
N LYS Y 2 -10.27 16.91 12.73
CA LYS Y 2 -11.59 16.99 13.32
C LYS Y 2 -12.20 15.60 13.36
N HIS Y 3 -11.70 14.71 14.23
CA HIS Y 3 -12.21 13.34 14.31
C HIS Y 3 -13.30 13.19 13.27
N PRO Y 4 -14.61 13.11 13.54
CA PRO Y 4 -15.53 12.85 12.42
C PRO Y 4 -15.49 13.96 11.39
N VAL Y 5 -15.51 13.56 10.12
CA VAL Y 5 -15.61 14.49 8.99
C VAL Y 5 -16.42 13.85 7.90
N PRO Y 6 -17.11 14.66 7.09
CA PRO Y 6 -17.91 14.12 5.99
C PRO Y 6 -17.08 13.69 4.79
N LYS Y 7 -17.62 12.69 4.07
CA LYS Y 7 -16.90 11.78 3.18
C LYS Y 7 -16.82 12.26 1.73
N LYS Y 8 -17.98 12.47 1.10
CA LYS Y 8 -18.14 13.13 -0.19
C LYS Y 8 -19.00 14.38 -0.01
N LYS Y 9 -18.72 15.43 -0.78
CA LYS Y 9 -19.63 16.58 -0.77
C LYS Y 9 -21.04 16.13 -1.11
N THR Y 10 -22.03 16.71 -0.42
CA THR Y 10 -23.39 16.25 -0.63
C THR Y 10 -23.96 16.87 -1.90
N SER Y 11 -24.85 16.12 -2.54
CA SER Y 11 -25.36 16.50 -3.85
C SER Y 11 -26.24 17.73 -3.77
N LYS Y 12 -26.21 18.51 -4.84
CA LYS Y 12 -27.23 19.54 -4.98
C LYS Y 12 -28.61 18.94 -4.78
N SER Y 13 -28.81 17.68 -5.17
CA SER Y 13 -30.14 17.13 -4.98
C SER Y 13 -30.41 16.75 -3.55
N LYS Y 14 -29.53 15.98 -2.94
CA LYS Y 14 -29.84 15.49 -1.59
C LYS Y 14 -29.87 16.63 -0.59
N ARG Y 15 -29.14 17.71 -0.85
CA ARG Y 15 -29.13 18.83 0.08
C ARG Y 15 -30.49 19.53 0.09
N ASP Y 16 -31.01 19.83 -1.07
CA ASP Y 16 -32.38 20.28 -1.13
C ASP Y 16 -33.35 19.16 -0.75
N MET Y 17 -32.91 17.91 -0.79
CA MET Y 17 -33.73 16.82 -0.30
C MET Y 17 -34.04 17.04 1.17
N ARG Y 18 -33.02 17.29 1.97
CA ARG Y 18 -33.37 17.41 3.37
C ARG Y 18 -34.26 18.61 3.59
N ARG Y 19 -34.16 19.63 2.74
CA ARG Y 19 -34.76 20.88 3.15
C ARG Y 19 -36.27 20.91 2.99
N SER Y 20 -36.91 19.82 2.55
CA SER Y 20 -38.35 19.85 2.25
C SER Y 20 -39.21 20.11 3.48
N HIS Y 21 -38.58 20.57 4.56
CA HIS Y 21 -39.19 20.61 5.88
C HIS Y 21 -39.00 21.96 6.57
N HIS Y 22 -38.41 22.95 5.89
CA HIS Y 22 -38.14 24.26 6.47
C HIS Y 22 -39.13 25.32 6.05
N ALA Y 23 -40.15 24.98 5.25
CA ALA Y 23 -41.12 26.00 4.88
C ALA Y 23 -41.77 26.56 6.14
N LEU Y 24 -41.90 27.89 6.18
CA LEU Y 24 -42.55 28.58 7.27
C LEU Y 24 -44.05 28.34 7.22
N THR Y 25 -44.70 28.47 8.38
CA THR Y 25 -46.17 28.44 8.40
C THR Y 25 -46.71 29.87 8.47
N ALA Y 26 -47.67 30.16 7.61
CA ALA Y 26 -48.15 31.52 7.71
C ALA Y 26 -49.07 31.65 8.92
N PRO Y 27 -49.08 32.82 9.55
CA PRO Y 27 -49.96 33.00 10.71
C PRO Y 27 -51.40 32.78 10.27
N ASN Y 28 -52.21 32.21 11.17
CA ASN Y 28 -53.64 32.13 10.94
C ASN Y 28 -54.21 33.48 11.38
N LEU Y 29 -54.07 34.47 10.52
CA LEU Y 29 -54.51 35.82 10.84
C LEU Y 29 -56.02 35.92 10.76
N THR Y 30 -56.58 36.83 11.57
CA THR Y 30 -58.02 37.06 11.57
C THR Y 30 -58.34 38.53 11.69
N GLU Y 31 -59.56 38.85 11.26
CA GLU Y 31 -60.04 40.21 11.15
C GLU Y 31 -60.50 40.69 12.52
N CYS Y 32 -59.91 41.76 13.01
CA CYS Y 32 -60.30 42.28 14.31
C CYS Y 32 -61.74 42.81 14.26
N PRO Y 33 -62.55 42.57 15.29
CA PRO Y 33 -63.98 42.91 15.20
C PRO Y 33 -64.33 44.37 15.46
N GLN Y 34 -63.37 45.20 15.87
CA GLN Y 34 -63.63 46.62 16.09
C GLN Y 34 -62.74 47.53 15.26
N CYS Y 35 -61.44 47.28 15.22
CA CYS Y 35 -60.52 48.16 14.52
C CYS Y 35 -60.50 47.93 13.02
N HIS Y 36 -61.12 46.86 12.56
CA HIS Y 36 -61.06 46.50 11.15
C HIS Y 36 -59.61 46.54 10.67
N GLY Y 37 -58.76 45.86 11.45
CA GLY Y 37 -57.48 45.36 11.00
C GLY Y 37 -57.30 43.91 11.42
N LYS Y 38 -56.13 43.37 11.10
CA LYS Y 38 -55.81 41.97 11.26
C LYS Y 38 -55.06 41.73 12.58
N LYS Y 39 -55.35 40.60 13.22
CA LYS Y 39 -54.75 40.30 14.52
C LYS Y 39 -54.57 38.81 14.76
N LEU Y 40 -53.50 38.49 15.49
CA LEU Y 40 -53.23 37.15 16.00
C LEU Y 40 -54.32 36.71 16.98
N SER Y 41 -54.67 35.42 16.96
CA SER Y 41 -55.71 34.94 17.88
C SER Y 41 -55.21 34.81 19.33
N HIS Y 42 -56.14 34.98 20.27
CA HIS Y 42 -55.88 35.03 21.72
C HIS Y 42 -54.82 36.06 22.08
N HIS Y 43 -54.56 37.02 21.21
CA HIS Y 43 -53.85 38.24 21.57
C HIS Y 43 -54.70 39.48 21.30
N ILE Y 44 -54.12 40.62 21.63
CA ILE Y 44 -54.78 41.90 21.70
C ILE Y 44 -54.50 42.65 20.40
N CYS Y 45 -55.58 42.98 19.65
CA CYS Y 45 -55.52 43.64 18.34
C CYS Y 45 -54.54 44.80 18.34
N PRO Y 46 -53.39 44.66 17.72
CA PRO Y 46 -52.39 45.72 17.83
C PRO Y 46 -52.89 47.05 17.33
N ASN Y 47 -53.75 47.05 16.31
CA ASN Y 47 -54.12 48.31 15.66
C ASN Y 47 -54.88 49.23 16.60
N CYS Y 48 -55.92 48.70 17.24
CA CYS Y 48 -56.72 49.55 18.13
C CYS Y 48 -56.46 49.30 19.61
N GLY Y 49 -55.73 48.27 19.98
CA GLY Y 49 -55.52 47.97 21.37
C GLY Y 49 -56.61 47.19 22.06
N TYR Y 50 -57.67 46.83 21.33
CA TYR Y 50 -58.87 46.22 21.90
C TYR Y 50 -58.70 44.74 22.19
N TYR Y 51 -59.41 44.25 23.24
CA TYR Y 51 -59.54 42.83 23.63
C TYR Y 51 -60.91 42.65 24.31
N ASP Y 52 -61.99 42.64 23.50
CA ASP Y 52 -63.40 42.82 23.90
C ASP Y 52 -63.73 44.28 24.31
N GLY Y 53 -62.98 44.81 25.30
CA GLY Y 53 -62.94 46.22 25.67
C GLY Y 53 -61.70 46.82 25.08
N ARG Y 54 -60.82 47.43 25.86
CA ARG Y 54 -59.62 47.99 25.24
C ARG Y 54 -58.56 48.26 26.30
N GLN Y 55 -57.43 47.56 26.22
CA GLN Y 55 -56.44 47.49 27.27
C GLN Y 55 -55.24 48.35 27.01
N VAL Y 56 -54.74 48.38 25.78
CA VAL Y 56 -53.45 49.00 25.52
C VAL Y 56 -53.63 50.33 24.78
N LEU Y 57 -52.67 51.23 24.99
CA LEU Y 57 -52.71 52.58 24.44
C LEU Y 57 -52.67 52.58 22.91
N ALA Y 58 -53.46 53.48 22.32
CA ALA Y 58 -53.52 53.74 20.87
C ALA Y 58 -54.03 52.54 20.03
N PRO Z 1 59.63 -15.78 1.76
CA PRO Z 1 60.48 -16.72 1.01
C PRO Z 1 60.10 -16.80 -0.48
N ARG Z 2 60.85 -17.55 -1.30
CA ARG Z 2 60.38 -17.92 -2.64
C ARG Z 2 61.30 -19.00 -3.23
N ILE Z 3 60.73 -19.82 -4.11
CA ILE Z 3 61.38 -21.05 -4.59
C ILE Z 3 61.94 -20.92 -6.00
N ILE Z 4 61.07 -20.97 -7.01
CA ILE Z 4 61.49 -21.02 -8.42
C ILE Z 4 61.34 -19.62 -9.01
N VAL Z 5 62.40 -18.84 -8.91
CA VAL Z 5 62.38 -17.44 -9.35
C VAL Z 5 62.37 -17.37 -10.87
N LYS Z 6 62.13 -16.17 -11.42
CA LYS Z 6 62.28 -15.94 -12.85
C LYS Z 6 63.72 -15.51 -13.16
N MET Z 7 64.33 -16.16 -14.16
CA MET Z 7 65.74 -15.99 -14.50
C MET Z 7 65.87 -15.43 -15.92
N GLU Z 8 66.55 -14.30 -16.06
CA GLU Z 8 66.84 -13.71 -17.36
C GLU Z 8 68.20 -14.16 -17.83
N SER Z 9 68.29 -14.51 -19.12
CA SER Z 9 69.51 -15.05 -19.73
C SER Z 9 70.06 -14.07 -20.76
N SER Z 10 71.21 -13.46 -20.46
CA SER Z 10 71.94 -12.72 -21.48
C SER Z 10 72.45 -13.69 -22.54
N ALA Z 11 72.28 -13.32 -23.80
CA ALA Z 11 72.86 -14.12 -24.85
C ALA Z 11 74.38 -13.96 -24.82
N GLY Z 12 75.09 -14.97 -25.35
CA GLY Z 12 76.54 -14.98 -25.40
C GLY Z 12 77.01 -13.87 -26.32
N THR Z 13 77.39 -12.73 -25.73
CA THR Z 13 77.87 -11.58 -26.48
C THR Z 13 76.89 -11.16 -27.58
N GLY Z 14 75.59 -11.12 -27.24
CA GLY Z 14 74.60 -10.61 -28.16
C GLY Z 14 74.10 -9.24 -27.75
N PHE Z 15 72.81 -9.08 -27.72
CA PHE Z 15 72.25 -7.93 -27.01
C PHE Z 15 70.90 -8.23 -26.36
N TYR Z 16 70.35 -9.44 -26.51
CA TYR Z 16 68.97 -9.76 -26.17
C TYR Z 16 68.93 -10.82 -25.07
N TYR Z 17 67.82 -10.88 -24.34
CA TYR Z 17 67.60 -11.80 -23.24
C TYR Z 17 66.40 -12.69 -23.52
N THR Z 18 66.16 -13.64 -22.64
CA THR Z 18 65.05 -14.54 -22.96
C THR Z 18 64.02 -14.68 -21.83
N THR Z 19 64.47 -14.80 -20.57
CA THR Z 19 63.60 -14.87 -19.39
C THR Z 19 62.76 -16.15 -19.29
N THR Z 20 63.05 -16.99 -18.29
CA THR Z 20 62.14 -18.06 -17.92
C THR Z 20 62.41 -18.49 -16.48
N LYS Z 21 61.41 -19.14 -15.89
CA LYS Z 21 61.42 -19.51 -14.48
C LYS Z 21 62.10 -20.85 -14.28
N ASN Z 22 63.44 -20.82 -14.27
CA ASN Z 22 64.21 -21.99 -13.85
C ASN Z 22 63.97 -22.26 -12.37
N ARG Z 23 63.38 -23.41 -12.05
CA ARG Z 23 63.15 -23.74 -10.64
C ARG Z 23 64.48 -23.86 -9.91
N ARG Z 24 64.54 -23.28 -8.70
CA ARG Z 24 65.78 -23.21 -7.90
C ARG Z 24 65.97 -24.43 -7.02
N ASN Z 25 65.07 -25.41 -7.09
CA ASN Z 25 65.23 -26.69 -6.41
C ASN Z 25 66.42 -27.45 -6.95
N THR Z 26 66.17 -28.34 -7.92
CA THR Z 26 67.25 -29.14 -8.52
C THR Z 26 68.19 -28.32 -9.39
N GLN Z 27 67.72 -27.19 -9.94
CA GLN Z 27 68.52 -26.38 -10.86
C GLN Z 27 69.45 -25.44 -10.09
N ALA Z 28 70.32 -26.06 -9.28
CA ALA Z 28 71.22 -25.28 -8.42
C ALA Z 28 72.25 -24.51 -9.24
N LYS Z 29 72.66 -25.03 -10.40
CA LYS Z 29 73.74 -24.46 -11.20
C LYS Z 29 73.19 -23.61 -12.34
N LEU Z 30 73.84 -22.48 -12.59
CA LEU Z 30 73.26 -21.45 -13.45
C LEU Z 30 72.92 -22.01 -14.82
N GLU Z 31 71.82 -21.53 -15.39
CA GLU Z 31 71.35 -21.99 -16.69
C GLU Z 31 72.34 -21.65 -17.79
N LEU Z 32 72.53 -22.59 -18.71
CA LEU Z 32 73.30 -22.38 -19.95
C LEU Z 32 72.52 -23.03 -21.08
N LYS Z 33 71.76 -22.24 -21.85
CA LYS Z 33 71.02 -22.83 -22.95
C LYS Z 33 71.58 -22.28 -24.28
N LYS Z 34 70.87 -22.55 -25.38
CA LYS Z 34 71.21 -21.98 -26.67
C LYS Z 34 69.94 -21.44 -27.33
N TYR Z 35 70.08 -20.33 -28.06
CA TYR Z 35 68.94 -19.57 -28.59
C TYR Z 35 69.45 -18.60 -29.63
N ASP Z 36 68.54 -18.11 -30.49
CA ASP Z 36 68.94 -17.23 -31.59
C ASP Z 36 68.77 -15.77 -31.20
N PRO Z 37 69.84 -14.97 -31.10
CA PRO Z 37 69.65 -13.59 -30.64
C PRO Z 37 69.52 -12.57 -31.76
N VAL Z 38 70.14 -11.42 -31.52
CA VAL Z 38 70.08 -10.27 -32.42
C VAL Z 38 70.75 -10.54 -33.76
N ALA Z 39 71.71 -11.47 -33.83
CA ALA Z 39 72.57 -11.60 -35.00
C ALA Z 39 72.48 -12.95 -35.73
N LYS Z 40 73.31 -13.89 -35.31
CA LYS Z 40 73.62 -15.05 -36.14
C LYS Z 40 72.59 -16.17 -36.02
N LYS Z 41 73.06 -17.34 -35.60
CA LYS Z 41 72.29 -18.54 -35.37
C LYS Z 41 72.29 -18.86 -33.88
N HIS Z 42 71.76 -20.04 -33.52
CA HIS Z 42 71.66 -20.39 -32.12
C HIS Z 42 73.04 -20.32 -31.47
N VAL Z 43 73.12 -19.67 -30.31
CA VAL Z 43 74.36 -19.56 -29.54
C VAL Z 43 74.02 -19.77 -28.07
N VAL Z 44 75.06 -19.82 -27.24
CA VAL Z 44 74.88 -20.12 -25.82
C VAL Z 44 74.47 -18.84 -25.09
N PHE Z 45 73.24 -18.85 -24.54
CA PHE Z 45 72.72 -17.79 -23.68
C PHE Z 45 72.87 -18.24 -22.24
N ARG Z 46 73.55 -17.41 -21.43
CA ARG Z 46 73.96 -17.75 -20.07
C ARG Z 46 72.99 -17.11 -19.08
N GLU Z 47 72.03 -17.90 -18.61
CA GLU Z 47 70.92 -17.39 -17.83
C GLU Z 47 71.38 -17.05 -16.42
N LYS Z 48 72.42 -16.23 -16.35
CA LYS Z 48 72.89 -15.59 -15.13
C LYS Z 48 72.29 -14.19 -15.02
N LYS Z 49 71.84 -13.83 -13.82
CA LYS Z 49 71.26 -12.51 -13.58
C LYS Z 49 71.01 -12.26 -12.09
N MET AA 1 3.07 34.02 30.27
CA MET AA 1 2.62 34.25 28.90
C MET AA 1 3.08 35.57 28.39
N LYS AA 2 4.13 36.13 28.99
CA LYS AA 2 4.74 37.31 28.41
C LYS AA 2 5.22 36.97 27.01
N ARG AA 3 4.93 37.84 26.04
CA ARG AA 3 5.20 37.48 24.65
C ARG AA 3 6.48 38.15 24.18
N THR AA 4 6.83 37.91 22.93
CA THR AA 4 8.17 38.25 22.50
C THR AA 4 8.41 39.75 22.46
N TYR AA 5 7.41 40.57 22.11
CA TYR AA 5 7.64 41.99 21.83
C TYR AA 5 7.22 42.89 23.00
N GLN AA 6 8.21 43.46 23.70
CA GLN AA 6 7.98 44.34 24.84
C GLN AA 6 8.48 45.72 24.47
N PRO AA 7 7.63 46.61 24.03
CA PRO AA 7 8.09 47.85 23.39
C PRO AA 7 9.08 48.62 24.23
N ASN AA 8 9.77 49.58 23.66
CA ASN AA 8 10.68 50.38 24.47
C ASN AA 8 11.37 51.45 23.62
N ASN AA 9 11.00 52.71 23.81
CA ASN AA 9 11.43 53.72 22.85
C ASN AA 9 12.95 53.86 22.81
N ARG AA 10 13.61 53.72 23.96
CA ARG AA 10 15.07 53.81 23.93
C ARG AA 10 15.71 52.55 23.35
N LYS AA 11 15.15 51.39 23.61
CA LYS AA 11 15.69 50.17 23.02
C LYS AA 11 15.67 50.29 21.51
N ARG AA 12 14.48 50.55 20.97
CA ARG AA 12 14.31 50.59 19.54
C ARG AA 12 15.13 51.69 18.93
N ALA AA 13 15.19 52.86 19.56
CA ALA AA 13 16.04 53.88 18.95
C ALA AA 13 17.49 53.48 18.98
N LYS AA 14 17.92 52.72 19.99
CA LYS AA 14 19.35 52.47 20.16
C LYS AA 14 19.86 51.44 19.15
N THR AA 15 19.44 50.19 19.28
CA THR AA 15 19.57 49.25 18.17
C THR AA 15 18.58 49.67 17.09
N HIS AA 16 18.99 49.62 15.81
CA HIS AA 16 18.11 49.99 14.68
C HIS AA 16 18.03 51.48 14.34
N GLY AA 17 18.46 52.37 15.23
CA GLY AA 17 18.31 53.78 14.95
C GLY AA 17 19.26 54.25 13.86
N PHE AA 18 18.93 55.38 13.23
CA PHE AA 18 19.75 55.82 12.11
C PHE AA 18 21.18 56.09 12.55
N ARG AA 19 21.36 56.59 13.77
CA ARG AA 19 22.73 56.79 14.24
C ARG AA 19 23.45 55.46 14.41
N ALA AA 20 22.68 54.40 14.68
CA ALA AA 20 23.26 53.08 14.87
C ALA AA 20 23.62 52.43 13.55
N ARG AA 21 22.75 52.53 12.56
CA ARG AA 21 23.09 52.05 11.24
C ARG AA 21 24.28 52.82 10.70
N MET AA 22 24.22 54.14 10.76
CA MET AA 22 25.30 54.95 10.19
C MET AA 22 26.64 54.63 10.83
N LYS AA 23 26.63 54.08 12.05
CA LYS AA 23 27.88 53.82 12.76
C LYS AA 23 28.72 52.78 12.02
N THR AA 24 28.22 51.56 11.94
CA THR AA 24 28.93 50.47 11.29
C THR AA 24 28.85 50.58 9.76
N LYS AA 25 29.86 50.07 9.07
CA LYS AA 25 29.77 50.05 7.62
C LYS AA 25 28.55 49.27 7.16
N SER AA 26 28.38 48.05 7.65
CA SER AA 26 27.31 47.19 7.15
C SER AA 26 25.93 47.78 7.43
N GLY AA 27 25.82 48.61 8.47
CA GLY AA 27 24.57 49.34 8.63
C GLY AA 27 24.39 50.39 7.55
N ARG AA 28 25.45 51.14 7.25
CA ARG AA 28 25.34 52.09 6.16
C ARG AA 28 25.02 51.36 4.88
N ASN AA 29 25.42 50.10 4.78
CA ASN AA 29 25.00 49.28 3.65
C ASN AA 29 23.50 49.02 3.72
N ILE AA 30 22.95 48.81 4.91
CA ILE AA 30 21.50 48.66 4.93
C ILE AA 30 20.84 49.95 4.47
N LEU AA 31 21.44 51.09 4.79
CA LEU AA 31 20.88 52.37 4.40
C LEU AA 31 20.92 52.56 2.89
N ALA AA 32 22.07 52.29 2.28
CA ALA AA 32 22.13 52.39 0.83
C ALA AA 32 21.19 51.38 0.19
N ARG AA 33 21.04 50.19 0.77
CA ARG AA 33 20.14 49.18 0.20
C ARG AA 33 18.70 49.68 0.21
N ARG AA 34 18.26 50.19 1.36
CA ARG AA 34 16.88 50.64 1.45
C ARG AA 34 16.66 51.87 0.55
N ARG AA 35 17.59 52.82 0.56
CA ARG AA 35 17.40 53.97 -0.32
C ARG AA 35 17.26 53.49 -1.74
N ALA AA 36 18.09 52.51 -2.13
CA ALA AA 36 18.03 52.00 -3.50
C ALA AA 36 16.68 51.36 -3.79
N LYS AA 37 16.11 50.66 -2.81
CA LYS AA 37 14.77 50.16 -3.03
C LYS AA 37 13.74 51.28 -3.02
N GLY AA 38 14.11 52.46 -2.53
CA GLY AA 38 13.15 53.53 -2.41
C GLY AA 38 12.13 53.30 -1.31
N ARG AA 39 12.56 52.71 -0.18
CA ARG AA 39 11.65 52.50 0.94
C ARG AA 39 11.21 53.82 1.52
N HIS AA 40 9.95 53.89 1.91
CA HIS AA 40 9.56 54.97 2.79
C HIS AA 40 10.24 54.71 4.12
N GLN AA 41 11.13 55.64 4.48
CA GLN AA 41 12.19 55.48 5.46
C GLN AA 41 12.31 54.09 6.07
N LEU AA 42 13.15 53.25 5.45
CA LEU AA 42 13.78 52.18 6.19
C LEU AA 42 14.96 52.83 6.88
N THR AA 43 14.84 52.98 8.19
CA THR AA 43 15.81 53.66 9.01
C THR AA 43 15.36 53.62 10.45
N VAL AA 44 14.08 53.29 10.67
CA VAL AA 44 13.45 53.07 11.98
C VAL AA 44 13.43 54.31 12.87
N SER AA 45 14.49 55.10 12.84
CA SER AA 45 14.45 56.39 13.50
C SER AA 45 13.36 57.20 12.85
N ASP AA 46 12.64 57.96 13.67
CA ASP AA 46 11.58 58.86 13.23
C ASP AA 46 11.06 58.53 11.83
N GLU AA 47 10.83 57.25 11.55
CA GLU AA 47 10.46 56.81 10.22
C GLU AA 47 11.23 57.59 9.15
N PRO BA 1 31.24 24.35 -29.67
CA PRO BA 1 32.65 23.93 -29.47
C PRO BA 1 32.88 22.47 -29.86
N LYS BA 2 33.09 21.57 -28.90
CA LYS BA 2 33.07 20.11 -29.10
C LYS BA 2 34.48 19.50 -29.09
N MET BA 3 35.21 19.68 -27.99
CA MET BA 3 36.56 19.15 -27.92
C MET BA 3 36.56 17.63 -28.03
N LYS BA 4 37.62 17.09 -28.64
CA LYS BA 4 37.88 15.65 -28.62
C LYS BA 4 38.51 15.23 -27.29
N THR BA 5 38.23 14.00 -26.87
CA THR BA 5 38.81 13.53 -25.61
C THR BA 5 40.25 13.09 -25.87
N HIS BA 6 41.19 13.79 -25.25
CA HIS BA 6 42.61 13.57 -25.49
C HIS BA 6 43.07 12.22 -25.01
N LYS BA 7 42.29 11.55 -24.17
CA LYS BA 7 42.64 10.19 -23.76
C LYS BA 7 42.66 9.24 -24.94
N MET BA 8 41.89 9.54 -25.98
CA MET BA 8 41.86 8.66 -27.13
C MET BA 8 42.98 8.94 -28.12
N ALA BA 9 43.81 9.95 -27.90
CA ALA BA 9 44.75 10.41 -28.91
C ALA BA 9 45.78 9.36 -29.31
N LYS BA 10 46.91 9.30 -28.60
CA LYS BA 10 47.88 8.24 -28.85
C LYS BA 10 47.41 6.93 -28.25
N ARG BA 11 46.26 6.93 -27.59
CA ARG BA 11 45.66 5.71 -27.11
C ARG BA 11 45.11 4.91 -28.27
N ARG BA 12 45.18 3.59 -28.14
CA ARG BA 12 44.90 2.68 -29.24
C ARG BA 12 43.54 3.01 -29.85
N ILE BA 13 43.48 4.14 -30.53
CA ILE BA 13 42.56 4.32 -31.64
C ILE BA 13 43.33 5.07 -32.72
N LYS BA 14 42.92 4.82 -33.95
CA LYS BA 14 43.28 5.68 -35.03
C LYS BA 14 42.21 5.48 -36.07
N ILE BA 15 42.14 6.41 -36.99
CA ILE BA 15 41.08 6.43 -37.96
C ILE BA 15 41.69 5.98 -39.28
N THR BA 16 41.34 4.77 -39.71
CA THR BA 16 41.66 4.32 -41.05
C THR BA 16 40.88 5.13 -42.06
N GLY BA 17 41.47 5.39 -43.21
CA GLY BA 17 40.63 5.86 -44.28
C GLY BA 17 39.45 4.91 -44.39
N THR BA 18 38.45 5.27 -45.15
CA THR BA 18 37.19 4.53 -45.24
C THR BA 18 36.45 4.45 -43.90
N GLY BA 19 36.86 5.25 -42.92
CA GLY BA 19 36.04 5.47 -41.75
C GLY BA 19 36.08 4.40 -40.66
N LYS BA 20 36.89 3.35 -40.80
CA LYS BA 20 36.96 2.33 -39.75
C LYS BA 20 37.86 2.74 -38.58
N VAL BA 21 37.56 2.17 -37.41
CA VAL BA 21 38.23 2.53 -36.16
C VAL BA 21 39.40 1.59 -35.93
N MET BA 22 40.53 2.17 -35.52
CA MET BA 22 41.71 1.42 -35.10
C MET BA 22 41.66 1.13 -33.61
N ALA BA 23 42.50 0.19 -33.21
CA ALA BA 23 42.70 -0.14 -31.80
C ALA BA 23 44.03 -0.84 -31.72
N PHE BA 24 44.51 -1.06 -30.51
CA PHE BA 24 45.72 -1.85 -30.39
C PHE BA 24 45.38 -3.20 -29.77
N LYS BA 25 46.40 -4.05 -29.68
CA LYS BA 25 46.24 -5.35 -29.03
C LYS BA 25 46.83 -5.30 -27.63
N SER BA 26 46.05 -5.75 -26.66
CA SER BA 26 46.24 -5.40 -25.26
C SER BA 26 46.77 -6.55 -24.41
N GLY BA 27 45.98 -7.61 -24.27
CA GLY BA 27 46.22 -8.64 -23.27
C GLY BA 27 47.66 -9.10 -23.18
N LYS BA 28 48.14 -9.19 -21.94
CA LYS BA 28 49.55 -9.48 -21.67
C LYS BA 28 50.45 -8.42 -22.28
N ARG BA 29 49.95 -7.17 -22.32
CA ARG BA 29 50.71 -6.12 -22.98
C ARG BA 29 52.04 -5.87 -22.26
N HIS BA 30 52.01 -5.74 -20.94
CA HIS BA 30 53.23 -5.71 -20.14
C HIS BA 30 53.02 -6.49 -18.86
N GLN BA 31 54.12 -6.74 -18.15
CA GLN BA 31 54.18 -7.47 -16.87
C GLN BA 31 53.70 -8.93 -16.96
N ASN BA 32 54.31 -9.72 -17.85
CA ASN BA 32 53.99 -11.14 -17.99
C ASN BA 32 55.02 -11.89 -18.85
N THR BA 33 55.66 -12.93 -18.30
CA THR BA 33 56.70 -13.64 -19.02
C THR BA 33 56.70 -15.13 -18.67
N GLY BA 34 55.54 -15.74 -18.77
CA GLY BA 34 55.39 -17.15 -18.98
C GLY BA 34 54.41 -17.24 -20.13
N LYS BA 35 54.18 -16.10 -20.77
CA LYS BA 35 53.40 -16.07 -22.00
C LYS BA 35 54.22 -16.55 -23.18
N SER BA 36 53.55 -17.20 -24.13
CA SER BA 36 54.19 -17.87 -25.25
C SER BA 36 54.71 -16.85 -26.27
N GLY BA 37 55.67 -17.29 -27.09
CA GLY BA 37 56.28 -16.37 -28.05
C GLY BA 37 55.28 -15.69 -28.97
N ASP BA 38 54.37 -16.46 -29.58
CA ASP BA 38 53.37 -15.82 -30.42
C ASP BA 38 52.52 -14.85 -29.61
N GLU BA 39 52.24 -15.17 -28.36
CA GLU BA 39 51.38 -14.29 -27.58
C GLU BA 39 52.03 -12.93 -27.42
N ILE BA 40 53.29 -12.89 -27.01
CA ILE BA 40 53.96 -11.61 -26.96
C ILE BA 40 53.97 -10.97 -28.34
N ARG BA 41 53.97 -11.79 -29.39
CA ARG BA 41 53.98 -11.32 -30.77
C ARG BA 41 52.62 -10.86 -31.27
N GLY BA 42 51.56 -11.08 -30.51
CA GLY BA 42 50.22 -10.96 -31.04
C GLY BA 42 49.61 -9.57 -31.10
N LYS BA 43 50.32 -8.54 -30.65
CA LYS BA 43 49.83 -7.17 -30.62
C LYS BA 43 49.92 -6.49 -32.01
N GLY BA 44 49.07 -5.48 -32.24
CA GLY BA 44 49.16 -4.64 -33.43
C GLY BA 44 47.92 -4.54 -34.30
N LYS BA 45 46.98 -5.47 -34.21
CA LYS BA 45 45.71 -5.25 -34.88
C LYS BA 45 45.02 -4.00 -34.31
N GLY BA 46 43.95 -3.59 -34.96
CA GLY BA 46 43.11 -2.57 -34.38
C GLY BA 46 41.73 -2.59 -34.97
N PHE BA 47 41.47 -3.54 -35.87
CA PHE BA 47 40.09 -3.71 -36.32
C PHE BA 47 39.25 -4.08 -35.10
N VAL BA 48 38.13 -3.39 -34.93
CA VAL BA 48 37.38 -3.43 -33.68
C VAL BA 48 35.95 -3.05 -34.03
N LEU BA 49 34.98 -3.73 -33.43
CA LEU BA 49 33.70 -3.98 -34.10
C LEU BA 49 32.62 -2.92 -33.91
N ALA BA 50 31.67 -3.19 -33.01
CA ALA BA 50 30.47 -2.39 -32.84
C ALA BA 50 30.66 -1.21 -31.88
N LYS BA 51 31.89 -0.96 -31.44
CA LYS BA 51 32.23 0.21 -30.63
C LYS BA 51 32.39 1.46 -31.46
N ALA BA 52 32.45 1.34 -32.77
CA ALA BA 52 33.14 2.35 -33.56
C ALA BA 52 32.53 3.73 -33.35
N GLU BA 53 31.20 3.83 -33.25
CA GLU BA 53 30.60 5.15 -33.24
C GLU BA 53 31.16 5.99 -32.11
N TRP BA 54 31.24 5.42 -30.91
CA TRP BA 54 31.74 6.15 -29.77
C TRP BA 54 33.21 6.49 -29.94
N ALA BA 55 34.00 5.56 -30.47
CA ALA BA 55 35.40 5.87 -30.70
C ALA BA 55 35.54 7.04 -31.64
N ARG BA 56 34.64 7.14 -32.63
CA ARG BA 56 34.67 8.25 -33.57
C ARG BA 56 34.40 9.56 -32.85
N MET BA 57 33.32 9.61 -32.08
CA MET BA 57 33.02 10.86 -31.39
C MET BA 57 34.04 11.19 -30.31
N LYS BA 58 34.90 10.22 -29.97
CA LYS BA 58 36.05 10.52 -29.12
C LYS BA 58 37.03 11.43 -29.82
N LEU BA 59 37.13 11.31 -31.15
CA LEU BA 59 38.06 12.09 -31.96
C LEU BA 59 37.30 12.71 -33.13
N MET BA 60 37.09 14.01 -33.08
CA MET BA 60 36.46 14.71 -34.20
C MET BA 60 37.39 14.74 -35.42
N LEU BA 61 38.32 15.69 -35.46
CA LEU BA 61 39.45 15.54 -36.38
C LEU BA 61 40.43 14.51 -35.83
N PRO BA 62 40.90 13.58 -36.67
CA PRO BA 62 41.74 12.45 -36.18
C PRO BA 62 43.08 12.77 -35.51
N ARG BA 63 43.03 13.36 -34.31
CA ARG BA 63 44.22 13.69 -33.52
C ARG BA 63 44.79 12.46 -32.78
C1 QTZ CA . -1.37 14.87 19.15
C10 QTZ CA . -1.14 16.57 14.82
C11 QTZ CA . -0.67 17.56 15.56
C12 QTZ CA . -1.41 18.46 16.50
C13 QTZ CA . -2.59 17.88 17.15
C14 QTZ CA . -3.01 18.10 18.59
C15 QTZ CA . -2.34 17.04 19.47
C16 QTZ CA . -3.13 16.72 20.72
C17 QTZ CA . -4.20 15.71 20.42
C18 QTZ CA . -2.85 11.00 17.21
C19 QTZ CA . 1.15 12.70 14.65
C2 QTZ CA . -1.37 13.64 18.33
C20 QTZ CA . -1.96 15.12 12.31
C21 QTZ CA . -2.69 19.53 19.02
C22 QTZ CA . -0.47 9.50 14.96
C23 QTZ CA . -1.28 8.54 14.10
C24 QTZ CA . -0.65 7.15 14.03
C25 QTZ CA . 0.87 7.25 13.78
C26 QTZ CA . 1.55 8.26 14.66
C27 QTZ CA . 2.99 8.50 14.30
C28 QTZ CA . -1.23 4.90 13.19
C29 QTZ CA . -2.62 6.66 12.58
C3 QTZ CA . -2.24 13.43 17.35
C30 QTZ CA . -1.96 20.56 20.95
C31 QTZ CA . -2.62 21.92 20.88
C32 QTZ CA . -1.93 23.00 21.71
C33 QTZ CA . -1.49 22.48 23.06
C34 QTZ CA . -0.75 21.16 22.90
C35 QTZ CA . -0.32 20.53 24.21
C36 QTZ CA . -1.00 25.02 20.94
C37 QTZ CA . -1.51 22.47 18.91
C4 QTZ CA . -2.22 12.20 16.49
C5 QTZ CA . -0.89 11.77 15.82
C6 QTZ CA . -0.30 12.95 15.05
C7 QTZ CA . -1.12 13.32 13.80
C8 QTZ CA . -0.76 14.63 13.10
C9 QTZ CA . -0.21 15.77 13.95
N1 QTZ CA . -1.26 6.32 12.96
O1 QTZ CA . -0.67 15.03 20.13
O10 QTZ CA . -2.59 8.48 14.66
O11 QTZ CA . 0.98 16.02 13.95
O12 QTZ CA . -2.74 18.99 16.23
O13 QTZ CA . -4.43 17.93 18.75
O2 QTZ CA . -2.25 15.80 18.71
O3 QTZ CA . -2.90 19.69 20.40
O4 QTZ CA . -1.63 20.22 22.28
O5 QTZ CA . -2.74 22.37 19.54
O6 QTZ CA . -0.86 23.60 21.03
O7 QTZ CA . -0.71 23.48 23.70
O8 QTZ CA . -1.13 10.73 14.86
O9 QTZ CA . 0.89 9.53 14.52
MG MG DA . 35.21 15.85 21.31
MG MG EA . 11.99 28.93 20.92
MG MG FA . -7.85 12.81 0.15
MG MG GA . -3.11 12.77 -18.48
MG MG HA . 13.29 29.02 55.11
MG MG IA . -6.76 6.87 7.69
MG MG JA . -31.00 19.69 53.78
MG MG KA . -24.03 44.68 14.05
MG MG LA . -30.52 10.75 56.99
MG MG MA . -19.95 11.27 19.40
MG MG NA . 5.77 8.85 -15.04
MG MG OA . -23.60 -1.13 -11.84
MG MG PA . -24.09 -6.94 -4.81
MG MG QA . -32.44 42.97 66.10
MG MG RA . -7.58 -5.83 45.14
MG MG SA . 23.09 -4.20 0.30
MG MG TA . 17.89 15.04 46.63
MG MG UA . -56.68 21.46 43.13
MG MG VA . -38.94 40.28 85.36
MG MG WA . 23.52 14.11 30.21
MG MG XA . 15.63 22.95 -7.58
MG MG YA . -8.64 27.63 -4.06
MG MG ZA . 11.12 23.38 53.27
MG MG AB . -0.91 -11.16 -27.22
MG MG BB . -5.32 11.01 46.43
MG MG CB . 41.17 1.08 44.39
MG MG DB . 6.87 7.78 1.83
MG MG EB . 16.63 17.61 20.89
MG MG FB . 0.40 42.70 -12.95
MG MG GB . -16.41 58.96 25.58
MG MG HB . -7.26 -7.23 19.00
MG MG IB . -22.16 -33.14 18.55
MG MG JB . -4.92 7.39 1.70
MG MG KB . 2.47 -4.65 -6.35
MG MG LB . -31.58 4.09 -2.35
MG MG MB . -47.10 -15.54 13.58
MG MG NB . 35.38 14.17 12.33
MG MG OB . -27.34 41.73 29.82
MG MG PB . -20.37 40.59 48.48
MG MG QB . 8.89 19.46 29.92
MG MG RB . 1.20 31.28 38.27
MG MG SB . -16.81 52.17 -26.15
MG MG TB . -29.85 19.38 75.13
MG MG UB . 7.75 -13.24 -6.40
MG MG VB . 23.69 -30.35 -23.32
MG MG WB . 3.64 39.70 38.37
MG MG XB . 2.96 81.42 34.70
MG MG YB . 16.00 -44.27 -15.59
MG MG ZB . -26.10 42.37 49.31
MG MG AC . -4.07 71.42 44.30
MG MG BC . -26.25 -45.91 39.45
MG MG CC . -6.98 21.42 -12.09
MG MG DC . -8.66 64.80 34.70
MG MG EC . -21.11 -6.56 4.12
MG MG FC . -8.09 40.41 28.75
MG MG GC . -9.49 44.97 56.23
MG MG HC . -9.56 38.33 50.29
MG MG IC . -23.72 59.67 66.37
MG MG JC . 46.75 7.56 -39.57
MG MG KC . -20.84 -13.25 -18.71
MG MG LC . 3.98 58.09 27.35
MG MG MC . -22.65 35.83 -36.65
MG MG NC . -35.18 60.85 -27.49
MG MG OC . -3.53 48.72 55.82
MG MG PC . 32.10 17.84 -0.77
MG MG QC . 16.40 59.39 38.10
MG MG RC . -62.19 -3.54 -5.79
MG MG SC . -2.12 -1.95 -18.63
MG MG TC . 15.75 84.68 4.64
MG MG UC . 45.29 35.48 -4.22
MG MG VC . -7.37 -7.71 -37.58
MG MG WC . -15.27 -20.31 -11.56
MG MG XC . 10.81 10.19 5.32
MG MG YC . -41.42 -7.25 5.62
MG MG ZC . 3.94 4.43 -3.10
MG MG AD . -3.30 -0.37 -35.96
MG MG BD . 4.99 -16.85 -8.68
MG MG CD . 6.26 -17.04 50.71
MG MG DD . 30.72 13.96 -6.95
MG MG ED . -4.11 -5.90 49.82
MG MG FD . 1.30 80.33 -24.76
MG MG GD . -9.06 42.89 61.66
MG MG HD . -0.37 -5.40 -36.45
MG MG ID . 0.90 62.85 25.29
MG MG JD . -14.60 -10.63 -39.81
MG MG KD . 20.96 -0.47 -27.18
MG MG LD . -44.14 3.14 -8.64
MG MG MD . -20.98 21.25 75.28
MG MG ND . 1.18 -17.94 56.29
MG MG OD . -21.72 57.58 6.33
MG MG PD . -16.36 -16.07 23.71
MG MG QD . -34.35 27.75 54.23
MG MG RD . -23.26 -12.28 -35.20
MG MG SD . 23.01 21.19 -42.44
MG MG TD . -43.06 58.50 20.32
MG MG UD . -25.01 43.65 -36.82
MG MG VD . 27.49 7.28 45.37
MG MG WD . 61.19 28.47 -6.57
MG MG XD . -4.97 -27.66 -26.62
MG MG YD . 3.98 -13.05 14.96
MG MG ZD . 26.83 1.50 32.67
MG MG AE . 5.81 73.44 30.02
MG MG BE . -7.00 41.32 -32.56
MG MG CE . 5.32 -3.68 39.65
MG MG DE . -18.16 71.52 36.76
MG MG EE . 64.64 3.28 -20.74
MG MG FE . 26.40 26.89 -9.14
MG MG GE . -7.23 49.53 39.73
MG MG HE . -16.74 -6.63 -48.85
MG MG IE . -10.47 -7.36 40.70
MG MG JE . -24.56 47.53 -20.71
MG MG KE . -12.45 0.97 15.85
MG MG LE . 14.29 -10.43 37.07
MG MG ME . 22.98 16.65 -50.02
MG MG NE . -19.96 42.51 -9.20
MG MG OE . -36.30 -3.13 36.04
MG MG PE . 4.21 -7.16 -1.66
MG MG QE . 19.22 -4.19 -13.79
MG MG RE . 15.70 67.96 38.83
MG MG SE . 34.55 -0.54 30.00
MG MG TE . 36.77 51.29 21.64
MG MG UE . 23.86 1.00 50.55
MG MG VE . -35.71 -20.52 -24.20
MG MG WE . 33.16 -8.50 -10.88
MG MG XE . 13.49 -4.32 45.39
MG MG YE . -20.51 45.76 -17.43
MG MG ZE . 4.21 -3.16 -18.43
MG MG AF . -43.09 31.62 51.12
MG MG BF . -30.54 29.63 27.77
MG MG CF . 28.58 -0.89 40.52
MG MG DF . -25.56 54.47 71.70
MG MG EF . -8.75 7.60 17.57
MG MG FF . 15.30 -5.76 -4.53
MG MG GF . -14.17 -12.11 -21.79
MG MG HF . -29.87 19.24 34.30
MG MG IF . -30.65 12.83 37.14
MG MG JF . -1.66 78.67 6.26
MG MG KF . -0.88 -5.05 42.16
MG MG LF . -66.39 35.09 31.22
MG MG MF . -35.52 -35.63 -21.99
MG MG NF . -26.43 -38.45 30.87
MG MG OF . 49.81 15.35 -9.82
MG MG PF . -8.88 -6.19 -12.24
MG MG QF . -6.78 -14.91 -11.43
MG MG RF . 6.91 52.37 68.40
MG MG SF . -13.30 62.86 -49.87
MG MG TF . -26.89 51.27 -6.86
MG MG UF . -54.63 31.11 53.58
MG MG VF . -19.92 26.27 -34.16
MG MG WF . -44.30 -38.41 18.91
MG MG XF . 9.35 46.02 43.53
MG MG YF . 7.46 40.07 59.29
MG MG ZF . 56.01 21.80 8.87
MG MG AG . 52.72 42.99 26.15
MG MG BG . 51.74 24.62 12.66
MG MG CG . 34.26 65.87 36.46
MG MG DG . 29.97 63.59 32.80
MG MG EG . -0.03 -0.77 11.54
MG MG FG . -2.68 -14.57 15.19
MG MG GG . 18.38 -30.54 -25.26
MG MG HG . 11.56 26.56 35.65
MG MG IG . -58.88 19.00 22.10
MG MG JG . -41.87 -30.35 24.22
MG MG KG . -36.97 -25.58 32.21
MG MG LG . 5.61 18.20 34.59
MG MG MG . -55.01 18.66 21.98
MG MG NG . 35.95 3.39 40.61
MG MG OG . 5.14 67.28 0.91
MG MG PG . 29.92 64.42 15.30
MG MG QG . 18.27 68.42 -0.49
MG MG RG . 26.58 68.44 14.12
MG MG SG . 2.93 80.24 41.43
MG MG TG . -4.17 63.53 34.34
MG MG UG . -20.98 -29.11 -30.57
MG MG VG . -27.87 -22.68 -37.85
MG MG WG . 4.31 11.20 -34.69
MG MG XG . 18.72 -3.71 -38.85
MG MG YG . 21.68 7.58 -27.80
MG MG ZG . 11.76 -22.11 -54.62
MG MG AH . 21.62 1.87 -35.77
MG MG BH . 20.37 -8.38 -36.92
MG MG CH . 20.06 -17.52 -45.69
MG MG DH . 15.40 -21.97 -49.08
MG MG EH . -13.82 0.87 59.11
MG MG FH . 9.35 10.00 59.39
MG MG GH . 4.67 21.43 52.99
MG MG HH . -40.82 32.30 73.93
MG MG IH . -29.02 34.93 59.70
MG MG JH . -16.88 27.48 61.89
MG MG KH . -18.09 24.80 52.45
MG MG LH . -9.57 -1.66 -53.72
MG MG MH . 5.68 39.00 -14.09
MG MG NH . 13.24 69.92 44.63
MG MG OH . 11.35 -15.73 -15.96
MG MG PH . 18.83 -17.35 -16.98
MG MG QH . 15.65 -9.24 -14.72
MG MG RH . 67.77 8.86 -23.85
MG MG SH . 33.99 21.23 43.85
MG MG TH . -8.75 71.16 -15.06
MG MG UH . -18.66 53.99 -31.00
MG MG VH . 32.78 -12.53 -17.31
MG MG WH . -36.72 62.03 -3.73
MG MG XH . -40.44 -42.38 13.65
MG MG YH . -5.45 17.42 2.03
MG MG ZH . -62.65 19.22 -5.66
MG MG AI . 44.73 11.57 13.66
MG MG BI . 14.96 -58.10 -14.33
MG MG CI . 13.36 19.50 47.34
MG MG DI . 15.27 -10.29 50.13
MG MG EI . 12.58 -13.55 47.45
MG MG FI . 32.82 46.70 -5.25
MG MG GI . 34.07 56.32 -3.73
MG MG HI . 6.62 47.92 11.39
MG MG II . 38.96 1.03 -0.38
MG MG JI . -7.64 40.40 -12.73
MG MG KI . -34.72 17.72 70.46
MG MG LI . -54.47 -2.43 -5.66
MG MG MI . -12.79 -17.19 -4.13
MG MG NI . 28.06 10.64 3.09
MG MG OI . -12.16 50.42 35.40
MG MG PI . -17.83 -10.27 0.44
MG MG QI . -40.88 8.38 51.03
MG MG RI . -3.13 34.33 19.49
MG MG SI . -8.81 5.54 -5.09
MG MG TI . 1.71 -11.84 8.56
MG MG UI . -59.79 16.55 39.31
MG MG VI . -71.14 23.63 39.36
MG MG WI . -16.69 28.61 25.17
MG MG XI . -19.00 22.21 22.40
MG MG YI . 10.19 19.37 61.86
MG MG ZI . 14.09 14.79 73.66
MG MG AJ . 18.15 6.46 73.74
MG MG BJ . 1.48 3.40 50.15
MG MG CJ . 32.43 23.79 18.52
MG MG DJ . 28.85 30.23 7.28
MG MG EJ . 4.90 36.53 15.80
MG MG FJ . -42.21 -1.50 0.61
MG MG GJ . -9.09 -7.28 -19.73
MG MG HJ . -10.43 -11.60 -24.04
MG MG IJ . 63.23 33.42 -11.62
MG MG JJ . 65.17 37.93 -8.49
MG MG KJ . 3.03 2.96 30.05
MG MG LJ . 43.23 2.78 -8.00
MG MG MJ . 12.82 10.80 -34.22
MG MG NJ . 4.59 7.33 41.37
MG MG OJ . 27.83 40.63 -10.83
MG MG PJ . 25.96 21.08 -14.81
MG MG QJ . -21.28 2.49 37.96
MG MG RJ . 55.85 -42.75 -25.42
MG MG SJ . 13.96 -1.84 -44.64
MG MG TJ . -38.91 -35.84 40.63
MG MG UJ . 19.91 -30.20 -4.91
MG MG VJ . 71.66 -36.66 -38.72
MG MG WJ . 62.77 -25.79 -40.56
MG MG XJ . 54.18 -25.56 -37.28
MG MG YJ . 31.00 -21.85 2.75
MG MG ZJ . 41.88 -4.94 -49.85
MG MG AK . 32.27 25.70 -39.57
MG MG BK . 34.52 31.40 -30.50
MG MG CK . -31.07 48.85 -16.60
MG MG DK . 40.85 83.38 54.57
MG MG EK . -25.85 53.65 -5.71
MG MG FK . 5.32 52.30 -25.39
MG MG GK . 3.40 26.51 -23.23
MG MG HK . -25.93 50.18 12.44
MG MG IK . -33.93 48.07 31.50
MG MG JK . -37.94 60.14 35.76
MG MG KK . -25.06 49.99 29.57
MG MG LK . -19.76 61.00 21.08
MG MG MK . -28.32 41.46 13.79
MG MG NK . -26.43 31.95 -16.54
MG MG OK . -1.05 -37.05 10.81
MG MG PK . -12.04 -47.81 -0.46
MG MG QK . 46.95 42.55 -36.76
MG MG RK . -38.69 -58.21 15.10
MG MG SK . -28.12 -68.18 7.16
MG MG TK . 3.61 -3.95 15.77
MG MG UK . -35.19 -7.61 41.02
MG MG VK . -43.34 22.92 -2.71
MG MG WK . -47.84 18.34 -12.56
MG MG XK . -38.29 23.87 -11.64
MG MG YK . -45.60 27.80 -8.77
MG MG ZK . 8.85 59.22 5.56
MG MG AL . 9.41 87.50 -19.22
MG MG BL . 33.69 74.58 8.79
MG MG CL . 39.87 22.13 -2.94
MG MG DL . 24.59 14.92 -3.77
MG MG EL . 68.59 30.72 -19.28
MG MG FL . 67.01 26.83 -26.54
MG MG GL . 68.35 22.71 -29.57
MG MG HL . 69.40 50.06 -19.01
MG MG IL . -1.01 40.99 -28.65
MG MG JL . 4.02 44.57 13.02
MG MG KL . -14.09 59.25 -19.76
MG MG LL . -33.04 57.48 -4.38
MG MG ML . -32.89 3.01 -17.97
MG MG NL . 18.79 23.59 9.90
MG MG OL . 16.51 42.13 28.42
MG MG PL . 13.40 29.10 29.80
MG MG QL . 29.29 26.20 71.12
MG MG RL . 6.02 12.26 38.47
MG MG SL . 1.69 7.26 33.12
MG MG TL . 32.01 27.95 26.34
MG MG UL . 21.29 12.37 25.45
MG MG VL . 18.06 7.48 26.67
MG MG WL . 34.59 -1.70 -9.71
MG MG XL . 37.03 52.45 29.43
MG MG YL . 34.53 55.74 33.72
MG MG ZL . -8.00 71.62 69.27
MG MG AM . -0.25 -17.36 9.70
MG MG BM . -65.66 4.46 2.93
MG MG CM . -44.83 -45.80 55.68
MG MG DM . -40.49 -40.67 57.08
MG MG EM . -34.03 -56.46 52.23
MG MG FM . -68.17 21.78 10.20
MG MG GM . -54.09 23.58 54.76
MG MG HM . -14.19 3.52 -3.22
MG MG IM . -43.55 10.91 31.54
MG MG JM . -5.79 -6.18 5.19
MG MG KM . -11.78 -16.52 38.84
MG MG LM . 1.61 -46.69 -30.13
MG MG MM . 1.96 -38.30 -35.73
MG MG NM . 1.43 -36.23 -25.36
MG MG OM . 17.34 -57.55 -28.54
MG MG PM . 24.32 -58.73 -26.32
MG MG QM . 8.23 -56.34 -33.43
MG MG RM . 22.94 -70.14 -26.37
MG MG SM . 53.22 -79.79 -32.37
MG MG TM . 50.65 -65.73 -42.76
MG MG UM . 40.30 -72.65 -36.48
MG MG VM . 59.92 -82.59 -48.26
MG MG WM . 68.74 -70.61 -28.01
MG MG XM . 3.38 -44.15 -18.25
MG MG YM . 1.02 -49.52 -20.94
MG MG ZM . 48.92 -66.07 -53.86
MG MG AN . 47.31 -77.47 -30.18
MG MG BN . 33.58 9.30 28.14
MG MG CN . 28.30 11.28 41.13
MG MG DN . 38.99 25.54 27.47
MG MG EN . 16.94 20.19 -13.43
MG MG FN . 13.32 -31.78 -1.12
MG MG GN . 5.94 -43.38 -13.62
MG MG HN . -47.88 53.14 35.99
MG MG IN . -13.05 -0.48 -17.03
MG MG JN . 14.25 60.64 17.25
#